data_7UTU
#
_entry.id   7UTU
#
_cell.length_a   1.00
_cell.length_b   1.00
_cell.length_c   1.00
_cell.angle_alpha   90.00
_cell.angle_beta   90.00
_cell.angle_gamma   90.00
#
_symmetry.space_group_name_H-M   'P 1'
#
loop_
_entity.id
_entity.type
_entity.pdbx_description
1 polymer 'Light chain antibody fragment'
2 polymer 'Heavy chain antibody fragment'
3 polymer 'Capsid protein 2'
#
loop_
_entity_poly.entity_id
_entity_poly.type
_entity_poly.pdbx_seq_one_letter_code
_entity_poly.pdbx_strand_id
1 'polypeptide(L)'
;(UNK)(UNK)(UNK)(UNK)(UNK)(UNK)(UNK)(UNK)(UNK)(UNK)(UNK)(UNK)(UNK)(UNK)(UNK)(UNK)
(UNK)(UNK)(UNK)(UNK)(UNK)(UNK)(UNK)(UNK)(UNK)(UNK)(UNK)(UNK)(UNK)(UNK)(UNK)(UNK)
(UNK)(UNK)(UNK)(UNK)(UNK)(UNK)(UNK)(UNK)(UNK)(UNK)(UNK)(UNK)(UNK)(UNK)(UNK)(UNK)
(UNK)(UNK)(UNK)(UNK)(UNK)(UNK)(UNK)(UNK)(UNK)(UNK)(UNK)(UNK)(UNK)(UNK)(UNK)(UNK)
(UNK)(UNK)(UNK)(UNK)(UNK)(UNK)(UNK)(UNK)(UNK)(UNK)(UNK)(UNK)(UNK)(UNK)(UNK)(UNK)
(UNK)(UNK)(UNK)(UNK)(UNK)(UNK)(UNK)(UNK)(UNK)(UNK)(UNK)(UNK)(UNK)(UNK)(UNK)(UNK)
;
L
2 'polypeptide(L)'
;(UNK)(UNK)(UNK)(UNK)(UNK)(UNK)(UNK)(UNK)(UNK)(UNK)(UNK)(UNK)(UNK)(UNK)(UNK)(UNK)
(UNK)(UNK)(UNK)(UNK)(UNK)(UNK)(UNK)(UNK)(UNK)(UNK)(UNK)(UNK)(UNK)(UNK)(UNK)(UNK)
(UNK)(UNK)(UNK)(UNK)(UNK)(UNK)(UNK)(UNK)(UNK)(UNK)(UNK)(UNK)(UNK)(UNK)(UNK)(UNK)
(UNK)(UNK)(UNK)(UNK)(UNK)(UNK)(UNK)(UNK)(UNK)(UNK)(UNK)(UNK)(UNK)(UNK)(UNK)(UNK)
(UNK)(UNK)(UNK)(UNK)(UNK)(UNK)(UNK)(UNK)(UNK)(UNK)(UNK)(UNK)(UNK)(UNK)(UNK)(UNK)
(UNK)(UNK)(UNK)(UNK)(UNK)(UNK)(UNK)(UNK)(UNK)(UNK)(UNK)(UNK)(UNK)(UNK)(UNK)(UNK)
(UNK)(UNK)(UNK)(UNK)(UNK)(UNK)(UNK)(UNK)(UNK)(UNK)(UNK)(UNK)(UNK)(UNK)(UNK)(UNK)
(UNK)(UNK)
;
H
3 'polypeptide(L)'
;GVGISTGTFNNQTEFKFLENGWVEITANSSRLVHLNMPESENYRRVVVNNMDKTAVNGNMALDDIHAQIVTPWSLVDANA
WGVWFNPGDWQLIVNTMSELHLVSFEQEIFNVVLKTVSESATQPPTKVYNNDLTASLMVALDSNNTMPFTPAAMRSETLG
FYPWKPTIPTPWRYYFQWDRTLIPSHTGTSGTPTNIYHGTDPDDVQFYTIENSVPVHLLRTGDEFATGTFFFDCKPCRLT
HTWQTNRALGLPPFLNSLPQSEGATNFGDIGVQQDKRRGVTQMGNTNYITEATIMRPAEVGYSAPYYSFEASTQGPFKTP
IAAGRGGAQTDENQAADGNPRYAFGRQHGQKTTTTGETPERFTYIAHQDTGRYPEGDWIQNINFNLPVTNDNVLLPTDPI
GGKTGINYTNIFNTYGPLTALNNVPPVYPNGQIWDKEFDTDLKPRLHVNAPFVCQNNCPGQLFVKVAPNLTNEYDPDASA
NMSRIVTYSDFWWKGKLVFKAKLRASHTWNPIQQMSINVDNQFNYVPSNIGGMKIVYEKSQLAPRKLY
;
A,D,B,I,E,C,G,F
#
# COMPACT_ATOMS: atom_id res chain seq x y z
N UNK A 1 41.69 7.56 17.95
CA UNK A 1 40.60 6.55 18.00
C UNK A 1 41.14 5.19 17.60
N UNK A 2 41.77 5.13 16.44
CA UNK A 2 42.42 3.91 15.97
C UNK A 2 43.79 3.79 16.61
N UNK A 3 44.02 2.68 17.32
CA UNK A 3 45.27 2.47 18.03
C UNK A 3 46.34 1.91 17.09
N UNK A 4 47.01 2.80 16.36
CA UNK A 4 48.03 2.39 15.41
C UNK A 4 49.39 2.31 16.08
N UNK A 5 50.30 1.55 15.48
CA UNK A 5 51.66 1.41 15.99
C UNK A 5 52.43 2.70 15.78
N UNK A 6 53.16 3.13 16.81
CA UNK A 6 53.91 4.39 16.75
C UNK A 6 55.16 4.30 15.88
N UNK A 7 55.70 3.10 15.71
CA UNK A 7 56.90 2.91 14.90
C UNK A 7 56.97 1.50 14.34
N UNK A 8 57.48 1.37 13.12
CA UNK A 8 57.55 0.09 12.42
C UNK A 8 58.98 -0.44 12.40
N UNK A 9 59.86 0.27 11.69
CA UNK A 9 61.25 -0.16 11.54
C UNK A 9 61.33 -1.52 10.83
N UNK A 10 61.21 -1.50 9.51
CA UNK A 10 61.14 -2.72 8.72
C UNK A 10 62.51 -3.15 8.19
N UNK A 11 62.53 -4.22 7.40
CA UNK A 11 63.75 -4.78 6.85
C UNK A 11 64.12 -4.11 5.53
N UNK A 12 65.17 -4.64 4.89
CA UNK A 12 65.67 -4.08 3.65
C UNK A 12 64.93 -4.61 2.42
N UNK A 13 64.45 -5.86 2.51
CA UNK A 13 63.70 -6.46 1.40
C UNK A 13 62.72 -7.52 1.88
N UNK A 14 62.24 -7.39 3.12
CA UNK A 14 61.28 -8.32 3.69
C UNK A 14 59.86 -7.78 3.55
N UNK A 15 58.87 -8.66 3.63
CA UNK A 15 57.47 -8.26 3.54
C UNK A 15 56.96 -7.80 4.90
N UNK A 16 57.37 -6.60 5.30
CA UNK A 16 56.93 -6.03 6.57
C UNK A 16 55.44 -5.74 6.55
N UNK A 17 54.88 -5.48 7.73
CA UNK A 17 53.45 -5.19 7.85
C UNK A 17 53.17 -4.36 9.10
N UNK A 18 52.22 -3.45 8.99
CA UNK A 18 51.80 -2.57 10.08
C UNK A 18 50.30 -2.69 10.27
N UNK A 19 49.82 -2.43 11.49
CA UNK A 19 48.39 -2.60 11.82
C UNK A 19 47.91 -1.57 12.82
N UNK A 20 46.59 -1.56 13.04
CA UNK A 20 45.98 -0.62 13.97
C UNK A 20 44.69 -1.18 14.54
N UNK A 21 44.47 -0.96 15.84
CA UNK A 21 43.36 -1.56 16.57
C UNK A 21 42.11 -0.68 16.53
N UNK A 22 40.97 -1.30 16.78
CA UNK A 22 39.68 -0.63 16.77
C UNK A 22 38.60 -1.62 17.19
N UNK A 23 37.34 -1.31 16.92
CA UNK A 23 36.26 -2.23 17.27
C UNK A 23 34.97 -1.91 16.51
N UNK A 24 34.41 -0.73 16.78
CA UNK A 24 33.18 -0.31 16.13
C UNK A 24 33.46 0.19 14.72
N UNK A 25 34.58 0.88 14.53
CA UNK A 25 34.94 1.43 13.23
C UNK A 25 35.41 0.36 12.26
N UNK A 26 36.13 -0.63 12.77
CA UNK A 26 36.72 -1.66 11.92
C UNK A 26 35.68 -2.53 11.20
N UNK A 27 34.46 -2.58 11.73
CA UNK A 27 33.37 -3.30 11.06
C UNK A 27 33.00 -2.62 9.74
N UNK A 28 33.17 -1.31 9.66
CA UNK A 28 32.97 -0.58 8.41
C UNK A 28 34.25 -0.66 7.58
N UNK A 29 34.31 0.11 6.49
CA UNK A 29 35.47 0.09 5.61
C UNK A 29 36.70 0.64 6.31
N UNK A 30 37.88 0.29 5.79
CA UNK A 30 39.15 0.77 6.31
C UNK A 30 40.08 1.09 5.15
N UNK A 31 40.75 2.24 5.23
CA UNK A 31 41.64 2.70 4.18
C UNK A 31 42.95 3.19 4.77
N UNK A 32 44.05 2.87 4.07
CA UNK A 32 45.40 3.24 4.49
C UNK A 32 45.97 4.23 3.49
N UNK A 33 46.74 5.20 3.99
CA UNK A 33 47.26 6.29 3.16
C UNK A 33 48.67 6.68 3.58
N UNK A 34 49.55 6.84 2.61
CA UNK A 34 50.97 7.14 2.85
C UNK A 34 51.24 8.63 2.89
N UNK A 35 52.49 9.00 3.18
CA UNK A 35 52.87 10.40 3.23
C UNK A 35 54.39 10.56 3.31
N UNK A 36 55.07 10.35 2.20
CA UNK A 36 56.53 10.51 2.13
C UNK A 36 56.87 11.97 1.92
N UNK A 37 56.56 12.81 2.91
CA UNK A 37 56.50 14.26 2.76
C UNK A 37 55.39 14.67 1.78
N UNK A 38 55.18 15.97 1.63
CA UNK A 38 54.13 16.49 0.76
C UNK A 38 52.74 16.02 1.23
N UNK A 39 51.73 16.16 0.36
CA UNK A 39 50.37 15.75 0.72
C UNK A 39 50.23 14.23 0.72
N UNK A 40 49.16 13.75 1.33
CA UNK A 40 48.92 12.33 1.46
C UNK A 40 48.63 11.67 0.11
N UNK A 41 48.56 10.34 0.11
CA UNK A 41 48.25 9.57 -1.08
C UNK A 41 47.68 8.22 -0.69
N UNK A 42 46.58 7.82 -1.31
CA UNK A 42 45.87 6.61 -0.94
C UNK A 42 46.63 5.38 -1.39
N UNK A 43 46.33 4.24 -0.75
CA UNK A 43 47.01 2.99 -1.09
C UNK A 43 46.32 1.78 -0.46
N UNK A 44 45.00 1.75 -0.49
CA UNK A 44 44.25 0.60 0.05
C UNK A 44 42.76 0.67 -0.26
N UNK A 45 42.15 1.84 -0.05
CA UNK A 45 40.71 2.03 -0.24
C UNK A 45 39.90 1.15 0.71
N UNK A 46 39.81 -0.15 0.40
CA UNK A 46 39.16 -1.12 1.28
C UNK A 46 40.01 -2.38 1.26
N UNK A 47 40.10 -2.97 0.09
CA UNK A 47 41.09 -4.02 -0.20
C UNK A 47 41.76 -3.79 -1.55
N UNK A 48 41.02 -3.25 -2.51
CA UNK A 48 41.54 -3.02 -3.85
C UNK A 48 42.45 -1.82 -3.92
N UNK A 49 43.58 -1.98 -4.60
CA UNK A 49 44.55 -0.90 -4.75
C UNK A 49 44.03 0.14 -5.73
N UNK A 50 44.81 1.21 -5.91
CA UNK A 50 44.49 2.29 -6.83
C UNK A 50 45.56 2.43 -7.91
N UNK A 51 46.82 2.27 -7.53
CA UNK A 51 47.93 2.36 -8.47
C UNK A 51 49.26 1.93 -7.85
N UNK A 52 49.28 0.73 -7.25
CA UNK A 52 50.50 0.20 -6.66
C UNK A 52 50.40 -1.30 -6.44
N UNK A 53 51.55 -1.95 -6.30
CA UNK A 53 51.62 -3.40 -6.09
C UNK A 53 51.78 -3.78 -4.61
N UNK A 54 51.31 -2.92 -3.71
CA UNK A 54 51.35 -3.21 -2.27
C UNK A 54 50.16 -4.11 -1.93
N UNK A 55 49.86 -4.26 -0.63
CA UNK A 55 48.76 -5.11 -0.21
C UNK A 55 48.30 -4.80 1.21
N UNK A 56 47.13 -5.31 1.55
CA UNK A 56 46.54 -5.10 2.87
C UNK A 56 45.40 -6.06 3.10
N UNK A 57 44.90 -6.12 4.34
CA UNK A 57 43.84 -7.06 4.68
C UNK A 57 43.07 -6.61 5.93
N UNK A 58 41.87 -7.17 6.11
CA UNK A 58 40.96 -6.77 7.18
C UNK A 58 40.74 -7.90 8.18
N UNK A 59 40.12 -7.55 9.30
CA UNK A 59 39.84 -8.47 10.40
C UNK A 59 39.15 -7.66 11.50
N UNK A 60 39.35 -8.02 12.76
CA UNK A 60 39.00 -7.14 13.87
C UNK A 60 39.86 -5.87 13.83
N UNK A 61 41.09 -6.01 13.34
CA UNK A 61 41.96 -4.88 13.09
C UNK A 61 42.77 -5.14 11.83
N UNK A 62 42.66 -4.25 10.84
CA UNK A 62 43.30 -4.44 9.54
C UNK A 62 44.79 -4.11 9.61
N UNK A 63 45.52 -4.49 8.56
CA UNK A 63 46.95 -4.27 8.51
C UNK A 63 47.47 -4.30 7.07
N UNK A 64 48.44 -3.44 6.78
CA UNK A 64 48.99 -3.31 5.43
C UNK A 64 50.20 -4.22 5.25
N UNK A 65 50.75 -4.20 4.04
CA UNK A 65 51.93 -5.00 3.71
C UNK A 65 52.73 -4.31 2.61
N UNK A 66 54.00 -4.67 2.50
CA UNK A 66 54.92 -4.04 1.54
C UNK A 66 55.99 -5.03 1.09
N UNK A 67 57.11 -4.52 0.57
CA UNK A 67 58.21 -5.38 0.14
C UNK A 67 59.57 -4.69 0.30
N UNK A 68 59.79 -3.60 -0.42
CA UNK A 68 61.10 -2.96 -0.45
C UNK A 68 61.05 -1.62 -1.20
N UNK A 69 62.19 -1.19 -1.74
CA UNK A 69 62.27 -0.02 -2.63
C UNK A 69 62.09 1.29 -1.86
N UNK A 70 62.03 2.39 -2.60
CA UNK A 70 61.91 3.72 -2.00
C UNK A 70 60.50 3.97 -1.50
N UNK A 71 60.29 3.74 -0.21
CA UNK A 71 58.98 3.91 0.41
C UNK A 71 59.08 3.78 1.91
N UNK A 72 59.95 4.58 2.51
CA UNK A 72 60.13 4.59 3.97
C UNK A 72 59.35 5.75 4.56
N UNK A 73 58.12 5.92 4.10
CA UNK A 73 57.29 7.06 4.46
C UNK A 73 56.46 6.78 5.71
N UNK A 74 55.82 7.84 6.21
CA UNK A 74 54.83 7.69 7.25
C UNK A 74 53.61 6.99 6.66
N UNK A 75 52.77 6.42 7.51
CA UNK A 75 51.59 5.69 7.05
C UNK A 75 50.46 5.81 8.06
N UNK A 76 49.29 6.24 7.57
CA UNK A 76 48.12 6.49 8.41
C UNK A 76 46.96 5.61 7.96
N UNK A 77 45.89 5.58 8.75
CA UNK A 77 44.75 4.70 8.47
C UNK A 77 43.41 5.28 8.96
N UNK A 78 42.45 5.40 8.05
CA UNK A 78 41.11 5.92 8.36
C UNK A 78 40.13 4.77 8.55
N UNK A 79 39.01 5.04 9.22
CA UNK A 79 38.06 4.01 9.63
C UNK A 79 36.60 4.36 9.40
N UNK A 80 36.26 5.65 9.46
CA UNK A 80 34.90 6.11 9.22
C UNK A 80 33.92 5.57 10.27
N UNK A 81 34.21 5.83 11.54
CA UNK A 81 33.43 5.30 12.65
C UNK A 81 32.01 5.85 12.69
N UNK A 82 31.24 5.40 13.69
CA UNK A 82 29.84 5.81 13.84
C UNK A 82 29.72 7.08 14.70
N UNK A 83 30.49 8.10 14.32
CA UNK A 83 30.54 9.37 15.03
C UNK A 83 31.55 10.25 14.31
N UNK A 84 31.30 10.50 13.02
CA UNK A 84 32.24 11.20 12.13
C UNK A 84 33.52 10.39 11.88
N UNK A 85 34.25 10.78 10.83
CA UNK A 85 35.45 10.05 10.43
C UNK A 85 36.56 10.19 11.47
N UNK A 86 37.54 9.28 11.40
CA UNK A 86 38.65 9.27 12.33
C UNK A 86 39.88 8.62 11.70
N UNK A 87 41.07 9.04 12.10
CA UNK A 87 42.32 8.53 11.55
C UNK A 87 43.40 8.45 12.63
N UNK A 88 44.51 7.80 12.31
CA UNK A 88 45.64 7.65 13.25
C UNK A 88 46.97 7.69 12.50
N UNK A 89 48.08 7.54 13.25
CA UNK A 89 49.43 7.72 12.71
C UNK A 89 50.33 6.49 12.86
N UNK A 90 51.43 6.49 12.11
CA UNK A 90 52.43 5.43 12.16
C UNK A 90 53.63 5.83 11.29
N UNK A 91 54.76 5.14 11.42
CA UNK A 91 55.96 5.50 10.67
C UNK A 91 56.92 4.32 10.52
N UNK A 92 57.52 4.21 9.34
CA UNK A 92 58.42 3.10 9.01
C UNK A 92 59.87 3.53 9.06
N UNK A 93 60.77 2.55 8.99
CA UNK A 93 62.20 2.81 8.95
C UNK A 93 62.91 1.62 8.32
N UNK A 94 63.08 1.69 7.00
CA UNK A 94 63.67 0.61 6.24
C UNK A 94 65.13 0.38 6.62
N UNK A 95 65.45 -0.87 6.97
CA UNK A 95 66.81 -1.26 7.32
C UNK A 95 67.61 -1.65 6.08
N UNK A 96 67.79 -0.69 5.17
CA UNK A 96 68.54 -0.92 3.94
C UNK A 96 70.02 -0.66 4.15
N UNK B 1 43.34 13.72 -12.72
CA UNK B 1 42.46 14.12 -11.59
C UNK B 1 43.18 15.12 -10.69
N UNK B 2 43.50 16.27 -11.24
CA UNK B 2 44.25 17.29 -10.50
C UNK B 2 43.33 18.04 -9.55
N UNK B 3 43.93 18.68 -8.55
CA UNK B 3 43.20 19.53 -7.62
C UNK B 3 44.18 20.53 -7.02
N UNK B 4 43.70 21.72 -6.69
CA UNK B 4 44.55 22.78 -6.15
C UNK B 4 43.73 23.70 -5.25
N UNK B 5 44.38 24.23 -4.21
CA UNK B 5 43.72 25.05 -3.18
C UNK B 5 44.29 26.45 -3.12
N UNK B 6 43.74 27.28 -2.23
CA UNK B 6 44.18 28.67 -2.11
C UNK B 6 43.81 29.25 -0.74
N UNK B 7 44.79 29.83 -0.06
CA UNK B 7 44.58 30.42 1.25
C UNK B 7 45.82 31.19 1.71
N UNK B 8 45.76 31.76 2.92
CA UNK B 8 46.87 32.54 3.46
C UNK B 8 46.76 32.68 4.98
N UNK B 9 47.63 33.50 5.56
CA UNK B 9 47.69 33.66 7.01
C UNK B 9 46.69 34.69 7.51
N UNK B 10 46.57 34.78 8.84
CA UNK B 10 45.62 35.70 9.46
C UNK B 10 45.98 35.87 10.93
N UNK B 11 45.06 36.40 11.74
CA UNK B 11 45.35 36.61 13.17
C UNK B 11 44.07 36.69 14.01
N UNK B 12 43.62 35.55 14.51
CA UNK B 12 42.45 35.47 15.38
C UNK B 12 41.18 36.01 14.70
N UNK B 13 41.02 35.70 13.41
CA UNK B 13 39.88 36.18 12.63
C UNK B 13 39.51 35.18 11.55
N UNK B 14 38.54 35.54 10.70
CA UNK B 14 37.97 34.63 9.73
C UNK B 14 38.73 34.60 8.40
N UNK B 15 38.65 33.47 7.71
CA UNK B 15 39.25 33.31 6.39
C UNK B 15 38.39 32.33 5.58
N UNK B 16 38.66 32.25 4.28
CA UNK B 16 37.88 31.40 3.38
C UNK B 16 38.73 30.75 2.30
N UNK B 17 39.08 29.49 2.52
CA UNK B 17 39.83 28.72 1.53
C UNK B 17 38.87 28.16 0.49
N UNK B 18 39.43 27.78 -0.66
CA UNK B 18 38.64 27.20 -1.75
C UNK B 18 39.53 26.30 -2.59
N UNK B 19 38.95 25.27 -3.19
CA UNK B 19 39.69 24.31 -4.00
C UNK B 19 38.87 23.83 -5.18
N UNK B 20 39.48 23.88 -6.37
CA UNK B 20 38.79 23.59 -7.63
C UNK B 20 39.30 22.30 -8.26
N UNK B 21 38.36 21.51 -8.80
CA UNK B 21 38.69 20.24 -9.44
C UNK B 21 39.07 20.47 -10.90
N UNK B 22 39.67 19.45 -11.51
CA UNK B 22 40.17 19.53 -12.89
C UNK B 22 39.77 18.35 -13.77
N UNK B 23 39.25 17.27 -13.18
CA UNK B 23 38.83 16.10 -13.95
C UNK B 23 37.68 15.33 -13.31
N UNK B 24 37.65 15.28 -11.98
CA UNK B 24 36.54 14.70 -11.25
C UNK B 24 35.25 15.46 -11.56
N UNK B 25 34.24 14.75 -12.06
CA UNK B 25 32.92 15.34 -12.22
C UNK B 25 32.41 15.71 -10.85
N UNK B 26 32.58 16.98 -10.48
CA UNK B 26 32.37 17.44 -9.12
C UNK B 26 30.96 17.22 -8.60
N UNK B 27 29.99 17.17 -9.49
CA UNK B 27 28.61 16.97 -9.09
C UNK B 27 28.39 15.57 -8.52
N UNK B 28 29.08 14.59 -9.09
CA UNK B 28 28.81 13.17 -8.80
C UNK B 28 29.89 12.54 -7.93
N UNK B 29 30.41 13.28 -6.97
CA UNK B 29 31.42 12.74 -6.07
C UNK B 29 31.56 13.63 -4.85
N UNK B 30 31.53 13.03 -3.67
CA UNK B 30 31.63 13.77 -2.43
C UNK B 30 33.02 14.38 -2.29
N UNK B 31 33.14 15.37 -1.41
CA UNK B 31 34.41 16.05 -1.20
C UNK B 31 34.51 16.49 0.25
N UNK B 32 35.72 16.39 0.81
CA UNK B 32 35.97 16.73 2.21
C UNK B 32 37.29 17.48 2.35
N UNK B 33 37.57 17.95 3.56
CA UNK B 33 38.78 18.71 3.86
C UNK B 33 39.36 18.29 5.21
N UNK B 34 40.67 18.10 5.27
CA UNK B 34 41.34 17.55 6.45
C UNK B 34 42.61 18.32 6.80
N UNK B 35 42.89 18.41 8.10
CA UNK B 35 43.99 19.22 8.64
C UNK B 35 45.15 18.37 9.13
N UNK B 36 46.33 18.99 9.21
CA UNK B 36 47.51 18.36 9.81
C UNK B 36 48.33 19.43 10.53
N UNK B 37 48.23 19.46 11.85
CA UNK B 37 48.81 20.54 12.64
C UNK B 37 50.31 20.42 12.84
N UNK B 38 50.74 19.30 13.44
CA UNK B 38 52.15 19.11 13.81
C UNK B 38 52.60 17.65 13.83
N UNK B 39 51.70 16.71 14.11
CA UNK B 39 52.08 15.31 14.18
C UNK B 39 50.90 14.37 14.01
N UNK B 40 49.97 14.70 13.12
CA UNK B 40 48.82 13.84 12.87
C UNK B 40 47.99 14.33 11.68
N UNK B 41 46.86 13.67 11.46
CA UNK B 41 45.87 14.09 10.47
C UNK B 41 44.49 13.97 11.08
N UNK B 42 43.72 15.06 11.01
CA UNK B 42 42.38 15.14 11.60
C UNK B 42 41.39 15.70 10.60
N UNK B 43 40.17 15.16 10.60
CA UNK B 43 39.15 15.59 9.66
C UNK B 43 38.53 16.91 10.08
N UNK B 44 38.23 17.75 9.10
CA UNK B 44 37.59 19.05 9.32
C UNK B 44 36.09 18.94 9.04
N UNK B 45 35.74 18.61 7.81
CA UNK B 45 34.33 18.48 7.42
C UNK B 45 34.18 17.67 6.15
N UNK B 46 32.94 17.46 5.71
CA UNK B 46 32.67 16.69 4.50
C UNK B 46 31.32 17.05 3.90
N UNK B 47 31.34 17.49 2.63
CA UNK B 47 30.14 17.84 1.89
C UNK B 47 29.75 16.74 0.92
N UNK B 48 28.60 16.12 1.15
CA UNK B 48 28.09 15.07 0.26
C UNK B 48 27.66 15.68 -1.06
N UNK B 49 27.26 14.82 -1.99
CA UNK B 49 26.77 15.28 -3.29
C UNK B 49 25.48 16.07 -3.14
N UNK B 50 24.67 15.72 -2.15
CA UNK B 50 23.38 16.37 -1.90
C UNK B 50 23.49 17.50 -0.87
N UNK B 51 24.68 18.08 -0.72
CA UNK B 51 24.90 19.17 0.23
C UNK B 51 24.60 18.77 1.67
N UNK B 52 24.78 17.50 2.01
CA UNK B 52 24.60 17.02 3.37
C UNK B 52 25.88 17.24 4.16
N UNK B 53 26.14 18.50 4.51
CA UNK B 53 27.35 18.86 5.24
C UNK B 53 27.37 18.20 6.60
N UNK B 54 28.55 17.75 7.01
CA UNK B 54 28.72 17.06 8.29
C UNK B 54 30.10 17.38 8.85
N UNK B 55 30.17 18.40 9.69
CA UNK B 55 31.43 18.83 10.29
C UNK B 55 31.78 17.95 11.48
N UNK B 56 33.06 17.97 11.87
CA UNK B 56 33.53 17.18 13.01
C UNK B 56 33.18 17.86 14.32
N UNK B 57 33.82 17.46 15.41
CA UNK B 57 33.61 18.10 16.71
C UNK B 57 34.28 19.47 16.77
N UNK B 58 33.71 20.41 16.04
CA UNK B 58 34.25 21.76 15.93
C UNK B 58 33.36 22.55 14.97
N UNK B 59 32.08 22.70 15.34
CA UNK B 59 31.08 23.30 14.46
C UNK B 59 31.08 24.83 14.50
N UNK B 60 32.21 25.43 14.15
CA UNK B 60 32.36 26.88 14.03
C UNK B 60 32.59 27.27 12.58
N UNK B 61 33.27 26.39 11.83
CA UNK B 61 33.49 26.60 10.40
C UNK B 61 32.25 26.21 9.60
N UNK B 62 32.31 26.29 8.29
CA UNK B 62 31.17 25.95 7.44
C UNK B 62 31.59 25.68 5.99
N UNK B 63 31.19 24.52 5.47
CA UNK B 63 31.52 24.11 4.11
C UNK B 63 30.43 24.49 3.13
N UNK B 64 30.74 24.40 1.83
CA UNK B 64 29.78 24.72 0.79
C UNK B 64 30.29 24.18 -0.55
N UNK B 65 29.38 23.72 -1.40
CA UNK B 65 29.77 23.00 -2.61
C UNK B 65 30.00 23.93 -3.80
N UNK B 66 28.96 24.64 -4.23
CA UNK B 66 29.01 25.46 -5.44
C UNK B 66 29.34 24.60 -6.65
N UNK B 67 28.43 23.68 -6.97
CA UNK B 67 28.67 22.65 -7.97
C UNK B 67 28.87 23.20 -9.38
N UNK B 68 28.32 24.38 -9.66
CA UNK B 68 28.41 24.97 -10.99
C UNK B 68 29.85 25.29 -11.38
N UNK B 69 30.51 26.10 -10.56
CA UNK B 69 31.89 26.50 -10.83
C UNK B 69 32.92 25.38 -10.59
N UNK B 70 32.49 24.25 -10.02
CA UNK B 70 33.37 23.13 -9.76
C UNK B 70 34.46 23.53 -8.77
N UNK B 71 34.06 23.99 -7.60
CA UNK B 71 35.02 24.38 -6.57
C UNK B 71 34.36 24.43 -5.20
N UNK B 72 34.85 23.60 -4.29
CA UNK B 72 34.35 23.57 -2.91
C UNK B 72 34.88 24.78 -2.15
N UNK B 73 34.30 25.04 -0.98
CA UNK B 73 34.66 26.22 -0.20
C UNK B 73 34.38 26.01 1.28
N UNK B 74 35.30 26.49 2.12
CA UNK B 74 35.18 26.38 3.58
C UNK B 74 35.60 27.67 4.24
N UNK B 75 34.62 28.35 4.86
CA UNK B 75 34.85 29.63 5.53
C UNK B 75 35.02 29.44 7.03
N UNK B 76 36.27 29.38 7.48
CA UNK B 76 36.56 29.32 8.91
C UNK B 76 36.30 30.69 9.50
N UNK B 77 35.36 30.75 10.46
CA UNK B 77 34.89 32.03 11.01
C UNK B 77 35.56 32.40 12.33
N UNK B 78 35.60 31.46 13.27
CA UNK B 78 36.02 31.75 14.63
C UNK B 78 37.54 31.84 14.81
N UNK B 79 38.26 30.88 14.23
CA UNK B 79 39.72 30.83 14.31
C UNK B 79 40.24 30.57 15.73
N UNK B 80 41.50 30.16 15.82
CA UNK B 80 42.12 29.79 17.09
C UNK B 80 43.61 29.51 16.85
N UNK B 81 44.24 28.66 17.67
CA UNK B 81 45.64 28.32 17.49
C UNK B 81 45.89 27.25 16.41
N UNK B 82 44.87 26.46 16.10
CA UNK B 82 45.00 25.38 15.12
C UNK B 82 45.33 25.92 13.72
N UNK B 83 46.61 25.89 13.37
CA UNK B 83 47.11 26.40 12.09
C UNK B 83 47.79 25.29 11.30
N UNK B 84 46.98 24.48 10.63
CA UNK B 84 47.47 23.29 9.95
C UNK B 84 47.72 23.55 8.47
N UNK B 85 47.96 22.49 7.71
CA UNK B 85 48.09 22.59 6.27
C UNK B 85 46.71 22.72 5.63
N UNK B 86 45.74 21.97 6.14
CA UNK B 86 44.35 22.04 5.68
C UNK B 86 44.24 21.67 4.21
N UNK B 87 44.18 20.37 3.93
CA UNK B 87 44.14 19.85 2.56
C UNK B 87 42.72 19.49 2.16
N UNK B 88 42.54 19.12 0.89
CA UNK B 88 41.24 18.72 0.33
C UNK B 88 41.34 17.33 -0.26
N UNK B 89 40.20 16.63 -0.36
CA UNK B 89 40.20 15.26 -0.89
C UNK B 89 38.82 14.84 -1.40
N UNK B 90 38.81 14.21 -2.56
CA UNK B 90 37.59 13.72 -3.18
C UNK B 90 37.29 12.30 -2.75
N UNK B 91 36.18 12.09 -2.06
CA UNK B 91 35.78 10.76 -1.63
C UNK B 91 35.49 9.89 -2.85
N UNK B 92 35.56 8.58 -2.67
CA UNK B 92 35.37 7.64 -3.78
C UNK B 92 33.91 7.23 -3.97
N UNK B 93 32.97 8.01 -3.43
CA UNK B 93 31.56 7.73 -3.60
C UNK B 93 30.78 9.02 -3.49
N UNK B 94 29.52 8.99 -3.92
CA UNK B 94 28.67 10.17 -3.90
C UNK B 94 28.20 10.56 -2.50
N UNK B 95 28.44 9.72 -1.50
CA UNK B 95 28.07 10.00 -0.11
C UNK B 95 26.56 10.10 0.11
N UNK B 96 25.77 9.55 -0.81
CA UNK B 96 24.32 9.40 -0.62
C UNK B 96 23.98 8.00 -0.09
N UNK B 97 24.95 7.35 0.55
CA UNK B 97 24.69 6.06 1.19
C UNK B 97 25.76 5.74 2.26
N UNK B 98 26.18 6.77 2.98
CA UNK B 98 27.00 6.62 4.19
C UNK B 98 28.33 5.91 3.99
N UNK B 99 29.41 6.69 3.89
CA UNK B 99 30.75 6.15 3.79
C UNK B 99 31.78 7.27 3.83
N UNK B 100 33.06 6.91 3.93
CA UNK B 100 34.13 7.89 3.89
C UNK B 100 35.44 7.21 3.48
N UNK B 101 35.96 7.60 2.31
CA UNK B 101 37.19 7.01 1.79
C UNK B 101 37.86 7.96 0.81
N UNK B 102 38.69 8.84 1.34
CA UNK B 102 39.40 9.83 0.52
C UNK B 102 40.38 9.14 -0.41
N UNK B 103 40.14 9.28 -1.72
CA UNK B 103 40.96 8.63 -2.74
C UNK B 103 42.06 9.56 -3.23
N UNK B 104 41.74 10.48 -4.12
CA UNK B 104 42.72 11.37 -4.72
C UNK B 104 42.84 12.68 -3.95
N UNK B 105 43.80 12.74 -3.04
CA UNK B 105 44.02 13.94 -2.23
C UNK B 105 44.69 15.03 -3.05
N UNK B 106 44.96 16.18 -2.44
CA UNK B 106 45.53 17.33 -3.15
C UNK B 106 46.48 18.13 -2.26
N UNK B 107 47.15 19.11 -2.86
CA UNK B 107 48.14 19.91 -2.14
C UNK B 107 47.46 20.78 -1.10
N UNK B 108 48.26 21.32 -0.18
CA UNK B 108 47.74 22.00 1.01
C UNK B 108 47.67 23.52 0.84
N UNK B 109 47.35 24.19 1.93
CA UNK B 109 47.31 25.65 1.98
C UNK B 109 47.42 26.10 3.43
N UNK B 110 48.64 26.43 3.86
CA UNK B 110 48.93 26.67 5.27
C UNK B 110 48.19 27.86 5.84
N UNK B 111 47.29 27.59 6.78
CA UNK B 111 46.49 28.62 7.43
C UNK B 111 47.10 29.03 8.75
N UNK B 112 48.15 29.85 8.70
CA UNK B 112 48.84 30.31 9.90
C UNK B 112 47.98 31.31 10.66
N UNK B 113 47.58 30.94 11.88
CA UNK B 113 46.69 31.78 12.68
C UNK B 113 47.44 32.67 13.68
N UNK B 114 48.71 32.96 13.40
CA UNK B 114 49.52 33.77 14.30
C UNK B 114 49.20 35.25 14.13
N GLY C 1 -10.14 9.66 18.39
CA GLY C 1 -9.36 10.68 19.15
C GLY C 1 -7.87 10.46 19.08
N VAL C 2 -7.13 11.02 20.04
CA VAL C 2 -5.68 10.91 20.03
C VAL C 2 -5.25 9.50 20.38
N GLY C 3 -5.81 8.94 21.45
CA GLY C 3 -5.34 7.71 22.05
C GLY C 3 -5.98 6.43 21.58
N ILE C 4 -6.87 6.48 20.59
CA ILE C 4 -7.58 5.30 20.10
C ILE C 4 -7.00 4.94 18.75
N SER C 5 -6.51 3.72 18.63
CA SER C 5 -5.92 3.27 17.38
C SER C 5 -6.99 3.12 16.31
N THR C 6 -6.57 3.23 15.05
CA THR C 6 -7.47 3.35 13.91
C THR C 6 -7.23 2.30 12.84
N GLY C 7 -6.53 1.21 13.18
CA GLY C 7 -6.33 0.14 12.22
C GLY C 7 -5.50 -0.96 12.85
N THR C 8 -5.28 -2.01 12.07
CA THR C 8 -4.53 -3.19 12.49
C THR C 8 -3.47 -3.52 11.45
N PHE C 9 -2.24 -3.68 11.91
CA PHE C 9 -1.15 -4.16 11.07
C PHE C 9 -1.46 -5.59 10.64
N ASN C 10 -1.25 -5.89 9.36
CA ASN C 10 -1.50 -7.22 8.83
C ASN C 10 -0.62 -7.46 7.63
N ASN C 11 0.07 -8.61 7.62
CA ASN C 11 0.90 -9.02 6.49
C ASN C 11 0.77 -10.52 6.23
N GLN C 12 -0.42 -11.08 6.48
CA GLN C 12 -0.67 -12.46 6.13
C GLN C 12 -0.93 -12.59 4.64
N THR C 13 -0.62 -13.77 4.09
CA THR C 13 -1.05 -14.17 2.77
C THR C 13 -1.98 -15.37 2.91
N GLU C 14 -3.22 -15.20 2.46
CA GLU C 14 -4.29 -16.17 2.68
C GLU C 14 -4.61 -16.85 1.36
N PHE C 15 -4.57 -18.18 1.35
CA PHE C 15 -4.83 -18.99 0.16
C PHE C 15 -6.19 -19.65 0.34
N LYS C 16 -7.21 -19.06 -0.27
CA LYS C 16 -8.57 -19.59 -0.25
C LYS C 16 -8.80 -20.38 -1.52
N PHE C 17 -9.26 -21.61 -1.38
CA PHE C 17 -9.40 -22.56 -2.48
C PHE C 17 -10.86 -22.64 -2.89
N LEU C 18 -11.13 -22.29 -4.14
CA LEU C 18 -12.44 -22.39 -4.74
C LEU C 18 -12.54 -23.70 -5.52
N GLU C 19 -13.75 -23.99 -5.99
CA GLU C 19 -13.95 -25.16 -6.82
C GLU C 19 -13.35 -24.95 -8.20
N ASN C 20 -13.22 -26.05 -8.94
CA ASN C 20 -12.68 -26.05 -10.30
C ASN C 20 -11.23 -25.57 -10.36
N GLY C 21 -10.46 -25.82 -9.31
CA GLY C 21 -9.02 -25.60 -9.36
C GLY C 21 -8.57 -24.17 -9.49
N TRP C 22 -9.15 -23.25 -8.73
CA TRP C 22 -8.70 -21.87 -8.65
C TRP C 22 -8.35 -21.54 -7.21
N VAL C 23 -7.40 -20.62 -7.03
CA VAL C 23 -6.90 -20.20 -5.73
C VAL C 23 -6.91 -18.68 -5.69
N GLU C 24 -7.55 -18.11 -4.67
CA GLU C 24 -7.62 -16.65 -4.49
C GLU C 24 -6.54 -16.24 -3.49
N ILE C 25 -5.48 -15.61 -3.99
CA ILE C 25 -4.31 -15.26 -3.19
C ILE C 25 -4.52 -13.83 -2.69
N THR C 26 -4.81 -13.69 -1.40
CA THR C 26 -5.06 -12.40 -0.78
C THR C 26 -3.75 -11.90 -0.16
N ALA C 27 -3.03 -11.09 -0.90
CA ALA C 27 -1.72 -10.59 -0.45
C ALA C 27 -1.93 -9.29 0.32
N ASN C 28 -1.77 -9.37 1.63
CA ASN C 28 -1.75 -8.20 2.50
C ASN C 28 -0.32 -7.73 2.71
N SER C 29 -0.15 -6.43 2.93
CA SER C 29 1.16 -5.86 3.18
C SER C 29 0.99 -4.61 4.02
N SER C 30 1.93 -4.40 4.94
CA SER C 30 1.89 -3.27 5.86
C SER C 30 3.30 -2.78 6.14
N ARG C 31 3.48 -1.46 6.14
CA ARG C 31 4.78 -0.83 6.35
C ARG C 31 4.60 0.42 7.18
N LEU C 32 5.57 0.68 8.05
CA LEU C 32 5.67 1.97 8.74
C LEU C 32 6.46 2.93 7.85
N VAL C 33 5.78 3.97 7.37
CA VAL C 33 6.35 4.91 6.40
C VAL C 33 6.75 6.17 7.13
N HIS C 34 8.04 6.50 7.07
CA HIS C 34 8.60 7.70 7.67
C HIS C 34 8.66 8.79 6.60
N LEU C 35 8.36 10.02 6.98
CA LEU C 35 8.25 11.12 6.02
C LEU C 35 8.75 12.40 6.64
N ASN C 36 9.82 12.95 6.07
CA ASN C 36 10.29 14.28 6.42
C ASN C 36 9.50 15.34 5.67
N MET C 37 9.56 16.56 6.17
CA MET C 37 8.93 17.67 5.48
C MET C 37 9.68 17.96 4.18
N PRO C 38 9.05 18.64 3.22
CA PRO C 38 9.75 18.89 1.94
C PRO C 38 10.95 19.80 2.12
N GLU C 39 11.90 19.67 1.19
CA GLU C 39 13.07 20.52 1.22
C GLU C 39 12.70 21.98 0.95
N SER C 40 11.79 22.20 0.00
CA SER C 40 11.28 23.53 -0.30
C SER C 40 9.85 23.38 -0.79
N GLU C 41 9.00 24.31 -0.40
CA GLU C 41 7.57 24.17 -0.64
C GLU C 41 7.15 24.59 -2.04
N ASN C 42 8.03 25.17 -2.83
CA ASN C 42 7.67 25.64 -4.16
C ASN C 42 7.90 24.55 -5.20
N TYR C 43 7.05 24.54 -6.21
CA TYR C 43 7.32 23.75 -7.40
C TYR C 43 8.46 24.39 -8.18
N ARG C 44 9.43 23.58 -8.58
CA ARG C 44 10.67 24.02 -9.20
C ARG C 44 10.79 23.39 -10.56
N ARG C 45 11.47 24.07 -11.48
CA ARG C 45 11.71 23.59 -12.84
C ARG C 45 13.20 23.53 -13.08
N VAL C 46 13.75 22.32 -13.11
CA VAL C 46 15.19 22.09 -13.06
C VAL C 46 15.61 21.30 -14.28
N VAL C 47 16.67 21.77 -14.94
CA VAL C 47 17.26 21.13 -16.12
C VAL C 47 18.58 20.51 -15.71
N VAL C 48 18.76 19.24 -16.02
CA VAL C 48 20.03 18.54 -15.84
C VAL C 48 20.76 18.57 -17.16
N ASN C 49 22.03 18.96 -17.13
CA ASN C 49 22.79 19.18 -18.35
C ASN C 49 24.25 18.78 -18.05
N ASN C 50 24.57 17.53 -18.39
CA ASN C 50 25.93 17.00 -18.23
C ASN C 50 26.68 17.05 -19.56
N MET C 51 26.86 18.28 -20.04
CA MET C 51 27.61 18.50 -21.27
C MET C 51 29.07 18.08 -21.10
N ASP C 52 29.59 18.10 -19.87
CA ASP C 52 30.99 17.73 -19.64
C ASP C 52 31.27 16.29 -20.02
N LYS C 53 30.32 15.39 -19.77
CA LYS C 53 30.53 13.96 -20.00
C LYS C 53 30.15 13.52 -21.41
N THR C 54 29.06 14.06 -21.96
CA THR C 54 28.66 13.68 -23.31
C THR C 54 29.45 14.42 -24.39
N ALA C 55 30.19 15.48 -24.04
CA ALA C 55 31.03 16.16 -25.02
C ALA C 55 32.32 15.42 -25.31
N VAL C 56 32.75 14.52 -24.44
CA VAL C 56 33.85 13.63 -24.78
C VAL C 56 33.35 12.67 -25.86
N ASN C 57 34.10 12.55 -26.94
CA ASN C 57 33.64 11.78 -28.09
C ASN C 57 33.51 10.31 -27.75
N GLY C 58 32.43 9.70 -28.21
CA GLY C 58 32.14 8.31 -27.94
C GLY C 58 31.29 8.05 -26.70
N ASN C 59 30.99 9.09 -25.92
CA ASN C 59 30.21 8.96 -24.69
C ASN C 59 28.76 9.34 -24.97
N MET C 60 28.27 8.97 -26.15
CA MET C 60 26.95 9.41 -26.56
C MET C 60 25.86 8.79 -25.70
N ALA C 61 26.04 7.51 -25.33
CA ALA C 61 25.03 6.80 -24.55
C ALA C 61 24.89 7.29 -23.13
N LEU C 62 25.78 8.17 -22.65
CA LEU C 62 25.72 8.73 -21.31
C LEU C 62 24.91 10.02 -21.25
N ASP C 63 23.99 10.22 -22.18
CA ASP C 63 23.17 11.43 -22.21
C ASP C 63 22.13 11.36 -21.10
N ASP C 64 22.27 12.22 -20.10
CA ASP C 64 21.36 12.32 -18.97
C ASP C 64 20.55 13.61 -19.00
N ILE C 65 20.19 14.09 -20.19
CA ILE C 65 19.71 15.46 -20.32
C ILE C 65 18.20 15.43 -20.16
N HIS C 66 17.67 16.21 -19.23
CA HIS C 66 16.24 16.22 -19.07
C HIS C 66 15.82 17.43 -18.24
N ALA C 67 14.57 17.81 -18.40
CA ALA C 67 13.89 18.77 -17.57
C ALA C 67 12.81 18.06 -16.78
N GLN C 68 12.62 18.45 -15.53
CA GLN C 68 11.60 17.88 -14.68
C GLN C 68 11.06 18.94 -13.75
N ILE C 69 9.87 18.69 -13.23
CA ILE C 69 9.20 19.57 -12.27
C ILE C 69 9.30 18.88 -10.91
N VAL C 70 10.33 19.25 -10.14
CA VAL C 70 10.45 18.79 -8.77
C VAL C 70 9.31 19.39 -7.95
N THR C 71 8.65 18.57 -7.14
CA THR C 71 7.45 18.92 -6.40
C THR C 71 7.67 18.67 -4.91
N PRO C 72 6.95 19.37 -4.02
CA PRO C 72 7.07 19.03 -2.59
C PRO C 72 6.52 17.66 -2.25
N TRP C 73 5.56 17.17 -3.02
CA TRP C 73 4.83 15.97 -2.64
C TRP C 73 5.70 14.73 -2.77
N SER C 74 5.36 13.70 -2.01
CA SER C 74 6.02 12.40 -2.03
C SER C 74 4.99 11.33 -2.33
N LEU C 75 5.45 10.26 -2.97
CA LEU C 75 4.59 9.23 -3.55
C LEU C 75 4.81 7.92 -2.81
N VAL C 76 3.70 7.27 -2.42
CA VAL C 76 3.71 5.93 -1.87
C VAL C 76 3.32 4.99 -3.00
N ASP C 77 4.28 4.18 -3.47
CA ASP C 77 4.07 3.25 -4.57
C ASP C 77 4.41 1.85 -4.05
N ALA C 78 3.50 0.91 -4.28
CA ALA C 78 3.67 -0.49 -3.92
C ALA C 78 3.65 -1.42 -5.13
N ASN C 79 4.01 -0.91 -6.31
CA ASN C 79 3.96 -1.68 -7.54
C ASN C 79 5.26 -2.47 -7.73
N ALA C 80 5.48 -3.42 -6.82
CA ALA C 80 6.60 -4.35 -6.92
C ALA C 80 6.20 -5.64 -6.23
N TRP C 81 6.71 -6.76 -6.75
CA TRP C 81 6.33 -8.06 -6.23
C TRP C 81 6.79 -8.26 -4.79
N GLY C 82 7.98 -7.77 -4.47
CA GLY C 82 8.55 -8.01 -3.15
C GLY C 82 7.77 -7.39 -2.01
N VAL C 83 7.03 -6.32 -2.29
CA VAL C 83 6.23 -5.69 -1.25
C VAL C 83 5.13 -6.61 -0.75
N TRP C 84 4.61 -7.48 -1.61
CA TRP C 84 3.42 -8.28 -1.33
C TRP C 84 3.71 -9.72 -0.95
N PHE C 85 4.74 -10.32 -1.52
CA PHE C 85 5.06 -11.73 -1.33
C PHE C 85 6.46 -11.88 -0.74
N ASN C 86 6.66 -13.01 -0.07
CA ASN C 86 7.93 -13.46 0.45
C ASN C 86 8.39 -14.67 -0.34
N PRO C 87 9.63 -15.13 -0.15
CA PRO C 87 10.10 -16.29 -0.94
C PRO C 87 9.29 -17.57 -0.75
N GLY C 88 8.76 -17.85 0.44
CA GLY C 88 7.96 -19.05 0.59
C GLY C 88 6.65 -18.99 -0.18
N ASP C 89 5.96 -17.85 -0.08
CA ASP C 89 4.73 -17.67 -0.82
C ASP C 89 4.98 -17.64 -2.32
N TRP C 90 6.09 -17.02 -2.74
CA TRP C 90 6.45 -17.04 -4.15
C TRP C 90 6.74 -18.46 -4.64
N GLN C 91 7.38 -19.27 -3.78
CA GLN C 91 7.61 -20.67 -4.14
C GLN C 91 6.29 -21.39 -4.33
N LEU C 92 5.36 -21.19 -3.41
CA LEU C 92 4.08 -21.88 -3.50
C LEU C 92 3.32 -21.43 -4.74
N ILE C 93 3.54 -20.20 -5.20
CA ILE C 93 2.97 -19.77 -6.47
C ILE C 93 3.65 -20.49 -7.63
N VAL C 94 4.97 -20.32 -7.75
CA VAL C 94 5.59 -20.66 -9.03
C VAL C 94 5.70 -22.16 -9.22
N ASN C 95 5.75 -22.94 -8.14
CA ASN C 95 5.84 -24.39 -8.24
C ASN C 95 4.50 -25.06 -8.49
N THR C 96 3.39 -24.40 -8.14
CA THR C 96 2.07 -25.02 -8.14
C THR C 96 1.09 -24.44 -9.15
N MET C 97 1.22 -23.17 -9.53
CA MET C 97 0.20 -22.46 -10.29
C MET C 97 0.67 -22.24 -11.72
N SER C 98 -0.28 -22.36 -12.66
CA SER C 98 -0.02 -22.15 -14.08
C SER C 98 -0.30 -20.71 -14.49
N GLU C 99 -1.53 -20.24 -14.30
CA GLU C 99 -1.94 -18.88 -14.63
C GLU C 99 -2.00 -18.05 -13.36
N LEU C 100 -1.89 -16.73 -13.53
CA LEU C 100 -2.06 -15.77 -12.46
C LEU C 100 -2.79 -14.56 -13.00
N HIS C 101 -3.94 -14.24 -12.41
CA HIS C 101 -4.71 -13.05 -12.74
C HIS C 101 -4.50 -12.01 -11.63
N LEU C 102 -4.94 -10.79 -11.91
CA LEU C 102 -4.95 -9.69 -10.96
C LEU C 102 -6.39 -9.22 -10.81
N VAL C 103 -6.89 -9.24 -9.57
CA VAL C 103 -8.31 -9.11 -9.30
C VAL C 103 -8.65 -7.76 -8.68
N SER C 104 -7.97 -7.38 -7.60
CA SER C 104 -8.36 -6.21 -6.81
C SER C 104 -7.13 -5.55 -6.20
N PHE C 105 -7.35 -4.36 -5.63
CA PHE C 105 -6.33 -3.61 -4.94
C PHE C 105 -6.95 -2.52 -4.08
N GLU C 106 -6.46 -2.36 -2.86
CA GLU C 106 -6.93 -1.30 -1.98
C GLU C 106 -5.83 -0.92 -1.00
N GLN C 107 -5.83 0.35 -0.59
CA GLN C 107 -4.83 0.91 0.30
C GLN C 107 -5.52 1.61 1.46
N GLU C 108 -4.77 1.82 2.54
CA GLU C 108 -5.21 2.70 3.61
C GLU C 108 -4.03 3.14 4.47
N ILE C 109 -3.94 4.45 4.70
CA ILE C 109 -3.02 5.04 5.65
C ILE C 109 -3.76 5.16 6.98
N PHE C 110 -3.09 4.84 8.08
CA PHE C 110 -3.72 4.85 9.38
C PHE C 110 -2.66 5.07 10.45
N ASN C 111 -3.13 5.48 11.64
CA ASN C 111 -2.27 5.77 12.79
C ASN C 111 -1.20 6.80 12.43
N VAL C 112 -1.66 8.01 12.09
CA VAL C 112 -0.74 9.08 11.76
C VAL C 112 -0.15 9.64 13.04
N VAL C 113 1.18 9.73 13.08
CA VAL C 113 1.92 10.34 14.17
C VAL C 113 2.73 11.47 13.56
N LEU C 114 2.62 12.67 14.14
CA LEU C 114 3.38 13.84 13.70
C LEU C 114 4.18 14.39 14.88
N LYS C 115 5.43 14.72 14.61
CA LYS C 115 6.38 15.14 15.63
C LYS C 115 7.17 16.34 15.13
N THR C 116 7.69 17.12 16.09
CA THR C 116 8.51 18.29 15.80
C THR C 116 9.78 18.20 16.63
N VAL C 117 10.86 18.75 16.09
CA VAL C 117 12.19 18.68 16.68
C VAL C 117 12.65 20.09 17.01
N SER C 118 13.23 20.26 18.21
CA SER C 118 13.78 21.53 18.65
C SER C 118 15.13 21.27 19.31
N GLU C 119 16.09 22.13 19.00
CA GLU C 119 17.47 21.96 19.44
C GLU C 119 17.57 22.04 20.96
N THR C 126 21.79 19.14 21.61
CA THR C 126 20.73 18.24 22.06
C THR C 126 19.51 18.36 21.16
N LYS C 127 18.70 17.31 21.13
CA LYS C 127 17.47 17.26 20.35
C LYS C 127 16.38 16.65 21.22
N VAL C 128 15.25 17.35 21.33
CA VAL C 128 14.06 16.87 22.02
C VAL C 128 12.94 16.79 20.99
N TYR C 129 12.23 15.67 21.01
CA TYR C 129 11.22 15.32 20.01
C TYR C 129 9.85 15.42 20.64
N ASN C 130 9.23 16.59 20.52
CA ASN C 130 7.90 16.83 21.06
C ASN C 130 6.84 16.43 20.04
N ASN C 131 5.70 15.98 20.54
CA ASN C 131 4.55 15.72 19.68
C ASN C 131 3.88 17.02 19.29
N ASP C 132 3.14 16.98 18.19
CA ASP C 132 2.33 18.09 17.70
C ASP C 132 0.98 17.50 17.31
N LEU C 133 0.06 17.46 18.27
CA LEU C 133 -1.24 16.85 18.05
C LEU C 133 -2.09 17.63 17.06
N THR C 134 -1.79 18.89 16.80
CA THR C 134 -2.59 19.73 15.91
C THR C 134 -2.10 19.76 14.48
N ALA C 135 -0.86 19.35 14.21
CA ALA C 135 -0.36 19.31 12.85
C ALA C 135 -1.09 18.24 12.04
N SER C 136 -0.95 18.31 10.72
CA SER C 136 -1.71 17.49 9.80
C SER C 136 -0.81 16.98 8.70
N LEU C 137 -1.23 15.87 8.09
CA LEU C 137 -0.54 15.22 6.99
C LEU C 137 -1.45 15.24 5.77
N MET C 138 -1.02 15.92 4.71
CA MET C 138 -1.80 16.00 3.49
C MET C 138 -1.69 14.70 2.72
N VAL C 139 -2.84 14.20 2.27
CA VAL C 139 -2.92 12.93 1.53
C VAL C 139 -3.83 13.14 0.33
N ALA C 140 -3.32 12.80 -0.85
CA ALA C 140 -4.02 12.98 -2.12
C ALA C 140 -4.06 11.66 -2.86
N LEU C 141 -5.14 11.43 -3.58
CA LEU C 141 -5.36 10.21 -4.36
C LEU C 141 -5.84 10.60 -5.75
N ASP C 142 -5.05 10.26 -6.76
CA ASP C 142 -5.38 10.54 -8.15
C ASP C 142 -6.17 9.39 -8.76
N SER C 143 -7.44 9.29 -8.33
CA SER C 143 -8.30 8.23 -8.82
C SER C 143 -8.58 8.39 -10.31
N ASN C 144 -8.64 9.61 -10.81
CA ASN C 144 -8.91 9.87 -12.21
C ASN C 144 -7.69 9.71 -13.11
N ASN C 145 -6.50 9.46 -12.54
CA ASN C 145 -5.26 9.33 -13.30
C ASN C 145 -4.98 10.58 -14.14
N THR C 146 -5.26 11.75 -13.55
CA THR C 146 -4.96 13.01 -14.24
C THR C 146 -3.47 13.33 -14.19
N MET C 147 -2.77 12.91 -13.14
CA MET C 147 -1.37 13.23 -13.00
C MET C 147 -0.54 12.39 -13.98
N PRO C 148 0.70 12.79 -14.26
CA PRO C 148 1.58 11.91 -15.03
C PRO C 148 1.90 10.64 -14.25
N PHE C 149 1.69 9.50 -14.90
CA PHE C 149 2.00 8.24 -14.26
C PHE C 149 3.50 8.10 -14.10
N THR C 150 3.92 7.58 -12.95
CA THR C 150 5.33 7.51 -12.58
C THR C 150 5.57 6.28 -11.72
N PRO C 151 5.75 5.11 -12.34
CA PRO C 151 6.00 3.91 -11.55
C PRO C 151 7.39 3.95 -10.94
N ALA C 152 7.46 3.64 -9.64
CA ALA C 152 8.73 3.73 -8.91
C ALA C 152 9.60 2.49 -9.04
N ALA C 153 9.12 1.43 -9.71
CA ALA C 153 9.94 0.22 -9.81
C ALA C 153 11.15 0.43 -10.70
N MET C 154 11.03 1.25 -11.74
CA MET C 154 12.11 1.42 -12.70
C MET C 154 13.26 2.28 -12.17
N ARG C 155 13.12 2.90 -10.99
CA ARG C 155 14.21 3.54 -10.28
C ARG C 155 14.56 2.83 -8.98
N SER C 156 13.87 1.75 -8.62
CA SER C 156 14.07 1.04 -7.37
C SER C 156 13.83 1.96 -6.17
N GLU C 157 12.62 2.54 -6.16
CA GLU C 157 12.17 3.39 -5.08
C GLU C 157 10.74 3.07 -4.66
N THR C 158 10.36 1.79 -4.70
CA THR C 158 9.12 1.35 -4.11
C THR C 158 9.29 1.23 -2.59
N LEU C 159 8.23 0.81 -1.92
CA LEU C 159 8.32 0.53 -0.49
C LEU C 159 9.25 -0.66 -0.28
N GLY C 160 9.97 -0.66 0.84
CA GLY C 160 10.86 -1.75 1.15
C GLY C 160 10.14 -3.08 1.31
N PHE C 161 10.88 -4.15 1.04
CA PHE C 161 10.31 -5.48 0.94
C PHE C 161 10.26 -6.22 2.27
N TYR C 162 10.88 -5.70 3.33
CA TYR C 162 10.89 -6.37 4.64
C TYR C 162 9.77 -5.81 5.50
N PRO C 163 8.84 -6.62 6.06
CA PRO C 163 7.75 -6.04 6.85
C PRO C 163 8.18 -5.28 8.10
N TRP C 164 9.22 -5.74 8.77
CA TRP C 164 9.63 -5.16 10.05
C TRP C 164 10.42 -3.87 9.93
N LYS C 165 11.18 -3.70 8.86
CA LYS C 165 11.89 -2.45 8.67
C LYS C 165 10.90 -1.31 8.43
N PRO C 166 11.19 -0.09 8.89
CA PRO C 166 10.49 1.06 8.34
C PRO C 166 11.07 1.46 7.00
N THR C 167 10.28 2.20 6.24
CA THR C 167 10.59 2.58 4.88
C THR C 167 10.24 4.03 4.69
N ILE C 168 10.63 4.59 3.54
CA ILE C 168 10.41 6.01 3.21
C ILE C 168 9.75 6.08 1.84
N PRO C 169 8.94 7.10 1.54
CA PRO C 169 8.39 7.22 0.19
C PRO C 169 9.30 8.05 -0.70
N THR C 170 9.17 7.81 -1.99
CA THR C 170 10.04 8.50 -2.94
C THR C 170 9.57 9.95 -3.11
N PRO C 171 10.48 10.94 -3.16
CA PRO C 171 10.03 12.27 -3.56
C PRO C 171 9.56 12.27 -5.00
N TRP C 172 8.51 13.03 -5.27
CA TRP C 172 7.83 12.94 -6.56
C TRP C 172 8.36 13.97 -7.54
N ARG C 173 8.39 13.58 -8.81
CA ARG C 173 8.84 14.44 -9.89
C ARG C 173 8.37 13.82 -11.18
N TYR C 174 8.26 14.65 -12.22
CA TYR C 174 7.80 14.19 -13.52
C TYR C 174 8.47 15.03 -14.60
N TYR C 175 8.41 14.53 -15.82
CA TYR C 175 9.15 15.14 -16.92
C TYR C 175 8.44 16.37 -17.46
N PHE C 176 9.21 17.43 -17.62
CA PHE C 176 8.84 18.60 -18.41
C PHE C 176 9.41 18.41 -19.81
N GLN C 177 8.89 19.17 -20.77
CA GLN C 177 9.31 19.01 -22.15
C GLN C 177 10.60 19.76 -22.42
N TRP C 178 11.46 19.16 -23.23
CA TRP C 178 12.68 19.80 -23.69
C TRP C 178 13.00 19.30 -25.08
N ASP C 179 13.82 20.06 -25.79
CA ASP C 179 14.35 19.69 -27.09
C ASP C 179 15.86 19.57 -27.01
N ARG C 180 16.42 18.59 -27.73
CA ARG C 180 17.85 18.34 -27.71
C ARG C 180 18.27 17.69 -29.02
N THR C 181 19.50 17.98 -29.45
CA THR C 181 20.17 17.27 -30.53
C THR C 181 21.56 16.86 -30.06
N LEU C 182 21.93 15.61 -30.34
CA LEU C 182 23.25 15.08 -30.01
C LEU C 182 23.71 14.23 -31.20
N ILE C 183 24.48 14.84 -32.09
CA ILE C 183 24.96 14.10 -33.25
C ILE C 183 26.03 13.11 -32.79
N PRO C 184 25.94 11.81 -33.07
CA PRO C 184 26.91 10.88 -32.50
C PRO C 184 28.29 11.02 -33.12
N SER C 185 29.28 10.52 -32.37
CA SER C 185 30.67 10.55 -32.79
C SER C 185 31.43 9.46 -32.07
N HIS C 186 32.59 9.10 -32.61
CA HIS C 186 33.49 8.12 -32.03
C HIS C 186 34.80 8.77 -31.60
N THR C 187 35.61 8.02 -30.87
CA THR C 187 36.96 8.46 -30.54
C THR C 187 37.74 8.70 -31.82
N GLY C 188 38.43 9.83 -31.87
CA GLY C 188 39.23 10.17 -33.03
C GLY C 188 38.48 10.88 -34.13
N THR C 189 37.31 11.47 -33.85
CA THR C 189 36.63 12.28 -34.84
C THR C 189 37.31 13.63 -34.97
N SER C 190 37.09 14.28 -36.11
CA SER C 190 37.84 15.47 -36.46
C SER C 190 37.42 16.72 -35.68
N GLY C 191 36.23 16.72 -35.06
CA GLY C 191 35.77 17.90 -34.37
C GLY C 191 34.68 17.58 -33.39
N THR C 192 34.15 18.64 -32.78
CA THR C 192 33.11 18.50 -31.78
C THR C 192 31.75 18.40 -32.48
N PRO C 193 30.95 17.34 -32.25
CA PRO C 193 29.64 17.29 -32.91
C PRO C 193 28.67 18.26 -32.26
N THR C 194 27.51 18.40 -32.89
CA THR C 194 26.49 19.26 -32.34
C THR C 194 25.93 18.67 -31.06
N ASN C 195 25.94 19.48 -30.00
CA ASN C 195 25.52 19.03 -28.67
C ASN C 195 24.96 20.26 -27.96
N ILE C 196 23.63 20.43 -28.04
CA ILE C 196 22.97 21.67 -27.64
C ILE C 196 21.58 21.38 -27.10
N TYR C 197 21.25 22.06 -26.00
CA TYR C 197 19.92 22.03 -25.39
C TYR C 197 19.11 23.16 -26.00
N HIS C 198 18.18 22.82 -26.88
CA HIS C 198 17.39 23.78 -27.64
C HIS C 198 16.40 24.58 -26.81
N GLY C 199 15.99 24.07 -25.64
CA GLY C 199 14.97 24.71 -24.82
C GLY C 199 13.70 23.89 -24.81
N THR C 200 12.55 24.57 -24.68
CA THR C 200 11.24 23.92 -24.64
C THR C 200 10.29 24.64 -25.58
N ASP C 201 9.35 23.87 -26.17
CA ASP C 201 8.39 24.38 -27.13
C ASP C 201 7.10 24.75 -26.42
N PRO C 202 6.40 25.83 -26.78
CA PRO C 202 5.24 26.24 -25.98
C PRO C 202 4.03 25.34 -26.14
N ASP C 203 3.85 24.71 -27.29
CA ASP C 203 2.66 23.89 -27.53
C ASP C 203 2.65 22.59 -26.75
N ASP C 204 3.75 22.22 -26.09
CA ASP C 204 3.86 20.99 -25.31
C ASP C 204 4.01 21.23 -23.81
N VAL C 205 3.93 22.47 -23.34
CA VAL C 205 4.12 22.75 -21.92
C VAL C 205 2.94 22.19 -21.13
N GLN C 206 3.24 21.52 -20.03
CA GLN C 206 2.22 20.95 -19.14
C GLN C 206 2.76 20.99 -17.73
N PHE C 207 2.18 21.84 -16.88
CA PHE C 207 2.57 22.01 -15.49
C PHE C 207 1.41 21.57 -14.61
N TYR C 208 1.53 20.36 -14.07
CA TYR C 208 0.53 19.77 -13.20
C TYR C 208 0.85 20.11 -11.75
N THR C 209 -0.18 20.37 -10.97
CA THR C 209 -0.04 20.64 -9.54
C THR C 209 -1.05 19.79 -8.80
N ILE C 210 -0.62 19.20 -7.68
CA ILE C 210 -1.48 18.30 -6.92
C ILE C 210 -2.65 19.06 -6.32
N GLU C 211 -2.42 20.31 -5.93
CA GLU C 211 -3.48 21.10 -5.31
C GLU C 211 -4.65 21.35 -6.27
N ASN C 212 -4.35 21.62 -7.54
CA ASN C 212 -5.36 22.04 -8.50
C ASN C 212 -6.05 20.89 -9.21
N SER C 213 -5.64 19.63 -8.98
CA SER C 213 -6.03 18.51 -9.82
C SER C 213 -6.67 17.36 -9.08
N VAL C 214 -6.50 17.26 -7.76
CA VAL C 214 -7.12 16.19 -6.96
C VAL C 214 -7.61 16.79 -5.65
N PRO C 215 -8.63 16.19 -5.03
CA PRO C 215 -8.95 16.58 -3.65
C PRO C 215 -7.87 16.09 -2.71
N VAL C 216 -7.56 16.92 -1.72
CA VAL C 216 -6.49 16.66 -0.75
C VAL C 216 -7.13 16.60 0.63
N HIS C 217 -6.96 15.48 1.30
CA HIS C 217 -7.43 15.30 2.67
C HIS C 217 -6.35 15.71 3.65
N LEU C 218 -6.78 16.21 4.80
CA LEU C 218 -5.91 16.53 5.93
C LEU C 218 -6.14 15.47 6.98
N LEU C 219 -5.07 14.78 7.38
CA LEU C 219 -5.12 13.75 8.42
C LEU C 219 -4.35 14.22 9.64
N ARG C 220 -5.05 14.33 10.75
CA ARG C 220 -4.48 14.60 12.05
C ARG C 220 -4.25 13.27 12.78
N THR C 221 -3.56 13.33 13.90
CA THR C 221 -3.27 12.11 14.66
C THR C 221 -4.58 11.62 15.29
N GLY C 222 -5.23 10.70 14.57
CA GLY C 222 -6.51 10.17 15.00
C GLY C 222 -7.52 9.84 13.92
N ASP C 223 -7.17 10.02 12.64
CA ASP C 223 -8.08 9.75 11.54
C ASP C 223 -7.39 8.90 10.48
N GLU C 224 -8.18 8.37 9.55
CA GLU C 224 -7.75 7.45 8.51
C GLU C 224 -7.99 8.04 7.14
N PHE C 225 -7.42 7.38 6.14
CA PHE C 225 -7.75 7.57 4.74
C PHE C 225 -7.74 6.20 4.08
N ALA C 226 -8.89 5.79 3.55
CA ALA C 226 -9.10 4.46 3.00
C ALA C 226 -9.46 4.57 1.53
N THR C 227 -8.52 4.24 0.66
CA THR C 227 -8.81 4.16 -0.76
C THR C 227 -9.75 2.99 -1.01
N GLY C 228 -10.77 3.22 -1.82
CA GLY C 228 -11.71 2.16 -2.12
C GLY C 228 -11.09 1.05 -2.94
N THR C 229 -11.79 -0.07 -3.02
CA THR C 229 -11.29 -1.20 -3.77
C THR C 229 -11.31 -0.89 -5.25
N PHE C 230 -10.14 -0.98 -5.88
CA PHE C 230 -10.01 -0.85 -7.32
C PHE C 230 -9.98 -2.23 -7.93
N PHE C 231 -10.68 -2.41 -9.04
CA PHE C 231 -10.85 -3.71 -9.69
C PHE C 231 -10.18 -3.70 -11.05
N PHE C 232 -9.30 -4.68 -11.26
CA PHE C 232 -8.55 -4.80 -12.50
C PHE C 232 -9.35 -5.55 -13.56
N ASP C 233 -8.84 -5.49 -14.79
CA ASP C 233 -9.39 -6.25 -15.92
C ASP C 233 -8.28 -6.82 -16.80
N CYS C 234 -7.15 -7.18 -16.21
CA CYS C 234 -5.96 -7.54 -16.98
C CYS C 234 -6.01 -8.99 -17.45
N LYS C 235 -5.27 -9.27 -18.52
CA LYS C 235 -5.24 -10.59 -19.11
C LYS C 235 -4.43 -11.54 -18.22
N PRO C 236 -4.59 -12.86 -18.39
CA PRO C 236 -3.83 -13.79 -17.54
C PRO C 236 -2.34 -13.77 -17.84
N CYS C 237 -1.55 -13.61 -16.79
CA CYS C 237 -0.11 -13.82 -16.85
C CYS C 237 0.20 -15.28 -16.57
N ARG C 238 1.01 -15.87 -17.44
CA ARG C 238 1.23 -17.31 -17.45
C ARG C 238 2.58 -17.62 -16.79
N LEU C 239 2.57 -18.56 -15.86
CA LEU C 239 3.75 -18.96 -15.11
C LEU C 239 4.44 -20.18 -15.72
N THR C 240 4.36 -20.32 -17.04
CA THR C 240 5.00 -21.39 -17.76
C THR C 240 5.68 -20.80 -18.99
N HIS C 241 6.66 -21.54 -19.52
CA HIS C 241 7.51 -21.06 -20.60
C HIS C 241 7.55 -22.07 -21.73
N THR C 242 7.80 -21.56 -22.93
CA THR C 242 7.66 -22.31 -24.19
C THR C 242 9.06 -22.56 -24.77
N TRP C 243 9.47 -23.83 -24.76
CA TRP C 243 10.79 -24.19 -25.27
C TRP C 243 10.82 -24.33 -26.78
N GLN C 244 9.67 -24.53 -27.42
CA GLN C 244 9.64 -24.92 -28.83
C GLN C 244 10.05 -23.75 -29.71
N THR C 245 11.26 -23.84 -30.26
CA THR C 245 11.70 -22.99 -31.35
C THR C 245 10.98 -23.45 -32.64
N ASN C 246 11.18 -22.71 -33.74
CA ASN C 246 10.66 -23.13 -35.04
C ASN C 246 11.06 -24.54 -35.41
N ARG C 247 12.28 -24.94 -35.05
CA ARG C 247 12.75 -26.27 -35.41
C ARG C 247 11.97 -27.37 -34.72
N ALA C 248 11.42 -27.10 -33.54
CA ALA C 248 10.66 -28.08 -32.78
C ALA C 248 9.18 -28.13 -33.15
N LEU C 249 8.72 -27.26 -34.04
CA LEU C 249 7.32 -27.28 -34.44
C LEU C 249 7.06 -28.38 -35.46
N GLY C 250 5.85 -28.92 -35.44
CA GLY C 250 5.41 -29.84 -36.45
C GLY C 250 5.82 -31.28 -36.20
N LEU C 251 5.50 -32.12 -37.18
CA LEU C 251 5.79 -33.54 -37.12
C LEU C 251 7.26 -33.78 -37.46
N PRO C 252 8.03 -34.52 -36.64
CA PRO C 252 9.40 -34.85 -37.05
C PRO C 252 9.40 -35.76 -38.27
N PRO C 253 10.55 -35.97 -38.90
CA PRO C 253 10.60 -36.86 -40.06
C PRO C 253 10.62 -38.31 -39.62
N PHE C 254 10.16 -39.18 -40.51
CA PHE C 254 10.23 -40.61 -40.23
C PHE C 254 11.67 -41.09 -40.31
N LEU C 255 12.10 -41.82 -39.29
CA LEU C 255 13.44 -42.35 -39.20
C LEU C 255 13.42 -43.81 -39.60
N ASN C 256 14.24 -44.17 -40.60
CA ASN C 256 14.32 -45.55 -41.06
C ASN C 256 15.33 -46.36 -40.27
N SER C 257 16.55 -45.84 -40.12
CA SER C 257 17.65 -46.55 -39.48
C SER C 257 17.70 -46.13 -38.01
N LEU C 258 16.82 -46.73 -37.22
CA LEU C 258 16.80 -46.44 -35.79
C LEU C 258 18.03 -47.04 -35.13
N PRO C 259 18.51 -46.48 -34.02
CA PRO C 259 19.74 -47.01 -33.42
C PRO C 259 19.50 -48.35 -32.74
N GLN C 260 20.56 -49.15 -32.70
CA GLN C 260 20.54 -50.49 -32.12
C GLN C 260 21.43 -50.63 -30.88
N SER C 261 22.18 -49.59 -30.51
CA SER C 261 23.02 -49.63 -29.32
C SER C 261 23.05 -48.24 -28.70
N GLU C 262 23.30 -48.19 -27.40
CA GLU C 262 23.33 -46.95 -26.63
C GLU C 262 24.74 -46.41 -26.59
N GLY C 263 24.88 -45.10 -26.75
CA GLY C 263 26.17 -44.45 -26.64
C GLY C 263 26.06 -43.01 -27.10
N ALA C 264 27.15 -42.27 -26.86
CA ALA C 264 27.18 -40.86 -27.22
C ALA C 264 27.10 -40.66 -28.73
N THR C 265 27.74 -41.53 -29.52
CA THR C 265 27.80 -41.40 -30.97
C THR C 265 26.87 -42.35 -31.71
N ASN C 266 25.95 -43.03 -31.01
CA ASN C 266 25.03 -43.99 -31.64
C ASN C 266 23.75 -43.28 -32.08
N PHE C 267 23.89 -42.49 -33.14
CA PHE C 267 22.76 -41.72 -33.66
C PHE C 267 21.88 -42.58 -34.56
N GLY C 268 20.65 -42.12 -34.75
CA GLY C 268 19.82 -42.62 -35.83
C GLY C 268 20.12 -41.88 -37.12
N ASP C 269 19.52 -42.36 -38.21
CA ASP C 269 19.69 -41.77 -39.53
C ASP C 269 18.37 -41.81 -40.28
N ILE C 270 18.06 -40.70 -40.97
CA ILE C 270 16.93 -40.69 -41.89
C ILE C 270 17.37 -41.36 -43.18
N GLY C 271 16.57 -42.31 -43.65
CA GLY C 271 16.97 -43.13 -44.78
C GLY C 271 17.11 -42.39 -46.10
N VAL C 272 16.18 -41.48 -46.38
CA VAL C 272 16.10 -40.90 -47.72
C VAL C 272 17.17 -39.83 -47.89
N GLN C 273 17.64 -39.68 -49.13
CA GLN C 273 18.57 -38.62 -49.45
C GLN C 273 17.88 -37.27 -49.34
N GLN C 274 18.69 -36.23 -49.10
CA GLN C 274 18.13 -34.91 -48.84
C GLN C 274 17.44 -34.34 -50.07
N ASP C 275 17.94 -34.66 -51.26
CA ASP C 275 17.33 -34.20 -52.51
C ASP C 275 16.16 -35.07 -52.96
N LYS C 276 15.73 -36.05 -52.16
CA LYS C 276 14.63 -36.95 -52.48
C LYS C 276 13.59 -37.06 -51.37
N ARG C 277 13.70 -36.28 -50.30
CA ARG C 277 12.71 -36.32 -49.24
C ARG C 277 11.38 -35.74 -49.72
N ARG C 278 10.31 -36.11 -49.03
CA ARG C 278 8.96 -35.61 -49.28
C ARG C 278 8.57 -34.61 -48.21
N GLY C 279 7.77 -33.62 -48.61
CA GLY C 279 7.26 -32.61 -47.71
C GLY C 279 6.96 -31.32 -48.45
N VAL C 280 6.74 -30.27 -47.68
CA VAL C 280 6.40 -28.94 -48.18
C VAL C 280 7.46 -27.96 -47.69
N THR C 281 7.88 -27.07 -48.58
CA THR C 281 8.88 -26.06 -48.27
C THR C 281 8.52 -24.77 -49.00
N GLN C 282 8.97 -23.65 -48.45
CA GLN C 282 8.74 -22.36 -49.08
C GLN C 282 9.78 -22.02 -50.15
N MET C 283 10.99 -22.55 -50.03
CA MET C 283 12.08 -22.14 -50.92
C MET C 283 11.90 -22.89 -52.24
N GLY C 284 11.07 -22.29 -53.09
CA GLY C 284 10.43 -22.95 -54.22
C GLY C 284 11.38 -23.41 -55.29
N ASN C 285 12.45 -22.67 -55.57
CA ASN C 285 13.41 -23.04 -56.60
C ASN C 285 14.42 -24.08 -56.14
N THR C 286 14.25 -24.65 -54.95
CA THR C 286 15.16 -25.63 -54.37
C THR C 286 14.40 -26.91 -54.09
N ASN C 287 14.86 -28.01 -54.67
CA ASN C 287 14.24 -29.31 -54.45
C ASN C 287 14.59 -29.91 -53.09
N TYR C 288 15.68 -29.46 -52.46
CA TYR C 288 16.17 -30.12 -51.27
C TYR C 288 15.28 -29.76 -50.09
N ILE C 289 14.88 -30.79 -49.33
CA ILE C 289 14.03 -30.64 -48.15
C ILE C 289 14.84 -31.07 -46.94
N THR C 290 14.81 -30.26 -45.90
CA THR C 290 15.57 -30.48 -44.68
C THR C 290 15.00 -29.58 -43.60
N GLU C 291 15.49 -29.76 -42.38
CA GLU C 291 14.85 -29.14 -41.23
C GLU C 291 15.03 -27.63 -41.21
N ALA C 292 16.11 -27.10 -41.78
CA ALA C 292 16.21 -25.66 -41.97
C ALA C 292 15.39 -25.16 -43.15
N THR C 293 14.75 -26.05 -43.91
CA THR C 293 13.99 -25.73 -45.11
C THR C 293 12.50 -26.03 -45.02
N ILE C 294 12.08 -26.99 -44.20
CA ILE C 294 10.69 -27.41 -44.21
C ILE C 294 9.81 -26.33 -43.59
N MET C 295 8.65 -26.11 -44.19
CA MET C 295 7.72 -25.08 -43.73
C MET C 295 7.25 -25.37 -42.32
N ARG C 296 7.14 -24.31 -41.52
CA ARG C 296 6.52 -24.31 -40.21
C ARG C 296 5.41 -23.27 -40.19
N PRO C 297 4.44 -23.38 -39.26
CA PRO C 297 3.26 -22.50 -39.37
C PRO C 297 3.54 -21.02 -39.21
N ALA C 298 4.52 -20.65 -38.40
CA ALA C 298 4.79 -19.25 -38.10
C ALA C 298 6.14 -19.17 -37.39
N GLU C 299 6.58 -17.94 -37.13
CA GLU C 299 7.88 -17.66 -36.56
C GLU C 299 7.74 -17.33 -35.07
N VAL C 300 8.59 -17.93 -34.26
CA VAL C 300 8.64 -17.68 -32.82
C VAL C 300 9.86 -16.81 -32.54
N GLY C 301 9.63 -15.64 -31.95
CA GLY C 301 10.70 -14.70 -31.69
C GLY C 301 11.04 -13.87 -32.91
N TYR C 302 11.93 -12.90 -32.77
CA TYR C 302 12.32 -12.07 -33.89
C TYR C 302 13.68 -11.45 -33.61
N SER C 303 14.49 -11.37 -34.65
CA SER C 303 15.78 -10.70 -34.55
C SER C 303 15.57 -9.20 -34.73
N ALA C 304 16.16 -8.42 -33.84
CA ALA C 304 16.01 -6.98 -33.76
C ALA C 304 17.39 -6.36 -33.76
N PRO C 305 17.52 -5.09 -34.15
CA PRO C 305 18.86 -4.49 -34.17
C PRO C 305 19.37 -4.20 -32.78
N TYR C 306 20.39 -4.93 -32.33
CA TYR C 306 20.72 -4.95 -30.91
C TYR C 306 21.74 -3.89 -30.57
N TYR C 307 21.53 -3.26 -29.41
CA TYR C 307 22.26 -2.07 -28.96
C TYR C 307 22.20 -1.00 -30.04
N SER C 308 21.00 -0.84 -30.60
CA SER C 308 20.68 0.26 -31.49
C SER C 308 20.14 1.41 -30.66
N PHE C 309 20.40 2.62 -31.12
CA PHE C 309 19.91 3.83 -30.48
C PHE C 309 19.26 4.69 -31.56
N GLU C 310 18.18 5.38 -31.20
CA GLU C 310 17.52 6.33 -32.09
C GLU C 310 17.24 7.60 -31.34
N ALA C 311 17.07 8.68 -32.10
CA ALA C 311 16.90 10.03 -31.60
C ALA C 311 15.56 10.57 -32.03
N SER C 312 14.97 11.37 -31.15
CA SER C 312 13.74 12.09 -31.41
C SER C 312 14.04 13.49 -30.89
N THR C 313 13.01 14.30 -30.68
CA THR C 313 13.23 15.67 -30.22
C THR C 313 13.91 15.73 -28.87
N GLN C 314 13.73 14.71 -28.03
CA GLN C 314 14.26 14.69 -26.67
C GLN C 314 15.53 13.85 -26.54
N GLY C 315 16.31 13.72 -27.61
CA GLY C 315 17.60 13.11 -27.54
C GLY C 315 17.58 11.60 -27.71
N PRO C 316 18.75 10.97 -27.63
CA PRO C 316 18.85 9.55 -27.95
C PRO C 316 18.19 8.65 -26.91
N PHE C 317 17.84 7.44 -27.34
CA PHE C 317 17.35 6.41 -26.44
C PHE C 317 17.53 5.06 -27.10
N LYS C 318 17.46 4.01 -26.28
CA LYS C 318 17.66 2.66 -26.77
C LYS C 318 16.36 2.10 -27.33
N THR C 319 16.48 1.29 -28.37
CA THR C 319 15.35 0.52 -28.87
C THR C 319 15.12 -0.66 -27.94
N PRO C 320 13.96 -0.81 -27.29
CA PRO C 320 13.74 -2.01 -26.48
C PRO C 320 13.53 -3.24 -27.35
N ILE C 321 13.75 -4.39 -26.73
CA ILE C 321 13.62 -5.70 -27.36
C ILE C 321 12.73 -6.55 -26.48
N ALA C 322 11.84 -7.31 -27.11
CA ALA C 322 10.77 -7.98 -26.37
C ALA C 322 11.26 -9.20 -25.61
N ALA C 323 12.19 -9.96 -26.20
CA ALA C 323 12.64 -11.21 -25.60
C ALA C 323 14.11 -11.40 -25.89
N GLY C 324 14.91 -11.52 -24.83
CA GLY C 324 16.34 -11.71 -24.98
C GLY C 324 16.71 -13.16 -25.21
N ARG C 325 18.00 -13.38 -25.42
CA ARG C 325 18.52 -14.71 -25.70
C ARG C 325 18.36 -15.64 -24.50
N ALA C 336 23.51 -10.45 -22.05
CA ALA C 336 23.51 -10.09 -23.46
C ALA C 336 22.37 -9.11 -23.75
N ASP C 337 22.09 -8.88 -25.03
CA ASP C 337 21.04 -7.94 -25.42
C ASP C 337 19.67 -8.44 -24.97
N GLY C 338 18.84 -7.50 -24.53
CA GLY C 338 17.46 -7.79 -24.19
C GLY C 338 17.22 -8.30 -22.78
N ASN C 339 18.20 -8.96 -22.17
CA ASN C 339 17.99 -9.53 -20.85
C ASN C 339 18.01 -8.40 -19.82
N PRO C 340 16.99 -8.26 -18.96
CA PRO C 340 16.93 -7.06 -18.11
C PRO C 340 17.90 -7.15 -16.94
N ARG C 341 18.59 -6.05 -16.67
CA ARG C 341 19.54 -5.93 -15.57
C ARG C 341 18.97 -4.98 -14.52
N TYR C 342 18.80 -5.50 -13.31
CA TYR C 342 18.19 -4.77 -12.20
C TYR C 342 19.27 -4.39 -11.22
N ALA C 343 19.36 -3.10 -10.89
CA ALA C 343 20.25 -2.58 -9.86
C ALA C 343 19.38 -2.02 -8.74
N PHE C 344 19.75 -2.30 -7.49
CA PHE C 344 18.86 -2.06 -6.36
C PHE C 344 19.67 -1.90 -5.08
N GLY C 345 19.03 -1.32 -4.08
CA GLY C 345 19.67 -0.92 -2.85
C GLY C 345 19.36 -1.84 -1.68
N ARG C 346 19.52 -1.28 -0.47
CA ARG C 346 19.40 -2.08 0.74
C ARG C 346 17.98 -2.30 1.19
N GLN C 347 17.04 -1.44 0.80
CA GLN C 347 15.63 -1.72 1.06
C GLN C 347 15.12 -2.88 0.23
N HIS C 348 15.62 -3.03 -0.99
CA HIS C 348 14.96 -3.81 -2.03
C HIS C 348 15.71 -5.08 -2.41
N GLY C 349 16.59 -5.58 -1.54
CA GLY C 349 17.17 -6.91 -1.72
C GLY C 349 18.62 -7.07 -1.33
N GLN C 350 19.41 -6.00 -1.39
CA GLN C 350 20.82 -6.10 -1.07
C GLN C 350 20.98 -6.38 0.42
N LYS C 351 22.10 -7.03 0.76
CA LYS C 351 22.39 -7.42 2.13
C LYS C 351 22.43 -6.18 3.01
N THR C 352 21.50 -6.08 3.95
CA THR C 352 21.24 -4.82 4.64
C THR C 352 22.39 -4.37 5.52
N THR C 353 23.36 -5.22 5.81
CA THR C 353 24.54 -4.85 6.59
C THR C 353 25.71 -4.36 5.74
N THR C 354 25.59 -4.40 4.41
CA THR C 354 26.67 -3.92 3.55
C THR C 354 26.81 -2.40 3.66
N THR C 355 28.04 -1.94 3.46
CA THR C 355 28.39 -0.53 3.48
C THR C 355 28.83 -0.10 2.09
N GLY C 356 28.57 1.17 1.76
CA GLY C 356 29.08 1.78 0.56
C GLY C 356 28.08 1.81 -0.58
N GLU C 357 28.34 2.72 -1.52
CA GLU C 357 27.48 2.92 -2.68
C GLU C 357 27.86 1.91 -3.76
N THR C 358 27.18 0.78 -3.78
CA THR C 358 27.26 -0.14 -4.91
C THR C 358 26.00 -0.99 -4.91
N PRO C 359 25.10 -0.90 -5.90
CA PRO C 359 23.93 -1.77 -5.86
C PRO C 359 24.27 -3.21 -6.16
N GLU C 360 23.55 -4.11 -5.52
CA GLU C 360 23.59 -5.51 -5.92
C GLU C 360 22.79 -5.65 -7.21
N ARG C 361 23.31 -6.47 -8.12
CA ARG C 361 22.81 -6.56 -9.48
C ARG C 361 22.60 -8.01 -9.88
N PHE C 362 21.52 -8.26 -10.63
CA PHE C 362 21.36 -9.51 -11.35
C PHE C 362 20.87 -9.20 -12.74
N THR C 363 21.18 -10.11 -13.67
CA THR C 363 20.67 -10.10 -15.02
C THR C 363 19.71 -11.26 -15.16
N TYR C 364 18.45 -10.97 -15.50
CA TYR C 364 17.41 -11.99 -15.51
C TYR C 364 17.51 -12.79 -16.81
N ILE C 365 18.13 -13.96 -16.70
CA ILE C 365 18.23 -14.90 -17.82
C ILE C 365 16.94 -15.71 -17.81
N ALA C 366 15.98 -15.32 -18.64
CA ALA C 366 14.70 -16.01 -18.69
C ALA C 366 14.86 -17.41 -19.24
N HIS C 367 14.04 -18.33 -18.73
CA HIS C 367 14.08 -19.72 -19.16
C HIS C 367 13.47 -19.92 -20.54
N GLN C 368 12.79 -18.93 -21.09
CA GLN C 368 11.77 -19.22 -22.10
C GLN C 368 12.32 -19.44 -23.49
N ASP C 369 13.61 -19.23 -23.74
CA ASP C 369 14.13 -19.21 -25.11
C ASP C 369 13.35 -18.14 -25.88
N THR C 370 12.81 -18.43 -27.07
CA THR C 370 12.16 -17.43 -27.93
C THR C 370 13.09 -16.26 -28.23
N GLY C 371 14.39 -16.52 -28.33
CA GLY C 371 15.38 -15.53 -28.61
C GLY C 371 16.06 -15.80 -29.93
N ARG C 372 17.17 -15.09 -30.15
CA ARG C 372 17.96 -15.24 -31.37
C ARG C 372 19.42 -15.30 -30.98
N TYR C 373 20.21 -15.95 -31.85
CA TYR C 373 21.62 -16.22 -31.65
C TYR C 373 22.32 -15.52 -32.81
N PRO C 374 22.68 -14.22 -32.68
CA PRO C 374 23.14 -13.48 -33.86
C PRO C 374 24.37 -14.04 -34.56
N GLU C 375 25.23 -14.74 -33.84
CA GLU C 375 26.43 -15.26 -34.47
C GLU C 375 26.14 -16.50 -35.31
N GLY C 376 24.94 -17.09 -35.21
CA GLY C 376 24.52 -18.20 -36.02
C GLY C 376 23.74 -17.86 -37.27
N ASP C 377 23.41 -16.58 -37.50
CA ASP C 377 22.52 -16.21 -38.58
C ASP C 377 23.32 -16.03 -39.87
N TRP C 378 22.63 -16.16 -41.00
CA TRP C 378 23.25 -15.84 -42.28
C TRP C 378 22.17 -15.65 -43.33
N ILE C 379 22.52 -14.93 -44.39
CA ILE C 379 21.67 -14.74 -45.57
C ILE C 379 22.49 -15.12 -46.79
N GLN C 380 21.84 -15.72 -47.77
CA GLN C 380 22.49 -16.13 -49.01
C GLN C 380 21.57 -15.87 -50.19
N ASN C 381 22.15 -15.96 -51.38
CA ASN C 381 21.49 -15.50 -52.60
C ASN C 381 20.28 -16.37 -52.93
N ILE C 382 19.37 -15.81 -53.73
CA ILE C 382 18.14 -16.51 -54.09
C ILE C 382 18.41 -17.73 -54.95
N ASN C 383 19.50 -17.75 -55.70
CA ASN C 383 19.83 -18.91 -56.51
C ASN C 383 20.08 -20.15 -55.66
N PHE C 384 20.81 -20.00 -54.57
CA PHE C 384 21.07 -21.07 -53.61
C PHE C 384 21.84 -22.22 -54.26
N ASN C 385 22.99 -21.90 -54.83
CA ASN C 385 23.99 -22.94 -55.08
C ASN C 385 24.50 -23.44 -53.74
N LEU C 386 24.46 -24.76 -53.53
CA LEU C 386 24.39 -25.28 -52.17
C LEU C 386 25.70 -25.08 -51.40
N PRO C 387 26.86 -25.55 -51.88
CA PRO C 387 28.11 -25.16 -51.22
C PRO C 387 28.44 -23.71 -51.57
N VAL C 388 27.84 -22.78 -50.82
CA VAL C 388 27.78 -21.38 -51.23
C VAL C 388 29.17 -20.77 -51.26
N THR C 389 29.49 -20.11 -52.36
CA THR C 389 30.75 -19.40 -52.48
C THR C 389 30.77 -18.17 -51.59
N ASN C 390 31.93 -17.53 -51.50
CA ASN C 390 32.12 -16.42 -50.57
C ASN C 390 31.26 -15.23 -50.92
N ASP C 391 31.12 -14.91 -52.20
CA ASP C 391 30.42 -13.68 -52.59
C ASP C 391 28.90 -13.84 -52.61
N ASN C 392 28.37 -15.03 -52.34
CA ASN C 392 26.93 -15.30 -52.35
C ASN C 392 26.34 -15.46 -50.95
N VAL C 393 27.11 -15.15 -49.89
CA VAL C 393 26.65 -15.32 -48.52
C VAL C 393 27.15 -14.14 -47.68
N LEU C 394 26.28 -13.66 -46.79
CA LEU C 394 26.59 -12.59 -45.84
C LEU C 394 26.56 -13.20 -44.44
N LEU C 395 27.73 -13.44 -43.89
CA LEU C 395 27.89 -14.03 -42.58
C LEU C 395 27.84 -12.97 -41.49
N PRO C 396 27.79 -13.35 -40.21
CA PRO C 396 27.97 -12.35 -39.15
C PRO C 396 29.41 -11.91 -38.96
N THR C 397 30.38 -12.58 -39.60
CA THR C 397 31.75 -12.13 -39.61
C THR C 397 32.02 -11.05 -40.66
N ASP C 398 30.99 -10.63 -41.43
CA ASP C 398 31.17 -9.72 -42.55
C ASP C 398 31.00 -8.28 -42.07
N PRO C 399 31.81 -7.30 -42.52
CA PRO C 399 31.60 -5.93 -42.06
C PRO C 399 30.47 -5.26 -42.82
N ILE C 400 29.85 -4.27 -42.17
CA ILE C 400 28.87 -3.38 -42.77
C ILE C 400 29.43 -1.97 -42.72
N GLY C 401 29.55 -1.32 -43.87
CA GLY C 401 30.12 0.00 -43.91
C GLY C 401 31.62 0.05 -43.68
N GLY C 402 32.30 -1.09 -43.78
CA GLY C 402 33.72 -1.14 -43.52
C GLY C 402 34.12 -1.28 -42.07
N LYS C 403 33.16 -1.23 -41.14
CA LYS C 403 33.45 -1.40 -39.72
C LYS C 403 33.55 -2.88 -39.42
N THR C 404 34.69 -3.32 -38.90
CA THR C 404 34.88 -4.73 -38.62
C THR C 404 34.05 -5.23 -37.46
N GLY C 405 33.67 -4.36 -36.53
CA GLY C 405 32.92 -4.75 -35.36
C GLY C 405 31.42 -4.76 -35.49
N ILE C 406 30.86 -4.32 -36.62
CA ILE C 406 29.42 -4.21 -36.84
C ILE C 406 29.09 -5.03 -38.06
N ASN C 407 28.28 -6.07 -37.88
CA ASN C 407 27.86 -6.97 -38.94
C ASN C 407 26.39 -6.72 -39.27
N TYR C 408 25.86 -7.53 -40.18
CA TYR C 408 24.51 -7.29 -40.66
C TYR C 408 23.47 -7.55 -39.58
N THR C 409 23.75 -8.45 -38.63
CA THR C 409 22.79 -8.75 -37.59
C THR C 409 22.56 -7.57 -36.64
N ASN C 410 23.48 -6.61 -36.60
CA ASN C 410 23.29 -5.43 -35.77
C ASN C 410 22.20 -4.51 -36.31
N ILE C 411 22.00 -4.47 -37.64
CA ILE C 411 20.98 -3.62 -38.26
C ILE C 411 19.79 -4.41 -38.77
N PHE C 412 19.68 -5.69 -38.42
CA PHE C 412 18.68 -6.57 -39.01
C PHE C 412 17.36 -6.47 -38.25
N ASN C 413 16.27 -6.61 -38.98
CA ASN C 413 14.94 -6.64 -38.36
C ASN C 413 14.06 -7.57 -39.17
N THR C 414 13.52 -8.60 -38.51
CA THR C 414 12.61 -9.56 -39.13
C THR C 414 11.33 -9.74 -38.33
N TYR C 415 10.87 -8.68 -37.68
CA TYR C 415 9.49 -8.69 -37.20
C TYR C 415 8.56 -8.71 -38.40
N GLY C 416 7.52 -9.52 -38.30
CA GLY C 416 6.62 -9.71 -39.41
C GLY C 416 5.26 -10.18 -38.94
N PRO C 417 4.35 -10.42 -39.89
CA PRO C 417 3.01 -10.90 -39.50
C PRO C 417 3.03 -12.27 -38.86
N LEU C 418 4.04 -13.10 -39.13
CA LEU C 418 4.12 -14.46 -38.62
C LEU C 418 4.87 -14.55 -37.30
N THR C 419 5.03 -13.44 -36.57
CA THR C 419 5.86 -13.42 -35.38
C THR C 419 5.00 -13.66 -34.14
N ALA C 420 5.41 -14.63 -33.33
CA ALA C 420 4.73 -14.99 -32.09
C ALA C 420 5.66 -14.75 -30.91
N LEU C 421 5.15 -14.07 -29.88
CA LEU C 421 5.90 -13.73 -28.69
C LEU C 421 5.13 -14.15 -27.45
N ASN C 422 5.86 -14.32 -26.36
CA ASN C 422 5.30 -14.45 -25.03
C ASN C 422 5.41 -13.12 -24.30
N ASN C 423 4.52 -12.93 -23.33
CA ASN C 423 4.58 -11.73 -22.50
C ASN C 423 5.81 -11.77 -21.64
N VAL C 424 6.18 -10.61 -21.09
CA VAL C 424 7.41 -10.53 -20.30
C VAL C 424 7.22 -11.33 -19.01
N PRO C 425 8.19 -12.11 -18.53
CA PRO C 425 7.96 -12.87 -17.32
C PRO C 425 7.96 -11.98 -16.10
N PRO C 426 7.28 -12.37 -15.02
CA PRO C 426 7.51 -11.68 -13.75
C PRO C 426 8.94 -11.82 -13.27
N VAL C 427 9.42 -10.82 -12.55
CA VAL C 427 10.71 -10.82 -11.89
C VAL C 427 10.48 -10.56 -10.43
N TYR C 428 10.98 -11.44 -9.56
CA TYR C 428 10.88 -11.30 -8.12
C TYR C 428 12.24 -10.91 -7.57
N PRO C 429 12.35 -10.02 -6.56
CA PRO C 429 11.34 -9.19 -5.89
C PRO C 429 11.17 -7.80 -6.50
N ASN C 430 11.97 -7.39 -7.49
CA ASN C 430 11.97 -6.02 -7.98
C ASN C 430 11.08 -5.80 -9.20
N GLY C 431 10.48 -6.83 -9.77
CA GLY C 431 9.70 -6.63 -10.98
C GLY C 431 8.41 -5.89 -10.70
N GLN C 432 8.02 -5.07 -11.66
CA GLN C 432 6.80 -4.28 -11.52
C GLN C 432 5.58 -5.14 -11.86
N ILE C 433 4.50 -4.94 -11.12
CA ILE C 433 3.34 -5.82 -11.24
C ILE C 433 2.47 -5.36 -12.41
N TRP C 434 1.94 -4.14 -12.34
CA TRP C 434 1.06 -3.57 -13.35
C TRP C 434 1.70 -2.35 -14.00
N ASP C 435 1.14 -1.97 -15.15
CA ASP C 435 1.54 -0.78 -15.87
C ASP C 435 0.32 -0.22 -16.57
N LYS C 436 0.39 1.05 -16.93
CA LYS C 436 -0.72 1.75 -17.58
C LYS C 436 -0.54 1.72 -19.09
N GLU C 437 -1.65 1.51 -19.81
CA GLU C 437 -1.56 1.42 -21.25
C GLU C 437 -1.42 2.83 -21.80
N PHE C 438 -0.74 2.97 -22.93
CA PHE C 438 -0.54 4.28 -23.51
C PHE C 438 -1.86 4.84 -24.00
N ASP C 439 -1.96 6.17 -23.97
CA ASP C 439 -3.17 6.86 -24.42
C ASP C 439 -3.16 7.09 -25.93
N THR C 440 -2.25 6.45 -26.66
CA THR C 440 -2.21 6.56 -28.10
C THR C 440 -3.37 5.81 -28.73
N ASP C 441 -3.68 6.17 -29.98
CA ASP C 441 -4.71 5.46 -30.71
C ASP C 441 -4.31 4.02 -31.00
N LEU C 442 -3.09 3.83 -31.50
CA LEU C 442 -2.50 2.52 -31.71
C LEU C 442 -1.58 2.21 -30.53
N LYS C 443 -1.79 1.06 -29.90
CA LYS C 443 -1.16 0.71 -28.64
C LYS C 443 -0.20 -0.47 -28.83
N PRO C 444 0.84 -0.60 -28.01
CA PRO C 444 1.77 -1.71 -28.21
C PRO C 444 1.15 -3.04 -27.79
N ARG C 445 1.62 -4.11 -28.42
CA ARG C 445 1.06 -5.42 -28.13
C ARG C 445 1.49 -5.94 -26.77
N LEU C 446 2.68 -5.55 -26.30
CA LEU C 446 3.14 -5.92 -24.98
C LEU C 446 4.00 -4.79 -24.42
N HIS C 447 4.03 -4.70 -23.10
CA HIS C 447 4.98 -3.88 -22.37
C HIS C 447 6.09 -4.77 -21.82
N VAL C 448 7.32 -4.24 -21.80
CA VAL C 448 8.47 -5.00 -21.34
C VAL C 448 8.77 -4.83 -19.86
N ASN C 449 8.04 -3.96 -19.15
CA ASN C 449 8.36 -3.63 -17.77
C ASN C 449 7.46 -4.31 -16.74
N ALA C 450 6.34 -4.89 -17.16
CA ALA C 450 5.46 -5.56 -16.22
C ALA C 450 4.53 -6.49 -16.99
N PRO C 451 4.08 -7.62 -16.39
CA PRO C 451 3.20 -8.52 -17.14
C PRO C 451 1.83 -7.95 -17.44
N PHE C 452 1.14 -7.45 -16.41
CA PHE C 452 -0.21 -6.94 -16.58
C PHE C 452 -0.18 -5.50 -17.07
N VAL C 453 -1.16 -5.13 -17.88
CA VAL C 453 -1.31 -3.78 -18.41
C VAL C 453 -2.77 -3.37 -18.25
N CYS C 454 -3.01 -2.25 -17.58
CA CYS C 454 -4.36 -1.82 -17.29
C CYS C 454 -4.95 -1.22 -18.55
N GLN C 455 -6.07 -1.77 -19.01
CA GLN C 455 -6.60 -1.32 -20.30
C GLN C 455 -7.20 0.08 -20.26
N ASN C 456 -7.84 0.48 -19.16
CA ASN C 456 -8.46 1.80 -19.04
C ASN C 456 -7.84 2.62 -17.91
N ASN C 457 -7.80 2.07 -16.69
CA ASN C 457 -7.29 2.75 -15.51
C ASN C 457 -6.47 1.78 -14.67
N CYS C 458 -5.37 2.28 -14.11
CA CYS C 458 -4.66 1.63 -13.00
C CYS C 458 -5.05 2.28 -11.68
N PRO C 459 -4.62 1.72 -10.55
CA PRO C 459 -4.93 2.35 -9.27
C PRO C 459 -4.37 3.76 -9.16
N GLY C 460 -5.14 4.63 -8.54
CA GLY C 460 -4.71 5.99 -8.34
C GLY C 460 -3.49 6.10 -7.46
N GLN C 461 -2.53 6.92 -7.88
CA GLN C 461 -1.34 7.14 -7.07
C GLN C 461 -1.70 7.87 -5.79
N LEU C 462 -1.02 7.52 -4.70
CA LEU C 462 -1.29 8.05 -3.37
C LEU C 462 -0.14 8.95 -2.96
N PHE C 463 -0.37 10.26 -2.99
CA PHE C 463 0.63 11.26 -2.68
C PHE C 463 0.49 11.69 -1.22
N VAL C 464 1.62 11.98 -0.58
CA VAL C 464 1.67 12.37 0.83
C VAL C 464 2.58 13.57 0.98
N LYS C 465 2.33 14.37 2.02
CA LYS C 465 3.10 15.59 2.25
C LYS C 465 2.78 16.09 3.65
N VAL C 466 3.79 16.60 4.34
CA VAL C 466 3.60 17.20 5.66
C VAL C 466 3.15 18.64 5.47
N ALA C 467 2.11 19.03 6.20
CA ALA C 467 1.52 20.35 5.99
C ALA C 467 2.48 21.43 6.46
N PRO C 468 2.34 22.67 5.96
CA PRO C 468 3.27 23.73 6.39
C PRO C 468 3.03 24.10 7.84
N ASN C 469 4.04 23.85 8.69
CA ASN C 469 3.99 24.19 10.11
C ASN C 469 4.82 25.45 10.32
N LEU C 470 4.14 26.59 10.25
CA LEU C 470 4.83 27.87 10.13
C LEU C 470 5.23 28.41 11.50
N THR C 471 6.07 29.44 11.47
CA THR C 471 6.49 30.21 12.63
C THR C 471 5.87 31.60 12.57
N ASN C 472 6.01 32.34 13.67
CA ASN C 472 5.33 33.62 13.78
C ASN C 472 5.99 34.74 12.99
N GLU C 473 7.18 34.52 12.45
CA GLU C 473 7.88 35.55 11.68
C GLU C 473 7.51 35.53 10.21
N TYR C 474 6.46 34.81 9.81
CA TYR C 474 6.13 34.69 8.40
C TYR C 474 5.54 35.98 7.85
N ASP C 475 6.06 36.41 6.70
CA ASP C 475 5.36 37.34 5.82
C ASP C 475 5.50 36.83 4.38
N PRO C 476 4.46 36.85 3.54
CA PRO C 476 4.65 36.37 2.17
C PRO C 476 5.56 37.23 1.32
N ASP C 477 5.67 38.52 1.60
CA ASP C 477 6.42 39.41 0.73
C ASP C 477 7.92 39.19 0.78
N ALA C 478 8.43 38.43 1.74
CA ALA C 478 9.85 38.14 1.78
C ALA C 478 10.24 37.20 0.64
N SER C 479 11.31 37.55 -0.06
CA SER C 479 11.81 36.70 -1.13
C SER C 479 12.32 35.36 -0.59
N ALA C 480 12.89 35.36 0.61
CA ALA C 480 13.46 34.15 1.18
C ALA C 480 12.37 33.13 1.46
N ASN C 481 12.79 31.87 1.56
CA ASN C 481 11.86 30.79 1.84
C ASN C 481 11.23 30.96 3.22
N MET C 482 10.02 30.45 3.37
CA MET C 482 9.32 30.55 4.64
C MET C 482 10.05 29.74 5.70
N SER C 483 10.04 30.24 6.93
CA SER C 483 10.64 29.56 8.06
C SER C 483 9.61 28.60 8.64
N ARG C 484 9.96 27.33 8.71
CA ARG C 484 9.07 26.26 9.15
C ARG C 484 9.62 25.57 10.39
N ILE C 485 8.69 25.08 11.22
CA ILE C 485 9.07 24.23 12.34
C ILE C 485 9.43 22.85 11.79
N VAL C 486 10.59 22.35 12.17
CA VAL C 486 11.10 21.11 11.59
C VAL C 486 10.22 19.95 12.04
N THR C 487 9.44 19.42 11.09
CA THR C 487 8.41 18.42 11.35
C THR C 487 8.74 17.14 10.59
N TYR C 488 8.37 16.00 11.17
CA TYR C 488 8.40 14.73 10.49
C TYR C 488 7.26 13.88 11.00
N SER C 489 6.83 12.92 10.18
CA SER C 489 5.65 12.13 10.44
C SER C 489 5.92 10.66 10.17
N ASP C 490 5.34 9.80 11.01
CA ASP C 490 5.35 8.36 10.84
C ASP C 490 3.91 7.88 10.77
N PHE C 491 3.56 7.22 9.68
CA PHE C 491 2.20 6.72 9.46
C PHE C 491 2.25 5.30 8.91
N TRP C 492 1.27 4.50 9.31
CA TRP C 492 1.21 3.10 8.91
C TRP C 492 0.42 2.96 7.62
N TRP C 493 1.05 2.37 6.62
CA TRP C 493 0.42 2.04 5.35
C TRP C 493 -0.03 0.59 5.40
N LYS C 494 -1.22 0.33 4.88
CA LYS C 494 -1.72 -1.04 4.70
C LYS C 494 -2.23 -1.18 3.28
N GLY C 495 -2.06 -2.36 2.72
CA GLY C 495 -2.53 -2.64 1.38
C GLY C 495 -2.92 -4.10 1.26
N LYS C 496 -3.88 -4.33 0.36
CA LYS C 496 -4.32 -5.66 -0.01
C LYS C 496 -4.29 -5.75 -1.52
N LEU C 497 -3.81 -6.87 -2.04
CA LEU C 497 -3.70 -7.11 -3.48
C LEU C 497 -4.10 -8.54 -3.74
N VAL C 498 -5.29 -8.72 -4.31
CA VAL C 498 -5.92 -10.02 -4.43
C VAL C 498 -5.70 -10.53 -5.85
N PHE C 499 -5.20 -11.77 -5.95
CA PHE C 499 -4.95 -12.46 -7.21
C PHE C 499 -5.92 -13.62 -7.35
N LYS C 500 -5.91 -14.24 -8.52
CA LYS C 500 -6.66 -15.47 -8.77
C LYS C 500 -5.81 -16.36 -9.67
N ALA C 501 -5.51 -17.56 -9.20
CA ALA C 501 -4.52 -18.44 -9.81
C ALA C 501 -5.09 -19.83 -10.01
N LYS C 502 -4.74 -20.44 -11.14
CA LYS C 502 -5.16 -21.80 -11.49
C LYS C 502 -4.04 -22.76 -11.12
N LEU C 503 -4.41 -23.87 -10.50
CA LEU C 503 -3.42 -24.88 -10.13
C LEU C 503 -3.05 -25.72 -11.33
N ARG C 504 -1.77 -26.07 -11.44
CA ARG C 504 -1.31 -26.85 -12.57
C ARG C 504 -1.69 -28.32 -12.39
N ALA C 505 -1.64 -29.04 -13.50
CA ALA C 505 -1.83 -30.49 -13.53
C ALA C 505 -0.70 -31.11 -14.33
N SER C 506 -0.18 -32.24 -13.86
CA SER C 506 0.98 -32.88 -14.46
C SER C 506 0.53 -33.70 -15.66
N HIS C 507 0.95 -33.28 -16.85
CA HIS C 507 0.64 -33.98 -18.09
C HIS C 507 1.73 -34.96 -18.49
N THR C 508 2.99 -34.64 -18.21
CA THR C 508 4.10 -35.43 -18.69
C THR C 508 4.38 -36.59 -17.75
N TRP C 509 5.13 -37.56 -18.28
CA TRP C 509 5.69 -38.62 -17.45
C TRP C 509 6.70 -38.05 -16.47
N ASN C 510 7.52 -37.10 -16.92
CA ASN C 510 8.69 -36.68 -16.16
C ASN C 510 8.32 -35.60 -15.15
N PRO C 511 9.16 -35.35 -14.14
CA PRO C 511 8.94 -34.22 -13.26
C PRO C 511 9.50 -32.92 -13.84
N ILE C 512 8.84 -31.82 -13.50
CA ILE C 512 9.22 -30.49 -13.96
C ILE C 512 10.28 -29.89 -13.05
N GLN C 513 10.95 -28.84 -13.53
CA GLN C 513 11.85 -28.07 -12.69
C GLN C 513 11.05 -27.30 -11.65
N GLN C 514 11.63 -27.16 -10.46
CA GLN C 514 10.99 -26.45 -9.36
C GLN C 514 11.99 -25.56 -8.65
N MET C 515 11.46 -24.50 -8.06
CA MET C 515 12.19 -23.72 -7.07
C MET C 515 12.40 -24.56 -5.83
N SER C 516 13.59 -24.47 -5.25
CA SER C 516 13.91 -25.27 -4.07
C SER C 516 15.11 -24.69 -3.35
N ILE C 517 15.15 -24.90 -2.04
CA ILE C 517 16.29 -24.52 -1.22
C ILE C 517 17.33 -25.63 -1.28
N ASN C 518 18.60 -25.23 -1.29
CA ASN C 518 19.70 -26.18 -1.35
C ASN C 518 20.85 -25.63 -0.53
N VAL C 519 21.97 -26.37 -0.53
CA VAL C 519 23.10 -26.03 0.33
C VAL C 519 23.74 -24.72 -0.10
N ASP C 520 23.83 -24.48 -1.41
CA ASP C 520 24.48 -23.27 -1.90
C ASP C 520 23.71 -22.02 -1.53
N ASN C 521 22.40 -22.02 -1.80
CA ASN C 521 21.54 -20.85 -1.56
C ASN C 521 20.85 -20.88 -0.21
N GLN C 522 21.40 -21.61 0.77
CA GLN C 522 20.72 -21.78 2.04
C GLN C 522 20.65 -20.48 2.82
N PHE C 523 21.79 -19.80 2.96
CA PHE C 523 21.90 -18.64 3.83
C PHE C 523 21.52 -17.34 3.13
N ASN C 524 20.87 -17.41 1.98
CA ASN C 524 20.25 -16.23 1.39
C ASN C 524 18.87 -15.96 1.98
N TYR C 525 18.19 -16.98 2.51
CA TYR C 525 16.83 -16.89 2.98
C TYR C 525 16.70 -16.81 4.50
N VAL C 526 17.79 -16.56 5.23
CA VAL C 526 17.75 -16.46 6.69
C VAL C 526 18.75 -15.40 7.13
N PRO C 527 18.53 -14.79 8.29
CA PRO C 527 19.37 -13.65 8.67
C PRO C 527 20.77 -14.05 9.07
N SER C 528 21.61 -13.03 9.26
CA SER C 528 23.00 -13.19 9.65
C SER C 528 23.16 -13.00 11.16
N ASN C 529 24.41 -12.97 11.62
CA ASN C 529 24.68 -12.81 13.05
C ASN C 529 24.26 -11.44 13.54
N ILE C 530 24.50 -10.40 12.75
CA ILE C 530 24.19 -9.02 13.11
C ILE C 530 22.89 -8.53 12.46
N GLY C 531 21.99 -9.44 12.10
CA GLY C 531 20.66 -9.06 11.66
C GLY C 531 20.52 -8.75 10.19
N GLY C 532 21.56 -8.95 9.38
CA GLY C 532 21.46 -8.65 7.97
C GLY C 532 20.50 -9.60 7.27
N MET C 533 19.86 -9.11 6.22
CA MET C 533 18.90 -9.87 5.44
C MET C 533 19.05 -9.50 3.96
N LYS C 534 18.77 -10.45 3.09
CA LYS C 534 18.80 -10.25 1.65
C LYS C 534 17.68 -11.06 1.00
N ILE C 535 17.20 -10.56 -0.14
CA ILE C 535 16.15 -11.20 -0.94
C ILE C 535 16.75 -11.40 -2.32
N VAL C 536 17.20 -12.61 -2.63
CA VAL C 536 17.78 -12.88 -3.94
C VAL C 536 16.67 -13.09 -4.97
N TYR C 537 17.06 -13.05 -6.23
CA TYR C 537 16.11 -13.13 -7.32
C TYR C 537 15.69 -14.56 -7.58
N GLU C 538 14.46 -14.72 -8.07
CA GLU C 538 13.82 -16.02 -8.24
C GLU C 538 13.25 -16.11 -9.64
N LYS C 539 13.26 -17.32 -10.20
CA LYS C 539 12.73 -17.55 -11.54
C LYS C 539 11.22 -17.71 -11.47
N SER C 540 10.52 -17.08 -12.40
CA SER C 540 9.06 -17.04 -12.35
C SER C 540 8.42 -18.14 -13.18
N GLN C 541 8.83 -18.31 -14.43
CA GLN C 541 8.25 -19.28 -15.34
C GLN C 541 9.11 -20.54 -15.31
N LEU C 542 8.60 -21.60 -14.69
CA LEU C 542 9.37 -22.81 -14.42
C LEU C 542 8.86 -24.00 -15.23
N ALA C 543 7.58 -24.32 -15.10
CA ALA C 543 7.04 -25.49 -15.78
C ALA C 543 7.02 -25.24 -17.29
N PRO C 544 7.38 -26.22 -18.13
CA PRO C 544 7.27 -25.98 -19.58
C PRO C 544 5.82 -26.02 -20.04
N ARG C 545 5.56 -25.30 -21.12
CA ARG C 545 4.24 -25.20 -21.74
C ARG C 545 4.30 -25.77 -23.15
N LYS C 546 3.21 -26.42 -23.55
CA LYS C 546 3.09 -26.98 -24.89
C LYS C 546 2.69 -25.89 -25.88
N LEU C 547 3.67 -25.36 -26.61
CA LEU C 547 3.38 -24.29 -27.56
C LEU C 547 2.54 -24.82 -28.72
N TYR C 548 2.84 -26.04 -29.18
CA TYR C 548 2.27 -26.54 -30.42
C TYR C 548 2.25 -28.07 -30.42
N GLY D 1 -15.06 18.30 25.01
CA GLY D 1 -13.63 18.04 25.32
C GLY D 1 -12.79 19.29 25.39
N VAL D 2 -11.48 19.13 25.34
CA VAL D 2 -10.58 20.27 25.45
C VAL D 2 -10.69 21.16 24.22
N GLY D 3 -10.75 20.55 23.05
CA GLY D 3 -10.63 21.25 21.79
C GLY D 3 -11.91 21.74 21.14
N ILE D 4 -13.05 21.67 21.83
CA ILE D 4 -14.33 22.11 21.28
C ILE D 4 -14.83 23.26 22.15
N SER D 5 -15.11 24.39 21.50
CA SER D 5 -15.69 25.52 22.21
C SER D 5 -17.13 25.23 22.60
N THR D 6 -17.61 25.95 23.60
CA THR D 6 -18.87 25.65 24.26
C THR D 6 -19.90 26.78 24.19
N GLY D 7 -19.51 28.00 23.83
CA GLY D 7 -20.45 29.10 23.74
C GLY D 7 -19.99 30.15 22.75
N THR D 8 -20.89 31.10 22.49
CA THR D 8 -20.69 32.14 21.50
C THR D 8 -20.71 33.52 22.15
N PHE D 9 -19.73 34.34 21.79
CA PHE D 9 -19.63 35.72 22.28
C PHE D 9 -20.74 36.55 21.66
N ASN D 10 -21.33 37.44 22.45
CA ASN D 10 -22.47 38.22 22.00
C ASN D 10 -22.59 39.49 22.82
N ASN D 11 -22.58 40.64 22.15
CA ASN D 11 -22.89 41.93 22.77
C ASN D 11 -23.97 42.70 22.00
N GLN D 12 -24.72 42.03 21.14
CA GLN D 12 -25.76 42.71 20.38
C GLN D 12 -26.91 43.11 21.30
N THR D 13 -27.41 44.32 21.08
CA THR D 13 -28.63 44.80 21.73
C THR D 13 -29.74 44.74 20.69
N GLU D 14 -30.79 43.99 20.99
CA GLU D 14 -31.87 43.69 20.05
C GLU D 14 -33.15 44.38 20.49
N PHE D 15 -33.71 45.20 19.60
CA PHE D 15 -35.02 45.81 19.78
C PHE D 15 -36.03 45.05 18.94
N LYS D 16 -36.96 44.38 19.62
CA LYS D 16 -38.06 43.65 18.99
C LYS D 16 -39.35 44.38 19.31
N PHE D 17 -39.98 44.92 18.28
CA PHE D 17 -41.20 45.69 18.48
C PHE D 17 -42.40 44.77 18.58
N LEU D 18 -43.41 45.22 19.32
CA LEU D 18 -44.59 44.45 19.62
C LEU D 18 -45.83 45.32 19.44
N GLU D 19 -47.00 44.71 19.62
CA GLU D 19 -48.25 45.43 19.46
C GLU D 19 -48.47 46.40 20.62
N ASN D 20 -49.36 47.35 20.39
CA ASN D 20 -49.78 48.33 21.41
C ASN D 20 -48.62 49.18 21.89
N GLY D 21 -47.69 49.51 21.00
CA GLY D 21 -46.65 50.47 21.31
C GLY D 21 -45.59 50.00 22.28
N TRP D 22 -45.46 48.70 22.50
CA TRP D 22 -44.46 48.14 23.40
C TRP D 22 -43.27 47.63 22.60
N VAL D 23 -42.09 47.69 23.23
CA VAL D 23 -40.84 47.27 22.63
C VAL D 23 -40.11 46.38 23.62
N GLU D 24 -39.63 45.24 23.14
CA GLU D 24 -38.74 44.37 23.87
C GLU D 24 -37.31 44.75 23.51
N ILE D 25 -36.47 44.90 24.53
CA ILE D 25 -35.08 45.32 24.39
C ILE D 25 -34.25 44.21 25.02
N THR D 26 -33.65 43.37 24.19
CA THR D 26 -32.80 42.27 24.65
C THR D 26 -31.36 42.73 24.60
N ALA D 27 -30.77 42.94 25.77
CA ALA D 27 -29.40 43.42 25.88
C ALA D 27 -28.49 42.26 26.21
N ASN D 28 -27.73 41.79 25.23
CA ASN D 28 -26.71 40.78 25.43
C ASN D 28 -25.41 41.44 25.82
N SER D 29 -24.60 40.75 26.61
CA SER D 29 -23.29 41.23 27.03
C SER D 29 -22.37 40.04 27.22
N SER D 30 -21.11 40.24 26.85
CA SER D 30 -20.10 39.19 26.94
C SER D 30 -18.76 39.82 27.26
N ARG D 31 -18.02 39.18 28.18
CA ARG D 31 -16.74 39.69 28.66
C ARG D 31 -15.78 38.52 28.84
N LEU D 32 -14.49 38.83 28.81
CA LEU D 32 -13.43 37.89 29.14
C LEU D 32 -12.94 38.22 30.54
N VAL D 33 -13.07 37.27 31.46
CA VAL D 33 -12.90 37.50 32.89
C VAL D 33 -11.63 36.81 33.33
N HIS D 34 -10.71 37.57 33.92
CA HIS D 34 -9.43 37.09 34.41
C HIS D 34 -9.51 36.91 35.91
N LEU D 35 -9.19 35.70 36.38
CA LEU D 35 -9.35 35.30 37.77
C LEU D 35 -8.05 34.70 38.28
N ASN D 36 -7.44 35.38 39.25
CA ASN D 36 -6.30 34.84 39.97
C ASN D 36 -6.78 34.02 41.16
N MET D 37 -5.90 33.16 41.67
CA MET D 37 -6.26 32.37 42.84
C MET D 37 -6.36 33.31 44.05
N PRO D 38 -7.02 32.89 45.13
CA PRO D 38 -7.05 33.72 46.33
C PRO D 38 -5.67 33.85 46.95
N GLU D 39 -5.48 34.95 47.70
CA GLU D 39 -4.22 35.12 48.42
C GLU D 39 -4.06 34.04 49.49
N SER D 40 -5.16 33.60 50.10
CA SER D 40 -5.15 32.51 51.05
C SER D 40 -6.54 31.90 51.12
N GLU D 41 -6.60 30.59 51.30
CA GLU D 41 -7.89 29.90 51.32
C GLU D 41 -8.66 30.11 52.62
N ASN D 42 -7.98 30.34 53.72
CA ASN D 42 -8.67 30.36 55.01
C ASN D 42 -9.54 31.60 55.12
N TYR D 43 -10.76 31.39 55.59
CA TYR D 43 -11.65 32.50 55.91
C TYR D 43 -11.03 33.33 57.01
N ARG D 44 -11.03 34.65 56.81
CA ARG D 44 -10.42 35.61 57.73
C ARG D 44 -11.51 36.53 58.28
N ARG D 45 -11.39 36.87 59.55
CA ARG D 45 -12.25 37.85 60.21
C ARG D 45 -11.40 39.07 60.52
N VAL D 46 -11.50 40.09 59.66
CA VAL D 46 -10.60 41.24 59.67
C VAL D 46 -11.37 42.43 60.21
N VAL D 47 -10.74 43.16 61.14
CA VAL D 47 -11.27 44.39 61.71
C VAL D 47 -10.32 45.51 61.31
N VAL D 48 -10.88 46.60 60.79
CA VAL D 48 -10.12 47.80 60.42
C VAL D 48 -10.59 48.93 61.32
N ASN D 49 -9.62 49.74 61.78
CA ASN D 49 -9.82 50.71 62.86
C ASN D 49 -8.92 51.91 62.57
N ASN D 50 -9.49 52.92 61.92
CA ASN D 50 -8.75 54.14 61.59
C ASN D 50 -8.87 55.15 62.74
N MET D 51 -8.45 54.73 63.93
CA MET D 51 -8.51 55.63 65.08
C MET D 51 -7.53 56.78 64.93
N ASP D 52 -6.45 56.59 64.17
CA ASP D 52 -5.49 57.68 63.97
C ASP D 52 -6.12 58.86 63.25
N LYS D 53 -6.96 58.59 62.25
CA LYS D 53 -7.65 59.66 61.53
C LYS D 53 -8.89 60.12 62.30
N THR D 54 -9.62 59.18 62.91
CA THR D 54 -10.89 59.51 63.54
C THR D 54 -10.72 60.21 64.88
N ALA D 55 -9.60 59.97 65.59
CA ALA D 55 -9.44 60.54 66.92
C ALA D 55 -9.28 62.05 66.88
N VAL D 56 -8.78 62.63 65.79
CA VAL D 56 -8.69 64.08 65.68
C VAL D 56 -10.10 64.66 65.66
N ASN D 57 -10.29 65.74 66.41
CA ASN D 57 -11.61 66.33 66.56
C ASN D 57 -12.09 66.90 65.23
N GLY D 58 -13.38 66.72 64.94
CA GLY D 58 -13.99 67.16 63.71
C GLY D 58 -13.94 66.15 62.58
N ASN D 59 -13.29 64.99 62.78
CA ASN D 59 -13.17 63.96 61.76
C ASN D 59 -14.18 62.82 61.97
N MET D 60 -15.40 63.14 62.41
CA MET D 60 -16.39 62.10 62.62
C MET D 60 -16.84 61.50 61.29
N ALA D 61 -16.96 62.33 60.26
CA ALA D 61 -17.40 61.85 58.94
C ALA D 61 -16.41 60.89 58.31
N LEU D 62 -15.14 60.91 58.73
CA LEU D 62 -14.12 59.98 58.23
C LEU D 62 -14.10 58.66 58.99
N ASP D 63 -15.18 58.31 59.68
CA ASP D 63 -15.28 57.02 60.35
C ASP D 63 -15.30 55.91 59.31
N ASP D 64 -14.25 55.09 59.30
CA ASP D 64 -14.13 53.93 58.42
C ASP D 64 -13.86 52.66 59.21
N ILE D 65 -14.44 52.55 60.40
CA ILE D 65 -14.21 51.40 61.27
C ILE D 65 -15.28 50.35 60.98
N HIS D 66 -14.85 49.12 60.72
CA HIS D 66 -15.79 48.04 60.47
C HIS D 66 -15.08 46.71 60.60
N ALA D 67 -15.87 45.64 60.50
CA ALA D 67 -15.41 44.26 60.55
C ALA D 67 -16.03 43.52 59.38
N GLN D 68 -15.24 42.66 58.73
CA GLN D 68 -15.69 41.97 57.53
C GLN D 68 -15.04 40.60 57.44
N ILE D 69 -15.81 39.64 56.94
CA ILE D 69 -15.30 38.32 56.60
C ILE D 69 -14.73 38.40 55.19
N VAL D 70 -13.45 38.08 55.05
CA VAL D 70 -12.77 38.08 53.76
C VAL D 70 -12.83 36.66 53.21
N THR D 71 -13.64 36.46 52.18
CA THR D 71 -13.92 35.17 51.60
C THR D 71 -12.81 34.78 50.62
N PRO D 72 -12.49 33.47 50.42
CA PRO D 72 -11.57 33.09 49.34
C PRO D 72 -12.29 32.88 48.01
N TRP D 73 -13.19 33.78 47.65
CA TRP D 73 -14.00 33.68 46.44
C TRP D 73 -14.07 35.07 45.83
N SER D 74 -14.51 35.12 44.58
CA SER D 74 -14.72 36.37 43.87
C SER D 74 -16.06 36.33 43.19
N LEU D 75 -16.65 37.52 43.04
CA LEU D 75 -18.02 37.69 42.59
C LEU D 75 -18.03 38.29 41.19
N VAL D 76 -18.76 37.66 40.29
CA VAL D 76 -19.02 38.20 38.96
C VAL D 76 -20.37 38.89 39.02
N ASP D 77 -20.36 40.23 39.00
CA ASP D 77 -21.55 41.05 39.17
C ASP D 77 -21.74 41.87 37.91
N ALA D 78 -22.96 41.82 37.35
CA ALA D 78 -23.35 42.60 36.18
C ALA D 78 -24.51 43.53 36.48
N ASN D 79 -24.67 43.96 37.73
CA ASN D 79 -25.76 44.84 38.12
C ASN D 79 -25.39 46.30 37.91
N ALA D 80 -25.06 46.67 36.68
CA ALA D 80 -24.78 48.05 36.33
C ALA D 80 -25.20 48.28 34.88
N TRP D 81 -25.62 49.51 34.58
CA TRP D 81 -26.21 49.78 33.27
C TRP D 81 -25.17 49.68 32.17
N GLY D 82 -23.93 50.07 32.44
CA GLY D 82 -22.93 50.11 31.41
C GLY D 82 -22.53 48.76 30.87
N VAL D 83 -22.77 47.69 31.64
CA VAL D 83 -22.41 46.36 31.17
C VAL D 83 -23.26 45.95 29.98
N TRP D 84 -24.50 46.44 29.90
CA TRP D 84 -25.49 45.98 28.93
C TRP D 84 -25.68 46.91 27.75
N PHE D 85 -25.59 48.22 27.97
CA PHE D 85 -25.87 49.23 26.95
C PHE D 85 -24.63 50.08 26.67
N ASN D 86 -24.36 50.27 25.38
CA ASN D 86 -23.41 51.27 24.92
C ASN D 86 -24.13 52.61 24.81
N PRO D 87 -23.42 53.71 24.58
CA PRO D 87 -24.11 55.01 24.52
C PRO D 87 -25.17 55.14 23.43
N GLY D 88 -25.01 54.49 22.28
CA GLY D 88 -26.02 54.60 21.24
C GLY D 88 -27.34 53.96 21.64
N ASP D 89 -27.27 52.77 22.25
CA ASP D 89 -28.50 52.12 22.68
C ASP D 89 -29.16 52.89 23.81
N TRP D 90 -28.36 53.49 24.68
CA TRP D 90 -28.94 54.32 25.73
C TRP D 90 -29.58 55.57 25.15
N GLN D 91 -29.00 56.13 24.09
CA GLN D 91 -29.62 57.26 23.42
C GLN D 91 -30.98 56.86 22.86
N LEU D 92 -31.05 55.69 22.23
CA LEU D 92 -32.32 55.23 21.68
C LEU D 92 -33.35 55.01 22.77
N ILE D 93 -32.94 54.40 23.88
CA ILE D 93 -33.86 54.09 24.98
C ILE D 93 -34.37 55.37 25.61
N VAL D 94 -33.48 56.31 25.90
CA VAL D 94 -33.89 57.54 26.57
C VAL D 94 -34.73 58.41 25.65
N ASN D 95 -34.39 58.44 24.36
CA ASN D 95 -35.03 59.38 23.45
C ASN D 95 -36.38 58.90 22.94
N THR D 96 -36.64 57.58 22.92
CA THR D 96 -37.85 57.02 22.33
C THR D 96 -38.76 56.26 23.28
N MET D 97 -38.36 56.04 24.54
CA MET D 97 -39.14 55.27 25.50
C MET D 97 -39.60 56.15 26.65
N SER D 98 -40.84 55.93 27.08
CA SER D 98 -41.44 56.67 28.19
C SER D 98 -41.37 55.91 29.50
N GLU D 99 -41.58 54.60 29.47
CA GLU D 99 -41.55 53.74 30.65
C GLU D 99 -40.73 52.50 30.31
N LEU D 100 -40.25 51.82 31.36
CA LEU D 100 -39.31 50.73 31.20
C LEU D 100 -39.52 49.70 32.30
N HIS D 101 -39.55 48.42 31.89
CA HIS D 101 -39.74 47.28 32.79
C HIS D 101 -38.53 46.37 32.71
N LEU D 102 -38.43 45.46 33.68
CA LEU D 102 -37.53 44.32 33.62
C LEU D 102 -38.35 43.06 33.35
N VAL D 103 -37.71 42.09 32.69
CA VAL D 103 -38.36 40.84 32.29
C VAL D 103 -37.59 39.64 32.82
N SER D 104 -36.30 39.54 32.52
CA SER D 104 -35.55 38.36 32.93
C SER D 104 -34.05 38.61 32.89
N PHE D 105 -33.31 37.66 33.44
CA PHE D 105 -31.85 37.67 33.47
C PHE D 105 -31.31 36.25 33.53
N GLU D 106 -30.35 35.93 32.67
CA GLU D 106 -29.59 34.69 32.76
C GLU D 106 -28.12 34.93 32.48
N GLN D 107 -27.32 33.91 32.79
CA GLN D 107 -25.87 33.98 32.79
C GLN D 107 -25.30 32.64 32.35
N GLU D 108 -24.05 32.65 31.90
CA GLU D 108 -23.32 31.41 31.71
C GLU D 108 -21.82 31.71 31.69
N ILE D 109 -21.05 30.73 32.13
CA ILE D 109 -19.59 30.75 32.06
C ILE D 109 -19.18 29.70 31.05
N PHE D 110 -18.43 30.13 30.02
CA PHE D 110 -18.08 29.28 28.90
C PHE D 110 -16.64 29.52 28.50
N ASN D 111 -16.04 28.50 27.89
CA ASN D 111 -14.65 28.51 27.42
C ASN D 111 -13.70 28.83 28.57
N VAL D 112 -13.65 27.92 29.53
CA VAL D 112 -12.71 28.05 30.63
C VAL D 112 -11.31 27.70 30.15
N VAL D 113 -10.36 28.60 30.41
CA VAL D 113 -8.94 28.35 30.24
C VAL D 113 -8.32 28.38 31.63
N LEU D 114 -7.38 27.48 31.88
CA LEU D 114 -6.81 27.31 33.22
C LEU D 114 -5.32 27.01 33.05
N LYS D 115 -4.48 27.99 33.37
CA LYS D 115 -3.07 27.98 33.06
C LYS D 115 -2.25 28.03 34.34
N THR D 116 -1.01 27.54 34.25
CA THR D 116 -0.05 27.58 35.35
C THR D 116 1.21 28.32 34.91
N VAL D 117 2.01 28.68 35.90
CA VAL D 117 3.14 29.61 35.75
C VAL D 117 4.38 28.96 36.35
N SER D 118 5.48 29.01 35.62
CA SER D 118 6.76 28.50 36.08
C SER D 118 7.88 29.44 35.66
N GLU D 119 8.88 29.59 36.53
CA GLU D 119 10.00 30.46 36.28
C GLU D 119 10.85 29.94 35.12
N THR D 126 11.33 35.68 32.20
CA THR D 126 11.76 34.31 32.46
C THR D 126 10.59 33.35 32.71
N LYS D 127 9.38 33.88 32.88
CA LYS D 127 8.22 33.03 33.11
C LYS D 127 7.87 32.22 31.86
N VAL D 128 7.31 31.04 32.08
CA VAL D 128 6.78 30.20 31.02
C VAL D 128 5.42 29.68 31.47
N TYR D 129 4.47 29.63 30.53
CA TYR D 129 3.07 29.39 30.81
C TYR D 129 2.65 28.07 30.19
N ASN D 130 2.01 27.21 31.00
CA ASN D 130 1.63 25.87 30.63
C ASN D 130 0.16 25.65 30.93
N ASN D 131 -0.54 25.04 30.00
CA ASN D 131 -1.93 24.67 30.24
C ASN D 131 -1.99 23.47 31.15
N ASP D 132 -2.79 23.56 32.21
CA ASP D 132 -3.07 22.45 33.11
C ASP D 132 -4.54 22.11 32.83
N LEU D 133 -4.72 21.17 31.92
CA LEU D 133 -6.06 20.84 31.43
C LEU D 133 -6.93 20.20 32.49
N THR D 134 -6.31 19.58 33.51
CA THR D 134 -7.03 18.77 34.47
C THR D 134 -7.68 19.60 35.58
N ALA D 135 -7.15 20.79 35.89
CA ALA D 135 -7.65 21.56 37.03
C ALA D 135 -9.07 22.05 36.78
N SER D 136 -9.70 22.55 37.85
CA SER D 136 -11.10 22.92 37.86
C SER D 136 -11.28 24.34 38.35
N LEU D 137 -12.34 24.99 37.87
CA LEU D 137 -12.81 26.28 38.32
C LEU D 137 -14.09 26.06 39.10
N MET D 138 -14.11 26.43 40.37
CA MET D 138 -15.30 26.30 41.19
C MET D 138 -16.26 27.43 40.85
N VAL D 139 -17.52 27.09 40.64
CA VAL D 139 -18.59 28.05 40.39
C VAL D 139 -19.76 27.71 41.30
N ALA D 140 -20.31 28.73 41.95
CA ALA D 140 -21.42 28.58 42.87
C ALA D 140 -22.39 29.74 42.67
N LEU D 141 -23.63 29.41 42.36
CA LEU D 141 -24.70 30.40 42.17
C LEU D 141 -25.64 30.31 43.35
N ASP D 142 -25.72 31.40 44.11
CA ASP D 142 -26.59 31.46 45.27
C ASP D 142 -28.04 31.58 44.82
N SER D 143 -28.65 30.46 44.46
CA SER D 143 -29.99 30.46 43.89
C SER D 143 -31.04 30.99 44.86
N ASN D 144 -30.98 30.58 46.13
CA ASN D 144 -32.01 30.90 47.11
C ASN D 144 -31.72 32.17 47.90
N ASN D 145 -30.67 32.93 47.53
CA ASN D 145 -30.29 34.17 48.22
C ASN D 145 -30.01 33.90 49.69
N THR D 146 -29.21 32.87 49.96
CA THR D 146 -28.81 32.56 51.33
C THR D 146 -27.72 33.50 51.81
N MET D 147 -26.78 33.84 50.94
CA MET D 147 -25.67 34.69 51.31
C MET D 147 -26.14 36.13 51.40
N PRO D 148 -25.38 37.00 52.08
CA PRO D 148 -25.74 38.43 52.05
C PRO D 148 -25.61 38.99 50.65
N PHE D 149 -26.55 39.86 50.29
CA PHE D 149 -26.54 40.49 48.98
C PHE D 149 -25.57 41.67 49.03
N THR D 150 -24.53 41.61 48.20
CA THR D 150 -23.44 42.58 48.17
C THR D 150 -23.39 43.19 46.77
N PRO D 151 -24.18 44.23 46.50
CA PRO D 151 -24.15 44.84 45.16
C PRO D 151 -22.82 45.52 44.89
N ALA D 152 -22.25 45.23 43.72
CA ALA D 152 -20.91 45.69 43.39
C ALA D 152 -20.87 47.12 42.87
N ALA D 153 -22.01 47.68 42.45
CA ALA D 153 -21.98 48.99 41.81
C ALA D 153 -21.65 50.09 42.79
N MET D 154 -22.02 49.94 44.06
CA MET D 154 -21.76 50.98 45.05
C MET D 154 -20.28 51.18 45.32
N ARG D 155 -19.45 50.15 45.11
CA ARG D 155 -18.00 50.26 45.21
C ARG D 155 -17.31 50.34 43.86
N SER D 156 -18.05 50.53 42.77
CA SER D 156 -17.50 50.55 41.41
C SER D 156 -16.73 49.26 41.13
N GLU D 157 -17.30 48.14 41.57
CA GLU D 157 -16.68 46.83 41.49
C GLU D 157 -17.28 45.94 40.41
N THR D 158 -18.21 46.44 39.59
CA THR D 158 -18.89 45.62 38.61
C THR D 158 -17.95 45.30 37.45
N LEU D 159 -18.44 44.50 36.52
CA LEU D 159 -17.65 44.13 35.35
C LEU D 159 -17.35 45.35 34.49
N GLY D 160 -16.36 45.20 33.63
CA GLY D 160 -15.99 46.30 32.75
C GLY D 160 -17.07 46.61 31.75
N PHE D 161 -17.12 47.87 31.34
CA PHE D 161 -18.14 48.38 30.43
C PHE D 161 -17.68 48.43 28.97
N TYR D 162 -16.49 47.93 28.65
CA TYR D 162 -15.98 47.85 27.28
C TYR D 162 -15.98 46.39 26.84
N PRO D 163 -16.70 45.97 25.79
CA PRO D 163 -16.68 44.54 25.44
C PRO D 163 -15.33 44.00 25.00
N TRP D 164 -14.39 44.87 24.60
CA TRP D 164 -13.11 44.39 24.08
C TRP D 164 -12.07 44.24 25.18
N LYS D 165 -12.08 45.11 26.17
CA LYS D 165 -11.16 44.97 27.28
C LYS D 165 -11.60 43.80 28.15
N PRO D 166 -10.70 42.90 28.56
CA PRO D 166 -11.07 41.94 29.60
C PRO D 166 -11.31 42.63 30.92
N THR D 167 -11.94 41.90 31.84
CA THR D 167 -12.32 42.43 33.15
C THR D 167 -11.89 41.44 34.21
N ILE D 168 -12.09 41.84 35.48
CA ILE D 168 -11.74 41.05 36.64
C ILE D 168 -12.97 40.93 37.55
N PRO D 169 -13.16 39.85 38.30
CA PRO D 169 -14.25 39.83 39.28
C PRO D 169 -13.79 40.40 40.60
N THR D 170 -14.74 40.99 41.32
CA THR D 170 -14.41 41.56 42.62
C THR D 170 -14.17 40.44 43.63
N PRO D 171 -13.09 40.46 44.41
CA PRO D 171 -13.01 39.53 45.55
C PRO D 171 -14.12 39.82 46.54
N TRP D 172 -14.70 38.76 47.10
CA TRP D 172 -15.93 38.86 47.86
C TRP D 172 -15.64 39.03 49.34
N ARG D 173 -16.51 39.76 50.02
CA ARG D 173 -16.37 40.06 51.44
C ARG D 173 -17.69 40.65 51.92
N TYR D 174 -18.06 40.32 53.16
CA TYR D 174 -19.34 40.75 53.72
C TYR D 174 -19.13 41.20 55.16
N TYR D 175 -20.07 42.02 55.64
CA TYR D 175 -19.94 42.64 56.95
C TYR D 175 -20.26 41.65 58.06
N PHE D 176 -19.27 41.37 58.90
CA PHE D 176 -19.49 40.82 60.22
C PHE D 176 -19.94 41.94 61.16
N GLN D 177 -20.63 41.55 62.23
CA GLN D 177 -21.19 42.54 63.13
C GLN D 177 -20.11 43.00 64.11
N TRP D 178 -20.11 44.31 64.37
CA TRP D 178 -19.21 44.92 65.33
C TRP D 178 -20.01 45.92 66.16
N ASP D 179 -19.62 46.03 67.44
CA ASP D 179 -20.15 47.05 68.33
C ASP D 179 -19.18 48.23 68.38
N ARG D 180 -19.71 49.43 68.24
CA ARG D 180 -18.89 50.62 68.22
C ARG D 180 -19.74 51.83 68.61
N THR D 181 -19.11 52.77 69.30
CA THR D 181 -19.72 54.06 69.64
C THR D 181 -18.70 55.17 69.45
N LEU D 182 -19.17 56.31 68.96
CA LEU D 182 -18.35 57.50 68.80
C LEU D 182 -19.19 58.72 69.16
N ILE D 183 -18.62 59.61 69.95
CA ILE D 183 -19.26 60.85 70.38
C ILE D 183 -18.63 61.98 69.56
N PRO D 184 -19.40 62.85 68.90
CA PRO D 184 -18.75 63.85 68.05
C PRO D 184 -18.10 64.95 68.86
N SER D 185 -17.11 65.61 68.23
CA SER D 185 -16.46 66.77 68.81
C SER D 185 -15.95 67.64 67.67
N HIS D 186 -16.30 68.93 67.71
CA HIS D 186 -15.91 69.84 66.66
C HIS D 186 -14.42 70.16 66.76
N THR D 187 -13.85 70.57 65.64
CA THR D 187 -12.46 71.02 65.64
C THR D 187 -12.31 72.25 66.51
N GLY D 188 -11.27 72.26 67.34
CA GLY D 188 -11.11 73.25 68.39
C GLY D 188 -11.57 72.79 69.76
N THR D 189 -12.31 71.69 69.83
CA THR D 189 -12.63 71.10 71.13
C THR D 189 -11.36 70.65 71.83
N SER D 190 -11.19 71.05 73.08
CA SER D 190 -9.98 70.72 73.82
C SER D 190 -9.97 69.26 74.27
N GLY D 191 -11.14 68.71 74.63
CA GLY D 191 -11.19 67.36 75.13
C GLY D 191 -11.18 66.32 74.02
N THR D 192 -11.00 65.06 74.44
CA THR D 192 -10.98 63.89 73.57
C THR D 192 -12.28 63.11 73.74
N PRO D 193 -13.13 62.95 72.72
CA PRO D 193 -14.39 62.25 72.94
C PRO D 193 -14.21 60.75 73.06
N THR D 194 -15.29 60.09 73.45
CA THR D 194 -15.26 58.62 73.54
C THR D 194 -15.14 58.03 72.14
N ASN D 195 -14.21 57.10 71.97
CA ASN D 195 -13.92 56.48 70.68
C ASN D 195 -13.36 55.09 71.00
N ILE D 196 -14.21 54.08 70.87
CA ILE D 196 -13.89 52.73 71.32
C ILE D 196 -14.60 51.72 70.43
N TYR D 197 -13.87 50.66 70.08
CA TYR D 197 -14.46 49.48 69.43
C TYR D 197 -14.92 48.54 70.54
N HIS D 198 -16.23 48.50 70.77
CA HIS D 198 -16.77 47.75 71.90
C HIS D 198 -16.55 46.25 71.77
N GLY D 199 -16.66 45.70 70.56
CA GLY D 199 -16.55 44.28 70.34
C GLY D 199 -17.52 43.81 69.29
N THR D 200 -18.36 42.83 69.63
CA THR D 200 -19.43 42.38 68.76
C THR D 200 -20.39 41.53 69.58
N ASP D 201 -21.68 41.75 69.37
CA ASP D 201 -22.72 41.07 70.13
C ASP D 201 -22.71 39.57 69.80
N PRO D 202 -22.69 38.67 70.79
CA PRO D 202 -22.85 37.24 70.45
C PRO D 202 -24.14 36.93 69.70
N ASP D 203 -25.22 37.59 70.08
CA ASP D 203 -26.53 37.26 69.52
C ASP D 203 -26.61 37.50 68.02
N ASP D 204 -25.85 38.46 67.50
CA ASP D 204 -25.88 38.85 66.10
C ASP D 204 -24.78 38.23 65.26
N VAL D 205 -24.03 37.25 65.78
CA VAL D 205 -22.96 36.64 65.01
C VAL D 205 -23.56 35.83 63.86
N GLN D 206 -23.01 36.02 62.67
CA GLN D 206 -23.37 35.24 61.49
C GLN D 206 -22.11 35.02 60.66
N PHE D 207 -21.82 33.76 60.36
CA PHE D 207 -20.63 33.37 59.58
C PHE D 207 -21.07 32.38 58.51
N TYR D 208 -21.13 32.87 57.27
CA TYR D 208 -21.51 32.04 56.13
C TYR D 208 -20.26 31.60 55.40
N THR D 209 -20.30 30.40 54.82
CA THR D 209 -19.30 29.92 53.89
C THR D 209 -20.00 29.43 52.63
N ILE D 210 -19.30 29.53 51.50
CA ILE D 210 -19.90 29.12 50.22
C ILE D 210 -20.10 27.61 50.20
N GLU D 211 -19.19 26.87 50.84
CA GLU D 211 -19.21 25.41 50.75
C GLU D 211 -20.47 24.84 51.41
N ASN D 212 -20.85 25.36 52.57
CA ASN D 212 -21.99 24.82 53.31
C ASN D 212 -23.33 25.41 52.89
N SER D 213 -23.34 26.48 52.10
CA SER D 213 -24.55 27.26 51.85
C SER D 213 -25.17 27.03 50.48
N VAL D 214 -24.38 26.66 49.48
CA VAL D 214 -24.81 26.64 48.08
C VAL D 214 -24.15 25.46 47.36
N PRO D 215 -24.77 24.84 46.35
CA PRO D 215 -24.02 23.85 45.58
C PRO D 215 -22.94 24.51 44.75
N VAL D 216 -21.81 23.81 44.60
CA VAL D 216 -20.62 24.34 43.95
C VAL D 216 -20.26 23.42 42.80
N HIS D 217 -20.41 23.91 41.58
CA HIS D 217 -20.03 23.16 40.39
C HIS D 217 -18.53 23.30 40.15
N LEU D 218 -17.90 22.21 39.74
CA LEU D 218 -16.53 22.22 39.27
C LEU D 218 -16.56 22.22 37.75
N LEU D 219 -15.80 23.13 37.15
CA LEU D 219 -15.72 23.29 35.71
C LEU D 219 -14.27 23.09 35.27
N ARG D 220 -14.01 21.97 34.60
CA ARG D 220 -12.73 21.77 33.96
C ARG D 220 -12.70 22.60 32.68
N THR D 221 -11.65 22.46 31.88
CA THR D 221 -11.41 23.36 30.77
C THR D 221 -12.26 23.10 29.53
N GLY D 222 -13.32 22.29 29.63
CA GLY D 222 -14.20 22.04 28.51
C GLY D 222 -15.68 21.87 28.82
N ASP D 223 -16.18 22.46 29.90
CA ASP D 223 -17.59 22.35 30.25
C ASP D 223 -18.09 23.64 30.87
N GLU D 224 -19.42 23.80 30.85
CA GLU D 224 -20.10 25.06 31.10
C GLU D 224 -20.87 25.05 32.41
N PHE D 225 -21.30 26.24 32.81
CA PHE D 225 -22.33 26.45 33.82
C PHE D 225 -23.33 27.44 33.24
N ALA D 226 -24.61 27.19 33.48
CA ALA D 226 -25.69 27.97 32.89
C ALA D 226 -26.72 28.29 33.97
N THR D 227 -26.98 29.57 34.17
CA THR D 227 -28.00 30.03 35.09
C THR D 227 -29.33 30.04 34.37
N GLY D 228 -30.37 29.52 35.00
CA GLY D 228 -31.69 29.58 34.40
C GLY D 228 -32.21 31.00 34.34
N THR D 229 -33.14 31.23 33.43
CA THR D 229 -33.70 32.57 33.26
C THR D 229 -34.56 32.92 34.45
N PHE D 230 -34.05 33.83 35.29
CA PHE D 230 -34.79 34.31 36.45
C PHE D 230 -35.61 35.52 36.04
N PHE D 231 -36.92 35.45 36.25
CA PHE D 231 -37.85 36.47 35.80
C PHE D 231 -38.16 37.44 36.95
N PHE D 232 -38.12 38.73 36.65
CA PHE D 232 -38.46 39.76 37.61
C PHE D 232 -39.97 40.00 37.62
N ASP D 233 -40.41 40.81 38.59
CA ASP D 233 -41.79 41.27 38.67
C ASP D 233 -41.88 42.74 39.08
N CYS D 234 -40.86 43.53 38.74
CA CYS D 234 -40.73 44.86 39.30
C CYS D 234 -41.74 45.82 38.67
N LYS D 235 -41.99 46.92 39.39
CA LYS D 235 -42.89 47.96 38.89
C LYS D 235 -42.22 48.74 37.77
N PRO D 236 -42.99 49.49 36.97
CA PRO D 236 -42.37 50.27 35.89
C PRO D 236 -41.44 51.36 36.41
N CYS D 237 -40.40 51.62 35.63
CA CYS D 237 -39.54 52.78 35.82
C CYS D 237 -39.87 53.83 34.77
N ARG D 238 -39.96 55.08 35.22
CA ARG D 238 -40.35 56.19 34.36
C ARG D 238 -39.10 56.83 33.79
N LEU D 239 -39.03 56.93 32.46
CA LEU D 239 -37.99 57.68 31.77
C LEU D 239 -38.43 59.11 31.45
N THR D 240 -39.31 59.68 32.29
CA THR D 240 -39.73 61.06 32.20
C THR D 240 -39.72 61.65 33.60
N HIS D 241 -39.56 62.98 33.66
CA HIS D 241 -39.46 63.72 34.91
C HIS D 241 -40.64 64.67 35.04
N THR D 242 -41.09 64.86 36.29
CA THR D 242 -42.13 65.82 36.59
C THR D 242 -41.51 67.19 36.83
N TRP D 243 -41.85 68.16 35.96
CA TRP D 243 -41.32 69.51 36.08
C TRP D 243 -42.05 70.35 37.12
N GLN D 244 -43.22 69.92 37.58
CA GLN D 244 -44.04 70.74 38.47
C GLN D 244 -43.53 70.67 39.90
N GLY D 301 -42.32 67.21 46.18
CA GLY D 301 -41.01 67.16 46.79
C GLY D 301 -41.08 66.94 48.30
N TYR D 302 -39.92 66.93 48.95
CA TYR D 302 -39.86 66.78 50.39
C TYR D 302 -38.56 67.41 50.89
N SER D 303 -38.50 67.65 52.19
CA SER D 303 -37.35 68.23 52.87
C SER D 303 -36.83 67.24 53.89
N ALA D 304 -35.58 67.44 54.31
CA ALA D 304 -34.91 66.52 55.22
C ALA D 304 -33.79 67.27 55.91
N PRO D 305 -33.29 66.76 57.04
CA PRO D 305 -32.16 67.43 57.70
C PRO D 305 -30.90 67.32 56.87
N TYR D 306 -30.31 68.47 56.55
CA TYR D 306 -29.13 68.50 55.69
C TYR D 306 -27.90 68.00 56.45
N TYR D 307 -27.25 67.00 55.88
CA TYR D 307 -25.94 66.49 56.33
C TYR D 307 -25.95 66.10 57.81
N SER D 308 -27.04 65.48 58.26
CA SER D 308 -27.16 65.00 59.62
C SER D 308 -26.75 63.53 59.71
N PHE D 309 -25.82 63.24 60.61
CA PHE D 309 -25.27 61.90 60.80
C PHE D 309 -25.90 61.28 62.04
N GLU D 310 -26.69 60.22 61.83
CA GLU D 310 -27.24 59.43 62.91
C GLU D 310 -26.26 58.33 63.29
N ALA D 311 -26.55 57.63 64.39
CA ALA D 311 -25.64 56.62 64.93
C ALA D 311 -26.45 55.47 65.50
N SER D 312 -25.81 54.31 65.55
CA SER D 312 -26.41 53.09 66.08
C SER D 312 -25.30 52.24 66.67
N THR D 313 -25.58 50.95 66.88
CA THR D 313 -24.58 50.06 67.47
C THR D 313 -23.33 49.92 66.61
N GLN D 314 -23.46 50.01 65.29
CA GLN D 314 -22.33 49.81 64.40
C GLN D 314 -21.48 51.06 64.18
N GLY D 315 -21.99 52.25 64.49
CA GLY D 315 -21.28 53.49 64.33
C GLY D 315 -22.11 54.54 63.63
N PRO D 316 -21.52 55.71 63.36
CA PRO D 316 -22.28 56.77 62.69
C PRO D 316 -22.59 56.44 61.24
N PHE D 317 -23.67 57.02 60.73
CA PHE D 317 -24.04 56.87 59.33
C PHE D 317 -24.87 58.07 58.90
N LYS D 318 -24.62 58.54 57.68
CA LYS D 318 -25.36 59.67 57.14
C LYS D 318 -26.80 59.25 56.83
N THR D 319 -27.72 60.19 56.99
CA THR D 319 -29.11 59.92 56.68
C THR D 319 -29.30 59.92 55.16
N PRO D 320 -29.87 58.87 54.54
CA PRO D 320 -30.16 58.96 53.11
C PRO D 320 -31.32 59.92 52.85
N ILE D 321 -31.22 60.65 51.73
CA ILE D 321 -32.20 61.63 51.32
C ILE D 321 -32.84 61.14 50.03
N ALA D 322 -34.17 61.22 49.95
CA ALA D 322 -34.92 60.79 48.78
C ALA D 322 -35.10 61.91 47.75
N ALA D 323 -34.22 62.91 47.74
CA ALA D 323 -34.33 64.03 46.81
C ALA D 323 -33.00 64.78 46.84
N GLY D 324 -32.89 65.78 45.98
CA GLY D 324 -31.66 66.56 45.91
C GLY D 324 -31.86 67.85 45.15
N ARG D 325 -30.87 68.72 45.28
CA ARG D 325 -30.86 70.01 44.60
C ARG D 325 -30.80 69.80 43.09
N ALA D 336 -25.77 71.35 45.25
CA ALA D 336 -25.61 69.97 44.81
C ALA D 336 -25.82 68.94 45.94
N ASP D 337 -26.36 69.38 47.08
CA ASP D 337 -26.61 68.46 48.18
C ASP D 337 -27.74 67.50 47.82
N GLY D 338 -27.59 66.26 48.27
CA GLY D 338 -28.59 65.23 48.06
C GLY D 338 -28.38 64.42 46.80
N ASN D 339 -27.89 65.05 45.73
CA ASN D 339 -27.67 64.33 44.49
C ASN D 339 -26.50 63.36 44.65
N PRO D 340 -26.55 62.18 44.03
CA PRO D 340 -25.47 61.21 44.25
C PRO D 340 -24.23 61.56 43.44
N ARG D 341 -23.08 61.38 44.07
CA ARG D 341 -21.77 61.61 43.46
C ARG D 341 -21.05 60.29 43.31
N TYR D 342 -20.66 59.96 42.07
CA TYR D 342 -20.04 58.69 41.74
C TYR D 342 -18.53 58.88 41.60
N ALA D 343 -17.79 57.82 41.91
CA ALA D 343 -16.34 57.76 41.67
C ALA D 343 -16.04 56.37 41.12
N PHE D 344 -15.20 56.31 40.07
CA PHE D 344 -15.05 55.07 39.33
C PHE D 344 -13.69 55.03 38.66
N GLY D 345 -13.29 53.82 38.28
CA GLY D 345 -11.98 53.56 37.74
C GLY D 345 -11.99 53.47 36.22
N ARG D 346 -10.88 52.93 35.70
CA ARG D 346 -10.65 52.94 34.26
C ARG D 346 -11.50 51.89 33.54
N GLN D 347 -11.87 50.80 34.21
CA GLN D 347 -12.80 49.84 33.63
C GLN D 347 -14.19 50.43 33.43
N HIS D 348 -14.59 51.40 34.25
CA HIS D 348 -15.99 51.80 34.39
C HIS D 348 -16.22 53.25 34.03
N GLY D 349 -15.52 53.78 33.03
CA GLY D 349 -15.80 55.08 32.46
C GLY D 349 -14.62 56.00 32.30
N GLN D 350 -13.67 55.95 33.23
CA GLN D 350 -12.53 56.86 33.17
C GLN D 350 -11.67 56.50 31.96
N LYS D 351 -11.08 57.52 31.35
CA LYS D 351 -10.29 57.36 30.14
C LYS D 351 -9.11 56.43 30.38
N THR D 352 -8.96 55.41 29.52
CA THR D 352 -8.19 54.24 29.88
C THR D 352 -6.68 54.50 29.87
N THR D 353 -6.22 55.48 29.10
CA THR D 353 -4.79 55.77 28.98
C THR D 353 -4.30 56.91 29.86
N THR D 354 -5.12 57.37 30.81
CA THR D 354 -4.67 58.38 31.77
C THR D 354 -4.03 57.71 32.98
N THR D 355 -2.85 58.20 33.36
CA THR D 355 -2.12 57.67 34.49
C THR D 355 -2.68 58.23 35.79
N GLY D 356 -2.23 57.64 36.90
CA GLY D 356 -2.55 58.13 38.22
C GLY D 356 -3.66 57.31 38.88
N GLU D 357 -3.66 57.34 40.21
CA GLU D 357 -4.62 56.59 41.00
C GLU D 357 -5.91 57.34 41.29
N THR D 358 -6.00 58.62 40.93
CA THR D 358 -7.19 59.40 41.25
C THR D 358 -8.38 58.89 40.43
N PRO D 359 -9.58 58.73 41.03
CA PRO D 359 -10.73 58.33 40.22
C PRO D 359 -11.39 59.51 39.53
N GLU D 360 -12.04 59.23 38.40
CA GLU D 360 -12.91 60.19 37.75
C GLU D 360 -14.25 60.24 38.47
N ARG D 361 -14.82 61.44 38.55
CA ARG D 361 -16.03 61.67 39.34
C ARG D 361 -16.99 62.58 38.58
N PHE D 362 -18.28 62.37 38.84
CA PHE D 362 -19.32 63.31 38.44
C PHE D 362 -20.41 63.28 39.49
N THR D 363 -21.28 64.30 39.46
CA THR D 363 -22.47 64.37 40.27
C THR D 363 -23.69 64.44 39.37
N TYR D 364 -24.63 63.53 39.56
CA TYR D 364 -25.81 63.42 38.70
C TYR D 364 -26.86 64.42 39.20
N ILE D 365 -26.97 65.53 38.49
CA ILE D 365 -27.94 66.58 38.80
C ILE D 365 -29.21 66.25 38.03
N ALA D 366 -30.20 65.68 38.71
CA ALA D 366 -31.41 65.22 38.04
C ALA D 366 -32.29 66.41 37.65
N HIS D 367 -33.25 66.14 36.77
CA HIS D 367 -34.16 67.16 36.26
C HIS D 367 -35.44 67.30 37.08
N GLN D 368 -35.75 66.33 37.95
CA GLN D 368 -37.10 66.24 38.49
C GLN D 368 -37.42 67.30 39.53
N ASP D 369 -36.42 67.91 40.16
CA ASP D 369 -36.62 69.01 41.12
C ASP D 369 -37.45 68.56 42.31
N THR D 370 -37.22 67.32 42.76
CA THR D 370 -37.87 66.84 43.98
C THR D 370 -37.33 67.53 45.24
N GLY D 371 -36.08 67.98 45.21
CA GLY D 371 -35.52 68.66 46.35
C GLY D 371 -36.04 70.07 46.49
N ARG D 372 -35.65 70.71 47.60
CA ARG D 372 -36.07 72.06 47.94
C ARG D 372 -34.86 72.86 48.39
N TYR D 373 -34.93 74.17 48.22
CA TYR D 373 -33.79 75.02 48.51
C TYR D 373 -33.53 75.05 50.02
N PRO D 374 -32.27 75.25 50.47
CA PRO D 374 -32.12 75.38 51.93
C PRO D 374 -32.76 76.65 52.49
N LEU D 421 -43.51 62.20 46.22
CA LEU D 421 -42.15 61.94 45.75
C LEU D 421 -42.18 61.00 44.54
N ASN D 422 -41.04 60.90 43.86
CA ASN D 422 -40.89 60.09 42.66
C ASN D 422 -39.62 59.26 42.76
N ASN D 423 -39.59 58.15 42.02
CA ASN D 423 -38.51 57.19 42.13
C ASN D 423 -37.21 57.77 41.59
N VAL D 424 -36.10 57.18 42.03
CA VAL D 424 -34.76 57.70 41.75
C VAL D 424 -34.45 57.60 40.26
N PRO D 425 -33.52 58.40 39.73
CA PRO D 425 -33.20 58.30 38.31
C PRO D 425 -32.41 57.03 38.03
N PRO D 426 -32.45 56.53 36.78
CA PRO D 426 -31.38 55.64 36.35
C PRO D 426 -30.13 56.45 36.00
N VAL D 427 -28.97 55.94 36.39
CA VAL D 427 -27.68 56.60 36.14
C VAL D 427 -26.89 55.68 35.23
N TYR D 428 -26.65 56.13 34.01
CA TYR D 428 -25.80 55.44 33.04
C TYR D 428 -24.38 56.00 33.12
N PRO D 429 -23.29 55.21 33.06
CA PRO D 429 -23.17 53.74 33.03
C PRO D 429 -22.96 53.10 34.39
N ASN D 430 -22.83 53.88 35.47
CA ASN D 430 -22.40 53.35 36.76
C ASN D 430 -23.54 52.96 37.69
N GLY D 431 -24.76 53.42 37.42
CA GLY D 431 -25.85 53.18 38.35
C GLY D 431 -26.31 51.74 38.32
N GLN D 432 -27.01 51.35 39.40
CA GLN D 432 -27.58 50.01 39.48
C GLN D 432 -28.83 49.85 38.62
N ILE D 433 -29.17 48.60 38.40
CA ILE D 433 -30.40 48.20 37.72
C ILE D 433 -31.44 47.74 38.73
N TRP D 434 -31.08 46.82 39.62
CA TRP D 434 -31.98 46.26 40.62
C TRP D 434 -31.32 46.23 42.00
N ASP D 435 -32.14 46.00 43.02
CA ASP D 435 -31.67 45.85 44.39
C ASP D 435 -32.65 44.95 45.15
N LYS D 436 -32.16 44.38 46.25
CA LYS D 436 -32.98 43.49 47.06
C LYS D 436 -33.80 44.28 48.06
N GLU D 437 -35.08 43.93 48.18
CA GLU D 437 -35.93 44.54 49.20
C GLU D 437 -35.49 44.08 50.59
N PHE D 438 -35.65 44.97 51.56
CA PHE D 438 -35.24 44.66 52.93
C PHE D 438 -36.10 43.55 53.52
N ASP D 439 -35.50 42.77 54.40
CA ASP D 439 -36.20 41.67 55.06
C ASP D 439 -37.12 42.13 56.19
N THR D 440 -37.11 43.42 56.53
CA THR D 440 -37.92 43.92 57.64
C THR D 440 -39.40 43.79 57.32
N ASP D 441 -40.21 43.75 58.38
CA ASP D 441 -41.66 43.66 58.22
C ASP D 441 -42.21 44.89 57.49
N LEU D 442 -41.88 46.07 57.98
CA LEU D 442 -42.18 47.31 57.27
C LEU D 442 -41.03 47.66 56.33
N LYS D 443 -41.38 47.88 55.05
CA LYS D 443 -40.42 48.09 53.98
C LYS D 443 -40.48 49.54 53.52
N PRO D 444 -39.39 50.11 53.00
CA PRO D 444 -39.40 51.53 52.68
C PRO D 444 -40.15 51.83 51.37
N ARG D 445 -40.45 53.12 51.19
CA ARG D 445 -41.13 53.54 49.97
C ARG D 445 -40.27 53.31 48.74
N LEU D 446 -38.97 53.62 48.83
CA LEU D 446 -38.07 53.50 47.70
C LEU D 446 -36.67 53.22 48.22
N HIS D 447 -35.80 52.81 47.30
CA HIS D 447 -34.38 52.63 47.54
C HIS D 447 -33.62 53.73 46.80
N VAL D 448 -32.70 54.40 47.49
CA VAL D 448 -32.00 55.52 46.91
C VAL D 448 -31.06 55.11 45.77
N ASN D 449 -30.68 53.83 45.71
CA ASN D 449 -29.52 53.39 44.95
C ASN D 449 -29.82 52.77 43.58
N ALA D 450 -31.00 52.16 43.38
CA ALA D 450 -31.39 51.51 42.13
C ALA D 450 -32.81 51.91 41.75
N PRO D 451 -33.16 51.90 40.46
CA PRO D 451 -34.56 52.24 40.11
C PRO D 451 -35.53 51.10 40.32
N PHE D 452 -35.13 49.85 40.07
CA PHE D 452 -35.96 48.68 40.29
C PHE D 452 -35.55 48.02 41.60
N VAL D 453 -36.50 47.29 42.19
CA VAL D 453 -36.27 46.54 43.42
C VAL D 453 -37.02 45.22 43.35
N CYS D 454 -36.32 44.12 43.62
CA CYS D 454 -36.92 42.80 43.55
C CYS D 454 -37.80 42.60 44.79
N GLN D 455 -39.03 42.12 44.58
CA GLN D 455 -40.01 42.09 45.64
C GLN D 455 -39.90 40.85 46.54
N ASN D 456 -39.43 39.71 46.00
CA ASN D 456 -39.29 38.49 46.78
C ASN D 456 -37.89 37.92 46.69
N ASN D 457 -37.28 37.99 45.51
CA ASN D 457 -35.93 37.48 45.29
C ASN D 457 -35.30 38.20 44.10
N CYS D 458 -34.02 38.50 44.22
CA CYS D 458 -33.22 39.03 43.12
C CYS D 458 -32.47 37.88 42.44
N PRO D 459 -31.88 38.10 41.27
CA PRO D 459 -31.08 37.03 40.65
C PRO D 459 -29.89 36.66 41.53
N GLY D 460 -29.56 35.38 41.51
CA GLY D 460 -28.56 34.87 42.41
C GLY D 460 -27.18 35.42 42.12
N GLN D 461 -26.38 35.54 43.18
CA GLN D 461 -25.01 36.00 43.04
C GLN D 461 -24.13 34.85 42.56
N LEU D 462 -23.28 35.13 41.58
CA LEU D 462 -22.42 34.14 40.95
C LEU D 462 -21.02 34.28 41.52
N PHE D 463 -20.53 33.24 42.18
CA PHE D 463 -19.24 33.22 42.86
C PHE D 463 -18.31 32.26 42.12
N VAL D 464 -17.08 32.69 41.90
CA VAL D 464 -16.09 31.93 41.13
C VAL D 464 -14.81 31.82 41.96
N LYS D 465 -14.03 30.78 41.70
CA LYS D 465 -12.84 30.50 42.48
C LYS D 465 -11.97 29.48 41.74
N VAL D 466 -10.68 29.75 41.66
CA VAL D 466 -9.73 28.78 41.14
C VAL D 466 -9.48 27.74 42.22
N ALA D 467 -9.62 26.47 41.87
CA ALA D 467 -9.52 25.42 42.87
C ALA D 467 -8.08 25.30 43.37
N PRO D 468 -7.87 24.72 44.56
CA PRO D 468 -6.50 24.50 45.01
C PRO D 468 -5.75 23.54 44.09
N ASN D 469 -4.45 23.82 43.91
CA ASN D 469 -3.55 22.99 43.10
C ASN D 469 -2.31 22.77 43.97
N LEU D 470 -2.31 21.66 44.71
CA LEU D 470 -1.32 21.45 45.76
C LEU D 470 -0.04 20.87 45.20
N THR D 471 1.05 21.14 45.90
CA THR D 471 2.35 20.52 45.62
C THR D 471 2.48 19.22 46.40
N ASN D 472 3.52 18.46 46.07
CA ASN D 472 3.75 17.19 46.77
C ASN D 472 4.17 17.41 48.23
N GLU D 473 4.68 18.59 48.58
CA GLU D 473 5.16 18.84 49.93
C GLU D 473 4.03 19.02 50.95
N TYR D 474 2.78 19.08 50.52
CA TYR D 474 1.69 19.46 51.41
C TYR D 474 1.45 18.42 52.49
N ASP D 475 1.22 18.89 53.71
CA ASP D 475 0.63 18.11 54.79
C ASP D 475 -0.14 19.09 55.67
N PRO D 476 -1.33 18.74 56.13
CA PRO D 476 -2.14 19.72 56.85
C PRO D 476 -1.77 19.91 58.32
N ASP D 477 -0.93 19.05 58.89
CA ASP D 477 -0.51 19.21 60.28
C ASP D 477 0.42 20.40 60.47
N ALA D 478 0.96 20.98 59.41
CA ALA D 478 1.71 22.22 59.52
C ALA D 478 0.77 23.39 59.67
N SER D 479 1.13 24.34 60.55
CA SER D 479 0.30 25.52 60.77
C SER D 479 0.43 26.56 59.66
N ALA D 480 1.48 26.48 58.83
CA ALA D 480 1.71 27.49 57.82
C ALA D 480 0.71 27.35 56.67
N ASN D 481 0.66 28.37 55.83
CA ASN D 481 -0.19 28.31 54.65
C ASN D 481 0.34 27.26 53.67
N MET D 482 -0.60 26.67 52.94
CA MET D 482 -0.31 25.56 52.04
C MET D 482 0.58 26.03 50.88
N SER D 483 1.48 25.15 50.44
CA SER D 483 2.25 25.40 49.22
C SER D 483 1.38 25.07 48.03
N ARG D 484 1.46 25.89 46.98
CA ARG D 484 0.58 25.79 45.82
C ARG D 484 1.36 26.00 44.52
N ILE D 485 0.76 25.52 43.44
CA ILE D 485 1.21 25.85 42.09
C ILE D 485 0.43 27.08 41.64
N VAL D 486 1.15 28.09 41.15
CA VAL D 486 0.54 29.35 40.72
C VAL D 486 -0.38 29.06 39.55
N THR D 487 -1.64 29.48 39.66
CA THR D 487 -2.68 29.17 38.70
C THR D 487 -3.58 30.38 38.51
N TYR D 488 -4.06 30.56 37.29
CA TYR D 488 -5.00 31.63 36.98
C TYR D 488 -5.93 31.15 35.89
N SER D 489 -7.11 31.77 35.85
CA SER D 489 -8.20 31.37 34.97
C SER D 489 -8.63 32.53 34.11
N ASP D 490 -8.76 32.26 32.81
CA ASP D 490 -9.47 33.13 31.88
C ASP D 490 -10.69 32.38 31.39
N PHE D 491 -11.88 32.89 31.74
CA PHE D 491 -13.14 32.31 31.34
C PHE D 491 -14.04 33.38 30.75
N TRP D 492 -14.65 33.06 29.62
CA TRP D 492 -15.63 33.96 29.03
C TRP D 492 -16.94 33.88 29.80
N TRP D 493 -17.58 35.02 29.95
CA TRP D 493 -18.87 35.15 30.63
C TRP D 493 -19.83 35.77 29.64
N LYS D 494 -21.07 35.28 29.63
CA LYS D 494 -22.13 35.83 28.80
C LYS D 494 -23.40 35.90 29.62
N GLY D 495 -24.15 36.99 29.41
CA GLY D 495 -25.44 37.15 30.03
C GLY D 495 -26.36 37.90 29.09
N LYS D 496 -27.65 37.79 29.39
CA LYS D 496 -28.69 38.45 28.62
C LYS D 496 -29.66 39.06 29.63
N LEU D 497 -30.09 40.29 29.36
CA LEU D 497 -30.96 41.03 30.25
C LEU D 497 -32.10 41.59 29.43
N VAL D 498 -33.32 41.18 29.78
CA VAL D 498 -34.51 41.36 28.97
C VAL D 498 -35.34 42.47 29.59
N PHE D 499 -35.57 43.53 28.82
CA PHE D 499 -36.40 44.66 29.23
C PHE D 499 -37.65 44.70 28.37
N LYS D 500 -38.57 45.59 28.74
CA LYS D 500 -39.81 45.83 28.02
C LYS D 500 -40.20 47.28 28.24
N ALA D 501 -40.23 48.05 27.16
CA ALA D 501 -40.44 49.49 27.21
C ALA D 501 -41.60 49.90 26.31
N LYS D 502 -42.16 51.07 26.59
CA LYS D 502 -43.28 51.64 25.83
C LYS D 502 -42.82 52.89 25.12
N LEU D 503 -43.20 53.02 23.84
CA LEU D 503 -42.80 54.18 23.06
C LEU D 503 -43.60 55.40 23.47
N ARG D 504 -42.91 56.54 23.55
CA ARG D 504 -43.56 57.79 23.92
C ARG D 504 -44.47 58.28 22.80
N ALA D 505 -45.29 59.28 23.14
CA ALA D 505 -46.18 59.97 22.20
C ALA D 505 -46.07 61.46 22.42
N SER D 506 -46.14 62.23 21.32
CA SER D 506 -45.95 63.68 21.37
C SER D 506 -47.27 64.34 21.72
N HIS D 507 -47.45 64.58 23.02
CA HIS D 507 -48.65 65.28 23.48
C HIS D 507 -48.57 66.78 23.24
N THR D 508 -47.39 67.37 23.41
CA THR D 508 -47.23 68.81 23.38
C THR D 508 -47.01 69.32 21.96
N TRP D 509 -47.19 70.63 21.80
CA TRP D 509 -46.87 71.29 20.53
C TRP D 509 -45.37 71.36 20.31
N ASN D 510 -44.62 71.67 21.36
CA ASN D 510 -43.18 71.86 21.23
C ASN D 510 -42.44 70.52 21.30
N PRO D 511 -41.21 70.45 20.80
CA PRO D 511 -40.41 69.24 21.01
C PRO D 511 -39.79 69.20 22.39
N ILE D 512 -39.48 67.99 22.85
CA ILE D 512 -38.85 67.78 24.15
C ILE D 512 -37.33 67.86 24.04
N GLN D 513 -36.66 67.92 25.19
CA GLN D 513 -35.22 67.77 25.23
C GLN D 513 -34.83 66.34 24.85
N GLN D 514 -33.79 66.21 24.03
CA GLN D 514 -33.29 64.93 23.54
C GLN D 514 -31.78 64.94 23.66
N MET D 515 -31.19 63.79 23.98
CA MET D 515 -29.74 63.73 24.04
C MET D 515 -29.24 63.75 22.61
N SER D 516 -28.08 64.36 22.39
CA SER D 516 -27.54 64.46 21.05
C SER D 516 -26.04 64.70 21.12
N ILE D 517 -25.32 64.11 20.16
CA ILE D 517 -23.92 64.43 20.00
C ILE D 517 -23.81 65.87 19.48
N ASN D 518 -22.84 66.59 20.03
CA ASN D 518 -22.61 67.99 19.64
C ASN D 518 -21.12 68.26 19.76
N VAL D 519 -20.72 69.44 19.27
CA VAL D 519 -19.30 69.78 19.12
C VAL D 519 -18.57 69.76 20.45
N ASP D 520 -19.27 69.98 21.56
CA ASP D 520 -18.62 69.89 22.87
C ASP D 520 -18.36 68.44 23.26
N ASN D 521 -19.42 67.62 23.30
CA ASN D 521 -19.31 66.24 23.76
C ASN D 521 -18.98 65.25 22.64
N GLN D 522 -18.49 65.73 21.50
CA GLN D 522 -18.31 64.88 20.33
C GLN D 522 -17.29 63.78 20.58
N PHE D 523 -16.10 64.16 21.01
CA PHE D 523 -14.98 63.23 21.00
C PHE D 523 -14.97 62.28 22.19
N ASN D 524 -15.90 62.44 23.13
CA ASN D 524 -16.05 61.49 24.24
C ASN D 524 -16.48 60.11 23.77
N TYR D 525 -17.17 60.02 22.64
CA TYR D 525 -17.82 58.79 22.19
C TYR D 525 -17.03 58.02 21.14
N VAL D 526 -15.81 58.42 20.82
CA VAL D 526 -14.96 57.75 19.83
C VAL D 526 -13.55 57.65 20.40
N PRO D 527 -12.73 56.69 19.98
CA PRO D 527 -11.44 56.50 20.65
C PRO D 527 -10.44 57.60 20.31
N SER D 528 -9.31 57.54 21.00
CA SER D 528 -8.25 58.52 20.84
C SER D 528 -7.28 58.06 19.75
N ASN D 529 -6.18 58.81 19.58
CA ASN D 529 -5.11 58.39 18.68
C ASN D 529 -4.47 57.08 19.14
N ILE D 530 -4.53 56.79 20.43
CA ILE D 530 -4.15 55.52 21.01
C ILE D 530 -5.44 54.98 21.61
N GLY D 531 -5.39 53.84 22.28
CA GLY D 531 -6.59 53.10 22.64
C GLY D 531 -7.54 53.73 23.66
N GLY D 532 -7.39 55.01 24.01
CA GLY D 532 -8.25 55.65 25.00
C GLY D 532 -9.73 55.64 24.70
N MET D 533 -10.52 55.17 25.65
CA MET D 533 -11.97 55.22 25.61
C MET D 533 -12.51 55.65 26.96
N LYS D 534 -13.56 56.45 26.93
CA LYS D 534 -14.28 56.88 28.11
C LYS D 534 -15.77 56.76 27.86
N ILE D 535 -16.53 56.60 28.94
CA ILE D 535 -17.99 56.50 28.90
C ILE D 535 -18.49 57.58 29.86
N VAL D 536 -19.02 58.65 29.30
CA VAL D 536 -19.56 59.76 30.08
C VAL D 536 -21.01 59.49 30.43
N TYR D 537 -21.44 60.04 31.54
CA TYR D 537 -22.83 59.92 31.98
C TYR D 537 -23.75 60.77 31.10
N GLU D 538 -24.96 60.24 30.91
CA GLU D 538 -26.07 60.96 30.28
C GLU D 538 -27.26 60.95 31.23
N LYS D 539 -28.07 62.00 31.13
CA LYS D 539 -29.33 62.05 31.87
C LYS D 539 -30.32 61.06 31.25
N SER D 540 -31.30 60.66 32.05
CA SER D 540 -32.17 59.51 31.73
C SER D 540 -33.66 59.79 31.84
N GLN D 541 -34.08 61.02 32.17
CA GLN D 541 -35.49 61.40 32.19
C GLN D 541 -35.69 62.74 31.51
N LEU D 542 -35.23 62.85 30.27
CA LEU D 542 -35.21 64.13 29.57
C LEU D 542 -36.61 64.67 29.31
N ALA D 543 -37.56 63.78 29.02
CA ALA D 543 -38.90 64.24 28.66
C ALA D 543 -39.62 64.80 29.89
N PRO D 544 -40.49 65.81 29.74
CA PRO D 544 -41.32 66.22 30.88
C PRO D 544 -42.59 65.40 30.96
N ARG D 545 -43.16 65.34 32.16
CA ARG D 545 -44.42 64.64 32.42
C ARG D 545 -45.33 65.52 33.25
N LYS D 546 -46.63 65.48 32.93
CA LYS D 546 -47.61 66.18 33.75
C LYS D 546 -47.82 65.42 35.05
N LEU D 547 -47.71 66.12 36.17
CA LEU D 547 -47.81 65.49 37.48
C LEU D 547 -49.24 65.00 37.72
N GLY E 1 -11.14 7.98 25.07
CA GLY E 1 -9.96 8.87 24.91
C GLY E 1 -8.78 8.48 25.79
N VAL E 2 -7.90 9.44 26.04
CA VAL E 2 -6.69 9.17 26.81
C VAL E 2 -7.04 8.94 28.28
N GLY E 3 -7.90 9.77 28.83
CA GLY E 3 -8.07 9.87 30.27
C GLY E 3 -9.14 8.99 30.88
N ILE E 4 -9.68 8.03 30.14
CA ILE E 4 -10.70 7.10 30.64
C ILE E 4 -10.03 5.74 30.76
N SER E 5 -9.97 5.22 31.99
CA SER E 5 -9.48 3.87 32.20
C SER E 5 -10.47 2.88 31.60
N THR E 6 -9.96 1.70 31.25
CA THR E 6 -10.69 0.73 30.44
C THR E 6 -10.60 -0.70 30.98
N GLY E 7 -10.53 -0.85 32.30
CA GLY E 7 -10.57 -2.18 32.88
C GLY E 7 -10.45 -2.11 34.38
N THR E 8 -10.48 -3.29 35.00
CA THR E 8 -10.36 -3.45 36.43
C THR E 8 -9.31 -4.50 36.74
N PHE E 9 -8.76 -4.41 37.95
CA PHE E 9 -7.65 -5.25 38.39
C PHE E 9 -8.17 -6.26 39.39
N ASN E 10 -7.94 -7.54 39.09
CA ASN E 10 -8.61 -8.63 39.80
C ASN E 10 -7.62 -9.76 40.04
N ASN E 11 -7.43 -10.08 41.32
CA ASN E 11 -6.57 -11.16 41.80
C ASN E 11 -7.33 -12.13 42.71
N GLN E 12 -8.65 -12.06 42.74
CA GLN E 12 -9.44 -12.95 43.58
C GLN E 12 -9.47 -14.35 43.00
N THR E 13 -9.68 -15.33 43.88
CA THR E 13 -10.00 -16.69 43.52
C THR E 13 -11.37 -17.06 44.09
N GLU E 14 -12.24 -17.56 43.23
CA GLU E 14 -13.63 -17.89 43.57
C GLU E 14 -13.76 -19.40 43.69
N PHE E 15 -14.74 -19.83 44.49
CA PHE E 15 -15.07 -21.24 44.68
C PHE E 15 -16.59 -21.33 44.69
N LYS E 16 -17.17 -21.57 43.52
CA LYS E 16 -18.62 -21.68 43.36
C LYS E 16 -18.97 -23.16 43.47
N PHE E 17 -19.68 -23.54 44.52
CA PHE E 17 -20.13 -24.92 44.65
C PHE E 17 -21.26 -25.19 43.67
N LEU E 18 -21.23 -26.38 43.07
CA LEU E 18 -22.15 -26.80 42.02
C LEU E 18 -22.97 -28.01 42.48
N GLU E 19 -23.74 -28.56 41.56
CA GLU E 19 -24.46 -29.79 41.81
C GLU E 19 -23.49 -30.97 41.78
N ASN E 20 -23.89 -32.04 42.47
CA ASN E 20 -23.13 -33.29 42.55
C ASN E 20 -21.74 -33.07 43.16
N GLY E 21 -21.61 -32.07 44.04
CA GLY E 21 -20.37 -31.88 44.77
C GLY E 21 -19.24 -31.21 44.00
N TRP E 22 -19.45 -30.88 42.73
CA TRP E 22 -18.42 -30.20 41.97
C TRP E 22 -18.27 -28.75 42.43
N VAL E 23 -17.06 -28.22 42.24
CA VAL E 23 -16.73 -26.84 42.58
C VAL E 23 -15.97 -26.22 41.42
N GLU E 24 -16.35 -25.01 41.06
CA GLU E 24 -15.88 -24.33 39.85
C GLU E 24 -14.84 -23.29 40.27
N ILE E 25 -13.57 -23.69 40.28
CA ILE E 25 -12.51 -22.84 40.82
C ILE E 25 -12.10 -21.87 39.72
N THR E 26 -12.50 -20.61 39.86
CA THR E 26 -12.12 -19.53 38.95
C THR E 26 -11.00 -18.73 39.59
N ALA E 27 -9.93 -18.50 38.83
CA ALA E 27 -8.73 -17.82 39.31
C ALA E 27 -8.45 -16.63 38.41
N ASN E 28 -8.88 -15.45 38.84
CA ASN E 28 -8.48 -14.22 38.18
C ASN E 28 -7.08 -13.83 38.65
N SER E 29 -6.28 -13.31 37.74
CA SER E 29 -4.95 -12.84 38.06
C SER E 29 -4.58 -11.67 37.16
N SER E 30 -3.85 -10.72 37.73
CA SER E 30 -3.52 -9.48 37.06
C SER E 30 -2.16 -8.99 37.54
N ARG E 31 -1.42 -8.34 36.63
CA ARG E 31 -0.09 -7.82 36.90
C ARG E 31 0.08 -6.50 36.15
N LEU E 32 1.06 -5.72 36.60
CA LEU E 32 1.59 -4.61 35.82
C LEU E 32 2.85 -5.10 35.13
N VAL E 33 2.89 -5.00 33.80
CA VAL E 33 3.97 -5.53 32.97
C VAL E 33 4.76 -4.35 32.43
N HIS E 34 6.09 -4.42 32.60
CA HIS E 34 7.02 -3.41 32.12
C HIS E 34 7.75 -3.95 30.90
N LEU E 35 7.89 -3.10 29.89
CA LEU E 35 8.43 -3.52 28.59
C LEU E 35 9.23 -2.37 28.01
N ASN E 36 10.55 -2.53 27.96
CA ASN E 36 11.41 -1.63 27.21
C ASN E 36 11.37 -2.01 25.73
N MET E 37 11.79 -1.08 24.89
CA MET E 37 11.88 -1.37 23.48
C MET E 37 13.03 -2.35 23.21
N PRO E 38 13.01 -3.05 22.07
CA PRO E 38 14.00 -4.10 21.87
C PRO E 38 15.39 -3.54 21.70
N GLU E 39 16.38 -4.40 21.93
CA GLU E 39 17.76 -4.00 21.69
C GLU E 39 18.00 -3.75 20.21
N SER E 40 17.48 -4.63 19.35
CA SER E 40 17.55 -4.47 17.92
C SER E 40 16.29 -5.05 17.29
N GLU E 41 15.93 -4.49 16.14
CA GLU E 41 14.65 -4.71 15.46
C GLU E 41 14.72 -5.70 14.33
N ASN E 42 15.92 -6.09 13.90
CA ASN E 42 16.07 -7.13 12.90
C ASN E 42 16.15 -8.48 13.61
N TYR E 43 15.68 -9.51 12.92
CA TYR E 43 15.82 -10.86 13.42
C TYR E 43 17.25 -11.31 13.23
N ARG E 44 17.91 -11.67 14.32
CA ARG E 44 19.26 -12.21 14.27
C ARG E 44 19.22 -13.73 14.20
N ARG E 45 20.34 -14.32 13.80
CA ARG E 45 20.59 -15.75 13.90
C ARG E 45 21.94 -15.94 14.56
N VAL E 46 21.95 -16.45 15.78
CA VAL E 46 23.13 -16.51 16.63
C VAL E 46 23.39 -17.96 16.99
N VAL E 47 24.65 -18.37 16.85
CA VAL E 47 25.12 -19.71 17.18
C VAL E 47 25.96 -19.61 18.44
N VAL E 48 25.49 -20.24 19.52
CA VAL E 48 26.25 -20.35 20.75
C VAL E 48 27.13 -21.59 20.64
N ASN E 49 28.38 -21.49 21.10
CA ASN E 49 29.34 -22.59 20.97
C ASN E 49 30.41 -22.42 22.05
N ASN E 50 30.28 -23.20 23.13
CA ASN E 50 31.28 -23.21 24.21
C ASN E 50 32.27 -24.35 23.98
N MET E 51 32.92 -24.34 22.82
CA MET E 51 33.92 -25.36 22.51
C MET E 51 35.07 -25.32 23.50
N ASP E 52 35.38 -24.14 24.05
CA ASP E 52 36.46 -24.04 25.02
C ASP E 52 36.14 -24.80 26.29
N LYS E 53 34.87 -24.80 26.72
CA LYS E 53 34.51 -25.46 27.97
C LYS E 53 34.45 -26.97 27.81
N THR E 54 33.96 -27.45 26.68
CA THR E 54 33.75 -28.87 26.45
C THR E 54 34.91 -29.58 25.79
N ALA E 55 35.86 -28.84 25.20
CA ALA E 55 37.01 -29.49 24.57
C ALA E 55 37.89 -30.19 25.59
N VAL E 56 38.01 -29.65 26.80
CA VAL E 56 38.69 -30.37 27.86
C VAL E 56 37.91 -31.63 28.18
N ASN E 57 38.61 -32.75 28.30
CA ASN E 57 37.96 -34.05 28.31
C ASN E 57 37.14 -34.26 29.57
N GLY E 58 36.07 -35.04 29.44
CA GLY E 58 35.19 -35.36 30.55
C GLY E 58 34.04 -34.39 30.74
N ASN E 59 34.22 -33.12 30.40
CA ASN E 59 33.14 -32.14 30.46
C ASN E 59 32.26 -32.22 29.21
N MET E 60 31.35 -33.19 29.25
CA MET E 60 30.58 -33.62 28.09
C MET E 60 29.10 -33.38 28.28
N ALA E 61 28.63 -33.45 29.52
CA ALA E 61 27.27 -33.02 29.84
C ALA E 61 27.14 -31.50 29.87
N LEU E 62 28.25 -30.77 29.81
CA LEU E 62 28.25 -29.31 29.78
C LEU E 62 28.18 -28.76 28.35
N ASP E 63 27.59 -29.52 27.42
CA ASP E 63 27.36 -29.04 26.08
C ASP E 63 26.31 -27.95 26.19
N ASP E 64 26.59 -26.80 25.56
CA ASP E 64 25.69 -25.66 25.46
C ASP E 64 25.55 -25.18 24.03
N ILE E 65 25.93 -25.99 23.05
CA ILE E 65 26.02 -25.56 21.66
C ILE E 65 24.67 -25.72 20.98
N HIS E 66 24.18 -24.62 20.41
CA HIS E 66 22.90 -24.59 19.71
C HIS E 66 22.85 -23.32 18.87
N ALA E 67 21.85 -23.28 17.99
CA ALA E 67 21.54 -22.13 17.16
C ALA E 67 20.10 -21.68 17.41
N GLN E 68 19.86 -20.37 17.35
CA GLN E 68 18.57 -19.81 17.67
C GLN E 68 18.36 -18.52 16.90
N ILE E 69 17.09 -18.13 16.78
CA ILE E 69 16.69 -16.88 16.14
C ILE E 69 16.23 -15.93 17.24
N VAL E 70 16.95 -14.83 17.41
CA VAL E 70 16.61 -13.81 18.38
C VAL E 70 15.65 -12.84 17.72
N THR E 71 14.51 -12.61 18.36
CA THR E 71 13.34 -11.97 17.79
C THR E 71 13.02 -10.71 18.59
N PRO E 72 12.75 -9.56 17.96
CA PRO E 72 12.45 -8.36 18.74
C PRO E 72 11.19 -8.44 19.58
N TRP E 73 10.27 -9.34 19.29
CA TRP E 73 9.06 -9.47 20.09
C TRP E 73 9.38 -10.05 21.46
N SER E 74 8.49 -9.80 22.41
CA SER E 74 8.56 -10.31 23.76
C SER E 74 7.28 -11.06 24.08
N LEU E 75 7.41 -12.12 24.88
CA LEU E 75 6.34 -13.07 25.13
C LEU E 75 5.81 -12.90 26.55
N VAL E 76 4.49 -12.77 26.66
CA VAL E 76 3.80 -12.73 27.96
C VAL E 76 3.26 -14.13 28.21
N ASP E 77 3.79 -14.79 29.25
CA ASP E 77 3.47 -16.17 29.57
C ASP E 77 2.94 -16.25 31.00
N ALA E 78 1.78 -16.90 31.17
CA ALA E 78 1.16 -17.13 32.46
C ALA E 78 1.02 -18.61 32.77
N ASN E 79 1.87 -19.46 32.21
CA ASN E 79 1.75 -20.91 32.34
C ASN E 79 2.57 -21.43 33.53
N ALA E 80 2.17 -20.96 34.72
CA ALA E 80 2.76 -21.45 35.96
C ALA E 80 1.73 -21.31 37.07
N TRP E 81 1.78 -22.23 38.04
CA TRP E 81 0.78 -22.25 39.10
C TRP E 81 0.88 -21.02 39.99
N GLY E 82 2.09 -20.52 40.22
CA GLY E 82 2.28 -19.39 41.09
C GLY E 82 1.65 -18.12 40.58
N VAL E 83 1.43 -18.01 39.27
CA VAL E 83 0.79 -16.83 38.71
C VAL E 83 -0.64 -16.72 39.20
N TRP E 84 -1.32 -17.85 39.38
CA TRP E 84 -2.76 -17.89 39.58
C TRP E 84 -3.17 -18.01 41.05
N PHE E 85 -2.52 -18.89 41.81
CA PHE E 85 -2.96 -19.27 43.15
C PHE E 85 -1.96 -18.80 44.21
N ASN E 86 -2.48 -18.15 45.25
CA ASN E 86 -1.68 -17.84 46.43
C ASN E 86 -1.57 -19.10 47.30
N PRO E 87 -0.64 -19.12 48.27
CA PRO E 87 -0.46 -20.33 49.08
C PRO E 87 -1.69 -20.79 49.84
N GLY E 88 -2.53 -19.86 50.32
CA GLY E 88 -3.75 -20.28 50.99
C GLY E 88 -4.71 -20.99 50.06
N ASP E 89 -4.90 -20.44 48.86
CA ASP E 89 -5.75 -21.10 47.89
C ASP E 89 -5.19 -22.47 47.49
N TRP E 90 -3.86 -22.58 47.39
CA TRP E 90 -3.27 -23.88 47.07
C TRP E 90 -3.45 -24.86 48.23
N GLN E 91 -3.38 -24.37 49.46
CA GLN E 91 -3.66 -25.22 50.61
C GLN E 91 -5.08 -25.75 50.55
N LEU E 92 -6.04 -24.89 50.23
CA LEU E 92 -7.43 -25.32 50.08
C LEU E 92 -7.55 -26.36 48.97
N ILE E 93 -6.87 -26.12 47.85
CA ILE E 93 -7.00 -26.98 46.69
C ILE E 93 -6.44 -28.37 46.99
N VAL E 94 -5.22 -28.42 47.52
CA VAL E 94 -4.59 -29.72 47.78
C VAL E 94 -5.29 -30.44 48.92
N ASN E 95 -5.77 -29.71 49.94
CA ASN E 95 -6.35 -30.39 51.08
C ASN E 95 -7.74 -30.94 50.81
N THR E 96 -8.58 -30.23 50.05
CA THR E 96 -9.99 -30.62 49.91
C THR E 96 -10.36 -31.20 48.55
N MET E 97 -9.79 -30.73 47.43
CA MET E 97 -10.05 -31.36 46.15
C MET E 97 -9.37 -32.71 46.06
N SER E 98 -9.87 -33.55 45.15
CA SER E 98 -9.30 -34.86 44.83
C SER E 98 -8.84 -34.96 43.39
N GLU E 99 -9.67 -34.54 42.43
CA GLU E 99 -9.36 -34.56 41.02
C GLU E 99 -9.73 -33.21 40.44
N LEU E 100 -9.07 -32.84 39.34
CA LEU E 100 -9.08 -31.46 38.84
C LEU E 100 -9.18 -31.45 37.32
N HIS E 101 -10.18 -30.74 36.81
CA HIS E 101 -10.37 -30.47 35.38
C HIS E 101 -9.88 -29.07 35.07
N LEU E 102 -9.26 -28.92 33.89
CA LEU E 102 -9.02 -27.60 33.31
C LEU E 102 -10.11 -27.26 32.31
N VAL E 103 -10.73 -26.10 32.50
CA VAL E 103 -11.96 -25.73 31.80
C VAL E 103 -11.69 -24.70 30.71
N SER E 104 -11.22 -23.51 31.08
CA SER E 104 -11.13 -22.41 30.13
C SER E 104 -10.11 -21.38 30.61
N PHE E 105 -9.78 -20.45 29.71
CA PHE E 105 -8.72 -19.49 29.94
C PHE E 105 -8.93 -18.28 29.02
N GLU E 106 -8.66 -17.09 29.56
CA GLU E 106 -8.77 -15.86 28.79
C GLU E 106 -7.73 -14.87 29.29
N GLN E 107 -7.44 -13.87 28.46
CA GLN E 107 -6.48 -12.81 28.78
C GLN E 107 -7.02 -11.48 28.28
N GLU E 108 -6.39 -10.41 28.75
CA GLU E 108 -6.62 -9.10 28.15
C GLU E 108 -5.55 -8.13 28.63
N ILE E 109 -5.05 -7.33 27.69
CA ILE E 109 -4.13 -6.22 27.97
C ILE E 109 -4.96 -4.95 28.00
N PHE E 110 -4.76 -4.14 29.03
CA PHE E 110 -5.57 -2.93 29.21
C PHE E 110 -4.76 -1.90 29.96
N ASN E 111 -5.23 -0.65 29.89
CA ASN E 111 -4.57 0.51 30.50
C ASN E 111 -3.13 0.62 30.02
N VAL E 112 -2.97 0.71 28.69
CA VAL E 112 -1.65 0.81 28.12
C VAL E 112 -1.10 2.21 28.32
N VAL E 113 0.17 2.28 28.69
CA VAL E 113 0.89 3.53 28.92
C VAL E 113 2.21 3.45 28.18
N LEU E 114 2.57 4.54 27.48
CA LEU E 114 3.83 4.63 26.74
C LEU E 114 4.51 5.93 27.10
N LYS E 115 5.80 5.86 27.41
CA LYS E 115 6.58 7.00 27.89
C LYS E 115 7.93 6.99 27.21
N THR E 116 8.52 8.18 27.11
CA THR E 116 9.82 8.40 26.48
C THR E 116 10.76 9.04 27.48
N VAL E 117 12.06 8.80 27.28
CA VAL E 117 13.12 9.29 28.15
C VAL E 117 14.00 10.24 27.35
N SER E 118 14.39 11.34 27.99
CA SER E 118 15.28 12.33 27.40
C SER E 118 16.27 12.81 28.46
N GLU E 119 17.41 13.30 28.00
CA GLU E 119 18.46 13.76 28.90
C GLU E 119 18.14 15.15 29.42
N THR E 126 20.47 15.10 34.22
CA THR E 126 19.43 14.25 34.79
C THR E 126 18.34 13.97 33.77
N LYS E 127 17.61 12.88 33.97
CA LYS E 127 16.61 12.43 33.02
C LYS E 127 15.28 13.12 33.23
N VAL E 128 14.50 13.18 32.15
CA VAL E 128 13.12 13.66 32.18
C VAL E 128 12.26 12.68 31.41
N TYR E 129 11.12 12.31 32.00
CA TYR E 129 10.21 11.32 31.45
C TYR E 129 8.97 12.05 30.95
N ASN E 130 8.62 11.81 29.69
CA ASN E 130 7.51 12.49 29.02
C ASN E 130 6.59 11.47 28.38
N ASN E 131 5.29 11.66 28.58
CA ASN E 131 4.31 10.80 27.92
C ASN E 131 4.35 11.06 26.42
N ASP E 132 4.05 10.02 25.65
CA ASP E 132 3.96 10.09 24.20
C ASP E 132 2.60 9.47 23.93
N LEU E 133 1.59 10.33 23.77
CA LEU E 133 0.23 9.86 23.57
C LEU E 133 0.00 9.23 22.21
N THR E 134 0.91 9.45 21.26
CA THR E 134 0.73 8.99 19.89
C THR E 134 1.34 7.61 19.64
N ALA E 135 2.31 7.19 20.43
CA ALA E 135 2.98 5.92 20.18
C ALA E 135 2.05 4.75 20.43
N SER E 136 2.46 3.58 19.93
CA SER E 136 1.62 2.38 19.89
C SER E 136 2.37 1.21 20.46
N LEU E 137 1.64 0.34 21.14
CA LEU E 137 2.14 -0.95 21.61
C LEU E 137 1.58 -2.03 20.71
N MET E 138 2.46 -2.73 20.00
CA MET E 138 2.03 -3.86 19.20
C MET E 138 1.60 -5.02 20.10
N VAL E 139 0.55 -5.72 19.68
CA VAL E 139 0.09 -6.94 20.34
C VAL E 139 -0.28 -7.92 19.25
N ALA E 140 0.06 -9.19 19.47
CA ALA E 140 -0.16 -10.23 18.47
C ALA E 140 -0.47 -11.53 19.18
N LEU E 141 -1.57 -12.17 18.77
CA LEU E 141 -2.06 -13.40 19.38
C LEU E 141 -2.02 -14.50 18.35
N ASP E 142 -1.25 -15.56 18.62
CA ASP E 142 -1.26 -16.76 17.79
C ASP E 142 -2.46 -17.63 18.13
N SER E 143 -3.61 -17.25 17.57
CA SER E 143 -4.79 -18.06 17.72
C SER E 143 -4.66 -19.42 17.03
N ASN E 144 -3.82 -19.52 16.00
CA ASN E 144 -3.70 -20.72 15.18
C ASN E 144 -2.48 -21.58 15.51
N ASN E 145 -1.67 -21.19 16.50
CA ASN E 145 -0.50 -21.97 16.92
C ASN E 145 0.49 -22.16 15.78
N THR E 146 0.68 -21.11 14.98
CA THR E 146 1.65 -21.18 13.89
C THR E 146 3.08 -21.13 14.40
N MET E 147 3.41 -20.21 15.31
CA MET E 147 4.77 -20.09 15.80
C MET E 147 5.11 -21.29 16.68
N PRO E 148 6.40 -21.57 16.92
CA PRO E 148 6.73 -22.66 17.84
C PRO E 148 6.32 -22.36 19.26
N PHE E 149 5.91 -23.40 19.98
CA PHE E 149 5.45 -23.27 21.34
C PHE E 149 6.66 -23.32 22.26
N THR E 150 6.73 -22.36 23.19
CA THR E 150 7.91 -22.12 24.01
C THR E 150 7.46 -21.78 25.43
N PRO E 151 7.29 -22.79 26.31
CA PRO E 151 6.79 -22.48 27.66
C PRO E 151 7.88 -21.81 28.47
N ALA E 152 7.58 -20.63 29.02
CA ALA E 152 8.59 -19.88 29.75
C ALA E 152 8.91 -20.49 31.12
N ALA E 153 8.13 -21.45 31.60
CA ALA E 153 8.40 -22.05 32.90
C ALA E 153 9.68 -22.88 32.89
N MET E 154 10.09 -23.38 31.72
CA MET E 154 11.26 -24.25 31.67
C MET E 154 12.55 -23.49 31.98
N ARG E 155 12.65 -22.23 31.58
CA ARG E 155 13.75 -21.35 31.96
C ARG E 155 13.37 -20.38 33.08
N SER E 156 12.19 -20.54 33.69
CA SER E 156 11.74 -19.70 34.80
C SER E 156 11.68 -18.23 34.41
N GLU E 157 10.79 -17.93 33.45
CA GLU E 157 10.58 -16.58 32.94
C GLU E 157 9.11 -16.28 32.72
N THR E 158 8.22 -16.93 33.47
CA THR E 158 6.81 -16.56 33.43
C THR E 158 6.61 -15.23 34.14
N LEU E 159 5.35 -14.78 34.22
CA LEU E 159 5.03 -13.59 34.97
C LEU E 159 5.34 -13.81 36.45
N GLY E 160 5.62 -12.72 37.15
CA GLY E 160 5.90 -12.81 38.57
C GLY E 160 4.70 -13.30 39.35
N PHE E 161 4.99 -13.99 40.45
CA PHE E 161 3.96 -14.63 41.26
C PHE E 161 3.38 -13.71 42.33
N TYR E 162 4.00 -12.55 42.59
CA TYR E 162 3.50 -11.61 43.59
C TYR E 162 2.54 -10.65 42.92
N PRO E 163 1.27 -10.53 43.35
CA PRO E 163 0.39 -9.52 42.75
C PRO E 163 0.89 -8.09 42.81
N TRP E 164 1.49 -7.69 43.91
CA TRP E 164 1.81 -6.29 44.15
C TRP E 164 3.12 -5.83 43.55
N LYS E 165 3.94 -6.74 42.98
CA LYS E 165 5.20 -6.40 42.36
C LYS E 165 5.02 -6.35 40.84
N PRO E 166 5.57 -5.38 40.10
CA PRO E 166 5.51 -5.48 38.64
C PRO E 166 6.38 -6.62 38.14
N THR E 167 6.17 -6.99 36.88
CA THR E 167 6.92 -8.05 36.23
C THR E 167 7.31 -7.59 34.82
N ILE E 168 8.08 -8.44 34.15
CA ILE E 168 8.56 -8.18 32.79
C ILE E 168 8.27 -9.40 31.90
N PRO E 169 8.11 -9.26 30.59
CA PRO E 169 7.98 -10.43 29.73
C PRO E 169 9.32 -10.89 29.20
N THR E 170 9.41 -12.18 28.95
CA THR E 170 10.66 -12.75 28.41
C THR E 170 10.85 -12.29 26.97
N PRO E 171 12.07 -11.96 26.55
CA PRO E 171 12.30 -11.80 25.10
C PRO E 171 12.14 -13.16 24.41
N TRP E 172 11.54 -13.12 23.22
CA TRP E 172 11.20 -14.35 22.53
C TRP E 172 12.34 -14.84 21.67
N ARG E 173 12.51 -16.15 21.62
CA ARG E 173 13.46 -16.79 20.74
C ARG E 173 12.99 -18.21 20.51
N TYR E 174 13.52 -18.85 19.46
CA TYR E 174 13.15 -20.22 19.13
C TYR E 174 14.33 -20.90 18.45
N TYR E 175 14.33 -22.23 18.49
CA TYR E 175 15.47 -22.98 18.02
C TYR E 175 15.54 -23.00 16.50
N PHE E 176 16.72 -22.66 15.99
CA PHE E 176 17.08 -22.84 14.59
C PHE E 176 17.88 -24.11 14.47
N GLN E 177 17.67 -24.85 13.39
CA GLN E 177 18.28 -26.18 13.29
C GLN E 177 19.78 -26.06 13.14
N TRP E 178 20.48 -27.01 13.75
CA TRP E 178 21.91 -27.15 13.62
C TRP E 178 22.24 -28.63 13.68
N ASP E 179 23.46 -28.96 13.28
CA ASP E 179 23.99 -30.32 13.34
C ASP E 179 25.35 -30.30 14.01
N ARG E 180 25.60 -31.29 14.86
CA ARG E 180 26.88 -31.41 15.52
C ARG E 180 27.09 -32.86 15.93
N THR E 181 28.36 -33.19 16.21
CA THR E 181 28.75 -34.50 16.72
C THR E 181 29.77 -34.28 17.83
N LEU E 182 29.59 -34.97 18.95
CA LEU E 182 30.51 -34.92 20.08
C LEU E 182 30.73 -36.35 20.56
N ILE E 183 31.90 -36.91 20.23
CA ILE E 183 32.26 -38.25 20.66
C ILE E 183 32.64 -38.12 22.13
N PRO E 184 32.03 -38.83 23.09
CA PRO E 184 32.44 -38.64 24.49
C PRO E 184 33.84 -39.16 24.75
N SER E 185 34.51 -38.52 25.71
CA SER E 185 35.83 -38.94 26.14
C SER E 185 35.96 -38.70 27.64
N HIS E 186 36.44 -39.72 28.34
CA HIS E 186 36.71 -39.64 29.76
C HIS E 186 37.98 -38.84 30.01
N THR E 187 38.23 -38.53 31.28
CA THR E 187 39.48 -37.87 31.65
C THR E 187 40.64 -38.79 31.35
N GLY E 188 41.69 -38.24 30.76
CA GLY E 188 42.84 -39.03 30.39
C GLY E 188 42.68 -39.84 29.12
N THR E 189 41.70 -39.51 28.28
CA THR E 189 41.61 -40.13 26.97
C THR E 189 42.81 -39.75 26.13
N SER E 190 43.19 -40.65 25.21
CA SER E 190 44.47 -40.56 24.51
C SER E 190 44.58 -39.33 23.62
N GLY E 191 43.46 -38.73 23.19
CA GLY E 191 43.53 -37.59 22.31
C GLY E 191 42.23 -36.83 22.28
N THR E 192 42.26 -35.70 21.58
CA THR E 192 41.08 -34.84 21.48
C THR E 192 40.02 -35.54 20.63
N PRO E 193 38.80 -35.79 21.14
CA PRO E 193 37.81 -36.47 20.30
C PRO E 193 37.18 -35.50 19.30
N THR E 194 36.37 -36.07 18.41
CA THR E 194 35.64 -35.25 17.46
C THR E 194 34.61 -34.41 18.21
N ASN E 195 34.77 -33.09 18.14
CA ASN E 195 33.84 -32.16 18.79
C ASN E 195 33.78 -30.92 17.89
N ILE E 196 32.80 -30.93 16.98
CA ILE E 196 32.71 -29.91 15.93
C ILE E 196 31.24 -29.59 15.67
N TYR E 197 31.02 -28.51 14.92
CA TYR E 197 29.70 -28.02 14.56
C TYR E 197 29.61 -28.01 13.04
N HIS E 198 28.57 -28.66 12.52
CA HIS E 198 28.45 -28.92 11.08
C HIS E 198 27.79 -27.80 10.31
N GLY E 199 27.08 -26.88 10.96
CA GLY E 199 26.23 -25.93 10.28
C GLY E 199 24.79 -26.40 10.27
N THR E 200 24.04 -26.03 9.24
CA THR E 200 22.61 -26.32 9.14
C THR E 200 22.32 -26.91 7.77
N ASP E 201 21.44 -27.91 7.75
CA ASP E 201 21.04 -28.56 6.50
C ASP E 201 19.92 -27.77 5.84
N PRO E 202 19.83 -27.72 4.51
CA PRO E 202 18.73 -26.97 3.90
C PRO E 202 17.38 -27.65 4.05
N ASP E 203 17.35 -28.94 4.38
CA ASP E 203 16.10 -29.67 4.46
C ASP E 203 15.19 -29.16 5.56
N ASP E 204 15.75 -28.54 6.60
CA ASP E 204 15.06 -28.31 7.87
C ASP E 204 14.96 -26.85 8.28
N VAL E 205 15.29 -25.91 7.39
CA VAL E 205 15.27 -24.50 7.76
C VAL E 205 13.83 -24.03 7.91
N GLN E 206 13.57 -23.24 8.96
CA GLN E 206 12.24 -22.69 9.22
C GLN E 206 12.42 -21.37 9.94
N PHE E 207 12.30 -20.27 9.20
CA PHE E 207 12.47 -18.92 9.73
C PHE E 207 11.08 -18.30 9.88
N TYR E 208 10.57 -18.31 11.11
CA TYR E 208 9.27 -17.75 11.41
C TYR E 208 9.40 -16.29 11.75
N THR E 209 8.43 -15.48 11.33
CA THR E 209 8.36 -14.08 11.66
C THR E 209 6.95 -13.77 12.11
N ILE E 210 6.83 -13.04 13.20
CA ILE E 210 5.51 -12.75 13.77
C ILE E 210 4.71 -11.89 12.80
N GLU E 211 5.38 -11.00 12.06
CA GLU E 211 4.66 -10.06 11.22
C GLU E 211 3.94 -10.75 10.07
N ASN E 212 4.50 -11.85 9.58
CA ASN E 212 3.93 -12.54 8.42
C ASN E 212 2.83 -13.53 8.79
N SER E 213 2.88 -14.12 9.98
CA SER E 213 2.04 -15.26 10.32
C SER E 213 0.85 -14.92 11.20
N VAL E 214 0.89 -13.83 11.96
CA VAL E 214 -0.10 -13.51 12.98
C VAL E 214 -0.67 -12.12 12.70
N PRO E 215 -1.92 -11.80 13.06
CA PRO E 215 -2.34 -10.40 13.01
C PRO E 215 -1.73 -9.62 14.15
N VAL E 216 -1.37 -8.38 13.89
CA VAL E 216 -0.69 -7.51 14.83
C VAL E 216 -1.59 -6.32 15.11
N HIS E 217 -1.92 -6.11 16.38
CA HIS E 217 -2.79 -5.03 16.83
C HIS E 217 -1.97 -3.90 17.40
N LEU E 218 -2.17 -2.69 16.89
CA LEU E 218 -1.56 -1.49 17.44
C LEU E 218 -2.50 -0.89 18.47
N LEU E 219 -2.00 -0.71 19.69
CA LEU E 219 -2.77 -0.15 20.81
C LEU E 219 -2.07 1.10 21.30
N ARG E 220 -2.75 2.25 21.20
CA ARG E 220 -2.07 3.50 21.50
C ARG E 220 -2.03 3.81 22.99
N THR E 221 -3.16 4.21 23.58
CA THR E 221 -3.28 4.27 25.04
C THR E 221 -4.66 3.95 25.57
N GLY E 222 -5.69 3.98 24.72
CA GLY E 222 -7.08 4.00 25.14
C GLY E 222 -7.91 2.86 24.59
N ASP E 223 -7.27 1.75 24.24
CA ASP E 223 -7.95 0.60 23.66
C ASP E 223 -7.45 -0.68 24.31
N GLU E 224 -8.36 -1.64 24.47
CA GLU E 224 -8.02 -2.94 25.01
C GLU E 224 -7.68 -3.91 23.88
N PHE E 225 -7.18 -5.08 24.27
CA PHE E 225 -7.08 -6.23 23.40
C PHE E 225 -7.39 -7.45 24.24
N ALA E 226 -8.47 -8.15 23.90
CA ALA E 226 -8.99 -9.25 24.69
C ALA E 226 -8.89 -10.56 23.92
N THR E 227 -8.21 -11.53 24.49
CA THR E 227 -8.20 -12.88 23.96
C THR E 227 -9.56 -13.51 24.22
N GLY E 228 -10.17 -14.09 23.19
CA GLY E 228 -11.41 -14.80 23.39
C GLY E 228 -11.22 -16.01 24.29
N THR E 229 -12.29 -16.41 24.95
CA THR E 229 -12.20 -17.49 25.93
C THR E 229 -11.85 -18.80 25.25
N PHE E 230 -10.64 -19.29 25.52
CA PHE E 230 -10.20 -20.56 24.98
C PHE E 230 -10.63 -21.69 25.89
N PHE E 231 -11.36 -22.66 25.34
CA PHE E 231 -11.91 -23.79 26.07
C PHE E 231 -10.99 -24.99 25.88
N PHE E 232 -10.52 -25.56 26.99
CA PHE E 232 -9.63 -26.70 26.94
C PHE E 232 -10.40 -27.97 26.66
N ASP E 233 -9.64 -29.03 26.31
CA ASP E 233 -10.14 -30.38 26.17
C ASP E 233 -9.38 -31.36 27.05
N CYS E 234 -8.92 -30.91 28.22
CA CYS E 234 -7.97 -31.69 29.00
C CYS E 234 -8.66 -32.75 29.84
N LYS E 235 -7.96 -33.88 30.00
CA LYS E 235 -8.43 -34.97 30.84
C LYS E 235 -8.20 -34.62 32.31
N PRO E 236 -8.87 -35.31 33.24
CA PRO E 236 -8.65 -35.00 34.66
C PRO E 236 -7.22 -35.27 35.11
N CYS E 237 -6.80 -34.47 36.09
CA CYS E 237 -5.56 -34.66 36.83
C CYS E 237 -5.88 -35.00 38.27
N ARG E 238 -5.34 -36.11 38.75
CA ARG E 238 -5.65 -36.64 40.07
C ARG E 238 -4.67 -36.06 41.09
N LEU E 239 -5.21 -35.53 42.19
CA LEU E 239 -4.42 -34.90 43.24
C LEU E 239 -4.13 -35.85 44.39
N THR E 240 -3.92 -37.14 44.09
CA THR E 240 -3.64 -38.16 45.09
C THR E 240 -2.55 -39.06 44.54
N HIS E 241 -1.99 -39.90 45.41
CA HIS E 241 -0.86 -40.76 45.08
C HIS E 241 -1.16 -42.20 45.45
N THR E 242 -0.45 -43.10 44.79
CA THR E 242 -0.55 -44.53 45.04
C THR E 242 0.68 -44.99 45.83
N TRP E 243 0.45 -45.59 46.99
CA TRP E 243 1.53 -46.15 47.80
C TRP E 243 1.86 -47.59 47.44
N GLN E 244 1.03 -48.26 46.65
CA GLN E 244 1.16 -49.69 46.45
C GLN E 244 2.21 -49.99 45.39
N THR E 245 3.21 -50.79 45.75
CA THR E 245 4.16 -51.35 44.82
C THR E 245 3.65 -52.71 44.33
N ASN E 246 4.51 -53.46 43.64
CA ASN E 246 4.12 -54.81 43.21
C ASN E 246 3.84 -55.72 44.40
N ARG E 247 4.56 -55.50 45.50
CA ARG E 247 4.37 -56.32 46.70
C ARG E 247 2.98 -56.14 47.29
N ALA E 248 2.38 -54.96 47.12
CA ALA E 248 1.12 -54.63 47.77
C ALA E 248 -0.12 -54.99 46.95
N LEU E 249 0.05 -55.59 45.77
CA LEU E 249 -1.07 -55.99 44.93
C LEU E 249 -1.51 -57.41 45.27
N GLY E 250 -2.82 -57.62 45.29
CA GLY E 250 -3.38 -58.92 45.60
C GLY E 250 -3.63 -59.11 47.09
N LEU E 251 -4.34 -60.18 47.40
CA LEU E 251 -4.68 -60.47 48.79
C LEU E 251 -3.40 -60.90 49.53
N PRO E 252 -3.19 -60.48 50.78
CA PRO E 252 -2.01 -60.97 51.51
C PRO E 252 -2.15 -62.43 51.84
N PRO E 253 -1.07 -63.09 52.27
CA PRO E 253 -1.19 -64.50 52.66
C PRO E 253 -1.95 -64.65 53.97
N PHE E 254 -2.47 -65.85 54.19
CA PHE E 254 -3.18 -66.16 55.43
C PHE E 254 -2.23 -66.13 56.62
N ASN E 266 7.04 -60.15 67.94
CA ASN E 266 5.60 -60.00 67.74
C ASN E 266 5.13 -60.42 66.34
N PHE E 267 6.08 -60.59 65.41
CA PHE E 267 5.71 -60.74 64.01
C PHE E 267 5.08 -62.11 63.78
N GLY E 268 3.77 -62.10 63.49
CA GLY E 268 3.07 -63.34 63.17
C GLY E 268 3.56 -63.89 61.84
N ASP E 269 3.88 -65.18 61.83
CA ASP E 269 4.37 -65.86 60.65
C ASP E 269 3.18 -66.27 59.78
N ILE E 270 3.41 -67.20 58.84
CA ILE E 270 2.48 -67.55 57.74
C ILE E 270 1.09 -67.88 58.26
N GLN E 273 10.48 -75.16 52.79
CA GLN E 273 9.38 -74.57 53.55
C GLN E 273 8.56 -73.64 52.68
N GLN E 274 9.25 -72.84 51.87
CA GLN E 274 8.56 -71.97 50.93
C GLN E 274 7.78 -72.78 49.89
N ASP E 275 8.28 -73.98 49.55
CA ASP E 275 7.55 -74.87 48.67
C ASP E 275 6.22 -75.30 49.25
N LYS E 276 6.12 -75.42 50.57
CA LYS E 276 4.97 -76.05 51.20
C LYS E 276 3.68 -75.25 51.06
N ARG E 277 3.76 -73.98 50.68
CA ARG E 277 2.59 -73.13 50.54
C ARG E 277 1.98 -73.27 49.15
N ARG E 278 0.75 -72.78 49.01
CA ARG E 278 -0.02 -72.82 47.77
C ARG E 278 -0.13 -71.43 47.18
N GLY E 279 -0.05 -71.33 45.87
CA GLY E 279 -0.16 -70.05 45.20
C GLY E 279 0.12 -70.19 43.71
N VAL E 280 0.14 -69.03 43.05
CA VAL E 280 0.41 -68.93 41.62
C VAL E 280 1.69 -68.13 41.45
N THR E 281 2.64 -68.70 40.69
CA THR E 281 3.94 -68.10 40.44
C THR E 281 4.27 -68.20 38.96
N GLN E 282 4.90 -67.16 38.42
CA GLN E 282 5.30 -67.18 37.02
C GLN E 282 6.40 -68.20 36.76
N MET E 283 7.23 -68.49 37.76
CA MET E 283 8.36 -69.41 37.56
C MET E 283 7.82 -70.83 37.61
N GLY E 284 7.50 -71.38 36.43
CA GLY E 284 6.96 -72.72 36.34
C GLY E 284 7.94 -73.80 36.76
N ASN E 285 9.23 -73.59 36.51
CA ASN E 285 10.24 -74.59 36.82
C ASN E 285 10.66 -74.61 38.28
N THR E 286 10.20 -73.66 39.11
CA THR E 286 10.57 -73.55 40.51
C THR E 286 9.35 -73.88 41.36
N ASN E 287 9.58 -74.64 42.43
CA ASN E 287 8.50 -75.06 43.32
C ASN E 287 8.27 -74.08 44.45
N TYR E 288 9.26 -73.27 44.80
CA TYR E 288 9.14 -72.36 45.94
C TYR E 288 8.15 -71.24 45.65
N ILE E 289 7.54 -70.72 46.70
CA ILE E 289 6.60 -69.60 46.63
C ILE E 289 6.92 -68.66 47.78
N THR E 290 7.00 -67.36 47.49
CA THR E 290 7.11 -66.34 48.52
C THR E 290 6.54 -65.05 47.96
N GLU E 291 6.65 -63.98 48.77
CA GLU E 291 6.08 -62.69 48.38
C GLU E 291 6.75 -62.14 47.13
N ALA E 292 8.04 -62.37 46.98
CA ALA E 292 8.79 -61.86 45.84
C ALA E 292 8.58 -62.68 44.56
N THR E 293 7.69 -63.69 44.54
CA THR E 293 7.49 -64.53 43.36
C THR E 293 6.03 -64.75 43.00
N ILE E 294 5.07 -64.48 43.88
CA ILE E 294 3.67 -64.64 43.56
C ILE E 294 3.29 -63.66 42.45
N MET E 295 2.41 -64.11 41.55
CA MET E 295 2.00 -63.28 40.43
C MET E 295 1.21 -62.08 40.94
N ARG E 296 1.29 -60.97 40.20
CA ARG E 296 0.52 -59.76 40.42
C ARG E 296 -0.19 -59.40 39.13
N PRO E 297 -1.26 -58.59 39.19
CA PRO E 297 -1.95 -58.23 37.93
C PRO E 297 -1.08 -57.45 36.95
N ALA E 298 -0.17 -56.62 37.44
CA ALA E 298 0.62 -55.76 36.56
C ALA E 298 1.87 -55.31 37.30
N GLU E 299 2.73 -54.59 36.57
CA GLU E 299 3.98 -54.04 37.09
C GLU E 299 3.81 -52.55 37.34
N VAL E 300 4.12 -52.11 38.55
CA VAL E 300 4.02 -50.71 38.93
C VAL E 300 5.34 -50.04 38.55
N GLY E 301 5.28 -49.04 37.67
CA GLY E 301 6.48 -48.36 37.27
C GLY E 301 7.35 -49.23 36.37
N TYR E 302 8.59 -48.78 36.21
CA TYR E 302 9.54 -49.49 35.36
C TYR E 302 10.94 -48.96 35.66
N SER E 303 11.90 -49.87 35.66
CA SER E 303 13.30 -49.48 35.71
C SER E 303 13.69 -48.82 34.40
N ALA E 304 14.59 -47.84 34.50
CA ALA E 304 15.05 -47.06 33.36
C ALA E 304 16.54 -46.84 33.51
N PRO E 305 17.28 -46.63 32.40
CA PRO E 305 18.73 -46.42 32.54
C PRO E 305 19.03 -45.04 33.09
N TYR E 306 19.48 -44.97 34.35
CA TYR E 306 19.55 -43.68 35.02
C TYR E 306 20.80 -42.93 34.62
N TYR E 307 20.63 -41.63 34.39
CA TYR E 307 21.69 -40.72 33.93
C TYR E 307 22.26 -41.21 32.60
N SER E 308 21.36 -41.64 31.72
CA SER E 308 21.73 -42.08 30.38
C SER E 308 21.64 -40.91 29.42
N PHE E 309 22.79 -40.49 28.91
CA PHE E 309 22.91 -39.38 27.97
C PHE E 309 23.05 -39.97 26.58
N GLU E 310 22.14 -39.59 25.69
CA GLU E 310 22.00 -40.21 24.38
C GLU E 310 22.06 -39.13 23.30
N ALA E 311 22.56 -39.51 22.13
CA ALA E 311 22.91 -38.56 21.07
C ALA E 311 22.05 -38.76 19.84
N SER E 312 21.80 -37.65 19.15
CA SER E 312 21.05 -37.63 17.90
C SER E 312 21.70 -36.58 17.02
N THR E 313 20.98 -36.09 16.00
CA THR E 313 21.59 -35.20 15.02
C THR E 313 22.07 -33.89 15.64
N GLN E 314 21.43 -33.42 16.70
CA GLN E 314 21.74 -32.15 17.35
C GLN E 314 22.48 -32.31 18.67
N GLY E 315 23.15 -33.43 18.88
CA GLY E 315 24.05 -33.59 20.00
C GLY E 315 23.43 -34.30 21.19
N PRO E 316 24.23 -34.50 22.24
CA PRO E 316 23.76 -35.31 23.36
C PRO E 316 22.68 -34.64 24.20
N PHE E 317 21.88 -35.48 24.84
CA PHE E 317 20.79 -35.02 25.70
C PHE E 317 20.43 -36.13 26.66
N LYS E 318 19.86 -35.76 27.80
CA LYS E 318 19.51 -36.72 28.83
C LYS E 318 18.27 -37.49 28.43
N THR E 319 18.28 -38.78 28.77
CA THR E 319 17.07 -39.59 28.65
C THR E 319 16.14 -39.25 29.81
N PRO E 320 14.92 -38.75 29.58
CA PRO E 320 14.05 -38.43 30.73
C PRO E 320 13.42 -39.69 31.31
N ILE E 321 12.92 -39.54 32.54
CA ILE E 321 12.41 -40.65 33.34
C ILE E 321 11.01 -40.27 33.83
N ALA E 322 10.12 -41.26 33.86
CA ALA E 322 8.72 -40.96 34.18
C ALA E 322 8.53 -40.60 35.64
N ALA E 323 9.30 -41.21 36.54
CA ALA E 323 9.14 -41.01 37.98
C ALA E 323 10.51 -41.02 38.63
N GLY E 324 10.59 -40.40 39.81
CA GLY E 324 11.83 -40.26 40.54
C GLY E 324 12.10 -41.45 41.45
N ARG E 325 12.88 -41.16 42.49
CA ARG E 325 13.23 -42.16 43.50
C ARG E 325 11.98 -42.68 44.20
N ALA E 336 18.97 -37.12 43.13
CA ALA E 336 18.27 -38.36 42.86
C ALA E 336 17.80 -38.41 41.40
N ASP E 337 17.92 -39.58 40.78
CA ASP E 337 17.54 -39.72 39.39
C ASP E 337 16.02 -39.60 39.22
N GLY E 338 15.62 -38.80 38.24
CA GLY E 338 14.21 -38.65 37.89
C GLY E 338 13.46 -37.59 38.67
N ASN E 339 14.00 -37.13 39.80
CA ASN E 339 13.31 -36.12 40.60
C ASN E 339 13.54 -34.75 39.99
N PRO E 340 12.51 -33.94 39.74
CA PRO E 340 12.75 -32.66 39.05
C PRO E 340 13.34 -31.63 40.00
N ARG E 341 14.47 -31.05 39.59
CA ARG E 341 15.16 -30.03 40.36
C ARG E 341 14.89 -28.67 39.73
N TYR E 342 14.33 -27.77 40.52
CA TYR E 342 13.90 -26.44 40.08
C TYR E 342 14.88 -25.39 40.61
N ALA E 343 15.25 -24.45 39.74
CA ALA E 343 16.01 -23.27 40.12
C ALA E 343 15.24 -22.06 39.62
N PHE E 344 15.04 -21.08 40.51
CA PHE E 344 14.16 -19.95 40.24
C PHE E 344 14.74 -18.67 40.84
N GLY E 345 14.23 -17.54 40.35
CA GLY E 345 14.72 -16.24 40.73
C GLY E 345 13.84 -15.56 41.77
N ARG E 346 14.09 -14.26 41.94
CA ARG E 346 13.39 -13.50 42.98
C ARG E 346 11.94 -13.26 42.61
N GLN E 347 11.63 -13.14 41.33
CA GLN E 347 10.24 -13.08 40.91
C GLN E 347 9.50 -14.36 41.24
N HIS E 348 10.16 -15.51 41.04
CA HIS E 348 9.48 -16.79 40.95
C HIS E 348 9.64 -17.65 42.20
N GLY E 349 9.98 -17.06 43.34
CA GLY E 349 9.93 -17.75 44.62
C GLY E 349 11.04 -17.44 45.61
N GLN E 350 12.21 -17.03 45.12
CA GLN E 350 13.32 -16.76 46.03
C GLN E 350 13.00 -15.53 46.88
N LYS E 351 13.58 -15.48 48.07
CA LYS E 351 13.41 -14.36 48.98
C LYS E 351 13.89 -13.08 48.30
N THR E 352 12.96 -12.14 48.12
CA THR E 352 13.20 -11.02 47.22
C THR E 352 14.29 -10.08 47.73
N THR E 353 14.40 -9.91 49.05
CA THR E 353 15.35 -8.97 49.61
C THR E 353 16.77 -9.52 49.70
N THR E 354 16.98 -10.80 49.41
CA THR E 354 18.34 -11.34 49.36
C THR E 354 19.07 -10.82 48.15
N THR E 355 20.36 -10.56 48.32
CA THR E 355 21.24 -10.03 47.27
C THR E 355 22.22 -11.12 46.86
N GLY E 356 22.37 -11.31 45.56
CA GLY E 356 23.29 -12.28 45.01
C GLY E 356 22.75 -12.91 43.74
N GLU E 357 23.66 -13.37 42.88
CA GLU E 357 23.26 -13.99 41.64
C GLU E 357 22.82 -15.44 41.81
N THR E 358 23.08 -16.06 42.96
CA THR E 358 22.74 -17.46 43.12
C THR E 358 21.23 -17.64 43.16
N PRO E 359 20.66 -18.61 42.44
CA PRO E 359 19.23 -18.90 42.61
C PRO E 359 18.97 -19.77 43.82
N GLU E 360 17.74 -19.68 44.32
CA GLU E 360 17.27 -20.63 45.32
C GLU E 360 16.77 -21.87 44.59
N ARG E 361 17.26 -23.03 45.03
CA ARG E 361 17.07 -24.30 44.35
C ARG E 361 16.35 -25.27 45.27
N PHE E 362 15.57 -26.17 44.67
CA PHE E 362 14.94 -27.25 45.40
C PHE E 362 14.76 -28.42 44.47
N THR E 363 14.60 -29.60 45.06
CA THR E 363 14.27 -30.83 44.36
C THR E 363 12.94 -31.35 44.90
N TYR E 364 12.01 -31.62 43.99
CA TYR E 364 10.69 -32.10 44.36
C TYR E 364 10.76 -33.60 44.63
N ILE E 365 10.42 -34.00 45.86
CA ILE E 365 10.38 -35.40 46.25
C ILE E 365 8.92 -35.84 46.20
N ALA E 366 8.52 -36.39 45.06
CA ALA E 366 7.14 -36.85 44.90
C ALA E 366 6.86 -38.02 45.83
N HIS E 367 5.65 -38.01 46.40
CA HIS E 367 5.29 -39.05 47.36
C HIS E 367 5.09 -40.41 46.72
N GLN E 368 4.78 -40.47 45.43
CA GLN E 368 4.42 -41.74 44.80
C GLN E 368 5.63 -42.68 44.76
N ASP E 369 5.37 -43.96 45.04
CA ASP E 369 6.41 -44.98 45.15
C ASP E 369 6.54 -45.81 43.88
N THR E 370 6.29 -45.20 42.71
CA THR E 370 6.38 -45.91 41.45
C THR E 370 7.81 -46.12 40.97
N GLY E 371 8.81 -45.53 41.63
CA GLY E 371 10.18 -45.65 41.20
C GLY E 371 10.79 -46.98 41.61
N ARG E 372 12.12 -46.97 41.68
CA ARG E 372 12.88 -48.15 42.08
C ARG E 372 14.12 -47.72 42.84
N TYR E 373 14.57 -48.61 43.71
CA TYR E 373 15.78 -48.45 44.50
C TYR E 373 16.84 -49.32 43.84
N PRO E 374 17.71 -48.77 42.97
CA PRO E 374 18.45 -49.65 42.03
C PRO E 374 19.40 -50.63 42.69
N GLU E 375 19.80 -50.40 43.95
CA GLU E 375 20.70 -51.34 44.61
C GLU E 375 19.92 -52.42 45.36
N GLY E 376 18.60 -52.51 45.16
CA GLY E 376 17.79 -53.62 45.59
C GLY E 376 17.49 -54.68 44.55
N ASP E 377 18.07 -54.60 43.35
CA ASP E 377 17.73 -55.49 42.25
C ASP E 377 18.68 -56.70 42.20
N TRP E 378 18.33 -57.66 41.34
CA TRP E 378 19.22 -58.77 41.02
C TRP E 378 18.68 -59.53 39.81
N ILE E 379 19.55 -60.32 39.19
CA ILE E 379 19.21 -61.33 38.20
C ILE E 379 20.02 -62.58 38.53
N GLN E 380 19.40 -63.75 38.35
CA GLN E 380 20.14 -65.01 38.38
C GLN E 380 19.63 -65.89 37.24
N ASN E 381 20.40 -66.93 36.95
CA ASN E 381 20.06 -67.86 35.87
C ASN E 381 18.74 -68.55 36.15
N ILE E 382 18.15 -69.11 35.08
CA ILE E 382 16.84 -69.74 35.19
C ILE E 382 16.88 -71.03 36.00
N ASN E 383 18.07 -71.62 36.21
CA ASN E 383 18.18 -72.82 37.02
C ASN E 383 17.71 -72.57 38.45
N PHE E 384 18.10 -71.45 39.03
CA PHE E 384 17.60 -71.01 40.33
C PHE E 384 17.92 -72.00 41.45
N ASN E 385 19.19 -72.21 41.74
CA ASN E 385 19.56 -72.83 42.99
C ASN E 385 19.11 -71.94 44.14
N LEU E 386 18.70 -72.56 45.24
CA LEU E 386 18.14 -71.79 46.37
C LEU E 386 19.12 -70.78 46.94
N PRO E 387 20.36 -71.12 47.31
CA PRO E 387 21.25 -70.10 47.86
C PRO E 387 22.01 -69.34 46.78
N VAL E 388 22.43 -68.12 47.12
CA VAL E 388 23.26 -67.35 46.22
C VAL E 388 24.70 -67.86 46.32
N THR E 389 25.26 -68.27 45.17
CA THR E 389 26.63 -68.78 45.10
C THR E 389 27.46 -68.03 44.07
N ASN E 390 27.11 -66.77 43.77
CA ASN E 390 28.02 -65.73 43.33
C ASN E 390 28.70 -66.00 41.99
N ASP E 391 28.19 -66.94 41.19
CA ASP E 391 28.54 -67.03 39.78
C ASP E 391 27.38 -67.36 38.86
N ASN E 392 26.17 -67.57 39.38
CA ASN E 392 24.96 -67.68 38.56
C ASN E 392 24.15 -66.39 38.58
N VAL E 393 24.68 -65.33 39.21
CA VAL E 393 23.89 -64.21 39.70
C VAL E 393 24.60 -62.91 39.33
N LEU E 394 23.80 -61.89 39.01
CA LEU E 394 24.27 -60.56 38.68
C LEU E 394 23.72 -59.59 39.71
N LEU E 395 24.60 -58.99 40.50
CA LEU E 395 24.25 -58.05 41.55
C LEU E 395 24.49 -56.62 41.08
N PRO E 396 23.86 -55.61 41.71
CA PRO E 396 24.22 -54.22 41.39
C PRO E 396 25.65 -53.87 41.74
N THR E 397 26.30 -54.60 42.65
CA THR E 397 27.68 -54.33 42.98
C THR E 397 28.63 -54.71 41.84
N ASP E 398 28.24 -55.66 40.99
CA ASP E 398 29.16 -56.17 39.98
C ASP E 398 29.44 -55.10 38.93
N PRO E 399 30.63 -55.05 38.33
CA PRO E 399 30.89 -54.05 37.30
C PRO E 399 30.46 -54.53 35.92
N ILE E 400 30.27 -53.56 35.02
CA ILE E 400 29.95 -53.81 33.61
C ILE E 400 31.13 -53.31 32.78
N GLY E 401 31.67 -54.20 31.95
CA GLY E 401 32.77 -53.81 31.08
C GLY E 401 34.03 -53.43 31.80
N GLY E 402 34.21 -53.87 33.05
CA GLY E 402 35.40 -53.57 33.81
C GLY E 402 35.38 -52.23 34.53
N LYS E 403 34.43 -51.35 34.22
CA LYS E 403 34.35 -50.05 34.88
C LYS E 403 33.68 -50.25 36.23
N THR E 404 34.36 -49.85 37.29
CA THR E 404 33.87 -50.14 38.63
C THR E 404 32.70 -49.25 39.03
N GLY E 405 32.66 -48.01 38.53
CA GLY E 405 31.59 -47.10 38.89
C GLY E 405 30.26 -47.38 38.23
N ILE E 406 30.23 -48.22 37.18
CA ILE E 406 29.03 -48.51 36.40
C ILE E 406 28.65 -49.96 36.64
N ASN E 407 27.35 -50.20 36.76
CA ASN E 407 26.80 -51.53 37.01
C ASN E 407 25.66 -51.80 36.04
N TYR E 408 24.99 -52.94 36.24
CA TYR E 408 24.01 -53.40 35.27
C TYR E 408 22.71 -52.60 35.35
N THR E 409 22.37 -52.04 36.52
CA THR E 409 21.14 -51.27 36.59
C THR E 409 21.22 -49.96 35.81
N ASN E 410 22.43 -49.49 35.50
CA ASN E 410 22.56 -48.33 34.64
C ASN E 410 22.05 -48.59 33.22
N ILE E 411 22.15 -49.85 32.76
CA ILE E 411 21.72 -50.22 31.40
C ILE E 411 20.42 -51.01 31.38
N PHE E 412 19.64 -51.00 32.46
CA PHE E 412 18.51 -51.90 32.64
C PHE E 412 17.21 -51.17 32.34
N ASN E 413 16.27 -51.88 31.69
CA ASN E 413 15.01 -51.28 31.27
C ASN E 413 13.95 -52.39 31.33
N THR E 414 12.99 -52.24 32.25
CA THR E 414 11.91 -53.20 32.44
C THR E 414 10.60 -52.74 31.81
N TYR E 415 10.62 -51.74 30.92
CA TYR E 415 9.38 -51.24 30.36
C TYR E 415 8.76 -52.30 29.46
N GLY E 416 7.48 -52.60 29.72
CA GLY E 416 6.78 -53.64 29.00
C GLY E 416 5.30 -53.37 28.96
N PRO E 417 4.52 -54.30 28.40
CA PRO E 417 3.08 -54.07 28.27
C PRO E 417 2.35 -53.97 29.60
N LEU E 418 2.92 -54.48 30.69
CA LEU E 418 2.29 -54.46 31.99
C LEU E 418 2.58 -53.19 32.79
N THR E 419 3.40 -52.28 32.27
CA THR E 419 3.83 -51.12 33.05
C THR E 419 2.64 -50.18 33.27
N ALA E 420 2.39 -49.84 34.53
CA ALA E 420 1.39 -48.87 34.93
C ALA E 420 2.06 -47.69 35.59
N LEU E 421 1.56 -46.48 35.32
CA LEU E 421 2.19 -45.26 35.78
C LEU E 421 1.12 -44.21 36.07
N ASN E 422 1.50 -43.22 36.87
CA ASN E 422 0.67 -42.08 37.19
C ASN E 422 1.17 -40.85 36.43
N ASN E 423 0.23 -39.95 36.13
CA ASN E 423 0.61 -38.67 35.54
C ASN E 423 1.41 -37.86 36.54
N VAL E 424 2.26 -36.99 36.01
CA VAL E 424 3.22 -36.25 36.84
C VAL E 424 2.47 -35.31 37.78
N PRO E 425 3.00 -35.00 38.97
CA PRO E 425 2.24 -34.20 39.90
C PRO E 425 2.29 -32.73 39.52
N PRO E 426 1.31 -31.92 39.95
CA PRO E 426 1.51 -30.47 39.87
C PRO E 426 2.55 -30.03 40.88
N VAL E 427 3.43 -29.13 40.46
CA VAL E 427 4.47 -28.55 41.31
C VAL E 427 4.19 -27.06 41.43
N TYR E 428 3.94 -26.61 42.66
CA TYR E 428 3.73 -25.20 42.98
C TYR E 428 5.03 -24.62 43.54
N PRO E 429 5.38 -23.35 43.28
CA PRO E 429 4.75 -22.35 42.39
C PRO E 429 5.27 -22.40 40.95
N ASN E 430 6.28 -23.21 40.66
CA ASN E 430 7.03 -23.10 39.40
C ASN E 430 6.63 -24.10 38.34
N GLY E 431 5.72 -25.03 38.62
CA GLY E 431 5.38 -26.05 37.65
C GLY E 431 4.52 -25.50 36.54
N GLN E 432 4.77 -26.01 35.33
CA GLN E 432 3.95 -25.68 34.18
C GLN E 432 2.60 -26.33 34.30
N ILE E 433 1.55 -25.64 33.87
CA ILE E 433 0.18 -26.16 33.97
C ILE E 433 -0.17 -27.02 32.75
N TRP E 434 -0.16 -26.41 31.56
CA TRP E 434 -0.60 -27.05 30.33
C TRP E 434 0.58 -27.21 29.38
N ASP E 435 0.39 -28.04 28.36
CA ASP E 435 1.45 -28.34 27.41
C ASP E 435 0.78 -28.92 26.15
N LYS E 436 1.56 -29.01 25.07
CA LYS E 436 1.06 -29.46 23.78
C LYS E 436 1.50 -30.90 23.48
N GLU E 437 0.60 -31.68 22.90
CA GLU E 437 1.00 -32.94 22.27
C GLU E 437 2.01 -32.69 21.16
N PHE E 438 2.89 -33.66 20.98
CA PHE E 438 3.87 -33.63 19.91
C PHE E 438 3.17 -33.93 18.59
N ASP E 439 3.56 -33.23 17.53
CA ASP E 439 2.89 -33.36 16.24
C ASP E 439 3.42 -34.58 15.48
N THR E 440 3.07 -35.76 16.00
CA THR E 440 3.54 -37.04 15.50
C THR E 440 2.38 -38.02 15.38
N ASP E 441 2.56 -39.02 14.52
CA ASP E 441 1.55 -40.08 14.40
C ASP E 441 1.43 -40.87 15.70
N LEU E 442 2.56 -41.20 16.34
CA LEU E 442 2.60 -41.87 17.63
C LEU E 442 3.10 -40.88 18.67
N LYS E 443 2.37 -40.80 19.79
CA LYS E 443 2.49 -39.76 20.78
C LYS E 443 2.89 -40.36 22.12
N PRO E 444 3.53 -39.60 23.03
CA PRO E 444 3.93 -40.19 24.30
C PRO E 444 2.74 -40.36 25.23
N ARG E 445 2.90 -41.29 26.17
CA ARG E 445 1.83 -41.54 27.13
C ARG E 445 1.63 -40.35 28.06
N LEU E 446 2.71 -39.67 28.43
CA LEU E 446 2.63 -38.53 29.33
C LEU E 446 3.79 -37.58 29.06
N HIS E 447 3.65 -36.36 29.53
CA HIS E 447 4.68 -35.32 29.48
C HIS E 447 5.26 -35.15 30.86
N VAL E 448 6.59 -35.05 30.95
CA VAL E 448 7.21 -35.01 32.26
C VAL E 448 6.91 -33.68 32.94
N ASN E 449 6.86 -32.59 32.18
CA ASN E 449 6.93 -31.26 32.77
C ASN E 449 5.62 -30.79 33.38
N ALA E 450 4.50 -30.99 32.69
CA ALA E 450 3.20 -30.41 33.04
C ALA E 450 2.16 -31.51 33.21
N PRO E 451 1.23 -31.39 34.19
CA PRO E 451 0.22 -32.45 34.34
C PRO E 451 -0.81 -32.49 33.22
N PHE E 452 -1.46 -31.37 32.93
CA PHE E 452 -2.42 -31.31 31.84
C PHE E 452 -1.69 -31.10 30.53
N VAL E 453 -2.32 -31.49 29.42
CA VAL E 453 -1.74 -31.35 28.10
C VAL E 453 -2.89 -31.21 27.10
N CYS E 454 -2.84 -30.15 26.29
CA CYS E 454 -3.94 -29.81 25.40
C CYS E 454 -3.93 -30.72 24.18
N GLN E 455 -5.05 -31.40 23.91
CA GLN E 455 -5.07 -32.42 22.87
C GLN E 455 -4.97 -31.81 21.49
N ASN E 456 -5.96 -31.02 21.07
CA ASN E 456 -5.90 -30.42 19.74
C ASN E 456 -4.90 -29.25 19.71
N ASN E 457 -5.14 -28.21 20.50
CA ASN E 457 -4.33 -27.00 20.54
C ASN E 457 -4.35 -26.46 21.96
N CYS E 458 -3.32 -25.69 22.29
CA CYS E 458 -3.20 -24.98 23.56
C CYS E 458 -3.50 -23.51 23.33
N PRO E 459 -3.70 -22.72 24.39
CA PRO E 459 -4.08 -21.31 24.17
C PRO E 459 -2.98 -20.52 23.50
N GLY E 460 -3.38 -19.53 22.71
CA GLY E 460 -2.44 -18.84 21.85
C GLY E 460 -1.44 -18.03 22.65
N GLN E 461 -0.18 -18.11 22.23
CA GLN E 461 0.86 -17.28 22.82
C GLN E 461 0.63 -15.81 22.45
N LEU E 462 0.95 -14.92 23.38
CA LEU E 462 0.68 -13.49 23.26
C LEU E 462 2.02 -12.76 23.17
N PHE E 463 2.20 -12.01 22.09
CA PHE E 463 3.46 -11.34 21.77
C PHE E 463 3.25 -9.83 21.77
N VAL E 464 4.22 -9.11 22.33
CA VAL E 464 4.16 -7.66 22.49
C VAL E 464 5.49 -7.06 22.04
N LYS E 465 5.44 -5.79 21.66
CA LYS E 465 6.59 -5.08 21.14
C LYS E 465 6.24 -3.61 21.06
N VAL E 466 7.17 -2.76 21.49
CA VAL E 466 7.02 -1.33 21.31
C VAL E 466 7.37 -0.98 19.88
N ALA E 467 6.48 -0.26 19.21
CA ALA E 467 6.65 -0.01 17.79
C ALA E 467 7.83 0.93 17.56
N PRO E 468 8.45 0.91 16.36
CA PRO E 468 9.62 1.77 16.15
C PRO E 468 9.28 3.25 16.22
N ASN E 469 9.84 3.93 17.23
CA ASN E 469 9.62 5.35 17.45
C ASN E 469 10.80 6.12 16.85
N LEU E 470 10.69 6.39 15.57
CA LEU E 470 11.83 6.88 14.81
C LEU E 470 12.13 8.34 15.09
N THR E 471 13.36 8.74 14.77
CA THR E 471 13.80 10.12 14.80
C THR E 471 13.74 10.72 13.39
N ASN E 472 14.18 11.96 13.27
CA ASN E 472 14.06 12.67 11.99
C ASN E 472 15.11 12.23 10.98
N GLU E 473 16.33 11.92 11.43
CA GLU E 473 17.36 11.37 10.55
C GLU E 473 17.22 9.85 10.52
N TYR E 474 16.43 9.40 9.56
CA TYR E 474 16.31 8.00 9.20
C TYR E 474 16.41 7.86 7.70
N ASP E 475 17.44 7.17 7.23
CA ASP E 475 17.53 6.68 5.85
C ASP E 475 17.83 5.17 5.92
N PRO E 476 17.14 4.33 5.14
CA PRO E 476 17.52 2.92 5.11
C PRO E 476 18.74 2.62 4.26
N ASP E 477 19.18 3.55 3.42
CA ASP E 477 20.36 3.31 2.61
C ASP E 477 21.63 3.17 3.44
N ALA E 478 21.65 3.73 4.65
CA ALA E 478 22.71 3.46 5.61
C ALA E 478 22.41 2.17 6.34
N SER E 479 23.42 1.31 6.47
CA SER E 479 23.24 -0.01 7.09
C SER E 479 23.32 0.02 8.60
N ALA E 480 23.61 1.16 9.22
CA ALA E 480 23.71 1.22 10.67
C ALA E 480 22.34 1.00 11.31
N ASN E 481 22.36 0.72 12.60
CA ASN E 481 21.11 0.61 13.35
C ASN E 481 20.39 1.95 13.36
N MET E 482 19.09 1.91 13.11
CA MET E 482 18.31 3.13 12.98
C MET E 482 18.17 3.84 14.32
N SER E 483 18.26 5.16 14.28
CA SER E 483 18.12 5.97 15.48
C SER E 483 16.67 5.95 15.95
N ARG E 484 16.48 5.96 17.26
CA ARG E 484 15.18 5.77 17.91
C ARG E 484 15.08 6.58 19.18
N ILE E 485 13.89 7.10 19.43
CA ILE E 485 13.56 7.73 20.70
C ILE E 485 13.42 6.59 21.72
N VAL E 486 14.16 6.69 22.82
CA VAL E 486 14.06 5.68 23.87
C VAL E 486 12.66 5.70 24.45
N THR E 487 11.98 4.57 24.34
CA THR E 487 10.55 4.45 24.62
C THR E 487 10.31 3.18 25.40
N TYR E 488 9.51 3.28 26.45
CA TYR E 488 9.19 2.15 27.30
C TYR E 488 7.71 2.21 27.64
N SER E 489 7.14 1.02 27.85
CA SER E 489 5.70 0.84 27.98
C SER E 489 5.36 0.15 29.29
N ASP E 490 4.26 0.58 29.90
CA ASP E 490 3.64 -0.09 31.04
C ASP E 490 2.21 -0.41 30.68
N PHE E 491 1.85 -1.69 30.77
CA PHE E 491 0.51 -2.14 30.42
C PHE E 491 0.07 -3.21 31.41
N TRP E 492 -1.19 -3.15 31.82
CA TRP E 492 -1.75 -4.06 32.79
C TRP E 492 -2.30 -5.29 32.07
N TRP E 493 -1.80 -6.45 32.45
CA TRP E 493 -2.28 -7.73 31.96
C TRP E 493 -3.25 -8.29 32.98
N LYS E 494 -4.34 -8.90 32.51
CA LYS E 494 -5.30 -9.61 33.35
C LYS E 494 -5.65 -10.93 32.68
N GLY E 495 -5.81 -11.97 33.49
CA GLY E 495 -6.20 -13.27 32.99
C GLY E 495 -7.11 -13.97 33.97
N LYS E 496 -8.02 -14.77 33.42
CA LYS E 496 -8.96 -15.57 34.19
C LYS E 496 -8.78 -17.02 33.77
N LEU E 497 -8.42 -17.87 34.74
CA LEU E 497 -8.25 -19.31 34.55
C LEU E 497 -9.27 -20.04 35.40
N VAL E 498 -9.87 -21.08 34.83
CA VAL E 498 -11.04 -21.74 35.40
C VAL E 498 -10.79 -23.24 35.46
N PHE E 499 -11.07 -23.83 36.63
CA PHE E 499 -10.95 -25.25 36.88
C PHE E 499 -12.26 -25.77 37.43
N LYS E 500 -12.50 -27.07 37.24
CA LYS E 500 -13.59 -27.80 37.89
C LYS E 500 -12.97 -28.94 38.68
N ALA E 501 -13.42 -29.14 39.92
CA ALA E 501 -12.78 -30.04 40.85
C ALA E 501 -13.80 -30.88 41.62
N LYS E 502 -13.32 -32.05 42.05
CA LYS E 502 -14.06 -32.98 42.90
C LYS E 502 -13.55 -32.88 44.33
N LEU E 503 -14.44 -32.56 45.26
CA LEU E 503 -14.09 -32.62 46.67
C LEU E 503 -13.79 -34.05 47.09
N ARG E 504 -12.88 -34.19 48.04
CA ARG E 504 -12.51 -35.51 48.54
C ARG E 504 -13.62 -36.05 49.44
N ALA E 505 -13.38 -37.27 49.96
CA ALA E 505 -14.30 -37.91 50.88
C ALA E 505 -13.49 -38.80 51.81
N SER E 506 -14.05 -39.03 53.01
CA SER E 506 -13.39 -39.84 54.04
C SER E 506 -13.73 -41.31 53.83
N HIS E 507 -12.93 -41.96 52.97
CA HIS E 507 -13.10 -43.36 52.65
C HIS E 507 -12.35 -44.30 53.60
N THR E 508 -11.66 -43.77 54.62
CA THR E 508 -10.86 -44.59 55.52
C THR E 508 -10.97 -44.06 56.94
N TRP E 509 -10.70 -44.94 57.90
CA TRP E 509 -10.80 -44.58 59.31
C TRP E 509 -9.75 -43.54 59.70
N ASN E 510 -8.53 -43.70 59.21
CA ASN E 510 -7.43 -42.87 59.67
C ASN E 510 -7.53 -41.47 59.07
N PRO E 511 -6.85 -40.48 59.65
CA PRO E 511 -6.70 -39.19 58.97
C PRO E 511 -5.62 -39.26 57.91
N ILE E 512 -5.56 -38.20 57.09
CA ILE E 512 -4.64 -38.11 55.96
C ILE E 512 -3.66 -36.97 56.21
N GLN E 513 -2.56 -36.99 55.46
CA GLN E 513 -1.60 -35.90 55.53
C GLN E 513 -2.16 -34.68 54.83
N GLN E 514 -1.96 -33.51 55.44
CA GLN E 514 -2.50 -32.25 54.95
C GLN E 514 -1.45 -31.16 55.06
N MET E 515 -1.48 -30.24 54.10
CA MET E 515 -0.65 -29.04 54.19
C MET E 515 -1.14 -28.19 55.36
N SER E 516 -0.19 -27.64 56.12
CA SER E 516 -0.55 -26.77 57.24
C SER E 516 0.66 -25.97 57.67
N ILE E 517 0.39 -24.78 58.17
CA ILE E 517 1.42 -23.95 58.79
C ILE E 517 1.79 -24.56 60.14
N ASN E 518 3.06 -24.44 60.51
CA ASN E 518 3.54 -24.92 61.80
C ASN E 518 4.69 -24.03 62.24
N VAL E 519 5.42 -24.47 63.28
CA VAL E 519 6.48 -23.65 63.85
C VAL E 519 7.62 -23.47 62.87
N ASP E 520 7.93 -24.49 62.07
CA ASP E 520 9.09 -24.43 61.19
C ASP E 520 8.92 -23.39 60.09
N ASN E 521 7.75 -23.34 59.44
CA ASN E 521 7.45 -22.37 58.39
C ASN E 521 6.64 -21.20 58.95
N GLN E 522 6.84 -20.85 60.22
CA GLN E 522 6.04 -19.82 60.87
C GLN E 522 6.29 -18.46 60.24
N PHE E 523 7.55 -18.08 60.10
CA PHE E 523 7.96 -16.82 59.50
C PHE E 523 8.21 -16.94 58.00
N ASN E 524 7.54 -17.89 57.34
CA ASN E 524 7.81 -18.24 55.95
C ASN E 524 6.74 -17.69 55.00
N TYR E 525 5.47 -17.80 55.39
CA TYR E 525 4.35 -17.38 54.56
C TYR E 525 3.95 -15.91 54.80
N VAL E 526 4.81 -15.13 55.44
CA VAL E 526 4.52 -13.73 55.80
C VAL E 526 5.73 -12.88 55.49
N PRO E 527 5.54 -11.58 55.26
CA PRO E 527 6.68 -10.75 54.84
C PRO E 527 7.60 -10.41 56.00
N SER E 528 8.76 -9.87 55.65
CA SER E 528 9.77 -9.43 56.60
C SER E 528 9.63 -7.93 56.83
N ASN E 529 10.46 -7.40 57.75
CA ASN E 529 10.39 -5.98 58.07
C ASN E 529 10.84 -5.12 56.91
N ILE E 530 11.81 -5.59 56.12
CA ILE E 530 12.29 -4.86 54.95
C ILE E 530 11.47 -5.20 53.71
N GLY E 531 10.34 -5.88 53.88
CA GLY E 531 9.43 -6.10 52.77
C GLY E 531 9.70 -7.33 51.93
N GLY E 532 10.61 -8.19 52.35
CA GLY E 532 10.89 -9.38 51.57
C GLY E 532 9.73 -10.37 51.61
N MET E 533 9.70 -11.27 50.64
CA MET E 533 8.68 -12.29 50.55
C MET E 533 9.24 -13.47 49.78
N LYS E 534 8.74 -14.66 50.10
CA LYS E 534 9.19 -15.90 49.47
C LYS E 534 8.01 -16.84 49.33
N ILE E 535 8.10 -17.71 48.32
CA ILE E 535 7.10 -18.75 48.08
C ILE E 535 7.89 -20.06 47.97
N VAL E 536 7.88 -20.85 49.04
CA VAL E 536 8.51 -22.17 48.99
C VAL E 536 7.57 -23.15 48.28
N TYR E 537 8.14 -24.24 47.80
CA TYR E 537 7.38 -25.26 47.12
C TYR E 537 6.43 -25.96 48.09
N GLU E 538 5.43 -26.62 47.52
CA GLU E 538 4.46 -27.39 48.28
C GLU E 538 3.97 -28.57 47.44
N LYS E 539 3.48 -29.59 48.13
CA LYS E 539 3.09 -30.82 47.47
C LYS E 539 1.69 -30.68 46.86
N SER E 540 1.33 -31.66 46.02
CA SER E 540 0.04 -31.65 45.32
C SER E 540 -0.62 -33.01 45.21
N GLN E 541 -0.07 -34.08 45.80
CA GLN E 541 -0.61 -35.43 45.75
C GLN E 541 -0.60 -36.05 47.14
N LEU E 542 -1.13 -35.31 48.11
CA LEU E 542 -0.97 -35.64 49.52
C LEU E 542 -1.73 -36.91 49.89
N ALA E 543 -3.00 -37.01 49.51
CA ALA E 543 -3.83 -38.09 50.02
C ALA E 543 -3.51 -39.42 49.32
N PRO E 544 -3.59 -40.56 50.00
CA PRO E 544 -3.47 -41.85 49.32
C PRO E 544 -4.64 -42.14 48.38
N ARG E 545 -4.37 -43.05 47.44
CA ARG E 545 -5.38 -43.63 46.57
C ARG E 545 -5.01 -45.07 46.28
N LYS E 546 -6.02 -45.91 46.12
CA LYS E 546 -5.78 -47.31 45.77
C LYS E 546 -5.36 -47.43 44.31
N LEU E 547 -4.38 -48.30 44.05
CA LEU E 547 -3.95 -48.53 42.68
C LEU E 547 -4.98 -49.36 41.90
N TYR E 548 -5.44 -50.44 42.51
CA TYR E 548 -6.48 -51.27 41.90
C TYR E 548 -7.13 -52.16 42.95
N GLY F 1 -21.77 -61.63 -26.53
CA GLY F 1 -20.97 -61.91 -27.76
C GLY F 1 -19.49 -62.01 -27.50
N VAL F 2 -18.83 -62.95 -28.18
CA VAL F 2 -17.40 -63.16 -27.99
C VAL F 2 -16.61 -62.00 -28.57
N GLY F 3 -17.02 -61.50 -29.74
CA GLY F 3 -16.21 -60.53 -30.46
C GLY F 3 -16.12 -59.19 -29.76
N ILE F 4 -17.24 -58.73 -29.17
CA ILE F 4 -17.31 -57.35 -28.68
C ILE F 4 -16.42 -57.19 -27.45
N SER F 5 -15.70 -56.08 -27.41
CA SER F 5 -14.78 -55.80 -26.30
C SER F 5 -15.55 -55.52 -25.02
N THR F 6 -14.79 -55.35 -23.93
CA THR F 6 -15.34 -55.37 -22.57
C THR F 6 -14.77 -54.31 -21.64
N GLY F 7 -14.06 -53.31 -22.14
CA GLY F 7 -13.58 -52.26 -21.26
C GLY F 7 -12.71 -51.24 -21.99
N THR F 8 -12.14 -50.35 -21.19
CA THR F 8 -11.32 -49.23 -21.67
C THR F 8 -10.00 -49.17 -20.90
N PHE F 9 -8.91 -49.06 -21.65
CA PHE F 9 -7.57 -48.97 -21.09
C PHE F 9 -7.34 -47.52 -20.66
N ASN F 10 -7.23 -47.30 -19.35
CA ASN F 10 -7.03 -45.97 -18.78
C ASN F 10 -5.88 -46.03 -17.80
N ASN F 11 -5.14 -44.93 -17.69
CA ASN F 11 -4.02 -44.83 -16.76
C ASN F 11 -3.85 -43.40 -16.26
N GLN F 12 -4.91 -42.62 -16.22
CA GLN F 12 -4.84 -41.19 -15.94
C GLN F 12 -5.03 -40.93 -14.45
N THR F 13 -4.04 -40.32 -13.82
CA THR F 13 -4.28 -39.68 -12.53
C THR F 13 -5.01 -38.37 -12.77
N GLU F 14 -6.18 -38.22 -12.15
CA GLU F 14 -7.07 -37.10 -12.39
C GLU F 14 -7.28 -36.35 -11.09
N PHE F 15 -7.05 -35.05 -11.12
CA PHE F 15 -7.13 -34.19 -9.94
C PHE F 15 -8.45 -33.44 -9.98
N LYS F 16 -9.27 -33.65 -8.95
CA LYS F 16 -10.50 -32.91 -8.73
C LYS F 16 -10.39 -32.21 -7.40
N PHE F 17 -10.51 -30.89 -7.42
CA PHE F 17 -10.37 -30.06 -6.23
C PHE F 17 -11.73 -29.83 -5.60
N LEU F 18 -11.72 -29.59 -4.29
CA LEU F 18 -12.94 -29.47 -3.50
C LEU F 18 -12.79 -28.28 -2.57
N GLU F 19 -13.84 -28.01 -1.81
CA GLU F 19 -13.83 -26.88 -0.90
C GLU F 19 -12.85 -27.15 0.24
N ASN F 20 -12.40 -26.06 0.87
CA ASN F 20 -11.44 -26.11 1.97
C ASN F 20 -10.10 -26.72 1.57
N GLY F 21 -9.73 -26.63 0.30
CA GLY F 21 -8.37 -26.95 -0.09
C GLY F 21 -8.01 -28.40 -0.17
N TRP F 22 -8.99 -29.29 -0.22
CA TRP F 22 -8.73 -30.71 -0.44
C TRP F 22 -8.67 -31.01 -1.93
N VAL F 23 -7.97 -32.10 -2.27
CA VAL F 23 -7.88 -32.60 -3.64
C VAL F 23 -8.17 -34.09 -3.62
N GLU F 24 -9.13 -34.52 -4.44
CA GLU F 24 -9.42 -35.93 -4.64
C GLU F 24 -8.60 -36.43 -5.83
N ILE F 25 -7.61 -37.27 -5.55
CA ILE F 25 -6.73 -37.83 -6.57
C ILE F 25 -7.25 -39.20 -6.94
N THR F 26 -7.69 -39.35 -8.19
CA THR F 26 -8.21 -40.61 -8.71
C THR F 26 -7.14 -41.22 -9.59
N ALA F 27 -6.44 -42.23 -9.07
CA ALA F 27 -5.33 -42.87 -9.77
C ALA F 27 -5.85 -44.08 -10.53
N ASN F 28 -6.20 -43.88 -11.79
CA ASN F 28 -6.50 -44.99 -12.68
C ASN F 28 -5.19 -45.62 -13.14
N SER F 29 -5.12 -46.95 -13.05
CA SER F 29 -3.96 -47.70 -13.53
C SER F 29 -4.45 -49.02 -14.08
N SER F 30 -3.69 -49.57 -15.02
CA SER F 30 -4.15 -50.69 -15.82
C SER F 30 -3.02 -51.22 -16.70
N ARG F 31 -2.99 -52.54 -16.85
CA ARG F 31 -1.89 -53.26 -17.48
C ARG F 31 -2.41 -54.46 -18.26
N LEU F 32 -1.59 -54.94 -19.20
CA LEU F 32 -1.67 -56.31 -19.67
C LEU F 32 -0.94 -57.28 -18.75
N VAL F 33 -1.66 -58.30 -18.30
CA VAL F 33 -1.15 -59.36 -17.44
C VAL F 33 -1.10 -60.65 -18.24
N HIS F 34 0.05 -61.33 -18.19
CA HIS F 34 0.32 -62.55 -18.93
C HIS F 34 0.47 -63.69 -17.94
N LEU F 35 -0.01 -64.88 -18.31
CA LEU F 35 -0.03 -66.00 -17.36
C LEU F 35 0.04 -67.31 -18.13
N ASN F 36 1.12 -68.06 -17.94
CA ASN F 36 1.21 -69.42 -18.44
C ASN F 36 0.55 -70.37 -17.44
N MET F 37 0.13 -71.54 -17.94
CA MET F 37 -0.58 -72.48 -17.08
C MET F 37 0.39 -73.04 -16.04
N PRO F 38 -0.11 -73.54 -14.90
CA PRO F 38 0.81 -73.99 -13.84
C PRO F 38 1.60 -75.23 -14.26
N GLU F 39 2.70 -75.45 -13.53
CA GLU F 39 3.49 -76.66 -13.76
C GLU F 39 2.67 -77.91 -13.44
N SER F 40 1.91 -77.87 -12.36
CA SER F 40 0.98 -78.93 -12.00
C SER F 40 -0.25 -78.30 -11.36
N GLU F 41 -1.38 -78.98 -11.49
CA GLU F 41 -2.67 -78.47 -11.06
C GLU F 41 -3.01 -78.84 -9.62
N ASN F 42 -2.00 -79.07 -8.77
CA ASN F 42 -2.20 -79.53 -7.40
C ASN F 42 -1.30 -78.76 -6.44
N TYR F 43 -1.73 -78.67 -5.20
CA TYR F 43 -0.91 -78.06 -4.16
C TYR F 43 0.30 -78.93 -3.88
N ARG F 44 1.28 -78.37 -3.18
CA ARG F 44 2.47 -79.13 -2.81
C ARG F 44 3.13 -78.46 -1.62
N ARG F 45 3.11 -79.13 -0.47
CA ARG F 45 3.89 -78.69 0.67
C ARG F 45 5.37 -78.98 0.44
N VAL F 46 6.21 -78.00 0.71
CA VAL F 46 7.65 -78.07 0.43
C VAL F 46 8.40 -77.51 1.62
N VAL F 47 9.55 -78.12 1.91
CA VAL F 47 10.48 -77.65 2.94
C VAL F 47 11.80 -77.32 2.25
N VAL F 48 12.22 -76.06 2.39
CA VAL F 48 13.44 -75.56 1.78
C VAL F 48 14.53 -75.58 2.85
N ASN F 49 15.77 -75.86 2.42
CA ASN F 49 16.87 -76.07 3.34
C ASN F 49 18.19 -75.67 2.68
N ASN F 50 19.02 -74.98 3.44
CA ASN F 50 20.39 -74.64 3.05
C ASN F 50 21.33 -75.01 4.20
N MET F 51 21.17 -76.24 4.70
CA MET F 51 21.94 -76.74 5.84
C MET F 51 23.44 -76.68 5.56
N ASP F 52 23.83 -76.95 4.32
CA ASP F 52 25.25 -76.87 3.96
C ASP F 52 25.78 -75.45 4.11
N LYS F 53 24.96 -74.46 3.78
CA LYS F 53 25.42 -73.07 3.87
C LYS F 53 25.55 -72.61 5.32
N THR F 54 24.55 -72.90 6.15
CA THR F 54 24.59 -72.46 7.55
C THR F 54 25.33 -73.44 8.46
N ALA F 55 25.85 -74.56 7.94
CA ALA F 55 26.60 -75.48 8.76
C ALA F 55 27.89 -74.84 9.28
N VAL F 56 28.54 -74.00 8.46
CA VAL F 56 29.78 -73.37 8.89
C VAL F 56 29.48 -72.42 10.04
N ASN F 57 30.20 -72.59 11.15
CA ASN F 57 29.99 -71.74 12.32
C ASN F 57 30.33 -70.30 11.98
N GLY F 58 29.40 -69.40 12.29
CA GLY F 58 29.48 -67.98 11.98
C GLY F 58 28.37 -67.49 11.07
N ASN F 59 27.84 -68.36 10.22
CA ASN F 59 26.79 -67.99 9.27
C ASN F 59 25.40 -68.13 9.89
N MET F 60 25.17 -67.36 10.94
CA MET F 60 23.84 -67.30 11.54
C MET F 60 22.85 -66.67 10.59
N ALA F 61 23.20 -65.49 10.04
CA ALA F 61 22.24 -64.69 9.29
C ALA F 61 21.79 -65.34 7.98
N LEU F 62 22.55 -66.30 7.45
CA LEU F 62 22.20 -66.95 6.20
C LEU F 62 21.19 -68.09 6.38
N ASP F 63 20.59 -68.25 7.57
CA ASP F 63 19.60 -69.28 7.80
C ASP F 63 18.35 -69.01 6.97
N ASP F 64 18.10 -69.86 5.96
CA ASP F 64 16.96 -69.74 5.06
C ASP F 64 16.02 -70.94 5.13
N ILE F 65 15.95 -71.63 6.27
CA ILE F 65 15.04 -72.76 6.38
C ILE F 65 13.63 -72.21 6.53
N HIS F 66 12.70 -72.76 5.75
CA HIS F 66 11.29 -72.50 5.95
C HIS F 66 10.50 -73.57 5.22
N ALA F 67 9.18 -73.50 5.39
CA ALA F 67 8.25 -74.44 4.79
C ALA F 67 7.08 -73.66 4.20
N GLN F 68 6.64 -74.08 3.03
CA GLN F 68 5.63 -73.35 2.27
C GLN F 68 4.84 -74.33 1.42
N ILE F 69 3.65 -73.89 1.00
CA ILE F 69 2.73 -74.68 0.21
C ILE F 69 2.66 -74.05 -1.17
N VAL F 70 3.34 -74.66 -2.14
CA VAL F 70 3.25 -74.22 -3.51
C VAL F 70 1.83 -74.50 -4.00
N THR F 71 1.24 -73.51 -4.66
CA THR F 71 -0.18 -73.43 -4.96
C THR F 71 -0.37 -73.13 -6.44
N PRO F 72 -1.31 -73.78 -7.15
CA PRO F 72 -1.48 -73.45 -8.57
C PRO F 72 -1.91 -72.03 -8.84
N TRP F 73 -2.66 -71.41 -7.93
CA TRP F 73 -3.13 -70.05 -8.13
C TRP F 73 -1.96 -69.07 -8.21
N SER F 74 -2.14 -68.04 -9.03
CA SER F 74 -1.21 -66.94 -9.16
C SER F 74 -1.84 -65.67 -8.62
N LEU F 75 -1.00 -64.77 -8.14
CA LEU F 75 -1.42 -63.61 -7.35
C LEU F 75 -1.23 -62.34 -8.17
N VAL F 76 -2.32 -61.59 -8.36
CA VAL F 76 -2.30 -60.27 -8.98
C VAL F 76 -2.33 -59.27 -7.83
N ASP F 77 -1.23 -58.56 -7.62
CA ASP F 77 -1.04 -57.64 -6.50
C ASP F 77 -0.60 -56.28 -7.03
N ALA F 78 -1.46 -55.27 -6.83
CA ALA F 78 -1.19 -53.89 -7.22
C ALA F 78 -0.82 -53.01 -6.04
N ASN F 79 -0.50 -53.59 -4.88
CA ASN F 79 -0.25 -52.81 -3.67
C ASN F 79 1.19 -52.31 -3.62
N ALA F 80 1.48 -51.35 -4.51
CA ALA F 80 2.78 -50.69 -4.54
C ALA F 80 2.62 -49.32 -5.19
N TRP F 81 3.43 -48.37 -4.74
CA TRP F 81 3.27 -46.98 -5.17
C TRP F 81 3.50 -46.82 -6.67
N GLY F 82 4.50 -47.50 -7.21
CA GLY F 82 4.82 -47.37 -8.62
C GLY F 82 3.73 -47.85 -9.56
N VAL F 83 2.82 -48.70 -9.08
CA VAL F 83 1.75 -49.19 -9.93
C VAL F 83 0.81 -48.08 -10.35
N TRP F 84 0.65 -47.03 -9.53
CA TRP F 84 -0.42 -46.06 -9.67
C TRP F 84 0.05 -44.69 -10.14
N PHE F 85 1.27 -44.28 -9.81
CA PHE F 85 1.77 -42.93 -10.05
C PHE F 85 3.03 -42.94 -10.89
N ASN F 86 3.07 -42.07 -11.89
CA ASN F 86 4.28 -41.81 -12.67
C ASN F 86 5.13 -40.82 -11.89
N PRO F 87 6.39 -40.59 -12.30
CA PRO F 87 7.24 -39.64 -11.56
C PRO F 87 6.70 -38.21 -11.49
N GLY F 88 6.17 -37.67 -12.59
CA GLY F 88 5.65 -36.32 -12.55
C GLY F 88 4.42 -36.19 -11.67
N ASP F 89 3.54 -37.19 -11.73
CA ASP F 89 2.40 -37.24 -10.83
C ASP F 89 2.86 -37.28 -9.38
N TRP F 90 3.88 -38.08 -9.09
CA TRP F 90 4.41 -38.18 -7.75
C TRP F 90 4.99 -36.84 -7.29
N GLN F 91 5.62 -36.11 -8.21
CA GLN F 91 6.09 -34.76 -7.89
C GLN F 91 4.91 -33.88 -7.50
N LEU F 92 3.83 -33.95 -8.26
CA LEU F 92 2.70 -33.07 -7.99
C LEU F 92 2.03 -33.40 -6.66
N ILE F 93 2.06 -34.67 -6.25
CA ILE F 93 1.58 -35.01 -4.91
C ILE F 93 2.54 -34.50 -3.83
N VAL F 94 3.82 -34.88 -3.93
CA VAL F 94 4.71 -34.65 -2.79
C VAL F 94 5.04 -33.18 -2.60
N ASN F 95 5.27 -32.42 -3.68
CA ASN F 95 5.66 -31.04 -3.53
C ASN F 95 4.52 -30.17 -3.01
N THR F 96 3.30 -30.43 -3.46
CA THR F 96 2.16 -29.55 -3.22
C THR F 96 1.27 -29.99 -2.07
N MET F 97 0.88 -31.26 -2.00
CA MET F 97 0.06 -31.73 -0.91
C MET F 97 0.87 -31.80 0.37
N SER F 98 0.16 -31.88 1.51
CA SER F 98 0.75 -31.92 2.85
C SER F 98 0.39 -33.19 3.61
N GLU F 99 -0.87 -33.62 3.58
CA GLU F 99 -1.31 -34.87 4.19
C GLU F 99 -2.12 -35.64 3.16
N LEU F 100 -2.14 -36.96 3.29
CA LEU F 100 -2.71 -37.86 2.30
C LEU F 100 -3.56 -38.93 2.99
N HIS F 101 -4.69 -39.26 2.36
CA HIS F 101 -5.61 -40.30 2.82
C HIS F 101 -5.79 -41.35 1.72
N LEU F 102 -6.16 -42.56 2.14
CA LEU F 102 -6.72 -43.55 1.23
C LEU F 102 -8.23 -43.57 1.37
N VAL F 103 -8.92 -43.62 0.22
CA VAL F 103 -10.37 -43.43 0.16
C VAL F 103 -11.06 -44.68 -0.34
N SER F 104 -10.71 -45.13 -1.55
CA SER F 104 -11.43 -46.23 -2.18
C SER F 104 -10.54 -46.95 -3.17
N PHE F 105 -10.99 -48.12 -3.61
CA PHE F 105 -10.14 -49.04 -4.36
C PHE F 105 -11.09 -50.02 -5.04
N GLU F 106 -10.87 -50.25 -6.34
CA GLU F 106 -11.50 -51.40 -7.00
C GLU F 106 -10.56 -51.96 -8.06
N GLN F 107 -10.86 -53.17 -8.51
CA GLN F 107 -10.15 -53.84 -9.59
C GLN F 107 -11.17 -54.49 -10.51
N GLU F 108 -10.89 -54.47 -11.81
CA GLU F 108 -11.61 -55.29 -12.77
C GLU F 108 -10.61 -55.95 -13.71
N ILE F 109 -11.02 -57.07 -14.28
CA ILE F 109 -10.28 -57.78 -15.33
C ILE F 109 -11.22 -57.89 -16.52
N PHE F 110 -10.69 -57.65 -17.72
CA PHE F 110 -11.50 -57.59 -18.92
C PHE F 110 -10.65 -57.95 -20.12
N ASN F 111 -11.33 -58.22 -21.24
CA ASN F 111 -10.72 -58.63 -22.50
C ASN F 111 -9.81 -59.84 -22.29
N VAL F 112 -10.39 -60.90 -21.74
CA VAL F 112 -9.64 -62.12 -21.44
C VAL F 112 -9.34 -62.84 -22.73
N VAL F 113 -8.07 -63.20 -22.93
CA VAL F 113 -7.60 -63.93 -24.09
C VAL F 113 -6.91 -65.20 -23.60
N LEU F 114 -7.25 -66.32 -24.24
CA LEU F 114 -6.68 -67.63 -23.92
C LEU F 114 -6.13 -68.23 -25.21
N LYS F 115 -4.87 -68.68 -25.15
CA LYS F 115 -4.12 -69.13 -26.32
C LYS F 115 -3.61 -70.53 -26.09
N THR F 116 -3.46 -71.28 -27.19
CA THR F 116 -2.96 -72.65 -27.18
C THR F 116 -1.88 -72.80 -28.24
N VAL F 117 -0.85 -73.58 -27.91
CA VAL F 117 0.35 -73.73 -28.73
C VAL F 117 0.37 -75.12 -29.33
N SER F 118 0.76 -75.20 -30.60
CA SER F 118 0.96 -76.47 -31.30
C SER F 118 2.30 -76.43 -32.03
N GLU F 119 2.95 -77.58 -32.11
CA GLU F 119 4.25 -77.68 -32.77
C GLU F 119 4.12 -77.47 -34.27
N THR F 126 8.81 -75.66 -36.20
CA THR F 126 8.01 -74.45 -36.05
C THR F 126 6.94 -74.65 -34.97
N LYS F 127 6.31 -73.54 -34.57
CA LYS F 127 5.22 -73.53 -33.61
C LYS F 127 4.08 -72.68 -34.14
N VAL F 128 2.85 -73.08 -33.81
CA VAL F 128 1.63 -72.43 -34.29
C VAL F 128 0.74 -72.18 -33.10
N TYR F 129 0.11 -71.00 -33.08
CA TYR F 129 -0.70 -70.53 -31.95
C TYR F 129 -2.14 -70.43 -32.39
N ASN F 130 -3.05 -70.94 -31.56
CA ASN F 130 -4.47 -71.01 -31.86
C ASN F 130 -5.28 -70.56 -30.65
N ASN F 131 -6.37 -69.86 -30.91
CA ASN F 131 -7.27 -69.46 -29.84
C ASN F 131 -8.02 -70.67 -29.30
N ASP F 132 -8.61 -70.50 -28.11
CA ASP F 132 -9.35 -71.56 -27.44
C ASP F 132 -10.50 -70.91 -26.66
N LEU F 133 -11.69 -70.90 -27.26
CA LEU F 133 -12.89 -70.40 -26.60
C LEU F 133 -13.56 -71.45 -25.72
N THR F 134 -13.18 -72.72 -25.83
CA THR F 134 -13.80 -73.77 -25.01
C THR F 134 -13.31 -73.72 -23.57
N ALA F 135 -12.00 -73.55 -23.36
CA ALA F 135 -11.44 -73.40 -22.04
C ALA F 135 -11.69 -71.99 -21.52
N SER F 136 -11.48 -71.81 -20.21
CA SER F 136 -11.83 -70.58 -19.53
C SER F 136 -10.78 -70.25 -18.48
N LEU F 137 -10.69 -68.95 -18.17
CA LEU F 137 -9.81 -68.47 -17.11
C LEU F 137 -10.56 -68.49 -15.78
N MET F 138 -9.87 -68.94 -14.73
CA MET F 138 -10.42 -69.03 -13.39
C MET F 138 -9.90 -67.87 -12.56
N VAL F 139 -10.82 -67.18 -11.87
CA VAL F 139 -10.51 -66.01 -11.07
C VAL F 139 -11.26 -66.12 -9.76
N ALA F 140 -10.60 -65.72 -8.66
CA ALA F 140 -11.19 -65.79 -7.33
C ALA F 140 -10.70 -64.62 -6.50
N LEU F 141 -11.65 -63.92 -5.86
CA LEU F 141 -11.37 -62.76 -5.02
C LEU F 141 -11.70 -63.14 -3.58
N ASP F 142 -10.70 -63.11 -2.71
CA ASP F 142 -10.92 -63.38 -1.29
C ASP F 142 -11.54 -62.10 -0.73
N SER F 143 -12.88 -62.07 -0.77
CA SER F 143 -13.61 -60.89 -0.32
C SER F 143 -13.64 -60.80 1.21
N ASN F 144 -13.55 -61.93 1.90
CA ASN F 144 -13.73 -62.00 3.34
C ASN F 144 -12.43 -62.10 4.13
N ASN F 145 -11.27 -61.96 3.47
CA ASN F 145 -9.96 -62.00 4.13
C ASN F 145 -9.75 -63.32 4.87
N THR F 146 -10.09 -64.43 4.21
CA THR F 146 -9.86 -65.75 4.78
C THR F 146 -8.42 -66.22 4.60
N MET F 147 -7.84 -65.97 3.43
CA MET F 147 -6.51 -66.48 3.15
C MET F 147 -5.47 -65.63 3.89
N PRO F 148 -4.26 -66.14 4.08
CA PRO F 148 -3.21 -65.29 4.67
C PRO F 148 -2.85 -64.14 3.73
N PHE F 149 -2.54 -62.99 4.33
CA PHE F 149 -2.18 -61.80 3.56
C PHE F 149 -0.71 -61.89 3.16
N THR F 150 -0.44 -61.84 1.85
CA THR F 150 0.89 -62.05 1.29
C THR F 150 1.21 -60.87 0.38
N PRO F 151 1.66 -59.74 0.93
CA PRO F 151 1.94 -58.58 0.08
C PRO F 151 3.20 -58.82 -0.76
N ALA F 152 3.03 -58.75 -2.08
CA ALA F 152 4.12 -59.04 -2.99
C ALA F 152 5.18 -57.94 -3.04
N ALA F 153 4.93 -56.78 -2.43
CA ALA F 153 5.91 -55.71 -2.46
C ALA F 153 7.16 -56.09 -1.69
N MET F 154 7.01 -56.82 -0.59
CA MET F 154 8.16 -57.21 0.23
C MET F 154 9.10 -58.16 -0.49
N ARG F 155 8.62 -58.88 -1.51
CA ARG F 155 9.45 -59.71 -2.37
C ARG F 155 9.72 -59.08 -3.73
N SER F 156 9.30 -57.82 -3.95
CA SER F 156 9.42 -57.13 -5.24
C SER F 156 8.84 -57.97 -6.38
N GLU F 157 7.58 -58.40 -6.21
CA GLU F 157 6.85 -59.16 -7.22
C GLU F 157 5.47 -58.58 -7.47
N THR F 158 5.29 -57.28 -7.26
CA THR F 158 4.03 -56.63 -7.58
C THR F 158 3.90 -56.45 -9.09
N LEU F 159 2.82 -55.79 -9.50
CA LEU F 159 2.55 -55.59 -10.91
C LEU F 159 3.59 -54.66 -11.52
N GLY F 160 3.76 -54.76 -12.84
CA GLY F 160 4.75 -53.92 -13.50
C GLY F 160 4.39 -52.45 -13.44
N PHE F 161 5.41 -51.61 -13.27
CA PHE F 161 5.18 -50.18 -13.10
C PHE F 161 4.97 -49.46 -14.43
N TYR F 162 5.53 -49.98 -15.51
CA TYR F 162 5.41 -49.33 -16.81
C TYR F 162 4.06 -49.68 -17.45
N PRO F 163 3.21 -48.71 -17.83
CA PRO F 163 1.95 -49.09 -18.51
C PRO F 163 2.14 -49.79 -19.84
N TRP F 164 3.18 -49.45 -20.60
CA TRP F 164 3.28 -49.91 -21.97
C TRP F 164 3.99 -51.26 -22.12
N LYS F 165 4.45 -51.87 -21.01
CA LYS F 165 5.07 -53.18 -21.01
C LYS F 165 4.10 -54.19 -20.38
N PRO F 166 3.88 -55.38 -20.95
CA PRO F 166 3.08 -56.37 -20.22
C PRO F 166 3.82 -56.88 -18.99
N THR F 167 3.09 -57.61 -18.15
CA THR F 167 3.59 -58.12 -16.88
C THR F 167 3.07 -59.53 -16.65
N ILE F 168 3.52 -60.14 -15.56
CA ILE F 168 3.06 -61.47 -15.14
C ILE F 168 2.66 -61.39 -13.67
N PRO F 169 1.80 -62.28 -13.17
CA PRO F 169 1.57 -62.35 -11.72
C PRO F 169 2.53 -63.34 -11.07
N THR F 170 2.77 -63.13 -9.79
CA THR F 170 3.64 -64.04 -9.05
C THR F 170 2.90 -65.35 -8.78
N PRO F 171 3.53 -66.52 -8.95
CA PRO F 171 2.88 -67.75 -8.47
C PRO F 171 2.77 -67.74 -6.95
N TRP F 172 1.57 -68.01 -6.46
CA TRP F 172 1.29 -67.80 -5.05
C TRP F 172 1.95 -68.88 -4.19
N ARG F 173 2.41 -68.47 -3.02
CA ARG F 173 2.93 -69.37 -2.00
C ARG F 173 2.64 -68.76 -0.64
N TYR F 174 2.41 -69.62 0.36
CA TYR F 174 2.19 -69.17 1.72
C TYR F 174 2.81 -70.17 2.68
N TYR F 175 2.98 -69.73 3.92
CA TYR F 175 3.89 -70.41 4.85
C TYR F 175 3.24 -71.63 5.48
N PHE F 176 4.07 -72.67 5.68
CA PHE F 176 3.69 -73.87 6.41
C PHE F 176 4.42 -73.91 7.75
N GLN F 177 3.75 -74.50 8.74
CA GLN F 177 4.23 -74.50 10.12
C GLN F 177 5.55 -75.26 10.23
N TRP F 178 6.54 -74.65 10.91
CA TRP F 178 7.87 -75.22 11.04
C TRP F 178 8.45 -74.88 12.40
N ASP F 179 9.44 -75.66 12.82
CA ASP F 179 10.19 -75.38 14.04
C ASP F 179 11.61 -75.81 13.75
N ARG F 180 12.56 -75.07 14.33
CA ARG F 180 13.98 -75.38 14.20
C ARG F 180 14.73 -74.62 15.28
N THR F 181 16.06 -74.82 15.31
CA THR F 181 16.90 -74.19 16.31
C THR F 181 18.34 -74.13 15.83
N LEU F 182 19.05 -73.09 16.27
CA LEU F 182 20.48 -72.94 16.08
C LEU F 182 21.09 -72.32 17.34
N ILE F 183 22.22 -72.86 17.76
CA ILE F 183 23.03 -72.29 18.83
C ILE F 183 24.13 -71.49 18.12
N PRO F 184 23.97 -70.19 17.86
CA PRO F 184 24.94 -69.51 17.00
C PRO F 184 26.33 -69.43 17.61
N SER F 185 27.34 -69.53 16.75
CA SER F 185 28.73 -69.55 17.17
C SER F 185 29.59 -68.89 16.10
N HIS F 186 30.68 -68.27 16.54
CA HIS F 186 31.49 -67.45 15.66
C HIS F 186 32.38 -68.31 14.77
N THR F 187 33.01 -67.67 13.80
CA THR F 187 33.96 -68.36 12.94
C THR F 187 35.17 -68.78 13.77
N GLY F 188 35.61 -70.02 13.57
CA GLY F 188 36.70 -70.58 14.34
C GLY F 188 36.30 -71.19 15.67
N THR F 189 35.00 -71.38 15.92
CA THR F 189 34.58 -72.06 17.14
C THR F 189 35.06 -73.51 17.12
N SER F 190 35.40 -74.03 18.30
CA SER F 190 36.05 -75.33 18.41
C SER F 190 35.18 -76.50 18.00
N GLY F 191 33.87 -76.32 17.85
CA GLY F 191 32.99 -77.42 17.50
C GLY F 191 31.76 -76.94 16.76
N THR F 192 31.13 -77.88 16.06
CA THR F 192 29.96 -77.55 15.25
C THR F 192 28.77 -77.25 16.17
N PRO F 193 27.97 -76.22 15.90
CA PRO F 193 26.84 -75.93 16.79
C PRO F 193 25.66 -76.85 16.52
N THR F 194 24.75 -76.91 17.49
CA THR F 194 23.51 -77.66 17.33
C THR F 194 22.56 -76.87 16.45
N ASN F 195 22.35 -77.34 15.22
CA ASN F 195 21.70 -76.57 14.16
C ASN F 195 20.69 -77.47 13.43
N ILE F 196 19.82 -78.13 14.19
CA ILE F 196 19.01 -79.24 13.72
C ILE F 196 17.58 -78.77 13.46
N TYR F 197 16.98 -79.31 12.41
CA TYR F 197 15.58 -79.06 12.08
C TYR F 197 14.66 -79.94 12.92
N HIS F 198 13.53 -79.39 13.35
CA HIS F 198 12.61 -80.03 14.29
C HIS F 198 11.30 -80.46 13.63
N GLY F 199 11.15 -80.32 12.32
CA GLY F 199 9.94 -80.78 11.65
C GLY F 199 8.81 -79.78 11.70
N THR F 200 7.66 -80.20 12.25
CA THR F 200 6.47 -79.36 12.29
C THR F 200 5.62 -79.76 13.48
N ASP F 201 4.93 -78.77 14.07
CA ASP F 201 4.00 -78.99 15.16
C ASP F 201 2.62 -79.22 14.56
N PRO F 202 1.98 -80.39 14.72
CA PRO F 202 0.70 -80.60 14.03
C PRO F 202 -0.45 -79.76 14.57
N ASP F 203 -0.32 -79.18 15.76
CA ASP F 203 -1.43 -78.41 16.33
C ASP F 203 -1.72 -77.14 15.54
N ASP F 204 -0.70 -76.54 14.91
CA ASP F 204 -0.81 -75.25 14.25
C ASP F 204 -0.82 -75.36 12.73
N VAL F 205 -1.11 -76.53 12.17
CA VAL F 205 -1.10 -76.71 10.72
C VAL F 205 -2.42 -76.26 10.14
N GLN F 206 -2.37 -75.57 9.00
CA GLN F 206 -3.55 -75.11 8.29
C GLN F 206 -3.36 -75.31 6.79
N PHE F 207 -4.48 -75.50 6.10
CA PHE F 207 -4.49 -75.67 4.65
C PHE F 207 -5.85 -75.20 4.14
N TYR F 208 -5.86 -74.60 2.95
CA TYR F 208 -6.96 -73.76 2.48
C TYR F 208 -7.55 -74.31 1.18
N THR F 209 -8.61 -75.12 1.32
CA THR F 209 -9.33 -75.64 0.17
C THR F 209 -10.36 -74.62 -0.33
N ILE F 210 -10.84 -74.83 -1.56
CA ILE F 210 -11.47 -73.78 -2.35
C ILE F 210 -12.85 -74.17 -2.88
N GLU F 211 -13.12 -75.47 -3.04
CA GLU F 211 -14.18 -75.93 -3.93
C GLU F 211 -15.57 -75.47 -3.50
N ASN F 212 -16.05 -75.98 -2.36
CA ASN F 212 -17.35 -75.58 -1.79
C ASN F 212 -17.21 -74.51 -0.71
N SER F 213 -16.01 -74.04 -0.42
CA SER F 213 -15.75 -73.11 0.68
C SER F 213 -15.68 -71.66 0.22
N VAL F 214 -15.03 -71.40 -0.91
CA VAL F 214 -14.70 -70.05 -1.37
C VAL F 214 -15.33 -69.86 -2.76
N PRO F 215 -15.84 -68.68 -3.13
CA PRO F 215 -16.34 -68.52 -4.50
C PRO F 215 -15.21 -68.56 -5.52
N VAL F 216 -15.57 -68.98 -6.73
CA VAL F 216 -14.66 -69.01 -7.88
C VAL F 216 -15.50 -68.69 -9.11
N HIS F 217 -14.91 -67.94 -10.04
CA HIS F 217 -15.56 -67.53 -11.27
C HIS F 217 -14.79 -68.07 -12.47
N LEU F 218 -15.53 -68.39 -13.53
CA LEU F 218 -14.97 -68.86 -14.79
C LEU F 218 -15.26 -67.81 -15.86
N LEU F 219 -14.21 -67.39 -16.57
CA LEU F 219 -14.29 -66.35 -17.58
C LEU F 219 -13.90 -66.94 -18.94
N ARG F 220 -14.78 -66.79 -19.91
CA ARG F 220 -14.47 -67.02 -21.31
C ARG F 220 -14.20 -65.68 -21.99
N THR F 221 -13.76 -65.74 -23.25
CA THR F 221 -13.50 -64.52 -24.00
C THR F 221 -14.81 -63.79 -24.25
N GLY F 222 -15.02 -62.70 -23.51
CA GLY F 222 -16.25 -61.94 -23.52
C GLY F 222 -16.77 -61.55 -22.14
N ASP F 223 -16.30 -62.22 -21.09
CA ASP F 223 -16.71 -61.92 -19.73
C ASP F 223 -15.83 -60.83 -19.13
N GLU F 224 -16.32 -60.24 -18.04
CA GLU F 224 -15.60 -59.22 -17.29
C GLU F 224 -15.82 -59.44 -15.80
N PHE F 225 -14.73 -59.58 -15.05
CA PHE F 225 -14.78 -59.68 -13.60
C PHE F 225 -14.62 -58.28 -13.03
N ALA F 226 -15.54 -57.89 -12.15
CA ALA F 226 -15.59 -56.54 -11.59
C ALA F 226 -15.73 -56.64 -10.08
N THR F 227 -14.72 -56.15 -9.37
CA THR F 227 -14.76 -56.06 -7.91
C THR F 227 -15.52 -54.81 -7.48
N GLY F 228 -16.18 -54.92 -6.33
CA GLY F 228 -16.89 -53.78 -5.77
C GLY F 228 -15.94 -52.72 -5.27
N THR F 229 -16.52 -51.55 -4.96
CA THR F 229 -15.74 -50.40 -4.50
C THR F 229 -15.51 -50.52 -3.01
N PHE F 230 -14.33 -51.00 -2.63
CA PHE F 230 -13.93 -51.00 -1.23
C PHE F 230 -13.73 -49.55 -0.77
N PHE F 231 -13.98 -49.30 0.52
CA PHE F 231 -13.67 -48.03 1.18
C PHE F 231 -12.75 -48.28 2.36
N PHE F 232 -11.68 -47.50 2.45
CA PHE F 232 -10.68 -47.63 3.50
C PHE F 232 -11.14 -46.94 4.79
N ASP F 233 -10.38 -47.17 5.85
CA ASP F 233 -10.59 -46.52 7.15
C ASP F 233 -9.30 -45.95 7.74
N CYS F 234 -8.25 -45.79 6.94
CA CYS F 234 -6.93 -45.48 7.48
C CYS F 234 -6.83 -44.04 7.92
N LYS F 235 -5.97 -43.81 8.92
CA LYS F 235 -5.62 -42.46 9.33
C LYS F 235 -4.68 -41.83 8.29
N PRO F 236 -4.56 -40.49 8.26
CA PRO F 236 -3.75 -39.87 7.21
C PRO F 236 -2.27 -40.18 7.34
N CYS F 237 -1.65 -40.43 6.18
CA CYS F 237 -0.19 -40.41 6.08
C CYS F 237 0.26 -38.99 5.79
N ARG F 238 1.29 -38.55 6.52
CA ARG F 238 1.72 -37.16 6.52
C ARG F 238 2.99 -37.05 5.69
N LEU F 239 2.96 -36.14 4.70
CA LEU F 239 4.06 -35.97 3.76
C LEU F 239 5.05 -34.91 4.20
N THR F 240 5.22 -34.71 5.51
CA THR F 240 6.17 -33.75 6.06
C THR F 240 6.95 -34.43 7.17
N HIS F 241 8.19 -33.99 7.36
CA HIS F 241 9.12 -34.56 8.32
C HIS F 241 9.42 -33.55 9.42
N THR F 242 9.79 -34.08 10.59
CA THR F 242 10.09 -33.28 11.77
C THR F 242 11.57 -33.38 12.06
N TRP F 243 12.22 -32.22 12.20
CA TRP F 243 13.64 -32.14 12.49
C TRP F 243 13.94 -32.00 13.98
N GLN F 244 12.97 -31.58 14.78
CA GLN F 244 13.24 -31.20 16.16
C GLN F 244 13.59 -32.43 16.98
N THR F 245 14.86 -32.55 17.36
CA THR F 245 15.29 -33.51 18.37
C THR F 245 14.90 -32.98 19.74
N ASN F 246 15.33 -33.69 20.79
CA ASN F 246 15.02 -33.22 22.14
C ASN F 246 15.82 -31.97 22.49
N ARG F 247 16.96 -31.75 21.83
CA ARG F 247 17.74 -30.55 22.08
C ARG F 247 17.08 -29.28 21.57
N ALA F 248 16.08 -29.39 20.68
CA ALA F 248 15.47 -28.25 19.99
C ALA F 248 14.01 -28.09 20.37
N LEU F 249 13.71 -28.25 21.66
CA LEU F 249 12.38 -28.12 22.22
C LEU F 249 12.39 -27.10 23.35
N GLY F 250 11.31 -26.34 23.45
CA GLY F 250 11.17 -25.36 24.50
C GLY F 250 11.85 -24.03 24.16
N LEU F 251 11.81 -23.13 25.14
CA LEU F 251 12.44 -21.82 24.98
C LEU F 251 13.96 -21.94 25.05
N PRO F 252 14.72 -21.45 24.07
CA PRO F 252 16.18 -21.41 24.23
C PRO F 252 16.60 -20.45 25.32
N PRO F 253 17.86 -20.46 25.74
CA PRO F 253 18.32 -19.51 26.75
C PRO F 253 18.42 -18.10 26.20
N PHE F 254 18.32 -17.13 27.11
CA PHE F 254 18.48 -15.73 26.76
C PHE F 254 19.96 -15.39 26.72
N LEU F 255 20.43 -14.93 25.57
CA LEU F 255 21.85 -14.65 25.35
C LEU F 255 22.15 -13.23 25.83
N ASN F 256 23.07 -13.12 26.79
CA ASN F 256 23.41 -11.82 27.35
C ASN F 256 24.46 -11.08 26.54
N SER F 257 25.28 -11.80 25.75
CA SER F 257 26.39 -11.21 24.98
C SER F 257 26.20 -11.61 23.52
N LEU F 258 25.43 -10.80 22.80
CA LEU F 258 25.15 -11.08 21.40
C LEU F 258 26.34 -10.68 20.53
N PRO F 259 26.48 -11.26 19.33
CA PRO F 259 27.66 -10.97 18.53
C PRO F 259 27.55 -9.67 17.78
N GLN F 260 28.68 -9.24 17.24
CA GLN F 260 28.79 -8.05 16.41
C GLN F 260 29.80 -8.32 15.31
N SER F 261 29.80 -7.46 14.29
CA SER F 261 30.78 -7.47 13.22
C SER F 261 30.74 -8.70 12.32
N GLU F 262 29.70 -9.53 12.43
CA GLU F 262 29.41 -10.59 11.47
C GLU F 262 30.51 -11.63 11.38
N GLY F 263 30.37 -12.57 10.46
CA GLY F 263 31.35 -13.61 10.24
C GLY F 263 30.97 -14.92 10.91
N ALA F 264 31.67 -15.98 10.51
CA ALA F 264 31.37 -17.31 11.02
C ALA F 264 31.90 -17.50 12.43
N THR F 265 33.04 -16.88 12.76
CA THR F 265 33.69 -17.11 14.04
C THR F 265 33.18 -16.21 15.17
N ASN F 266 32.27 -15.27 14.89
CA ASN F 266 31.74 -14.37 15.91
C ASN F 266 30.53 -15.01 16.58
N PHE F 267 30.82 -15.91 17.52
CA PHE F 267 29.77 -16.68 18.16
C PHE F 267 29.06 -15.86 19.24
N GLY F 268 27.92 -16.37 19.66
CA GLY F 268 27.21 -15.81 20.80
C GLY F 268 27.65 -16.47 22.09
N ASP F 269 27.29 -15.83 23.20
CA ASP F 269 27.71 -16.27 24.53
C ASP F 269 26.57 -16.08 25.52
N ILE F 270 26.32 -17.10 26.33
CA ILE F 270 25.42 -16.98 27.47
C ILE F 270 26.20 -16.38 28.63
N GLY F 271 25.70 -15.29 29.18
CA GLY F 271 26.44 -14.57 30.20
C GLY F 271 26.55 -15.31 31.53
N VAL F 272 25.41 -15.81 32.00
CA VAL F 272 25.36 -16.45 33.32
C VAL F 272 26.17 -17.75 33.30
N GLN F 273 26.90 -17.99 34.38
CA GLN F 273 27.76 -19.17 34.46
C GLN F 273 26.91 -20.43 34.58
N GLN F 274 27.56 -21.58 34.35
CA GLN F 274 26.83 -22.85 34.27
C GLN F 274 26.17 -23.21 35.59
N ASP F 275 26.85 -23.02 36.72
CA ASP F 275 26.31 -23.38 38.01
C ASP F 275 25.35 -22.35 38.61
N LYS F 276 25.29 -21.14 38.05
CA LYS F 276 24.36 -20.10 38.47
C LYS F 276 23.10 -20.06 37.62
N ARG F 277 22.85 -21.06 36.77
CA ARG F 277 21.75 -21.01 35.84
C ARG F 277 20.40 -21.06 36.55
N ARG F 278 19.37 -20.60 35.83
CA ARG F 278 17.98 -20.69 36.24
C ARG F 278 17.22 -21.56 35.25
N GLY F 279 16.32 -22.38 35.77
CA GLY F 279 15.57 -23.31 34.98
C GLY F 279 15.21 -24.53 35.80
N VAL F 280 14.91 -25.62 35.08
CA VAL F 280 14.49 -26.88 35.67
C VAL F 280 15.19 -28.02 34.96
N THR F 281 15.69 -28.98 35.74
CA THR F 281 16.39 -30.15 35.25
C THR F 281 15.93 -31.36 36.04
N GLN F 282 15.82 -32.50 35.35
CA GLN F 282 15.46 -33.76 36.00
C GLN F 282 16.67 -34.47 36.57
N MET F 283 17.46 -33.75 37.38
CA MET F 283 18.78 -34.17 37.83
C MET F 283 18.85 -33.73 39.29
N GLY F 284 18.44 -34.62 40.19
CA GLY F 284 18.16 -34.21 41.56
C GLY F 284 19.37 -33.73 42.34
N ASN F 285 20.57 -34.19 41.99
CA ASN F 285 21.80 -33.90 42.73
C ASN F 285 22.79 -33.06 41.95
N THR F 286 22.36 -32.40 40.87
CA THR F 286 23.24 -31.63 39.99
C THR F 286 22.69 -30.22 39.86
N ASN F 287 23.52 -29.22 40.12
CA ASN F 287 23.12 -27.83 40.02
C ASN F 287 23.34 -27.23 38.63
N TYR F 288 23.99 -27.95 37.72
CA TYR F 288 24.32 -27.42 36.40
C TYR F 288 23.15 -27.62 35.45
N ILE F 289 22.51 -26.53 35.04
CA ILE F 289 21.40 -26.55 34.08
C ILE F 289 22.03 -26.26 32.72
N THR F 290 22.37 -27.32 32.00
CA THR F 290 22.93 -27.25 30.66
C THR F 290 21.85 -27.67 29.66
N GLU F 291 22.12 -27.42 28.38
CA GLU F 291 21.14 -27.81 27.36
C GLU F 291 21.04 -29.31 27.21
N ALA F 292 22.08 -30.05 27.59
CA ALA F 292 21.95 -31.50 27.68
C ALA F 292 21.09 -31.90 28.88
N THR F 293 21.32 -31.29 30.03
CA THR F 293 20.65 -31.68 31.27
C THR F 293 19.29 -31.02 31.45
N ILE F 294 18.95 -29.99 30.68
CA ILE F 294 17.70 -29.28 30.91
C ILE F 294 16.53 -30.19 30.55
N MET F 295 15.47 -30.11 31.34
CA MET F 295 14.29 -30.91 31.10
C MET F 295 13.58 -30.51 29.83
N ARG F 296 13.02 -31.51 29.16
CA ARG F 296 12.24 -31.40 27.93
C ARG F 296 10.92 -32.12 28.16
N PRO F 297 9.88 -31.82 27.38
CA PRO F 297 8.55 -32.40 27.68
C PRO F 297 8.49 -33.91 27.54
N ALA F 298 9.19 -34.47 26.56
CA ALA F 298 9.12 -35.90 26.27
C ALA F 298 10.39 -36.28 25.51
N GLU F 299 10.37 -37.48 24.92
CA GLU F 299 11.50 -38.04 24.17
C GLU F 299 11.04 -38.30 22.75
N VAL F 300 11.92 -38.07 21.78
CA VAL F 300 11.65 -38.37 20.38
C VAL F 300 12.61 -39.49 19.93
N GLY F 301 12.06 -40.50 19.28
CA GLY F 301 12.84 -41.64 18.86
C GLY F 301 13.28 -42.46 20.06
N TYR F 302 14.14 -43.44 19.79
CA TYR F 302 14.62 -44.32 20.83
C TYR F 302 15.79 -45.13 20.29
N SER F 303 16.72 -45.44 21.19
CA SER F 303 17.79 -46.37 20.90
C SER F 303 17.24 -47.79 20.98
N ALA F 304 17.91 -48.71 20.28
CA ALA F 304 17.48 -50.09 20.23
C ALA F 304 18.68 -50.93 19.83
N PRO F 305 18.68 -52.23 20.14
CA PRO F 305 19.86 -53.04 19.82
C PRO F 305 19.97 -53.31 18.33
N TYR F 306 21.14 -53.81 17.92
CA TYR F 306 21.39 -54.12 16.53
C TYR F 306 22.56 -55.07 16.38
N TYR F 307 22.35 -56.14 15.60
CA TYR F 307 23.43 -56.99 15.07
C TYR F 307 24.16 -57.80 16.14
N SER F 308 23.42 -58.46 17.03
CA SER F 308 24.01 -59.46 17.92
C SER F 308 22.88 -60.30 18.51
N PHE F 309 23.12 -61.62 18.57
CA PHE F 309 22.12 -62.57 19.04
C PHE F 309 22.78 -63.56 19.99
N GLU F 310 21.92 -64.30 20.70
CA GLU F 310 22.37 -65.38 21.59
C GLU F 310 21.26 -66.42 21.64
N ALA F 311 21.63 -67.66 21.93
CA ALA F 311 20.72 -68.79 21.85
C ALA F 311 19.59 -68.66 22.88
N SER F 312 18.36 -68.88 22.42
CA SER F 312 17.19 -68.87 23.29
C SER F 312 16.06 -69.58 22.56
N THR F 313 14.86 -69.48 23.12
CA THR F 313 13.75 -70.30 22.67
C THR F 313 13.02 -69.76 21.44
N GLN F 314 13.27 -68.50 21.04
CA GLN F 314 12.40 -67.85 20.06
C GLN F 314 12.75 -68.16 18.61
N GLY F 315 13.85 -68.86 18.35
CA GLY F 315 14.25 -69.16 16.98
C GLY F 315 14.93 -67.98 16.33
N PRO F 316 15.16 -68.05 15.02
CA PRO F 316 15.81 -66.94 14.32
C PRO F 316 14.82 -65.83 14.00
N PHE F 317 15.33 -64.60 13.98
CA PHE F 317 14.52 -63.44 13.66
C PHE F 317 15.45 -62.29 13.29
N LYS F 318 14.87 -61.25 12.72
CA LYS F 318 15.58 -60.07 12.24
C LYS F 318 14.83 -58.88 12.83
N THR F 319 15.36 -58.31 13.90
CA THR F 319 14.61 -57.38 14.73
C THR F 319 14.33 -56.08 13.97
N PRO F 320 13.07 -55.68 13.76
CA PRO F 320 12.83 -54.41 13.06
C PRO F 320 12.99 -53.21 13.99
N ILE F 321 13.39 -52.09 13.39
CA ILE F 321 13.63 -50.83 14.09
C ILE F 321 12.87 -49.74 13.34
N ALA F 322 12.30 -48.80 14.09
CA ALA F 322 11.37 -47.84 13.50
C ALA F 322 12.05 -46.67 12.80
N ALA F 323 13.27 -46.29 13.20
CA ALA F 323 13.94 -45.12 12.66
C ALA F 323 15.44 -45.34 12.64
N GLY F 324 16.12 -44.63 11.74
CA GLY F 324 17.55 -44.79 11.55
C GLY F 324 18.23 -43.44 11.42
N ARG F 325 19.56 -43.49 11.49
CA ARG F 325 20.38 -42.29 11.41
C ARG F 325 20.23 -41.64 10.03
N ALA F 336 25.02 -48.66 7.79
CA ALA F 336 23.76 -48.06 8.21
C ALA F 336 22.87 -49.11 8.85
N ASP F 337 21.88 -48.65 9.61
CA ASP F 337 20.95 -49.54 10.28
C ASP F 337 19.64 -48.79 10.50
N GLY F 338 18.54 -49.54 10.45
CA GLY F 338 17.22 -48.98 10.61
C GLY F 338 16.58 -48.56 9.30
N ASN F 339 17.37 -47.94 8.43
CA ASN F 339 16.84 -47.53 7.13
C ASN F 339 16.57 -48.77 6.28
N PRO F 340 15.54 -48.76 5.44
CA PRO F 340 15.31 -49.94 4.59
C PRO F 340 16.28 -49.99 3.44
N ARG F 341 16.40 -51.18 2.84
CA ARG F 341 17.48 -51.56 1.95
C ARG F 341 16.95 -52.23 0.69
N TYR F 342 16.04 -51.55 -0.02
CA TYR F 342 15.28 -52.13 -1.13
C TYR F 342 16.18 -52.68 -2.24
N ALA F 343 15.82 -53.85 -2.76
CA ALA F 343 16.40 -54.42 -3.97
C ALA F 343 15.27 -54.87 -4.88
N PHE F 344 15.45 -54.70 -6.19
CA PHE F 344 14.35 -54.87 -7.12
C PHE F 344 14.88 -55.01 -8.53
N GLY F 345 13.99 -55.42 -9.44
CA GLY F 345 14.34 -55.85 -10.76
C GLY F 345 13.84 -54.93 -11.87
N ARG F 346 13.95 -55.45 -13.10
CA ARG F 346 13.71 -54.65 -14.30
C ARG F 346 12.25 -54.21 -14.39
N GLN F 347 11.33 -55.09 -14.03
CA GLN F 347 9.92 -54.71 -14.07
C GLN F 347 9.58 -53.60 -13.09
N HIS F 348 10.37 -53.40 -12.03
CA HIS F 348 10.05 -52.47 -10.96
C HIS F 348 11.05 -51.34 -10.80
N GLY F 349 11.85 -51.04 -11.83
CA GLY F 349 12.59 -49.79 -11.91
C GLY F 349 14.01 -49.88 -12.43
N GLN F 350 14.63 -51.07 -12.37
CA GLN F 350 15.95 -51.22 -12.94
C GLN F 350 15.90 -51.01 -14.45
N LYS F 351 17.00 -50.51 -15.00
CA LYS F 351 17.13 -50.20 -16.42
C LYS F 351 16.78 -51.41 -17.27
N THR F 352 15.69 -51.29 -18.04
CA THR F 352 15.08 -52.47 -18.65
C THR F 352 15.97 -53.11 -19.70
N THR F 353 16.86 -52.33 -20.33
CA THR F 353 17.77 -52.85 -21.34
C THR F 353 19.07 -53.39 -20.75
N THR F 354 19.23 -53.44 -19.43
CA THR F 354 20.46 -53.96 -18.86
C THR F 354 20.52 -55.48 -19.01
N THR F 355 21.73 -55.97 -19.21
CA THR F 355 22.00 -57.41 -19.23
C THR F 355 22.31 -57.89 -17.82
N GLY F 356 22.59 -59.18 -17.69
CA GLY F 356 22.91 -59.75 -16.41
C GLY F 356 21.67 -60.00 -15.57
N GLU F 357 21.92 -60.30 -14.29
CA GLU F 357 20.87 -60.64 -13.34
C GLU F 357 21.02 -59.98 -11.98
N THR F 358 22.02 -59.13 -11.78
CA THR F 358 22.17 -58.45 -10.51
C THR F 358 21.02 -57.45 -10.33
N PRO F 359 20.39 -57.37 -9.14
CA PRO F 359 19.36 -56.34 -8.96
C PRO F 359 19.97 -55.00 -8.57
N GLU F 360 19.22 -53.93 -8.85
CA GLU F 360 19.63 -52.60 -8.42
C GLU F 360 19.12 -52.38 -6.99
N ARG F 361 19.88 -51.59 -6.23
CA ARG F 361 19.66 -51.41 -4.81
C ARG F 361 19.72 -49.93 -4.47
N PHE F 362 18.98 -49.54 -3.43
CA PHE F 362 19.17 -48.26 -2.79
C PHE F 362 18.87 -48.39 -1.32
N THR F 363 19.25 -47.37 -0.56
CA THR F 363 18.93 -47.23 0.85
C THR F 363 18.18 -45.93 1.03
N TYR F 364 16.96 -46.01 1.54
CA TYR F 364 16.13 -44.82 1.75
C TYR F 364 16.60 -44.19 3.05
N ILE F 365 17.45 -43.18 2.92
CA ILE F 365 17.94 -42.41 4.06
C ILE F 365 16.93 -41.28 4.29
N ALA F 366 16.00 -41.50 5.22
CA ALA F 366 14.88 -40.60 5.40
C ALA F 366 15.34 -39.26 5.96
N HIS F 367 14.52 -38.24 5.71
CA HIS F 367 14.79 -36.90 6.19
C HIS F 367 14.55 -36.72 7.69
N GLN F 368 13.89 -37.67 8.35
CA GLN F 368 13.55 -37.51 9.76
C GLN F 368 14.80 -37.51 10.62
N ASP F 369 14.78 -36.69 11.67
CA ASP F 369 15.82 -36.63 12.68
C ASP F 369 15.52 -37.51 13.89
N THR F 370 14.45 -38.30 13.86
CA THR F 370 14.06 -39.13 14.99
C THR F 370 14.95 -40.35 15.16
N GLY F 371 15.96 -40.60 14.34
CA GLY F 371 16.87 -41.70 14.56
C GLY F 371 17.81 -41.42 15.71
N ARG F 372 18.92 -42.16 15.73
CA ARG F 372 19.92 -42.04 16.78
C ARG F 372 21.31 -42.23 16.18
N TYR F 373 22.30 -41.69 16.88
CA TYR F 373 23.71 -41.75 16.50
C TYR F 373 24.43 -42.45 17.65
N PRO F 374 24.64 -43.78 17.59
CA PRO F 374 25.23 -44.47 18.75
C PRO F 374 26.62 -44.02 19.15
N GLU F 375 27.40 -43.47 18.23
CA GLU F 375 28.78 -43.10 18.56
C GLU F 375 28.87 -41.99 19.58
N GLY F 376 27.81 -41.22 19.80
CA GLY F 376 27.81 -40.11 20.74
C GLY F 376 27.20 -40.37 22.10
N ASP F 377 26.62 -41.55 22.30
CA ASP F 377 25.92 -41.83 23.56
C ASP F 377 26.91 -42.18 24.66
N TRP F 378 26.44 -42.13 25.91
CA TRP F 378 27.26 -42.53 27.04
C TRP F 378 26.36 -42.70 28.27
N ILE F 379 26.94 -43.31 29.30
CA ILE F 379 26.37 -43.41 30.63
C ILE F 379 27.44 -42.98 31.62
N GLN F 380 27.02 -42.30 32.69
CA GLN F 380 27.91 -42.02 33.81
C GLN F 380 27.12 -42.18 35.10
N ASN F 381 27.86 -42.41 36.18
CA ASN F 381 27.26 -42.88 37.43
C ASN F 381 26.41 -41.79 38.08
N ILE F 382 25.81 -42.15 39.22
CA ILE F 382 24.79 -41.27 39.82
C ILE F 382 25.45 -40.10 40.53
N ASN F 383 26.66 -40.27 41.07
CA ASN F 383 27.26 -39.20 41.87
C ASN F 383 27.57 -37.95 41.05
N PHE F 384 27.95 -38.10 39.78
CA PHE F 384 28.07 -36.99 38.85
C PHE F 384 29.13 -35.99 39.30
N ASN F 385 30.38 -36.45 39.32
CA ASN F 385 31.51 -35.54 39.28
C ASN F 385 31.76 -35.11 37.84
N LEU F 386 32.02 -33.81 37.64
CA LEU F 386 31.97 -33.27 36.28
C LEU F 386 33.12 -33.77 35.43
N PRO F 387 34.39 -33.48 35.74
CA PRO F 387 35.46 -34.08 34.91
C PRO F 387 35.59 -35.57 35.23
N VAL F 388 34.72 -36.36 34.58
CA VAL F 388 34.50 -37.74 35.01
C VAL F 388 35.75 -38.58 34.74
N THR F 389 36.10 -39.39 35.73
CA THR F 389 37.25 -40.30 35.63
C THR F 389 36.84 -41.56 34.88
N ASN F 390 37.85 -42.37 34.54
CA ASN F 390 37.64 -43.48 33.63
C ASN F 390 36.67 -44.52 34.18
N ASP F 391 36.80 -44.84 35.47
CA ASP F 391 35.98 -45.89 36.05
C ASP F 391 34.51 -45.49 36.15
N ASN F 392 34.19 -44.20 36.15
CA ASN F 392 32.87 -43.70 36.50
C ASN F 392 31.95 -43.49 35.29
N VAL F 393 32.40 -43.83 34.07
CA VAL F 393 31.67 -43.53 32.84
C VAL F 393 31.79 -44.72 31.90
N LEU F 394 30.70 -45.04 31.20
CA LEU F 394 30.63 -46.10 30.21
C LEU F 394 30.47 -45.46 28.84
N LEU F 395 31.32 -45.86 27.90
CA LEU F 395 31.43 -45.26 26.57
C LEU F 395 31.16 -46.32 25.52
N PRO F 396 30.94 -45.93 24.26
CA PRO F 396 30.99 -46.92 23.18
C PRO F 396 32.37 -47.51 22.94
N THR F 397 33.44 -46.84 23.39
CA THR F 397 34.77 -47.41 23.26
C THR F 397 34.97 -48.62 24.17
N ASP F 398 34.14 -48.77 25.22
CA ASP F 398 34.29 -49.86 26.19
C ASP F 398 33.90 -51.19 25.57
N PRO F 399 34.66 -52.27 25.71
CA PRO F 399 34.12 -53.59 25.37
C PRO F 399 33.08 -54.02 26.38
N ILE F 400 32.02 -54.66 25.88
CA ILE F 400 30.97 -55.25 26.71
C ILE F 400 31.11 -56.77 26.58
N GLY F 401 31.24 -57.44 27.72
CA GLY F 401 31.46 -58.87 27.71
C GLY F 401 32.82 -59.28 27.18
N GLY F 402 33.78 -58.37 27.14
CA GLY F 402 35.13 -58.70 26.71
C GLY F 402 35.37 -58.54 25.23
N LYS F 403 34.36 -58.82 24.40
CA LYS F 403 34.53 -58.72 22.96
C LYS F 403 34.71 -57.27 22.57
N THR F 404 35.77 -56.99 21.82
CA THR F 404 36.09 -55.60 21.45
C THR F 404 35.06 -55.03 20.48
N GLY F 405 34.50 -55.86 19.61
CA GLY F 405 33.63 -55.36 18.56
C GLY F 405 32.24 -54.95 19.00
N ILE F 406 31.87 -55.21 20.25
CA ILE F 406 30.53 -54.93 20.77
C ILE F 406 30.67 -53.94 21.92
N ASN F 407 29.74 -52.98 21.97
CA ASN F 407 29.71 -51.96 23.00
C ASN F 407 28.28 -51.78 23.49
N TYR F 408 28.12 -50.91 24.50
CA TYR F 408 26.87 -50.86 25.26
C TYR F 408 25.71 -50.32 24.43
N THR F 409 25.99 -49.61 23.33
CA THR F 409 24.90 -49.18 22.45
C THR F 409 24.32 -50.36 21.67
N ASN F 410 25.09 -51.43 21.49
CA ASN F 410 24.58 -52.55 20.71
C ASN F 410 23.46 -53.30 21.41
N ILE F 411 23.35 -53.19 22.73
CA ILE F 411 22.35 -53.91 23.53
C ILE F 411 21.32 -52.99 24.16
N PHE F 412 21.34 -51.69 23.86
CA PHE F 412 20.58 -50.73 24.63
C PHE F 412 19.16 -50.57 24.10
N ASN F 413 18.29 -50.06 24.96
CA ASN F 413 16.90 -49.82 24.60
C ASN F 413 16.36 -48.71 25.51
N THR F 414 16.00 -47.58 24.92
CA THR F 414 15.41 -46.44 25.63
C THR F 414 13.93 -46.25 25.33
N TYR F 415 13.26 -47.27 24.81
CA TYR F 415 11.81 -47.25 24.72
C TYR F 415 11.21 -47.14 26.12
N GLY F 416 10.31 -46.18 26.27
CA GLY F 416 9.65 -45.92 27.53
C GLY F 416 8.33 -45.23 27.25
N PRO F 417 7.64 -44.77 28.30
CA PRO F 417 6.36 -44.10 28.07
C PRO F 417 6.47 -42.76 27.36
N LEU F 418 7.68 -42.18 27.28
CA LEU F 418 7.89 -40.82 26.81
C LEU F 418 8.27 -40.72 25.34
N THR F 419 8.47 -41.83 24.64
CA THR F 419 8.97 -41.73 23.27
C THR F 419 7.87 -41.24 22.35
N ALA F 420 8.26 -40.59 21.26
CA ALA F 420 7.35 -40.11 20.22
C ALA F 420 7.98 -40.36 18.86
N LEU F 421 7.25 -41.10 18.01
CA LEU F 421 7.74 -41.57 16.73
C LEU F 421 6.79 -41.14 15.63
N ASN F 422 7.35 -41.01 14.43
CA ASN F 422 6.57 -40.83 13.22
C ASN F 422 6.33 -42.18 12.55
N ASN F 423 5.34 -42.22 11.68
CA ASN F 423 5.11 -43.41 10.88
C ASN F 423 6.23 -43.57 9.85
N VAL F 424 6.28 -44.73 9.22
CA VAL F 424 7.31 -44.97 8.21
C VAL F 424 7.04 -44.06 7.00
N PRO F 425 8.05 -43.46 6.37
CA PRO F 425 7.76 -42.62 5.20
C PRO F 425 7.34 -43.47 4.01
N PRO F 426 6.47 -42.96 3.12
CA PRO F 426 6.25 -43.68 1.86
C PRO F 426 7.52 -43.74 1.03
N VAL F 427 7.66 -44.83 0.27
CA VAL F 427 8.80 -45.06 -0.59
C VAL F 427 8.28 -45.30 -2.00
N TYR F 428 8.59 -44.39 -2.91
CA TYR F 428 8.25 -44.50 -4.32
C TYR F 428 9.45 -45.07 -5.06
N PRO F 429 9.27 -45.93 -6.08
CA PRO F 429 8.08 -46.62 -6.59
C PRO F 429 7.85 -48.01 -5.99
N ASN F 430 8.79 -48.52 -5.19
CA ASN F 430 8.77 -49.92 -4.76
C ASN F 430 8.04 -50.13 -3.44
N GLY F 431 7.64 -49.07 -2.75
CA GLY F 431 7.09 -49.25 -1.41
C GLY F 431 5.66 -49.74 -1.42
N GLN F 432 5.34 -50.56 -0.42
CA GLN F 432 3.98 -51.03 -0.23
C GLN F 432 3.09 -49.90 0.29
N ILE F 433 1.84 -49.88 -0.15
CA ILE F 433 0.93 -48.78 0.19
C ILE F 433 0.16 -49.09 1.46
N TRP F 434 -0.46 -50.27 1.56
CA TRP F 434 -1.29 -50.64 2.70
C TRP F 434 -0.90 -52.03 3.21
N ASP F 435 -1.27 -52.29 4.46
CA ASP F 435 -1.09 -53.60 5.08
C ASP F 435 -2.19 -53.80 6.12
N LYS F 436 -2.32 -55.03 6.61
CA LYS F 436 -3.42 -55.42 7.48
C LYS F 436 -2.92 -55.52 8.92
N GLU F 437 -3.72 -54.99 9.85
CA GLU F 437 -3.38 -55.07 11.27
C GLU F 437 -3.41 -56.52 11.74
N PHE F 438 -2.54 -56.84 12.70
CA PHE F 438 -2.46 -58.20 13.21
C PHE F 438 -3.72 -58.53 14.01
N ASP F 439 -3.99 -59.84 14.13
CA ASP F 439 -5.17 -60.33 14.83
C ASP F 439 -4.98 -60.39 16.35
N THR F 440 -3.78 -60.09 16.87
CA THR F 440 -3.54 -60.20 18.29
C THR F 440 -4.39 -59.21 19.09
N ASP F 441 -4.35 -59.35 20.42
CA ASP F 441 -5.09 -58.45 21.29
C ASP F 441 -4.42 -57.09 21.35
N LEU F 442 -3.13 -57.06 21.67
CA LEU F 442 -2.36 -55.82 21.70
C LEU F 442 -1.76 -55.57 20.33
N LYS F 443 -2.33 -54.61 19.61
CA LYS F 443 -1.91 -54.37 18.23
C LYS F 443 -0.55 -53.68 18.20
N PRO F 444 0.17 -53.75 17.08
CA PRO F 444 1.41 -52.98 16.97
C PRO F 444 1.12 -51.50 16.78
N ARG F 445 2.00 -50.67 17.35
CA ARG F 445 1.84 -49.22 17.22
C ARG F 445 2.00 -48.76 15.78
N LEU F 446 2.98 -49.29 15.07
CA LEU F 446 3.17 -48.98 13.66
C LEU F 446 3.71 -50.20 12.93
N HIS F 447 3.62 -50.15 11.61
CA HIS F 447 4.19 -51.15 10.72
C HIS F 447 5.30 -50.50 9.91
N VAL F 448 6.42 -51.20 9.78
CA VAL F 448 7.50 -50.75 8.92
C VAL F 448 7.27 -51.06 7.45
N ASN F 449 6.32 -51.95 7.13
CA ASN F 449 6.18 -52.39 5.75
C ASN F 449 5.60 -51.30 4.87
N ALA F 450 4.57 -50.60 5.35
CA ALA F 450 3.77 -49.68 4.54
C ALA F 450 3.35 -48.51 5.40
N PRO F 451 3.02 -47.34 4.79
CA PRO F 451 2.60 -46.22 5.62
C PRO F 451 1.18 -46.36 6.17
N PHE F 452 0.23 -46.78 5.34
CA PHE F 452 -1.14 -47.01 5.76
C PHE F 452 -1.28 -48.42 6.29
N VAL F 453 -2.13 -48.60 7.30
CA VAL F 453 -2.48 -49.91 7.84
C VAL F 453 -3.99 -49.98 7.98
N CYS F 454 -4.57 -51.07 7.50
CA CYS F 454 -6.02 -51.25 7.56
C CYS F 454 -6.42 -51.74 8.95
N GLN F 455 -7.40 -51.08 9.56
CA GLN F 455 -7.79 -51.44 10.91
C GLN F 455 -8.69 -52.68 10.92
N ASN F 456 -9.87 -52.58 10.29
CA ASN F 456 -10.84 -53.68 10.36
C ASN F 456 -10.53 -54.75 9.31
N ASN F 457 -10.35 -54.33 8.05
CA ASN F 457 -10.08 -55.23 6.95
C ASN F 457 -9.79 -54.38 5.71
N CYS F 458 -9.08 -54.98 4.76
CA CYS F 458 -8.90 -54.40 3.45
C CYS F 458 -8.57 -55.52 2.47
N PRO F 459 -8.95 -55.34 1.17
CA PRO F 459 -9.35 -56.49 0.33
C PRO F 459 -8.35 -57.64 0.22
N GLY F 460 -8.85 -58.85 0.43
CA GLY F 460 -8.04 -60.01 0.18
C GLY F 460 -7.65 -60.10 -1.29
N GLN F 461 -6.60 -60.85 -1.54
CA GLN F 461 -5.96 -60.81 -2.85
C GLN F 461 -6.87 -61.44 -3.90
N LEU F 462 -6.69 -60.98 -5.14
CA LEU F 462 -7.39 -61.52 -6.30
C LEU F 462 -6.47 -62.56 -6.92
N PHE F 463 -6.96 -63.80 -7.03
CA PHE F 463 -6.18 -64.93 -7.49
C PHE F 463 -6.65 -65.32 -8.89
N VAL F 464 -5.76 -65.93 -9.66
CA VAL F 464 -6.06 -66.28 -11.06
C VAL F 464 -5.27 -67.54 -11.42
N LYS F 465 -5.90 -68.42 -12.20
CA LYS F 465 -5.21 -69.55 -12.80
C LYS F 465 -5.95 -69.96 -14.07
N VAL F 466 -5.23 -70.66 -14.94
CA VAL F 466 -5.80 -71.19 -16.17
C VAL F 466 -6.44 -72.54 -15.86
N ALA F 467 -7.63 -72.78 -16.43
CA ALA F 467 -8.31 -74.04 -16.19
C ALA F 467 -7.57 -75.18 -16.91
N PRO F 468 -7.76 -76.44 -16.46
CA PRO F 468 -7.11 -77.55 -17.18
C PRO F 468 -7.68 -77.75 -18.58
N ASN F 469 -6.80 -77.71 -19.59
CA ASN F 469 -7.17 -77.92 -20.99
C ASN F 469 -6.82 -79.34 -21.39
N LEU F 470 -7.75 -80.25 -21.11
CA LEU F 470 -7.49 -81.67 -21.22
C LEU F 470 -7.83 -82.21 -22.61
N THR F 471 -7.40 -83.45 -22.86
CA THR F 471 -7.73 -84.14 -24.09
C THR F 471 -9.22 -84.44 -24.18
N ASN F 472 -9.90 -83.84 -25.14
CA ASN F 472 -11.35 -84.01 -25.27
C ASN F 472 -11.68 -85.39 -25.82
N ASN F 481 1.94 -85.31 -13.56
CA ASN F 481 0.85 -84.35 -13.72
C ASN F 481 -0.13 -84.81 -14.79
N MET F 482 -1.36 -84.33 -14.70
CA MET F 482 -2.39 -84.73 -15.66
C MET F 482 -2.13 -84.07 -17.01
N SER F 483 -2.41 -84.79 -18.08
CA SER F 483 -2.11 -84.33 -19.43
C SER F 483 -2.97 -83.12 -19.78
N ARG F 484 -2.33 -82.06 -20.26
CA ARG F 484 -2.99 -80.80 -20.60
C ARG F 484 -2.43 -80.26 -21.90
N ILE F 485 -3.27 -79.55 -22.66
CA ILE F 485 -2.78 -78.80 -23.81
C ILE F 485 -1.97 -77.62 -23.31
N VAL F 486 -0.89 -77.30 -24.02
CA VAL F 486 -0.05 -76.17 -23.65
C VAL F 486 -0.86 -74.90 -23.84
N THR F 487 -1.25 -74.27 -22.73
CA THR F 487 -2.20 -73.17 -22.72
C THR F 487 -1.65 -72.02 -21.89
N TYR F 488 -1.90 -70.81 -22.36
CA TYR F 488 -1.52 -69.59 -21.64
C TYR F 488 -2.53 -68.51 -21.94
N SER F 489 -2.64 -67.54 -21.03
CA SER F 489 -3.67 -66.52 -21.05
C SER F 489 -3.06 -65.14 -20.90
N ASP F 490 -3.71 -64.17 -21.56
CA ASP F 490 -3.41 -62.75 -21.42
C ASP F 490 -4.71 -62.02 -21.10
N PHE F 491 -4.64 -61.03 -20.20
CA PHE F 491 -5.82 -60.29 -19.81
C PHE F 491 -5.42 -58.91 -19.31
N TRP F 492 -6.27 -57.94 -19.61
CA TRP F 492 -6.05 -56.54 -19.24
C TRP F 492 -6.62 -56.28 -17.84
N TRP F 493 -5.74 -56.01 -16.88
CA TRP F 493 -6.15 -55.59 -15.55
C TRP F 493 -6.36 -54.08 -15.51
N LYS F 494 -7.33 -53.63 -14.71
CA LYS F 494 -7.52 -52.22 -14.42
C LYS F 494 -7.84 -52.06 -12.95
N GLY F 495 -7.40 -50.93 -12.38
CA GLY F 495 -7.75 -50.58 -11.02
C GLY F 495 -7.87 -49.07 -10.90
N LYS F 496 -8.49 -48.65 -9.80
CA LYS F 496 -8.70 -47.22 -9.51
C LYS F 496 -8.56 -47.03 -8.02
N LEU F 497 -7.47 -46.40 -7.59
CA LEU F 497 -7.18 -46.13 -6.19
C LEU F 497 -7.35 -44.63 -5.95
N VAL F 498 -8.29 -44.27 -5.08
CA VAL F 498 -8.68 -42.89 -4.83
C VAL F 498 -8.02 -42.43 -3.54
N PHE F 499 -7.34 -41.29 -3.60
CA PHE F 499 -6.76 -40.63 -2.43
C PHE F 499 -7.45 -39.30 -2.23
N LYS F 500 -7.37 -38.80 -0.99
CA LYS F 500 -7.82 -37.46 -0.63
C LYS F 500 -6.67 -36.78 0.12
N ALA F 501 -6.33 -35.57 -0.29
CA ALA F 501 -5.14 -34.87 0.20
C ALA F 501 -5.42 -33.40 0.35
N LYS F 502 -4.65 -32.76 1.25
CA LYS F 502 -4.77 -31.35 1.57
C LYS F 502 -3.59 -30.59 0.97
N LEU F 503 -3.89 -29.48 0.30
CA LEU F 503 -2.83 -28.65 -0.26
C LEU F 503 -2.12 -27.90 0.85
N ARG F 504 -0.82 -27.68 0.67
CA ARG F 504 -0.01 -27.11 1.73
C ARG F 504 -0.18 -25.59 1.78
N ALA F 505 0.20 -25.03 2.93
CA ALA F 505 0.21 -23.59 3.15
C ALA F 505 1.60 -23.17 3.61
N SER F 506 2.06 -22.05 3.08
CA SER F 506 3.38 -21.51 3.42
C SER F 506 3.28 -20.72 4.72
N HIS F 507 4.01 -21.15 5.74
CA HIS F 507 4.06 -20.51 7.05
C HIS F 507 5.36 -19.78 7.31
N THR F 508 6.47 -20.26 6.75
CA THR F 508 7.77 -19.67 6.96
C THR F 508 8.08 -18.59 5.93
N TRP F 509 9.04 -17.75 6.27
CA TRP F 509 9.59 -16.82 5.30
C TRP F 509 10.33 -17.55 4.19
N ASN F 510 11.09 -18.56 4.55
CA ASN F 510 12.00 -19.20 3.61
C ASN F 510 11.28 -20.25 2.78
N PRO F 511 11.80 -20.61 1.60
CA PRO F 511 11.24 -21.73 0.87
C PRO F 511 11.65 -23.07 1.46
N ILE F 512 11.00 -24.12 0.98
CA ILE F 512 11.23 -25.48 1.45
C ILE F 512 11.92 -26.29 0.35
N GLN F 513 12.34 -27.50 0.70
CA GLN F 513 12.90 -28.40 -0.29
C GLN F 513 11.80 -29.01 -1.14
N GLN F 514 12.04 -29.09 -2.45
CA GLN F 514 11.08 -29.59 -3.42
C GLN F 514 11.79 -30.52 -4.38
N MET F 515 11.06 -31.51 -4.88
CA MET F 515 11.62 -32.41 -5.88
C MET F 515 11.70 -31.67 -7.20
N SER F 516 12.82 -31.81 -7.90
CA SER F 516 13.04 -31.09 -9.15
C SER F 516 13.99 -31.86 -10.03
N ILE F 517 13.72 -31.80 -11.34
CA ILE F 517 14.66 -32.31 -12.31
C ILE F 517 15.84 -31.36 -12.41
N ASN F 518 17.04 -31.90 -12.64
CA ASN F 518 18.24 -31.10 -12.81
C ASN F 518 19.14 -31.79 -13.81
N VAL F 519 20.31 -31.18 -14.04
CA VAL F 519 21.22 -31.68 -15.08
C VAL F 519 21.78 -33.04 -14.72
N ASP F 520 21.96 -33.32 -13.42
CA ASP F 520 22.55 -34.59 -13.02
C ASP F 520 21.56 -35.75 -13.23
N ASN F 521 20.31 -35.56 -12.82
CA ASN F 521 19.28 -36.60 -12.90
C ASN F 521 18.36 -36.43 -14.10
N GLN F 522 18.85 -35.79 -15.17
CA GLN F 522 18.00 -35.49 -16.32
C GLN F 522 17.54 -36.76 -17.03
N PHE F 523 18.48 -37.67 -17.31
CA PHE F 523 18.18 -38.83 -18.13
C PHE F 523 17.50 -39.96 -17.38
N ASN F 524 17.39 -39.87 -16.05
CA ASN F 524 16.69 -40.90 -15.30
C ASN F 524 15.20 -40.96 -15.63
N TYR F 525 14.62 -39.85 -16.08
CA TYR F 525 13.18 -39.72 -16.30
C TYR F 525 12.83 -39.60 -17.77
N VAL F 526 13.53 -40.31 -18.65
CA VAL F 526 13.28 -40.25 -20.09
C VAL F 526 13.83 -41.51 -20.75
N PRO F 527 13.16 -42.03 -21.78
CA PRO F 527 13.66 -43.26 -22.41
C PRO F 527 15.00 -43.08 -23.09
N SER F 528 15.71 -44.20 -23.22
CA SER F 528 16.99 -44.24 -23.91
C SER F 528 16.78 -44.32 -25.41
N ASN F 529 17.88 -44.37 -26.15
CA ASN F 529 17.80 -44.45 -27.60
C ASN F 529 17.39 -45.84 -28.08
N ILE F 530 17.73 -46.89 -27.32
CA ILE F 530 17.30 -48.25 -27.60
C ILE F 530 16.07 -48.64 -26.78
N GLY F 531 15.35 -47.65 -26.23
CA GLY F 531 14.08 -47.90 -25.61
C GLY F 531 14.11 -48.24 -24.13
N GLY F 532 15.27 -48.23 -23.49
CA GLY F 532 15.34 -48.56 -22.08
C GLY F 532 14.67 -47.51 -21.23
N MET F 533 14.22 -47.93 -20.05
CA MET F 533 13.57 -47.05 -19.08
C MET F 533 13.98 -47.47 -17.67
N LYS F 534 13.94 -46.50 -16.76
CA LYS F 534 14.17 -46.75 -15.34
C LYS F 534 13.25 -45.83 -14.55
N ILE F 535 13.06 -46.17 -13.27
CA ILE F 535 12.34 -45.33 -12.32
C ILE F 535 13.19 -45.27 -11.06
N VAL F 536 13.88 -44.15 -10.87
CA VAL F 536 14.71 -43.97 -9.68
C VAL F 536 13.81 -43.60 -8.49
N TYR F 537 14.38 -43.64 -7.30
CA TYR F 537 13.64 -43.41 -6.08
C TYR F 537 13.60 -41.92 -5.74
N GLU F 538 12.47 -41.50 -5.17
CA GLU F 538 12.23 -40.13 -4.76
C GLU F 538 11.76 -40.10 -3.31
N LYS F 539 12.26 -39.12 -2.56
CA LYS F 539 11.85 -38.95 -1.16
C LYS F 539 10.39 -38.55 -1.11
N SER F 540 9.71 -38.95 -0.02
CA SER F 540 8.30 -38.62 0.17
C SER F 540 8.13 -37.37 1.02
N GLN F 541 8.65 -37.40 2.25
CA GLN F 541 8.44 -36.34 3.23
C GLN F 541 9.46 -35.21 3.06
N LEU F 542 9.26 -34.38 2.04
CA LEU F 542 10.23 -33.35 1.71
C LEU F 542 10.08 -32.13 2.62
N ALA F 543 8.85 -31.67 2.82
CA ALA F 543 8.65 -30.41 3.52
C ALA F 543 8.91 -30.60 5.02
N PRO F 544 9.45 -29.60 5.73
CA PRO F 544 9.55 -29.72 7.18
C PRO F 544 8.21 -29.47 7.87
N ARG F 545 8.15 -29.85 9.14
CA ARG F 545 6.97 -29.67 9.98
C ARG F 545 7.39 -29.21 11.36
N LYS F 546 6.54 -28.40 11.98
CA LYS F 546 6.78 -27.94 13.35
C LYS F 546 6.35 -29.03 14.32
N LEU F 547 7.30 -29.56 15.08
CA LEU F 547 6.99 -30.62 16.03
C LEU F 547 6.37 -30.05 17.30
N TYR F 548 6.98 -29.03 17.86
CA TYR F 548 6.59 -28.53 19.18
C TYR F 548 7.07 -27.09 19.37
N GLY G 1 -12.97 15.77 18.69
CA GLY G 1 -11.94 16.27 19.66
C GLY G 1 -10.79 16.99 18.99
N VAL G 2 -9.64 16.99 19.67
CA VAL G 2 -8.48 17.72 19.17
C VAL G 2 -7.94 17.07 17.91
N GLY G 3 -7.79 15.74 17.93
CA GLY G 3 -7.02 15.04 16.93
C GLY G 3 -7.74 14.64 15.67
N ILE G 4 -9.01 15.02 15.49
CA ILE G 4 -9.79 14.68 14.31
C ILE G 4 -9.79 15.88 13.38
N SER G 5 -9.38 15.66 12.14
CA SER G 5 -9.42 16.71 11.13
C SER G 5 -10.87 17.08 10.85
N THR G 6 -11.11 18.37 10.60
CA THR G 6 -12.45 18.94 10.52
C THR G 6 -12.78 19.51 9.15
N GLY G 7 -12.15 19.00 8.10
CA GLY G 7 -12.47 19.45 6.76
C GLY G 7 -11.45 18.94 5.77
N THR G 8 -11.65 19.35 4.51
CA THR G 8 -10.85 18.92 3.38
C THR G 8 -10.35 20.13 2.60
N PHE G 9 -9.22 19.94 1.93
CA PHE G 9 -8.65 20.91 1.02
C PHE G 9 -9.19 20.63 -0.38
N ASN G 10 -9.56 21.69 -1.08
CA ASN G 10 -10.12 21.54 -2.42
C ASN G 10 -9.87 22.82 -3.20
N ASN G 11 -8.99 22.74 -4.19
CA ASN G 11 -8.72 23.83 -5.13
C ASN G 11 -9.02 23.42 -6.56
N GLN G 12 -9.99 22.52 -6.73
CA GLN G 12 -10.40 22.09 -8.06
C GLN G 12 -11.31 23.12 -8.71
N THR G 13 -11.50 22.97 -10.01
CA THR G 13 -12.53 23.68 -10.75
C THR G 13 -13.26 22.68 -11.63
N GLU G 14 -14.58 22.64 -11.48
CA GLU G 14 -15.44 21.69 -12.16
C GLU G 14 -16.33 22.45 -13.14
N PHE G 15 -16.41 21.94 -14.37
CA PHE G 15 -17.21 22.57 -15.43
C PHE G 15 -18.33 21.59 -15.77
N LYS G 16 -19.41 21.67 -14.99
CA LYS G 16 -20.57 20.83 -15.21
C LYS G 16 -21.40 21.43 -16.34
N PHE G 17 -21.86 20.57 -17.25
CA PHE G 17 -22.50 21.01 -18.47
C PHE G 17 -24.00 20.74 -18.42
N LEU G 18 -24.77 21.72 -18.89
CA LEU G 18 -26.22 21.73 -18.81
C LEU G 18 -26.80 21.82 -20.21
N GLU G 19 -28.10 21.58 -20.32
CA GLU G 19 -28.78 21.70 -21.60
C GLU G 19 -28.91 23.16 -22.01
N ASN G 20 -29.15 23.37 -23.30
CA ASN G 20 -29.30 24.70 -23.90
C ASN G 20 -28.04 25.55 -23.75
N GLY G 21 -26.87 24.92 -23.79
CA GLY G 21 -25.62 25.63 -23.94
C GLY G 21 -25.01 26.21 -22.69
N TRP G 22 -25.64 26.06 -21.53
CA TRP G 22 -25.16 26.68 -20.31
C TRP G 22 -24.20 25.74 -19.58
N VAL G 23 -23.32 26.33 -18.77
CA VAL G 23 -22.29 25.61 -18.02
C VAL G 23 -22.25 26.18 -16.62
N GLU G 24 -22.12 25.30 -15.63
CA GLU G 24 -21.95 25.68 -14.22
C GLU G 24 -20.48 25.49 -13.89
N ILE G 25 -19.79 26.60 -13.61
CA ILE G 25 -18.36 26.60 -13.34
C ILE G 25 -18.20 26.77 -11.82
N THR G 26 -17.93 25.67 -11.14
CA THR G 26 -17.80 25.65 -9.69
C THR G 26 -16.31 25.75 -9.35
N ALA G 27 -15.91 26.89 -8.80
CA ALA G 27 -14.52 27.22 -8.54
C ALA G 27 -14.24 27.07 -7.05
N ASN G 28 -13.57 25.99 -6.68
CA ASN G 28 -13.12 25.78 -5.32
C ASN G 28 -11.75 26.41 -5.14
N SER G 29 -11.57 27.07 -4.01
CA SER G 29 -10.29 27.67 -3.64
C SER G 29 -10.04 27.41 -2.17
N SER G 30 -8.81 27.05 -1.84
CA SER G 30 -8.40 26.73 -0.49
C SER G 30 -7.02 27.29 -0.22
N ARG G 31 -6.82 27.78 1.01
CA ARG G 31 -5.57 28.41 1.41
C ARG G 31 -5.29 28.09 2.87
N LEU G 32 -4.03 28.26 3.27
CA LEU G 32 -3.61 28.21 4.65
C LEU G 32 -3.32 29.64 5.10
N VAL G 33 -4.12 30.15 6.02
CA VAL G 33 -4.11 31.56 6.40
C VAL G 33 -3.39 31.69 7.73
N HIS G 34 -2.37 32.55 7.75
CA HIS G 34 -1.52 32.80 8.91
C HIS G 34 -1.89 34.13 9.53
N LEU G 35 -2.21 34.13 10.83
CA LEU G 35 -2.72 35.31 11.53
C LEU G 35 -1.92 35.51 12.81
N ASN G 36 -1.10 36.55 12.84
CA ASN G 36 -0.48 36.99 14.08
C ASN G 36 -1.51 37.72 14.93
N MET G 37 -1.23 37.81 16.24
CA MET G 37 -2.14 38.52 17.12
C MET G 37 -2.05 40.01 16.83
N PRO G 38 -3.04 40.80 17.24
CA PRO G 38 -2.99 42.24 16.97
C PRO G 38 -1.87 42.92 17.73
N GLU G 39 -1.38 44.03 17.16
CA GLU G 39 -0.37 44.82 17.84
C GLU G 39 -0.91 45.42 19.14
N SER G 40 -2.19 45.78 19.16
CA SER G 40 -2.83 46.27 20.37
C SER G 40 -4.29 45.87 20.34
N GLU G 41 -4.81 45.52 21.52
CA GLU G 41 -6.18 45.04 21.62
C GLU G 41 -7.22 46.15 21.41
N ASN G 42 -6.81 47.41 21.45
CA ASN G 42 -7.75 48.51 21.48
C ASN G 42 -8.00 49.11 20.10
N TYR G 43 -9.09 49.83 19.98
CA TYR G 43 -9.40 50.61 18.79
C TYR G 43 -8.72 51.97 18.86
N ARG G 44 -8.18 52.42 17.72
CA ARG G 44 -7.46 53.68 17.60
C ARG G 44 -8.07 54.53 16.51
N ARG G 45 -8.18 55.83 16.77
CA ARG G 45 -8.62 56.81 15.77
C ARG G 45 -7.36 57.51 15.28
N VAL G 46 -6.75 56.95 14.24
CA VAL G 46 -5.52 57.50 13.69
C VAL G 46 -5.86 58.54 12.63
N VAL G 47 -5.11 59.62 12.60
CA VAL G 47 -5.22 60.68 11.60
C VAL G 47 -3.89 60.77 10.86
N VAL G 48 -3.96 60.72 9.53
CA VAL G 48 -2.80 60.77 8.66
C VAL G 48 -2.79 62.12 7.96
N ASN G 49 -1.61 62.72 7.85
CA ASN G 49 -1.50 64.05 7.23
C ASN G 49 -0.09 64.22 6.72
N ASN G 50 0.08 64.17 5.40
CA ASN G 50 1.36 64.44 4.75
C ASN G 50 1.43 65.90 4.33
N MET G 51 1.38 66.76 5.35
CA MET G 51 1.38 68.20 5.11
C MET G 51 2.68 68.66 4.47
N ASP G 52 3.80 68.03 4.85
CA ASP G 52 5.09 68.44 4.30
C ASP G 52 5.16 68.17 2.80
N LYS G 53 4.62 67.04 2.35
CA LYS G 53 4.63 66.73 0.93
C LYS G 53 3.59 67.55 0.18
N THR G 54 2.47 67.87 0.82
CA THR G 54 1.41 68.64 0.19
C THR G 54 1.63 70.14 0.31
N ALA G 55 2.40 70.60 1.29
CA ALA G 55 2.70 72.02 1.40
C ALA G 55 3.57 72.52 0.26
N VAL G 56 4.35 71.65 -0.36
CA VAL G 56 5.11 72.04 -1.54
C VAL G 56 4.13 72.34 -2.66
N ASN G 57 4.28 73.51 -3.28
CA ASN G 57 3.30 73.96 -4.25
C ASN G 57 3.35 73.10 -5.50
N GLY G 58 2.16 72.79 -6.05
CA GLY G 58 2.01 71.94 -7.20
C GLY G 58 1.68 70.49 -6.91
N ASN G 59 1.84 70.04 -5.66
CA ASN G 59 1.51 68.68 -5.25
C ASN G 59 0.08 68.55 -4.73
N MET G 60 -0.91 68.91 -5.54
CA MET G 60 -2.30 68.72 -5.15
C MET G 60 -2.66 67.23 -5.16
N ALA G 61 -2.12 66.47 -6.10
CA ALA G 61 -2.51 65.08 -6.28
C ALA G 61 -1.88 64.13 -5.26
N LEU G 62 -0.82 64.55 -4.58
CA LEU G 62 -0.13 63.69 -3.63
C LEU G 62 -0.75 63.71 -2.23
N ASP G 63 -1.96 64.22 -2.09
CA ASP G 63 -2.65 64.23 -0.80
C ASP G 63 -2.91 62.80 -0.35
N ASP G 64 -2.78 62.58 0.96
CA ASP G 64 -3.08 61.30 1.59
C ASP G 64 -3.80 61.48 2.93
N ILE G 65 -4.45 62.63 3.14
CA ILE G 65 -5.10 62.90 4.41
C ILE G 65 -6.32 62.00 4.54
N HIS G 66 -6.44 61.34 5.68
CA HIS G 66 -7.66 60.63 6.03
C HIS G 66 -7.60 60.29 7.52
N ALA G 67 -8.75 59.85 8.03
CA ALA G 67 -8.88 59.39 9.41
C ALA G 67 -9.50 58.00 9.40
N GLN G 68 -8.74 57.03 9.92
CA GLN G 68 -9.14 55.62 9.89
C GLN G 68 -9.18 55.08 11.31
N ILE G 69 -10.20 54.28 11.58
CA ILE G 69 -10.35 53.60 12.87
C ILE G 69 -9.61 52.27 12.76
N VAL G 70 -8.41 52.22 13.35
CA VAL G 70 -7.62 50.99 13.34
C VAL G 70 -8.24 50.02 14.34
N THR G 71 -8.38 48.77 13.91
CA THR G 71 -9.19 47.76 14.56
C THR G 71 -8.32 46.52 14.78
N PRO G 72 -8.44 45.81 15.91
CA PRO G 72 -7.62 44.61 16.07
C PRO G 72 -7.94 43.49 15.10
N TRP G 73 -9.09 43.51 14.45
CA TRP G 73 -9.50 42.40 13.61
C TRP G 73 -8.74 42.38 12.29
N SER G 74 -8.78 41.22 11.64
CA SER G 74 -8.24 41.02 10.31
C SER G 74 -9.34 40.42 9.44
N LEU G 75 -9.29 40.75 8.16
CA LEU G 75 -10.37 40.43 7.21
C LEU G 75 -9.86 39.40 6.20
N VAL G 76 -10.60 38.31 6.07
CA VAL G 76 -10.28 37.24 5.13
C VAL G 76 -11.16 37.50 3.90
N ASP G 77 -10.58 38.15 2.89
CA ASP G 77 -11.28 38.58 1.69
C ASP G 77 -10.77 37.79 0.49
N ALA G 78 -11.70 37.17 -0.24
CA ALA G 78 -11.40 36.39 -1.43
C ALA G 78 -12.00 36.97 -2.69
N ASN G 79 -12.22 38.28 -2.73
CA ASN G 79 -12.88 38.95 -3.84
C ASN G 79 -11.90 39.35 -4.93
N ALA G 80 -11.27 38.37 -5.57
CA ALA G 80 -10.43 38.64 -6.72
C ALA G 80 -10.34 37.38 -7.57
N TRP G 81 -10.11 37.58 -8.87
CA TRP G 81 -10.21 36.46 -9.80
C TRP G 81 -9.10 35.45 -9.56
N GLY G 82 -7.88 35.93 -9.27
CA GLY G 82 -6.75 35.03 -9.09
C GLY G 82 -6.89 34.10 -7.91
N VAL G 83 -7.71 34.46 -6.92
CA VAL G 83 -7.97 33.57 -5.80
C VAL G 83 -8.65 32.29 -6.24
N TRP G 84 -9.40 32.32 -7.35
CA TRP G 84 -10.29 31.23 -7.76
C TRP G 84 -9.78 30.47 -8.97
N PHE G 85 -9.49 31.15 -10.08
CA PHE G 85 -9.10 30.52 -11.33
C PHE G 85 -7.60 30.61 -11.53
N ASN G 86 -7.00 29.54 -12.03
CA ASN G 86 -5.63 29.54 -12.52
C ASN G 86 -5.66 29.94 -13.99
N PRO G 87 -4.51 30.20 -14.62
CA PRO G 87 -4.53 30.69 -16.01
C PRO G 87 -5.17 29.76 -17.03
N GLY G 88 -5.08 28.44 -16.86
CA GLY G 88 -5.70 27.54 -17.81
C GLY G 88 -7.22 27.62 -17.80
N ASP G 89 -7.80 27.66 -16.60
CA ASP G 89 -9.25 27.85 -16.51
C ASP G 89 -9.66 29.19 -17.09
N TRP G 90 -8.88 30.24 -16.85
CA TRP G 90 -9.21 31.54 -17.43
C TRP G 90 -9.16 31.51 -18.95
N GLN G 91 -8.19 30.77 -19.51
CA GLN G 91 -8.17 30.57 -20.96
C GLN G 91 -9.46 29.94 -21.43
N LEU G 92 -9.93 28.91 -20.71
CA LEU G 92 -11.14 28.23 -21.12
C LEU G 92 -12.36 29.15 -21.03
N ILE G 93 -12.47 29.92 -19.93
CA ILE G 93 -13.60 30.83 -19.75
C ILE G 93 -13.62 31.89 -20.84
N VAL G 94 -12.48 32.56 -21.06
CA VAL G 94 -12.48 33.69 -21.98
C VAL G 94 -12.59 33.22 -23.42
N ASN G 95 -11.99 32.08 -23.77
CA ASN G 95 -12.06 31.62 -25.15
C ASN G 95 -13.41 31.04 -25.53
N THR G 96 -14.03 30.23 -24.66
CA THR G 96 -15.20 29.46 -25.07
C THR G 96 -16.52 30.13 -24.72
N MET G 97 -16.60 30.82 -23.59
CA MET G 97 -17.86 31.34 -23.08
C MET G 97 -18.04 32.79 -23.48
N SER G 98 -19.31 33.18 -23.62
CA SER G 98 -19.72 34.51 -24.05
C SER G 98 -20.24 35.38 -22.92
N GLU G 99 -21.24 34.91 -22.18
CA GLU G 99 -21.78 35.59 -21.01
C GLU G 99 -21.33 34.84 -19.77
N LEU G 100 -21.39 35.54 -18.63
CA LEU G 100 -20.89 34.99 -17.37
C LEU G 100 -21.71 35.58 -16.23
N HIS G 101 -22.56 34.75 -15.64
CA HIS G 101 -23.35 35.12 -14.47
C HIS G 101 -22.60 34.70 -13.21
N LEU G 102 -23.14 35.08 -12.06
CA LEU G 102 -22.66 34.69 -10.75
C LEU G 102 -23.82 34.13 -9.94
N VAL G 103 -23.67 32.91 -9.44
CA VAL G 103 -24.78 32.14 -8.87
C VAL G 103 -24.73 32.16 -7.35
N SER G 104 -23.61 31.73 -6.77
CA SER G 104 -23.54 31.54 -5.33
C SER G 104 -22.11 31.63 -4.82
N PHE G 105 -21.99 31.65 -3.49
CA PHE G 105 -20.71 31.81 -2.81
C PHE G 105 -20.83 31.35 -1.37
N GLU G 106 -19.79 30.70 -0.86
CA GLU G 106 -19.75 30.31 0.54
C GLU G 106 -18.30 30.17 0.99
N GLN G 107 -18.10 30.26 2.31
CA GLN G 107 -16.79 30.17 2.94
C GLN G 107 -16.86 29.27 4.16
N GLU G 108 -15.70 28.77 4.57
CA GLU G 108 -15.58 28.10 5.86
C GLU G 108 -14.14 28.04 6.30
N ILE G 109 -13.92 28.26 7.60
CA ILE G 109 -12.63 28.13 8.27
C ILE G 109 -12.63 26.79 8.98
N PHE G 110 -11.55 26.04 8.85
CA PHE G 110 -11.46 24.71 9.42
C PHE G 110 -10.02 24.36 9.76
N ASN G 111 -9.86 23.37 10.62
CA ASN G 111 -8.57 22.92 11.13
C ASN G 111 -7.77 24.08 11.72
N VAL G 112 -8.37 24.74 12.70
CA VAL G 112 -7.69 25.83 13.37
C VAL G 112 -6.54 25.26 14.19
N VAL G 113 -5.37 25.89 14.06
CA VAL G 113 -4.19 25.59 14.86
C VAL G 113 -3.83 26.87 15.57
N LEU G 114 -3.21 26.75 16.75
CA LEU G 114 -3.00 27.90 17.63
C LEU G 114 -1.83 27.60 18.53
N LYS G 115 -0.74 28.36 18.36
CA LYS G 115 0.55 28.10 18.99
C LYS G 115 1.01 29.32 19.79
N THR G 116 2.00 29.09 20.65
CA THR G 116 2.58 30.11 21.50
C THR G 116 4.10 30.09 21.37
N VAL G 117 4.71 31.25 21.58
CA VAL G 117 6.14 31.48 21.39
C VAL G 117 6.74 31.85 22.73
N SER G 118 7.87 31.24 23.07
CA SER G 118 8.62 31.59 24.27
C SER G 118 10.10 31.35 24.03
N GLU G 119 10.92 32.18 24.65
CA GLU G 119 12.35 32.20 24.41
C GLU G 119 12.90 30.92 25.05
N THR G 126 17.07 31.62 21.41
CA THR G 126 16.39 30.40 21.01
C THR G 126 14.89 30.57 21.19
N LYS G 127 14.11 29.73 20.51
CA LYS G 127 12.65 29.80 20.54
C LYS G 127 12.07 28.39 20.57
N VAL G 128 11.00 28.22 21.32
CA VAL G 128 10.25 26.98 21.40
C VAL G 128 8.79 27.28 21.10
N TYR G 129 8.18 26.45 20.26
CA TYR G 129 6.81 26.60 19.82
C TYR G 129 5.97 25.51 20.47
N ASN G 130 4.94 25.92 21.20
CA ASN G 130 4.10 25.02 21.98
C ASN G 130 2.65 25.13 21.52
N ASN G 131 1.99 23.98 21.42
CA ASN G 131 0.56 23.99 21.16
C ASN G 131 -0.17 24.49 22.39
N ASP G 132 -1.09 25.41 22.17
CA ASP G 132 -1.92 25.99 23.21
C ASP G 132 -3.36 25.62 22.86
N LEU G 133 -3.77 24.44 23.32
CA LEU G 133 -5.01 23.83 22.85
C LEU G 133 -6.24 24.59 23.33
N THR G 134 -6.21 25.09 24.55
CA THR G 134 -7.39 25.70 25.14
C THR G 134 -7.66 27.13 24.68
N ALA G 135 -6.71 27.76 23.98
CA ALA G 135 -6.95 29.11 23.50
C ALA G 135 -7.90 29.09 22.32
N SER G 136 -8.30 30.29 21.88
CA SER G 136 -9.42 30.48 20.96
C SER G 136 -9.04 31.37 19.80
N LEU G 137 -9.72 31.14 18.67
CA LEU G 137 -9.70 32.03 17.50
C LEU G 137 -11.09 32.65 17.39
N MET G 138 -11.13 33.96 17.24
CA MET G 138 -12.36 34.73 17.34
C MET G 138 -12.81 35.12 15.93
N VAL G 139 -13.97 34.61 15.52
CA VAL G 139 -14.45 34.67 14.14
C VAL G 139 -15.80 35.35 14.12
N ALA G 140 -16.00 36.23 13.13
CA ALA G 140 -17.26 36.95 12.94
C ALA G 140 -17.59 37.04 11.46
N LEU G 141 -18.88 36.92 11.15
CA LEU G 141 -19.41 37.01 9.80
C LEU G 141 -20.53 38.03 9.81
N ASP G 142 -20.30 39.19 9.20
CA ASP G 142 -21.29 40.27 9.21
C ASP G 142 -22.24 39.92 8.06
N SER G 143 -23.26 39.13 8.39
CA SER G 143 -24.19 38.66 7.36
C SER G 143 -25.10 39.78 6.89
N ASN G 144 -25.58 40.62 7.79
CA ASN G 144 -26.51 41.69 7.44
C ASN G 144 -25.84 42.87 6.72
N ASN G 145 -24.51 42.91 6.65
CA ASN G 145 -23.77 44.03 6.06
C ASN G 145 -24.13 45.33 6.78
N THR G 146 -24.06 45.28 8.11
CA THR G 146 -24.20 46.48 8.92
C THR G 146 -22.93 47.33 8.91
N MET G 147 -21.77 46.72 8.66
CA MET G 147 -20.50 47.40 8.75
C MET G 147 -20.08 47.99 7.41
N PRO G 148 -19.08 48.89 7.39
CA PRO G 148 -18.63 49.45 6.12
C PRO G 148 -18.02 48.40 5.21
N PHE G 149 -18.44 48.40 3.96
CA PHE G 149 -17.85 47.53 2.96
C PHE G 149 -16.46 48.03 2.61
N THR G 150 -15.51 47.10 2.53
CA THR G 150 -14.10 47.42 2.34
C THR G 150 -13.50 46.36 1.42
N PRO G 151 -13.58 46.54 0.10
CA PRO G 151 -13.01 45.51 -0.78
C PRO G 151 -11.50 45.56 -0.75
N ALA G 152 -10.89 44.39 -0.52
CA ALA G 152 -9.44 44.30 -0.44
C ALA G 152 -8.74 44.35 -1.79
N ALA G 153 -9.49 44.29 -2.90
CA ALA G 153 -8.86 44.28 -4.21
C ALA G 153 -8.18 45.60 -4.55
N MET G 154 -8.74 46.71 -4.09
CA MET G 154 -8.19 48.02 -4.45
C MET G 154 -6.80 48.25 -3.86
N ARG G 155 -6.48 47.63 -2.73
CA ARG G 155 -5.19 47.80 -2.06
C ARG G 155 -4.24 46.64 -2.27
N SER G 156 -4.57 45.67 -3.12
CA SER G 156 -3.77 44.47 -3.33
C SER G 156 -3.57 43.73 -2.01
N GLU G 157 -4.69 43.47 -1.34
CA GLU G 157 -4.73 42.89 0.00
C GLU G 157 -5.52 41.58 0.07
N THR G 158 -6.01 41.07 -1.04
CA THR G 158 -6.77 39.82 -1.02
C THR G 158 -5.84 38.64 -0.71
N LEU G 159 -6.43 37.46 -0.61
CA LEU G 159 -5.68 36.25 -0.33
C LEU G 159 -4.74 35.93 -1.49
N GLY G 160 -3.76 35.07 -1.24
CA GLY G 160 -2.80 34.74 -2.27
C GLY G 160 -3.43 33.98 -3.41
N PHE G 161 -2.78 34.09 -4.57
CA PHE G 161 -3.26 33.46 -5.80
C PHE G 161 -2.54 32.16 -6.13
N TYR G 162 -1.88 31.54 -5.15
CA TYR G 162 -1.21 30.25 -5.29
C TYR G 162 -1.75 29.30 -4.24
N PRO G 163 -2.32 28.13 -4.59
CA PRO G 163 -2.79 27.24 -3.52
C PRO G 163 -1.70 26.67 -2.63
N TRP G 164 -0.44 26.69 -3.05
CA TRP G 164 0.65 26.03 -2.34
C TRP G 164 1.50 26.98 -1.51
N LYS G 165 1.21 28.31 -1.52
CA LYS G 165 1.88 29.28 -0.65
C LYS G 165 0.94 29.69 0.47
N PRO G 166 1.34 29.70 1.74
CA PRO G 166 0.47 30.29 2.76
C PRO G 166 0.30 31.78 2.53
N THR G 167 -0.87 32.29 2.90
CA THR G 167 -1.25 33.68 2.74
C THR G 167 -1.55 34.26 4.11
N ILE G 168 -1.85 35.56 4.13
CA ILE G 168 -2.11 36.30 5.37
C ILE G 168 -3.40 37.09 5.20
N PRO G 169 -4.14 37.41 6.28
CA PRO G 169 -5.27 38.32 6.15
C PRO G 169 -4.83 39.76 6.34
N THR G 170 -5.68 40.67 5.88
CA THR G 170 -5.37 42.10 5.95
C THR G 170 -5.89 42.66 7.27
N PRO G 171 -5.11 43.41 8.04
CA PRO G 171 -5.68 44.07 9.23
C PRO G 171 -6.75 45.07 8.83
N TRP G 172 -7.91 44.96 9.45
CA TRP G 172 -9.06 45.72 9.01
C TRP G 172 -9.01 47.15 9.51
N ARG G 173 -9.57 48.06 8.72
CA ARG G 173 -9.57 49.48 9.01
C ARG G 173 -10.60 50.12 8.10
N TYR G 174 -11.28 51.15 8.61
CA TYR G 174 -12.32 51.83 7.86
C TYR G 174 -12.24 53.32 8.10
N TYR G 175 -12.70 54.08 7.12
CA TYR G 175 -12.59 55.53 7.15
C TYR G 175 -13.50 56.14 8.20
N PHE G 176 -12.91 56.73 9.23
CA PHE G 176 -13.61 57.69 10.05
C PHE G 176 -13.83 58.95 9.25
N GLN G 177 -14.76 59.79 9.70
CA GLN G 177 -15.05 61.02 8.96
C GLN G 177 -13.95 62.04 9.22
N TRP G 178 -13.74 62.93 8.26
CA TRP G 178 -12.86 64.07 8.43
C TRP G 178 -13.30 65.17 7.48
N ASP G 179 -12.77 66.36 7.70
CA ASP G 179 -13.04 67.54 6.89
C ASP G 179 -11.74 68.22 6.56
N ARG G 180 -11.57 68.58 5.28
CA ARG G 180 -10.31 69.09 4.78
C ARG G 180 -10.57 70.00 3.60
N THR G 181 -9.72 71.03 3.47
CA THR G 181 -9.70 71.90 2.29
C THR G 181 -8.26 72.02 1.82
N LEU G 182 -8.07 71.90 0.50
CA LEU G 182 -6.76 72.04 -0.14
C LEU G 182 -6.98 72.82 -1.43
N ILE G 183 -6.80 74.14 -1.35
CA ILE G 183 -6.92 74.96 -2.57
C ILE G 183 -5.72 74.67 -3.47
N PRO G 184 -5.88 74.51 -4.79
CA PRO G 184 -4.73 74.09 -5.60
C PRO G 184 -3.66 75.17 -5.70
N SER G 185 -2.58 74.80 -6.38
CA SER G 185 -1.49 75.71 -6.70
C SER G 185 -0.70 75.13 -7.86
N HIS G 186 0.06 75.98 -8.54
CA HIS G 186 1.04 75.56 -9.54
C HIS G 186 2.45 75.81 -9.00
N THR G 187 3.43 75.31 -9.73
CA THR G 187 4.82 75.49 -9.32
C THR G 187 5.18 76.97 -9.31
N GLY G 188 5.72 77.42 -8.19
CA GLY G 188 6.07 78.83 -8.06
C GLY G 188 4.89 79.76 -7.93
N THR G 189 3.85 79.36 -7.20
CA THR G 189 2.73 80.26 -6.97
C THR G 189 3.12 81.36 -5.98
N SER G 190 2.25 82.36 -5.86
CA SER G 190 2.59 83.56 -5.11
C SER G 190 2.72 83.34 -3.61
N GLY G 191 2.07 82.33 -3.05
CA GLY G 191 2.16 82.08 -1.64
C GLY G 191 1.82 80.65 -1.29
N THR G 192 1.33 80.45 -0.06
CA THR G 192 0.95 79.15 0.46
C THR G 192 -0.57 79.04 0.47
N PRO G 193 -1.23 78.20 -0.34
CA PRO G 193 -2.70 78.11 -0.26
C PRO G 193 -3.14 77.44 1.03
N THR G 194 -4.44 77.52 1.29
CA THR G 194 -4.99 77.01 2.54
C THR G 194 -4.96 75.49 2.52
N ASN G 195 -4.24 74.91 3.49
CA ASN G 195 -4.04 73.47 3.64
C ASN G 195 -4.17 73.21 5.13
N ILE G 196 -5.41 72.99 5.58
CA ILE G 196 -5.71 72.74 6.99
C ILE G 196 -6.69 71.58 7.09
N TYR G 197 -6.69 70.95 8.27
CA TYR G 197 -7.54 69.82 8.61
C TYR G 197 -8.52 70.27 9.68
N HIS G 198 -9.79 70.39 9.30
CA HIS G 198 -10.81 70.99 10.14
C HIS G 198 -11.11 70.19 11.40
N GLY G 199 -10.91 68.88 11.38
CA GLY G 199 -11.38 68.00 12.43
C GLY G 199 -12.43 67.04 11.91
N THR G 200 -13.49 66.85 12.69
CA THR G 200 -14.59 65.96 12.34
C THR G 200 -15.91 66.61 12.74
N ASP G 201 -16.83 66.72 11.79
CA ASP G 201 -18.15 67.23 12.11
C ASP G 201 -18.87 66.21 13.00
N PRO G 202 -19.68 66.64 13.98
CA PRO G 202 -20.20 65.65 14.93
C PRO G 202 -21.25 64.72 14.36
N ASP G 203 -22.14 65.23 13.51
CA ASP G 203 -23.29 64.46 13.06
C ASP G 203 -22.96 63.38 12.03
N ASP G 204 -21.77 63.38 11.44
CA ASP G 204 -21.31 62.33 10.55
C ASP G 204 -20.42 61.29 11.24
N VAL G 205 -20.26 61.37 12.56
CA VAL G 205 -19.41 60.43 13.27
C VAL G 205 -20.08 59.06 13.29
N GLN G 206 -19.27 58.01 13.14
CA GLN G 206 -19.78 56.64 13.14
C GLN G 206 -18.66 55.71 13.60
N PHE G 207 -18.69 55.34 14.88
CA PHE G 207 -17.73 54.41 15.48
C PHE G 207 -18.36 53.03 15.54
N TYR G 208 -17.83 52.11 14.75
CA TYR G 208 -18.29 50.73 14.68
C TYR G 208 -17.31 49.81 15.39
N THR G 209 -17.83 48.71 15.91
CA THR G 209 -17.02 47.67 16.53
C THR G 209 -17.65 46.32 16.23
N ILE G 210 -16.81 45.30 16.11
CA ILE G 210 -17.30 43.94 15.84
C ILE G 210 -18.18 43.47 16.99
N GLU G 211 -17.79 43.77 18.22
CA GLU G 211 -18.44 43.16 19.38
C GLU G 211 -19.89 43.58 19.49
N ASN G 212 -20.19 44.85 19.28
CA ASN G 212 -21.56 45.33 19.39
C ASN G 212 -22.39 45.04 18.15
N SER G 213 -21.77 44.68 17.03
CA SER G 213 -22.45 44.68 15.73
C SER G 213 -22.87 43.29 15.25
N VAL G 214 -22.07 42.26 15.51
CA VAL G 214 -22.25 40.94 14.90
C VAL G 214 -21.94 39.87 15.94
N PRO G 215 -22.59 38.70 15.94
CA PRO G 215 -22.15 37.64 16.86
C PRO G 215 -20.76 37.14 16.49
N VAL G 216 -19.97 36.83 17.50
CA VAL G 216 -18.59 36.36 17.33
C VAL G 216 -18.54 34.92 17.82
N HIS G 217 -18.10 34.02 16.94
CA HIS G 217 -17.94 32.61 17.29
C HIS G 217 -16.51 32.36 17.77
N LEU G 218 -16.39 31.57 18.84
CA LEU G 218 -15.11 31.19 19.41
C LEU G 218 -14.77 29.79 18.94
N LEU G 219 -13.60 29.64 18.33
CA LEU G 219 -13.14 28.39 17.75
C LEU G 219 -11.86 27.92 18.42
N ARG G 220 -11.84 26.67 18.84
CA ARG G 220 -10.68 26.00 19.39
C ARG G 220 -10.10 25.09 18.30
N THR G 221 -9.13 24.26 18.69
CA THR G 221 -8.40 23.47 17.69
C THR G 221 -9.28 22.43 17.00
N GLY G 222 -10.43 22.07 17.57
CA GLY G 222 -11.27 21.00 17.07
C GLY G 222 -12.68 21.37 16.68
N ASP G 223 -12.90 22.53 16.05
CA ASP G 223 -14.24 22.92 15.62
C ASP G 223 -14.14 23.79 14.37
N GLU G 224 -15.28 23.94 13.69
CA GLU G 224 -15.38 24.54 12.38
C GLU G 224 -16.29 25.76 12.42
N PHE G 225 -16.18 26.59 11.40
CA PHE G 225 -17.13 27.65 11.12
C PHE G 225 -17.39 27.68 9.62
N ALA G 226 -18.66 27.58 9.24
CA ALA G 226 -19.08 27.59 7.85
C ALA G 226 -20.22 28.58 7.68
N THR G 227 -20.11 29.40 6.63
CA THR G 227 -21.18 30.32 6.28
C THR G 227 -22.25 29.58 5.48
N GLY G 228 -23.38 30.24 5.31
CA GLY G 228 -24.39 29.75 4.41
C GLY G 228 -23.98 30.00 2.98
N THR G 229 -24.78 29.48 2.06
CA THR G 229 -24.58 29.69 0.63
C THR G 229 -25.29 30.97 0.23
N PHE G 230 -24.55 32.06 0.13
CA PHE G 230 -25.12 33.29 -0.42
C PHE G 230 -25.49 33.07 -1.87
N PHE G 231 -26.57 33.72 -2.30
CA PHE G 231 -27.07 33.64 -3.67
C PHE G 231 -27.17 35.04 -4.25
N PHE G 232 -26.49 35.27 -5.36
CA PHE G 232 -26.49 36.57 -6.01
C PHE G 232 -27.73 36.74 -6.88
N ASP G 233 -27.92 37.96 -7.38
CA ASP G 233 -28.90 38.25 -8.42
C ASP G 233 -28.37 39.20 -9.47
N CYS G 234 -27.05 39.18 -9.72
CA CYS G 234 -26.42 40.18 -10.55
C CYS G 234 -26.75 39.98 -12.02
N LYS G 235 -26.67 41.07 -12.77
CA LYS G 235 -26.84 41.04 -14.21
C LYS G 235 -25.65 40.34 -14.85
N PRO G 236 -25.79 39.83 -16.08
CA PRO G 236 -24.66 39.13 -16.71
C PRO G 236 -23.51 40.05 -17.06
N CYS G 237 -22.30 39.55 -16.87
CA CYS G 237 -21.10 40.14 -17.45
C CYS G 237 -20.80 39.46 -18.78
N ARG G 238 -20.41 40.27 -19.76
CA ARG G 238 -20.18 39.81 -21.12
C ARG G 238 -18.68 39.64 -21.36
N LEU G 239 -18.32 38.47 -21.87
CA LEU G 239 -16.94 38.14 -22.23
C LEU G 239 -16.67 38.40 -23.70
N THR G 240 -17.35 39.38 -24.29
CA THR G 240 -17.11 39.82 -25.66
C THR G 240 -17.09 41.34 -25.64
N HIS G 241 -16.68 41.93 -26.76
CA HIS G 241 -16.42 43.36 -26.85
C HIS G 241 -16.93 43.90 -28.17
N THR G 242 -17.29 45.19 -28.16
CA THR G 242 -17.90 45.86 -29.30
C THR G 242 -16.86 46.74 -29.97
N TRP G 243 -16.71 46.57 -31.28
CA TRP G 243 -15.72 47.32 -32.04
C TRP G 243 -16.29 48.58 -32.69
N GLN G 244 -17.60 48.74 -32.74
CA GLN G 244 -18.21 49.76 -33.58
C GLN G 244 -18.34 51.07 -32.82
N THR G 245 -17.66 52.10 -33.31
CA THR G 245 -17.95 53.46 -32.89
C THR G 245 -19.15 53.96 -33.70
N ASN G 246 -19.40 55.27 -33.64
CA ASN G 246 -20.52 55.84 -34.39
C ASN G 246 -20.32 55.66 -35.90
N ARG G 247 -19.08 55.73 -36.36
CA ARG G 247 -18.82 55.65 -37.79
C ARG G 247 -19.16 54.29 -38.39
N ALA G 248 -19.25 53.24 -37.58
CA ALA G 248 -19.47 51.87 -38.07
C ALA G 248 -20.92 51.42 -37.95
N LEU G 249 -21.85 52.31 -37.58
CA LEU G 249 -23.26 51.98 -37.44
C LEU G 249 -24.01 52.33 -38.72
N GLY G 250 -24.95 51.47 -39.10
CA GLY G 250 -25.85 51.78 -40.19
C GLY G 250 -25.34 51.32 -41.55
N LEU G 251 -26.16 51.61 -42.55
CA LEU G 251 -25.88 51.15 -43.89
C LEU G 251 -24.77 52.02 -44.50
N PRO G 252 -23.62 51.48 -44.88
CA PRO G 252 -22.58 52.36 -45.44
C PRO G 252 -22.97 52.85 -46.82
N PRO G 253 -22.30 53.88 -47.33
CA PRO G 253 -22.75 54.46 -48.61
C PRO G 253 -22.51 53.51 -49.77
N PHE G 254 -23.38 53.60 -50.76
CA PHE G 254 -23.26 52.75 -51.93
C PHE G 254 -22.07 53.18 -52.77
N LEU G 255 -21.15 52.24 -52.99
CA LEU G 255 -19.94 52.50 -53.77
C LEU G 255 -20.28 52.30 -55.24
N ASN G 256 -20.38 53.42 -55.97
CA ASN G 256 -20.73 53.35 -57.38
C ASN G 256 -19.57 52.87 -58.25
N SER G 257 -18.33 52.94 -57.77
CA SER G 257 -17.14 52.61 -58.55
C SER G 257 -16.24 51.71 -57.70
N LEU G 258 -16.43 50.41 -57.84
CA LEU G 258 -15.61 49.44 -57.15
C LEU G 258 -14.25 49.29 -57.84
N PRO G 259 -13.20 48.91 -57.12
CA PRO G 259 -11.87 48.87 -57.74
C PRO G 259 -11.74 47.67 -58.68
N GLN G 260 -10.81 47.81 -59.64
CA GLN G 260 -10.57 46.80 -60.66
C GLN G 260 -9.27 46.03 -60.47
N SER G 261 -8.53 46.26 -59.38
CA SER G 261 -7.28 45.56 -59.15
C SER G 261 -7.00 45.50 -57.65
N GLU G 262 -6.15 44.56 -57.27
CA GLU G 262 -5.76 44.40 -55.87
C GLU G 262 -4.59 45.32 -55.55
N GLY G 263 -4.60 45.87 -54.34
CA GLY G 263 -3.54 46.76 -53.88
C GLY G 263 -4.06 47.79 -52.91
N ALA G 264 -3.21 48.20 -51.97
CA ALA G 264 -3.60 49.26 -51.04
C ALA G 264 -3.86 50.58 -51.73
N THR G 265 -3.23 50.83 -52.88
CA THR G 265 -3.41 52.08 -53.59
C THR G 265 -4.73 52.16 -54.33
N ASN G 266 -5.35 51.01 -54.64
CA ASN G 266 -6.60 50.97 -55.42
C ASN G 266 -7.80 50.94 -54.48
N PHE G 267 -8.27 52.14 -54.16
CA PHE G 267 -9.44 52.30 -53.28
C PHE G 267 -10.71 52.35 -54.10
N GLY G 268 -11.83 52.08 -53.45
CA GLY G 268 -13.12 52.38 -54.02
C GLY G 268 -13.43 53.87 -53.93
N ASP G 269 -14.46 54.29 -54.67
CA ASP G 269 -14.87 55.68 -54.71
C ASP G 269 -16.39 55.78 -54.70
N ILE G 270 -16.90 56.69 -53.87
CA ILE G 270 -18.32 57.03 -53.92
C ILE G 270 -18.55 57.95 -55.11
N GLY G 271 -19.59 57.68 -55.89
CA GLY G 271 -19.78 58.29 -57.17
C GLY G 271 -20.57 59.58 -57.21
N VAL G 272 -20.87 60.20 -56.07
CA VAL G 272 -21.71 61.38 -56.00
C VAL G 272 -21.00 62.45 -55.17
N GLN G 273 -21.13 63.70 -55.60
CA GLN G 273 -20.54 64.81 -54.86
C GLN G 273 -21.22 64.96 -53.51
N GLN G 274 -20.46 65.47 -52.54
CA GLN G 274 -20.87 65.42 -51.14
C GLN G 274 -22.16 66.20 -50.89
N ASP G 275 -22.32 67.36 -51.51
CA ASP G 275 -23.54 68.15 -51.33
C ASP G 275 -24.72 67.59 -52.12
N LYS G 276 -24.47 66.74 -53.11
CA LYS G 276 -25.54 66.13 -53.91
C LYS G 276 -25.96 64.75 -53.42
N ARG G 277 -25.30 64.20 -52.42
CA ARG G 277 -25.68 62.87 -51.93
C ARG G 277 -27.05 62.93 -51.26
N ARG G 278 -27.66 61.74 -51.14
CA ARG G 278 -28.95 61.56 -50.50
C ARG G 278 -28.77 60.86 -49.17
N GLY G 279 -29.52 61.30 -48.16
CA GLY G 279 -29.39 60.73 -46.83
C GLY G 279 -30.18 61.57 -45.82
N VAL G 280 -29.84 61.35 -44.55
CA VAL G 280 -30.51 62.01 -43.43
C VAL G 280 -29.43 62.48 -42.46
N THR G 281 -29.51 63.75 -42.07
CA THR G 281 -28.49 64.37 -41.23
C THR G 281 -29.16 65.30 -40.23
N GLN G 282 -28.48 65.53 -39.11
CA GLN G 282 -29.02 66.33 -38.02
C GLN G 282 -28.66 67.80 -38.11
N MET G 283 -27.52 68.13 -38.74
CA MET G 283 -27.16 69.54 -38.95
C MET G 283 -28.04 70.08 -40.08
N GLY G 284 -29.14 70.69 -39.66
CA GLY G 284 -30.20 71.07 -40.60
C GLY G 284 -29.83 72.19 -41.54
N ASN G 285 -28.87 73.05 -41.16
CA ASN G 285 -28.50 74.21 -41.95
C ASN G 285 -27.34 73.93 -42.91
N THR G 286 -27.21 72.70 -43.39
CA THR G 286 -26.10 72.29 -44.24
C THR G 286 -26.60 71.26 -45.25
N ASN G 287 -26.10 71.38 -46.48
CA ASN G 287 -26.45 70.43 -47.53
C ASN G 287 -25.50 69.24 -47.58
N TYR G 288 -24.27 69.39 -47.09
CA TYR G 288 -23.28 68.33 -47.16
C TYR G 288 -23.71 67.16 -46.30
N ILE G 289 -23.76 65.97 -46.89
CA ILE G 289 -23.97 64.72 -46.16
C ILE G 289 -22.70 63.90 -46.32
N THR G 290 -22.04 63.61 -45.20
CA THR G 290 -20.84 62.81 -45.17
C THR G 290 -20.95 61.81 -44.03
N GLU G 291 -20.03 60.85 -44.00
CA GLU G 291 -20.03 59.86 -42.94
C GLU G 291 -19.71 60.49 -41.59
N ALA G 292 -18.99 61.60 -41.57
CA ALA G 292 -18.81 62.35 -40.34
C ALA G 292 -20.09 63.05 -39.88
N THR G 293 -21.00 63.37 -40.80
CA THR G 293 -22.17 64.20 -40.52
C THR G 293 -23.50 63.49 -40.65
N ILE G 294 -23.54 62.27 -41.19
CA ILE G 294 -24.81 61.57 -41.35
C ILE G 294 -25.34 61.18 -39.97
N MET G 295 -26.66 61.19 -39.83
CA MET G 295 -27.28 60.98 -38.53
C MET G 295 -27.21 59.50 -38.19
N ARG G 296 -26.50 59.20 -37.11
CA ARG G 296 -26.40 57.88 -36.53
C ARG G 296 -27.49 57.69 -35.48
N PRO G 297 -27.82 56.44 -35.13
CA PRO G 297 -28.94 56.23 -34.20
C PRO G 297 -28.66 56.72 -32.78
N ALA G 298 -27.42 56.61 -32.32
CA ALA G 298 -27.07 57.00 -30.96
C ALA G 298 -25.57 57.20 -30.89
N GLU G 299 -25.08 57.57 -29.71
CA GLU G 299 -23.67 57.84 -29.46
C GLU G 299 -23.07 56.68 -28.69
N VAL G 300 -21.98 56.13 -29.19
CA VAL G 300 -21.23 55.08 -28.52
C VAL G 300 -20.06 55.74 -27.80
N GLY G 301 -20.03 55.61 -26.48
CA GLY G 301 -19.01 56.25 -25.69
C GLY G 301 -19.34 57.72 -25.41
N TYR G 302 -18.47 58.34 -24.63
CA TYR G 302 -18.65 59.74 -24.27
C TYR G 302 -17.30 60.30 -23.83
N SER G 303 -17.06 61.56 -24.21
CA SER G 303 -15.89 62.26 -23.71
C SER G 303 -16.16 62.78 -22.31
N ALA G 304 -15.09 63.03 -21.57
CA ALA G 304 -15.19 63.45 -20.18
C ALA G 304 -13.95 64.25 -19.82
N PRO G 305 -14.01 65.09 -18.79
CA PRO G 305 -12.86 65.95 -18.48
C PRO G 305 -11.72 65.18 -17.84
N TYR G 306 -10.86 64.58 -18.67
CA TYR G 306 -9.83 63.69 -18.16
C TYR G 306 -8.82 64.43 -17.29
N TYR G 307 -8.40 63.78 -16.21
CA TYR G 307 -7.51 64.34 -15.20
C TYR G 307 -8.07 65.65 -14.65
N SER G 308 -9.38 65.65 -14.38
CA SER G 308 -10.00 66.68 -13.57
C SER G 308 -10.16 66.19 -12.15
N PHE G 309 -9.95 67.10 -11.20
CA PHE G 309 -10.05 66.82 -9.78
C PHE G 309 -11.17 67.66 -9.18
N GLU G 310 -11.99 67.02 -8.34
CA GLU G 310 -13.06 67.67 -7.61
C GLU G 310 -12.85 67.40 -6.13
N ALA G 311 -13.35 68.32 -5.30
CA ALA G 311 -13.09 68.32 -3.86
C ALA G 311 -14.42 68.47 -3.12
N SER G 312 -14.87 67.37 -2.53
CA SER G 312 -15.92 67.42 -1.52
C SER G 312 -15.31 67.81 -0.19
N THR G 313 -16.08 67.65 0.88
CA THR G 313 -15.60 68.06 2.20
C THR G 313 -14.39 67.28 2.68
N GLN G 314 -14.20 66.05 2.21
CA GLN G 314 -13.10 65.22 2.68
C GLN G 314 -11.76 65.55 2.03
N GLY G 315 -11.76 66.21 0.88
CA GLY G 315 -10.55 66.52 0.16
C GLY G 315 -10.67 66.22 -1.32
N PRO G 316 -9.63 66.52 -2.09
CA PRO G 316 -9.70 66.31 -3.54
C PRO G 316 -9.71 64.84 -3.92
N PHE G 317 -10.38 64.53 -5.03
CA PHE G 317 -10.34 63.19 -5.61
C PHE G 317 -10.51 63.28 -7.12
N LYS G 318 -10.05 62.25 -7.81
CA LYS G 318 -10.15 62.18 -9.25
C LYS G 318 -11.55 61.77 -9.67
N THR G 319 -11.98 62.27 -10.82
CA THR G 319 -13.26 61.85 -11.39
C THR G 319 -13.09 60.49 -12.06
N PRO G 320 -13.87 59.47 -11.68
CA PRO G 320 -13.79 58.20 -12.44
C PRO G 320 -14.23 58.39 -13.89
N ILE G 321 -13.58 57.65 -14.79
CA ILE G 321 -13.91 57.60 -16.21
C ILE G 321 -14.41 56.20 -16.52
N ALA G 322 -15.58 56.12 -17.15
CA ALA G 322 -16.25 54.83 -17.32
C ALA G 322 -15.57 53.95 -18.36
N ALA G 323 -15.05 54.51 -19.45
CA ALA G 323 -14.43 53.76 -20.52
C ALA G 323 -13.16 54.48 -20.95
N GLY G 324 -12.08 53.71 -21.11
CA GLY G 324 -10.80 54.25 -21.47
C GLY G 324 -10.63 54.38 -22.97
N ARG G 325 -9.42 54.77 -23.36
CA ARG G 325 -9.07 54.90 -24.77
C ARG G 325 -9.12 53.52 -25.43
N ALA G 336 -2.63 55.45 -21.28
CA ALA G 336 -3.41 56.66 -21.51
C ALA G 336 -4.33 56.93 -20.33
N ASP G 337 -5.09 58.02 -20.40
CA ASP G 337 -6.05 58.33 -19.37
C ASP G 337 -7.23 57.37 -19.43
N GLY G 338 -7.84 57.13 -18.27
CA GLY G 338 -9.04 56.30 -18.19
C GLY G 338 -8.77 54.83 -17.97
N ASN G 339 -7.70 54.31 -18.54
CA ASN G 339 -7.40 52.89 -18.42
C ASN G 339 -6.84 52.59 -17.03
N PRO G 340 -7.32 51.55 -16.33
CA PRO G 340 -6.84 51.35 -14.95
C PRO G 340 -5.41 50.86 -14.89
N ARG G 341 -4.73 51.20 -13.80
CA ARG G 341 -3.37 50.76 -13.52
C ARG G 341 -3.37 49.96 -12.22
N TYR G 342 -2.85 48.75 -12.28
CA TYR G 342 -2.82 47.83 -11.16
C TYR G 342 -1.38 47.65 -10.71
N ALA G 343 -1.14 47.84 -9.41
CA ALA G 343 0.14 47.58 -8.77
C ALA G 343 -0.07 46.52 -7.71
N PHE G 344 0.82 45.53 -7.66
CA PHE G 344 0.59 44.34 -6.86
C PHE G 344 1.91 43.75 -6.42
N GLY G 345 1.85 42.95 -5.35
CA GLY G 345 3.02 42.41 -4.71
C GLY G 345 3.31 40.97 -5.12
N ARG G 346 4.03 40.27 -4.23
CA ARG G 346 4.50 38.94 -4.54
C ARG G 346 3.45 37.86 -4.30
N GLN G 347 2.50 38.10 -3.41
CA GLN G 347 1.38 37.16 -3.29
C GLN G 347 0.52 37.13 -4.54
N HIS G 348 0.40 38.25 -5.24
CA HIS G 348 -0.68 38.49 -6.17
C HIS G 348 -0.25 38.55 -7.63
N GLY G 349 1.00 38.17 -7.95
CA GLY G 349 1.44 38.10 -9.34
C GLY G 349 2.88 38.47 -9.61
N GLN G 350 3.50 39.31 -8.79
CA GLN G 350 4.91 39.62 -8.98
C GLN G 350 5.72 38.36 -8.73
N LYS G 351 6.86 38.27 -9.40
CA LYS G 351 7.71 37.08 -9.30
C LYS G 351 8.21 36.92 -7.87
N THR G 352 7.90 35.76 -7.29
CA THR G 352 8.12 35.56 -5.86
C THR G 352 9.59 35.61 -5.46
N THR G 353 10.50 35.38 -6.40
CA THR G 353 11.93 35.38 -6.12
C THR G 353 12.59 36.74 -6.31
N THR G 354 11.83 37.79 -6.61
CA THR G 354 12.41 39.12 -6.73
C THR G 354 12.68 39.72 -5.37
N THR G 355 13.71 40.57 -5.31
CA THR G 355 14.01 41.40 -4.15
C THR G 355 13.45 42.80 -4.36
N GLY G 356 13.39 43.56 -3.27
CA GLY G 356 13.00 44.94 -3.32
C GLY G 356 11.50 45.14 -3.16
N GLU G 357 11.14 46.38 -2.85
CA GLU G 357 9.77 46.74 -2.52
C GLU G 357 8.98 47.29 -3.71
N THR G 358 9.56 47.34 -4.90
CA THR G 358 8.86 47.94 -6.04
C THR G 358 7.79 46.98 -6.55
N PRO G 359 6.51 47.37 -6.64
CA PRO G 359 5.51 46.45 -7.18
C PRO G 359 5.63 46.30 -8.68
N GLU G 360 5.16 45.15 -9.18
CA GLU G 360 4.99 44.94 -10.60
C GLU G 360 3.67 45.54 -11.06
N ARG G 361 3.70 46.18 -12.22
CA ARG G 361 2.60 47.03 -12.67
C ARG G 361 2.25 46.74 -14.12
N PHE G 362 0.96 46.88 -14.42
CA PHE G 362 0.49 46.89 -15.80
C PHE G 362 -0.68 47.85 -15.90
N THR G 363 -0.91 48.33 -17.12
CA THR G 363 -2.11 49.08 -17.48
C THR G 363 -2.97 48.20 -18.37
N TYR G 364 -4.21 47.96 -17.95
CA TYR G 364 -5.10 47.08 -18.70
C TYR G 364 -5.70 47.89 -19.83
N ILE G 365 -5.13 47.75 -21.02
CA ILE G 365 -5.67 48.37 -22.22
C ILE G 365 -6.79 47.46 -22.73
N ALA G 366 -8.03 47.79 -22.39
CA ALA G 366 -9.15 46.98 -22.80
C ALA G 366 -9.31 47.00 -24.32
N HIS G 367 -9.71 45.87 -24.88
CA HIS G 367 -9.97 45.78 -26.31
C HIS G 367 -11.25 46.48 -26.74
N GLN G 368 -12.07 46.94 -25.80
CA GLN G 368 -13.46 47.22 -26.12
C GLN G 368 -13.66 48.42 -26.92
N ASP G 369 -12.67 49.25 -27.23
CA ASP G 369 -12.90 50.40 -28.10
C ASP G 369 -13.91 51.34 -27.44
N THR G 370 -14.65 52.14 -28.20
CA THR G 370 -15.66 53.04 -27.67
C THR G 370 -15.09 54.10 -26.75
N GLY G 371 -13.79 54.39 -26.84
CA GLY G 371 -13.19 55.49 -26.12
C GLY G 371 -13.31 56.76 -26.91
N ARG G 372 -12.40 57.69 -26.66
CA ARG G 372 -12.31 58.93 -27.41
C ARG G 372 -10.84 59.27 -27.63
N TYR G 373 -10.58 60.03 -28.68
CA TYR G 373 -9.25 60.37 -29.14
C TYR G 373 -9.19 61.90 -29.06
N PRO G 374 -8.80 62.48 -27.91
CA PRO G 374 -9.01 63.93 -27.73
C PRO G 374 -8.24 64.82 -28.69
N GLU G 375 -7.18 64.31 -29.31
CA GLU G 375 -6.44 65.10 -30.28
C GLU G 375 -7.12 65.13 -31.65
N GLY G 376 -8.19 64.35 -31.85
CA GLY G 376 -8.94 64.35 -33.11
C GLY G 376 -10.24 65.12 -33.08
N ASP G 377 -10.70 65.56 -31.90
CA ASP G 377 -11.97 66.25 -31.77
C ASP G 377 -11.83 67.72 -32.14
N TRP G 378 -12.97 68.36 -32.41
CA TRP G 378 -13.01 69.79 -32.65
C TRP G 378 -14.44 70.29 -32.52
N ILE G 379 -14.57 71.59 -32.31
CA ILE G 379 -15.85 72.31 -32.29
C ILE G 379 -15.74 73.42 -33.33
N GLN G 380 -16.83 73.66 -34.05
CA GLN G 380 -16.88 74.72 -35.05
C GLN G 380 -18.22 75.43 -34.99
N ASN G 381 -18.27 76.61 -35.61
CA ASN G 381 -19.41 77.50 -35.46
C ASN G 381 -20.63 76.93 -36.15
N ILE G 382 -21.82 77.39 -35.72
CA ILE G 382 -23.07 76.82 -36.21
C ILE G 382 -23.30 77.14 -37.68
N ASN G 383 -22.73 78.25 -38.17
CA ASN G 383 -22.95 78.65 -39.56
C ASN G 383 -22.41 77.63 -40.56
N PHE G 384 -21.32 76.96 -40.22
CA PHE G 384 -20.79 75.85 -41.02
C PHE G 384 -20.38 76.30 -42.42
N ASN G 385 -19.41 77.20 -42.47
CA ASN G 385 -18.63 77.45 -43.69
C ASN G 385 -17.54 76.39 -43.72
N LEU G 386 -17.65 75.44 -44.65
CA LEU G 386 -16.91 74.18 -44.52
C LEU G 386 -15.40 74.36 -44.58
N PRO G 387 -14.80 75.16 -45.49
CA PRO G 387 -13.37 75.45 -45.32
C PRO G 387 -13.14 76.45 -44.18
N VAL G 388 -13.15 75.92 -42.96
CA VAL G 388 -13.37 76.77 -41.79
C VAL G 388 -12.14 77.62 -41.50
N THR G 389 -12.39 78.88 -41.17
CA THR G 389 -11.34 79.83 -40.84
C THR G 389 -10.90 79.60 -39.40
N ASN G 390 -9.78 80.23 -39.02
CA ASN G 390 -9.24 80.06 -37.67
C ASN G 390 -10.25 80.59 -36.65
N ASP G 391 -10.85 81.74 -36.90
CA ASP G 391 -11.69 82.37 -35.88
C ASP G 391 -13.02 81.64 -35.66
N ASN G 392 -13.40 80.72 -36.55
CA ASN G 392 -14.69 80.02 -36.49
C ASN G 392 -14.56 78.57 -36.05
N VAL G 393 -13.39 78.14 -35.56
CA VAL G 393 -13.14 76.77 -35.19
C VAL G 393 -12.30 76.74 -33.90
N LEU G 394 -12.58 75.74 -33.06
CA LEU G 394 -11.87 75.53 -31.81
C LEU G 394 -11.24 74.15 -31.85
N LEU G 395 -9.94 74.08 -31.65
CA LEU G 395 -9.13 72.89 -31.80
C LEU G 395 -8.54 72.44 -30.46
N PRO G 396 -8.02 71.21 -30.36
CA PRO G 396 -7.23 70.84 -29.18
C PRO G 396 -5.92 71.59 -29.05
N THR G 397 -5.42 72.19 -30.14
CA THR G 397 -4.22 73.00 -30.05
C THR G 397 -4.45 74.33 -29.33
N ASP G 398 -5.72 74.79 -29.23
CA ASP G 398 -6.02 76.13 -28.75
C ASP G 398 -5.95 76.18 -27.23
N PRO G 399 -5.25 77.13 -26.59
CA PRO G 399 -5.32 77.23 -25.13
C PRO G 399 -6.71 77.60 -24.64
N ILE G 400 -7.03 77.15 -23.43
CA ILE G 400 -8.19 77.60 -22.66
C ILE G 400 -7.66 78.37 -21.47
N GLY G 401 -8.07 79.64 -21.35
CA GLY G 401 -7.56 80.48 -20.29
C GLY G 401 -6.09 80.80 -20.41
N GLY G 402 -5.53 80.73 -21.61
CA GLY G 402 -4.14 81.07 -21.81
C GLY G 402 -3.13 80.01 -21.42
N LYS G 403 -3.57 78.90 -20.85
CA LYS G 403 -2.64 77.84 -20.46
C LYS G 403 -2.30 76.99 -21.67
N THR G 404 -1.01 76.89 -21.98
CA THR G 404 -0.60 76.17 -23.18
C THR G 404 -0.86 74.68 -23.10
N GLY G 405 -0.84 74.11 -21.88
CA GLY G 405 -1.02 72.69 -21.70
C GLY G 405 -2.44 72.22 -21.50
N ILE G 406 -3.43 73.12 -21.53
CA ILE G 406 -4.84 72.80 -21.33
C ILE G 406 -5.61 73.31 -22.53
N ASN G 407 -6.49 72.46 -23.06
CA ASN G 407 -7.35 72.77 -24.19
C ASN G 407 -8.78 72.41 -23.81
N TYR G 408 -9.69 72.50 -24.79
CA TYR G 408 -11.11 72.38 -24.46
C TYR G 408 -11.50 70.95 -24.13
N THR G 409 -10.77 69.95 -24.66
CA THR G 409 -11.10 68.56 -24.37
C THR G 409 -10.91 68.21 -22.91
N ASN G 410 -10.03 68.93 -22.20
CA ASN G 410 -9.82 68.66 -20.79
C ASN G 410 -11.05 68.99 -19.94
N ILE G 411 -11.97 69.82 -20.44
CA ILE G 411 -13.17 70.22 -19.71
C ILE G 411 -14.46 69.73 -20.37
N PHE G 412 -14.41 69.18 -21.59
CA PHE G 412 -15.62 68.86 -22.33
C PHE G 412 -16.28 67.61 -21.76
N ASN G 413 -17.59 67.49 -22.01
CA ASN G 413 -18.38 66.38 -21.47
C ASN G 413 -19.58 66.16 -22.38
N THR G 414 -19.57 65.08 -23.15
CA THR G 414 -20.66 64.73 -24.07
C THR G 414 -21.64 63.73 -23.50
N TYR G 415 -21.70 63.55 -22.19
CA TYR G 415 -22.65 62.61 -21.63
C TYR G 415 -24.07 63.14 -21.80
N GLY G 416 -24.95 62.26 -22.25
CA GLY G 416 -26.31 62.64 -22.53
C GLY G 416 -27.20 61.42 -22.65
N PRO G 417 -28.48 61.62 -22.96
CA PRO G 417 -29.39 60.47 -23.08
C PRO G 417 -29.05 59.54 -24.22
N LEU G 418 -28.29 59.99 -25.21
CA LEU G 418 -27.95 59.17 -26.37
C LEU G 418 -26.72 58.29 -26.15
N THR G 419 -26.05 58.39 -25.00
CA THR G 419 -24.81 57.65 -24.80
C THR G 419 -25.08 56.20 -24.43
N ALA G 420 -24.28 55.30 -24.99
CA ALA G 420 -24.32 53.88 -24.69
C ALA G 420 -22.91 53.42 -24.33
N LEU G 421 -22.80 52.60 -23.29
CA LEU G 421 -21.53 52.16 -22.75
C LEU G 421 -21.59 50.66 -22.46
N ASN G 422 -20.41 50.09 -22.26
CA ASN G 422 -20.25 48.72 -21.79
C ASN G 422 -19.76 48.73 -20.34
N ASN G 423 -20.09 47.68 -19.62
CA ASN G 423 -19.55 47.52 -18.27
C ASN G 423 -18.04 47.28 -18.36
N VAL G 424 -17.35 47.55 -17.25
CA VAL G 424 -15.89 47.44 -17.28
C VAL G 424 -15.50 45.97 -17.43
N PRO G 425 -14.43 45.64 -18.14
CA PRO G 425 -14.12 44.23 -18.35
C PRO G 425 -13.58 43.61 -17.06
N PRO G 426 -13.64 42.29 -16.93
CA PRO G 426 -12.84 41.66 -15.86
C PRO G 426 -11.36 41.82 -16.12
N VAL G 427 -10.58 41.82 -15.03
CA VAL G 427 -9.13 41.98 -15.10
C VAL G 427 -8.52 40.87 -14.24
N TYR G 428 -8.18 39.76 -14.87
CA TYR G 428 -7.50 38.67 -14.20
C TYR G 428 -6.01 39.01 -14.04
N PRO G 429 -5.36 38.64 -12.94
CA PRO G 429 -5.81 38.05 -11.67
C PRO G 429 -6.13 39.07 -10.59
N ASN G 430 -5.83 40.35 -10.79
CA ASN G 430 -5.86 41.34 -9.72
C ASN G 430 -7.20 42.05 -9.57
N GLY G 431 -8.12 41.90 -10.52
CA GLY G 431 -9.34 42.66 -10.47
C GLY G 431 -10.31 42.14 -9.44
N GLN G 432 -11.42 42.87 -9.29
CA GLN G 432 -12.45 42.54 -8.31
C GLN G 432 -13.65 41.89 -8.99
N ILE G 433 -14.28 40.95 -8.29
CA ILE G 433 -15.35 40.14 -8.88
C ILE G 433 -16.69 40.86 -8.73
N TRP G 434 -17.10 41.12 -7.49
CA TRP G 434 -18.37 41.77 -7.18
C TRP G 434 -18.13 43.06 -6.40
N ASP G 435 -19.20 43.81 -6.20
CA ASP G 435 -19.17 45.04 -5.44
C ASP G 435 -20.57 45.31 -4.91
N LYS G 436 -20.64 46.16 -3.90
CA LYS G 436 -21.90 46.52 -3.28
C LYS G 436 -22.45 47.80 -3.89
N GLU G 437 -23.74 47.81 -4.17
CA GLU G 437 -24.38 49.02 -4.66
C GLU G 437 -24.39 50.08 -3.58
N PHE G 438 -24.32 51.33 -4.02
CA PHE G 438 -24.43 52.43 -3.07
C PHE G 438 -25.84 52.45 -2.50
N ASP G 439 -25.97 52.91 -1.26
CA ASP G 439 -27.24 52.96 -0.56
C ASP G 439 -28.03 54.24 -0.89
N THR G 440 -27.57 55.03 -1.87
CA THR G 440 -28.19 56.31 -2.15
C THR G 440 -29.55 56.11 -2.82
N ASP G 441 -30.32 57.18 -2.88
CA ASP G 441 -31.66 57.12 -3.48
C ASP G 441 -31.55 56.85 -4.99
N LEU G 442 -30.86 57.72 -5.72
CA LEU G 442 -30.48 57.47 -7.10
C LEU G 442 -29.11 56.84 -7.15
N LYS G 443 -29.00 55.74 -7.89
CA LYS G 443 -27.85 54.87 -7.88
C LYS G 443 -27.07 55.03 -9.18
N PRO G 444 -25.76 54.73 -9.19
CA PRO G 444 -25.01 54.84 -10.44
C PRO G 444 -25.38 53.74 -11.42
N ARG G 445 -25.08 53.99 -12.69
CA ARG G 445 -25.40 53.04 -13.74
C ARG G 445 -24.34 51.94 -13.87
N LEU G 446 -23.10 52.20 -13.48
CA LEU G 446 -22.06 51.19 -13.51
C LEU G 446 -21.01 51.54 -12.48
N HIS G 447 -20.21 50.52 -12.15
CA HIS G 447 -19.09 50.64 -11.23
C HIS G 447 -17.79 50.41 -11.98
N VAL G 448 -16.81 51.27 -11.73
CA VAL G 448 -15.56 51.22 -12.48
C VAL G 448 -14.58 50.16 -12.00
N ASN G 449 -14.92 49.40 -10.95
CA ASN G 449 -13.99 48.48 -10.31
C ASN G 449 -14.39 47.01 -10.39
N ALA G 450 -15.67 46.70 -10.64
CA ALA G 450 -16.18 45.33 -10.69
C ALA G 450 -17.21 45.20 -11.81
N PRO G 451 -17.32 44.02 -12.48
CA PRO G 451 -18.40 43.87 -13.48
C PRO G 451 -19.75 43.57 -12.86
N PHE G 452 -19.77 42.87 -11.73
CA PHE G 452 -20.99 42.52 -11.02
C PHE G 452 -21.19 43.48 -9.86
N VAL G 453 -22.42 43.94 -9.67
CA VAL G 453 -22.80 44.80 -8.56
C VAL G 453 -24.01 44.16 -7.87
N CYS G 454 -23.87 43.88 -6.58
CA CYS G 454 -24.97 43.33 -5.81
C CYS G 454 -26.06 44.39 -5.72
N GLN G 455 -27.31 43.98 -5.97
CA GLN G 455 -28.41 44.94 -5.94
C GLN G 455 -28.91 45.20 -4.53
N ASN G 456 -29.09 44.16 -3.72
CA ASN G 456 -29.70 44.28 -2.40
C ASN G 456 -28.74 44.01 -1.26
N ASN G 457 -27.83 43.06 -1.40
CA ASN G 457 -26.96 42.69 -0.29
C ASN G 457 -25.86 41.82 -0.91
N CYS G 458 -24.63 41.94 -0.37
CA CYS G 458 -23.45 41.26 -0.90
C CYS G 458 -22.99 40.17 0.07
N PRO G 459 -22.02 39.33 -0.28
CA PRO G 459 -21.53 38.35 0.69
C PRO G 459 -20.97 39.00 1.94
N GLY G 460 -21.33 38.43 3.08
CA GLY G 460 -20.94 39.02 4.35
C GLY G 460 -19.44 38.88 4.58
N GLN G 461 -18.83 39.97 5.02
CA GLN G 461 -17.40 39.97 5.29
C GLN G 461 -17.09 39.07 6.48
N LEU G 462 -15.96 38.38 6.40
CA LEU G 462 -15.51 37.42 7.41
C LEU G 462 -14.32 38.01 8.14
N PHE G 463 -14.45 38.19 9.45
CA PHE G 463 -13.42 38.78 10.29
C PHE G 463 -12.85 37.71 11.22
N VAL G 464 -11.55 37.81 11.49
CA VAL G 464 -10.83 36.85 12.31
C VAL G 464 -9.93 37.61 13.27
N LYS G 465 -9.67 37.01 14.43
CA LYS G 465 -8.84 37.63 15.44
C LYS G 465 -8.43 36.57 16.44
N VAL G 466 -7.19 36.66 16.92
CA VAL G 466 -6.69 35.78 17.96
C VAL G 466 -7.17 36.34 19.30
N ALA G 467 -7.82 35.51 20.09
CA ALA G 467 -8.43 35.97 21.32
C ALA G 467 -7.34 36.39 22.30
N PRO G 468 -7.66 37.24 23.29
CA PRO G 468 -6.64 37.58 24.28
C PRO G 468 -6.21 36.36 25.08
N ASN G 469 -4.90 36.16 25.16
CA ASN G 469 -4.27 35.06 25.88
C ASN G 469 -3.45 35.70 27.00
N LEU G 470 -4.10 35.91 28.14
CA LEU G 470 -3.56 36.80 29.16
C LEU G 470 -2.50 36.11 30.01
N THR G 471 -1.66 36.93 30.63
CA THR G 471 -0.68 36.48 31.60
C THR G 471 -1.22 36.72 33.01
N ASN G 472 -0.53 36.18 34.01
CA ASN G 472 -1.04 36.27 35.37
C ASN G 472 -1.04 37.70 35.91
N GLU G 473 -0.23 38.60 35.33
CA GLU G 473 -0.04 39.94 35.86
C GLU G 473 -1.10 40.92 35.41
N TYR G 474 -2.27 40.46 34.94
CA TYR G 474 -3.27 41.39 34.45
C TYR G 474 -3.87 42.19 35.60
N ASP G 475 -4.14 43.46 35.32
CA ASP G 475 -4.65 44.40 36.32
C ASP G 475 -5.38 45.52 35.58
N PRO G 476 -6.68 45.34 35.27
CA PRO G 476 -7.34 46.25 34.32
C PRO G 476 -7.44 47.69 34.79
N ASP G 477 -7.36 47.95 36.09
CA ASP G 477 -7.40 49.32 36.58
C ASP G 477 -6.15 50.12 36.24
N ALA G 478 -5.04 49.46 35.92
CA ALA G 478 -3.80 50.15 35.56
C ALA G 478 -3.89 50.65 34.13
N SER G 479 -3.22 51.77 33.88
CA SER G 479 -3.27 52.42 32.57
C SER G 479 -2.34 51.79 31.54
N ALA G 480 -1.39 50.96 31.96
CA ALA G 480 -0.43 50.39 31.02
C ALA G 480 -1.12 49.39 30.08
N ASN G 481 -0.51 49.20 28.91
CA ASN G 481 -1.03 48.22 27.96
C ASN G 481 -0.89 46.81 28.51
N MET G 482 -1.83 45.96 28.12
CA MET G 482 -1.92 44.61 28.63
C MET G 482 -0.75 43.76 28.13
N SER G 483 -0.33 42.80 28.97
CA SER G 483 0.73 41.86 28.63
C SER G 483 0.08 40.54 28.23
N ARG G 484 0.42 40.06 27.02
CA ARG G 484 -0.17 38.87 26.43
C ARG G 484 0.91 37.85 26.10
N ILE G 485 0.55 36.57 26.22
CA ILE G 485 1.39 35.52 25.68
C ILE G 485 1.39 35.64 24.17
N VAL G 486 2.58 35.61 23.57
CA VAL G 486 2.71 35.76 22.12
C VAL G 486 2.09 34.56 21.44
N THR G 487 0.97 34.79 20.76
CA THR G 487 0.15 33.73 20.18
C THR G 487 -0.01 33.99 18.69
N TYR G 488 -0.14 32.92 17.91
CA TYR G 488 -0.42 33.03 16.49
C TYR G 488 -1.15 31.79 16.03
N SER G 489 -1.92 31.94 14.95
CA SER G 489 -2.83 30.92 14.47
C SER G 489 -2.60 30.64 13.00
N ASP G 490 -2.75 29.38 12.61
CA ASP G 490 -2.80 28.94 11.24
C ASP G 490 -4.09 28.16 11.03
N PHE G 491 -4.98 28.69 10.21
CA PHE G 491 -6.28 28.09 9.94
C PHE G 491 -6.49 27.95 8.45
N TRP G 492 -7.07 26.82 8.05
CA TRP G 492 -7.34 26.52 6.66
C TRP G 492 -8.66 27.14 6.26
N TRP G 493 -8.67 27.79 5.10
CA TRP G 493 -9.84 28.46 4.55
C TRP G 493 -10.22 27.74 3.27
N LYS G 494 -11.53 27.58 3.04
CA LYS G 494 -12.04 26.96 1.82
C LYS G 494 -13.25 27.77 1.36
N GLY G 495 -13.39 27.93 0.06
CA GLY G 495 -14.50 28.67 -0.51
C GLY G 495 -14.94 28.05 -1.83
N LYS G 496 -16.18 28.34 -2.19
CA LYS G 496 -16.83 27.74 -3.35
C LYS G 496 -17.63 28.82 -4.06
N LEU G 497 -17.11 29.33 -5.17
CA LEU G 497 -17.77 30.34 -5.99
C LEU G 497 -18.30 29.68 -7.25
N VAL G 498 -19.60 29.80 -7.48
CA VAL G 498 -20.30 29.11 -8.57
C VAL G 498 -20.74 30.16 -9.59
N PHE G 499 -20.35 29.95 -10.83
CA PHE G 499 -20.74 30.79 -11.96
C PHE G 499 -21.69 30.03 -12.86
N LYS G 500 -22.40 30.77 -13.69
CA LYS G 500 -23.21 30.21 -14.77
C LYS G 500 -22.89 30.98 -16.03
N ALA G 501 -22.50 30.26 -17.08
CA ALA G 501 -21.98 30.86 -18.30
C ALA G 501 -22.54 30.16 -19.52
N LYS G 502 -22.65 30.91 -20.62
CA LYS G 502 -23.13 30.44 -21.90
C LYS G 502 -21.95 30.24 -22.83
N LEU G 503 -22.01 29.21 -23.67
CA LEU G 503 -20.97 28.96 -24.65
C LEU G 503 -21.21 29.76 -25.92
N ARG G 504 -20.13 30.13 -26.60
CA ARG G 504 -20.25 30.97 -27.78
C ARG G 504 -20.60 30.14 -29.01
N ALA G 505 -20.89 30.84 -30.11
CA ALA G 505 -21.17 30.24 -31.40
C ALA G 505 -20.40 30.99 -32.47
N SER G 506 -19.97 30.24 -33.49
CA SER G 506 -19.19 30.81 -34.59
C SER G 506 -20.14 31.50 -35.57
N HIS G 507 -20.41 32.78 -35.28
CA HIS G 507 -21.35 33.55 -36.09
C HIS G 507 -20.79 33.95 -37.44
N THR G 508 -19.46 34.10 -37.56
CA THR G 508 -18.84 34.71 -38.70
C THR G 508 -17.83 33.76 -39.33
N TRP G 509 -17.52 34.04 -40.60
CA TRP G 509 -16.57 33.25 -41.35
C TRP G 509 -15.18 33.28 -40.72
N ASN G 510 -14.72 34.46 -40.32
CA ASN G 510 -13.35 34.59 -39.87
C ASN G 510 -13.19 34.04 -38.45
N PRO G 511 -12.01 33.57 -38.08
CA PRO G 511 -11.78 33.24 -36.67
C PRO G 511 -11.60 34.51 -35.85
N ILE G 512 -11.72 34.34 -34.54
CA ILE G 512 -11.64 35.43 -33.60
C ILE G 512 -10.34 35.33 -32.83
N GLN G 513 -9.97 36.40 -32.14
CA GLN G 513 -8.79 36.37 -31.31
C GLN G 513 -9.02 35.45 -30.12
N GLN G 514 -7.98 34.68 -29.77
CA GLN G 514 -8.02 33.78 -28.63
C GLN G 514 -6.71 33.92 -27.88
N MET G 515 -6.76 33.64 -26.57
CA MET G 515 -5.56 33.67 -25.75
C MET G 515 -4.79 32.39 -26.00
N SER G 516 -3.46 32.50 -26.05
CA SER G 516 -2.64 31.34 -26.41
C SER G 516 -1.24 31.51 -25.87
N ILE G 517 -0.64 30.38 -25.50
CA ILE G 517 0.77 30.33 -25.18
C ILE G 517 1.57 30.34 -26.47
N ASN G 518 2.55 31.24 -26.55
CA ASN G 518 3.47 31.31 -27.68
C ASN G 518 4.88 31.38 -27.11
N VAL G 519 5.87 31.58 -27.98
CA VAL G 519 7.27 31.49 -27.57
C VAL G 519 7.64 32.65 -26.64
N ASP G 520 6.88 33.76 -26.67
CA ASP G 520 7.24 34.91 -25.87
C ASP G 520 6.84 34.74 -24.41
N ASN G 521 5.56 34.45 -24.16
CA ASN G 521 5.03 34.38 -22.81
C ASN G 521 5.08 32.99 -22.21
N GLN G 522 5.95 32.13 -22.71
CA GLN G 522 5.96 30.71 -22.32
C GLN G 522 6.33 30.54 -20.86
N PHE G 523 7.37 31.22 -20.41
CA PHE G 523 7.91 31.00 -19.07
C PHE G 523 7.19 31.80 -18.00
N ASN G 524 6.19 32.61 -18.36
CA ASN G 524 5.34 33.24 -17.35
C ASN G 524 4.45 32.23 -16.65
N TYR G 525 4.19 31.07 -17.25
CA TYR G 525 3.20 30.10 -16.78
C TYR G 525 3.82 28.82 -16.23
N VAL G 526 5.13 28.81 -15.95
CA VAL G 526 5.78 27.68 -15.29
C VAL G 526 6.84 28.20 -14.34
N PRO G 527 7.12 27.46 -13.27
CA PRO G 527 8.02 28.01 -12.24
C PRO G 527 9.46 28.02 -12.70
N SER G 528 10.24 28.88 -12.06
CA SER G 528 11.66 28.95 -12.30
C SER G 528 12.37 27.82 -11.58
N ASN G 529 13.70 27.83 -11.67
CA ASN G 529 14.50 26.74 -11.12
C ASN G 529 14.84 26.92 -9.65
N ILE G 530 14.33 27.97 -9.00
CA ILE G 530 14.38 28.11 -7.55
C ILE G 530 12.99 28.36 -6.96
N GLY G 531 11.93 27.92 -7.65
CA GLY G 531 10.59 28.05 -7.13
C GLY G 531 9.87 29.33 -7.46
N GLY G 532 10.41 30.17 -8.33
CA GLY G 532 9.79 31.44 -8.64
C GLY G 532 8.63 31.32 -9.61
N MET G 533 7.42 31.61 -9.13
CA MET G 533 6.21 31.67 -9.95
C MET G 533 5.77 33.11 -10.13
N LYS G 534 4.94 33.33 -11.15
CA LYS G 534 4.29 34.61 -11.36
C LYS G 534 2.97 34.37 -12.07
N ILE G 535 2.08 35.37 -12.01
CA ILE G 535 0.84 35.38 -12.75
C ILE G 535 0.78 36.71 -13.49
N VAL G 536 0.52 36.63 -14.79
CA VAL G 536 0.51 37.79 -15.69
C VAL G 536 -0.91 38.04 -16.14
N TYR G 537 -1.18 39.28 -16.52
CA TYR G 537 -2.55 39.68 -16.83
C TYR G 537 -3.01 39.10 -18.16
N GLU G 538 -4.26 38.67 -18.18
CA GLU G 538 -4.93 38.10 -19.34
C GLU G 538 -6.12 38.97 -19.69
N LYS G 539 -6.32 39.20 -20.99
CA LYS G 539 -7.49 39.93 -21.45
C LYS G 539 -8.72 39.05 -21.31
N SER G 540 -9.88 39.70 -21.16
CA SER G 540 -11.11 39.03 -20.76
C SER G 540 -12.22 39.09 -21.80
N GLN G 541 -12.13 39.98 -22.78
CA GLN G 541 -13.23 40.26 -23.71
C GLN G 541 -12.75 40.13 -25.14
N LEU G 542 -12.15 39.00 -25.47
CA LEU G 542 -11.46 38.81 -26.74
C LEU G 542 -12.42 38.92 -27.92
N ALA G 543 -13.50 38.15 -27.91
CA ALA G 543 -14.29 37.96 -29.11
C ALA G 543 -15.05 39.23 -29.47
N PRO G 544 -15.24 39.54 -30.76
CA PRO G 544 -16.05 40.70 -31.12
C PRO G 544 -17.54 40.41 -31.03
N ARG G 545 -18.32 41.47 -30.84
CA ARG G 545 -19.76 41.42 -30.74
C ARG G 545 -20.37 42.52 -31.59
N LYS G 546 -21.52 42.23 -32.17
CA LYS G 546 -22.23 43.22 -32.99
C LYS G 546 -22.98 44.15 -32.05
N LEU G 547 -22.72 45.45 -32.18
CA LEU G 547 -23.43 46.45 -31.38
C LEU G 547 -24.74 46.85 -32.05
N TYR G 548 -24.81 46.80 -33.38
CA TYR G 548 -25.99 47.23 -34.11
C TYR G 548 -26.01 46.55 -35.47
N GLY H 1 -13.49 12.85 28.15
CA GLY H 1 -12.01 12.88 28.22
C GLY H 1 -11.49 13.61 29.45
N VAL H 2 -10.32 14.24 29.31
CA VAL H 2 -9.69 14.89 30.44
C VAL H 2 -10.47 16.13 30.87
N GLY H 3 -11.05 16.85 29.92
CA GLY H 3 -11.57 18.18 30.18
C GLY H 3 -12.97 18.27 30.73
N ILE H 4 -13.66 17.17 30.99
CA ILE H 4 -15.05 17.17 31.45
C ILE H 4 -15.06 16.93 32.95
N SER H 5 -15.72 17.82 33.68
CA SER H 5 -15.89 17.64 35.12
C SER H 5 -16.90 16.53 35.38
N THR H 6 -16.52 15.60 36.25
CA THR H 6 -17.30 14.39 36.46
C THR H 6 -18.27 14.47 37.63
N GLY H 7 -18.18 15.49 38.47
CA GLY H 7 -19.08 15.62 39.60
C GLY H 7 -19.19 17.04 40.06
N THR H 8 -19.93 17.22 41.15
CA THR H 8 -20.20 18.53 41.74
C THR H 8 -19.95 18.46 43.24
N PHE H 9 -19.35 19.52 43.78
CA PHE H 9 -19.12 19.61 45.21
C PHE H 9 -20.44 19.87 45.90
N ASN H 10 -20.60 19.31 47.11
CA ASN H 10 -21.80 19.49 47.91
C ASN H 10 -21.43 19.32 49.37
N ASN H 11 -21.78 20.32 50.20
CA ASN H 11 -21.55 20.27 51.64
C ASN H 11 -22.74 20.84 52.41
N GLN H 12 -23.92 20.89 51.79
CA GLN H 12 -25.11 21.40 52.46
C GLN H 12 -25.74 20.30 53.31
N THR H 13 -26.43 20.73 54.36
CA THR H 13 -27.23 19.85 55.21
C THR H 13 -28.70 20.15 54.96
N GLU H 14 -29.45 19.13 54.54
CA GLU H 14 -30.86 19.25 54.18
C GLU H 14 -31.69 18.62 55.28
N PHE H 15 -32.77 19.32 55.68
CA PHE H 15 -33.68 18.89 56.74
C PHE H 15 -35.08 18.77 56.14
N LYS H 16 -35.43 17.55 55.74
CA LYS H 16 -36.71 17.28 55.07
C LYS H 16 -37.71 16.84 56.11
N PHE H 17 -38.58 17.76 56.54
CA PHE H 17 -39.60 17.42 57.53
C PHE H 17 -40.64 16.51 56.90
N LEU H 18 -40.91 15.38 57.55
CA LEU H 18 -41.83 14.35 57.11
C LEU H 18 -43.11 14.43 57.95
N GLU H 19 -44.01 13.47 57.72
CA GLU H 19 -45.24 13.40 58.48
C GLU H 19 -44.96 12.88 59.90
N ASN H 20 -45.89 13.21 60.81
CA ASN H 20 -45.87 12.70 62.18
C ASN H 20 -44.61 13.12 62.93
N GLY H 21 -44.19 14.36 62.72
CA GLY H 21 -43.11 14.93 63.51
C GLY H 21 -41.73 14.40 63.22
N TRP H 22 -41.56 13.53 62.23
CA TRP H 22 -40.25 13.03 61.86
C TRP H 22 -39.56 14.02 60.94
N VAL H 23 -38.24 13.86 60.80
CA VAL H 23 -37.42 14.67 59.91
C VAL H 23 -36.29 13.82 59.36
N GLU H 24 -36.03 13.95 58.07
CA GLU H 24 -34.92 13.28 57.39
C GLU H 24 -33.79 14.29 57.22
N ILE H 25 -32.64 14.00 57.82
CA ILE H 25 -31.48 14.86 57.77
C ILE H 25 -30.48 14.23 56.81
N THR H 26 -30.18 14.94 55.72
CA THR H 26 -29.21 14.51 54.72
C THR H 26 -27.97 15.38 54.86
N ALA H 27 -26.91 14.80 55.41
CA ALA H 27 -25.64 15.51 55.60
C ALA H 27 -24.70 15.19 54.45
N ASN H 28 -24.53 16.15 53.54
CA ASN H 28 -23.56 16.04 52.48
C ASN H 28 -22.21 16.56 52.96
N SER H 29 -21.14 15.84 52.61
CA SER H 29 -19.78 16.24 52.91
C SER H 29 -18.94 16.06 51.66
N SER H 30 -17.99 16.97 51.46
CA SER H 30 -17.12 16.92 50.30
C SER H 30 -15.76 17.51 50.65
N ARG H 31 -14.69 16.76 50.36
CA ARG H 31 -13.33 17.15 50.71
C ARG H 31 -12.43 16.99 49.49
N LEU H 32 -11.38 17.80 49.43
CA LEU H 32 -10.30 17.64 48.44
C LEU H 32 -9.19 16.82 49.09
N VAL H 33 -8.96 15.62 48.58
CA VAL H 33 -8.08 14.64 49.21
C VAL H 33 -6.75 14.62 48.48
N HIS H 34 -5.67 14.82 49.23
CA HIS H 34 -4.30 14.78 48.73
C HIS H 34 -3.70 13.43 49.06
N LEU H 35 -2.93 12.86 48.14
CA LEU H 35 -2.35 11.52 48.31
C LEU H 35 -0.99 11.47 47.64
N ASN H 36 0.06 11.29 48.43
CA ASN H 36 1.39 11.05 47.91
C ASN H 36 1.60 9.57 47.68
N MET H 37 2.63 9.24 46.89
CA MET H 37 2.87 7.85 46.56
C MET H 37 3.31 7.08 47.82
N PRO H 38 3.19 5.75 47.82
CA PRO H 38 3.67 5.00 48.99
C PRO H 38 5.18 5.14 49.19
N GLU H 39 5.61 4.94 50.44
CA GLU H 39 7.04 4.98 50.72
C GLU H 39 7.73 3.78 50.08
N SER H 40 7.12 2.61 50.16
CA SER H 40 7.62 1.42 49.50
C SER H 40 6.42 0.60 49.05
N GLU H 41 6.61 -0.17 47.98
CA GLU H 41 5.50 -0.89 47.37
C GLU H 41 5.17 -2.20 48.07
N ASN H 42 6.05 -2.70 48.94
CA ASN H 42 5.92 -4.04 49.50
C ASN H 42 5.34 -4.00 50.90
N TYR H 43 4.53 -5.01 51.21
CA TYR H 43 4.04 -5.19 52.57
C TYR H 43 5.20 -5.54 53.50
N ARG H 44 5.24 -4.89 54.67
CA ARG H 44 6.26 -5.10 55.69
C ARG H 44 5.61 -5.57 56.98
N ARG H 45 6.21 -6.60 57.59
CA ARG H 45 5.83 -7.05 58.94
C ARG H 45 6.83 -6.46 59.92
N VAL H 46 6.37 -5.49 60.71
CA VAL H 46 7.24 -4.73 61.61
C VAL H 46 6.73 -4.92 63.02
N VAL H 47 7.66 -5.11 63.96
CA VAL H 47 7.36 -5.25 65.39
C VAL H 47 7.99 -4.07 66.11
N VAL H 48 7.16 -3.27 66.76
CA VAL H 48 7.64 -2.17 67.59
C VAL H 48 7.92 -2.72 68.98
N ASN H 49 8.94 -2.19 69.63
CA ASN H 49 9.30 -2.65 70.98
C ASN H 49 10.02 -1.51 71.70
N ASN H 50 9.43 -1.03 72.78
CA ASN H 50 9.96 0.04 73.62
C ASN H 50 10.47 -0.51 74.95
N MET H 51 11.16 -1.65 74.86
CA MET H 51 11.68 -2.35 76.05
C MET H 51 12.58 -1.43 76.87
N ASP H 52 13.40 -0.62 76.20
CA ASP H 52 14.28 0.31 76.92
C ASP H 52 13.50 1.33 77.74
N LYS H 53 12.29 1.67 77.31
CA LYS H 53 11.46 2.64 78.03
C LYS H 53 10.59 2.01 79.11
N THR H 54 10.25 0.71 78.98
CA THR H 54 9.33 0.04 79.89
C THR H 54 9.93 -1.19 80.56
N ALA H 55 11.21 -1.50 80.32
CA ALA H 55 11.89 -2.48 81.17
C ALA H 55 12.12 -1.95 82.58
N VAL H 56 12.15 -0.62 82.74
CA VAL H 56 12.22 -0.06 84.07
C VAL H 56 10.95 -0.40 84.84
N ASN H 57 11.07 -0.47 86.15
CA ASN H 57 9.96 -0.80 87.02
C ASN H 57 9.02 0.39 87.18
N GLY H 58 7.74 0.07 87.42
CA GLY H 58 6.76 1.08 87.78
C GLY H 58 6.11 1.81 86.63
N ASN H 59 6.28 1.36 85.39
CA ASN H 59 5.59 1.94 84.23
C ASN H 59 5.06 0.83 83.33
N MET H 60 4.34 -0.13 83.92
CA MET H 60 3.70 -1.20 83.15
C MET H 60 2.73 -0.65 82.12
N ALA H 61 2.07 0.48 82.40
CA ALA H 61 1.10 1.04 81.49
C ALA H 61 1.71 1.53 80.18
N LEU H 62 2.96 1.97 80.20
CA LEU H 62 3.62 2.49 79.01
C LEU H 62 4.18 1.37 78.14
N ASP H 63 3.27 0.52 77.64
CA ASP H 63 3.61 -0.63 76.81
C ASP H 63 3.19 -0.32 75.38
N ASP H 64 4.13 -0.48 74.43
CA ASP H 64 3.90 -0.20 73.02
C ASP H 64 4.16 -1.40 72.12
N ILE H 65 4.39 -2.59 72.67
CA ILE H 65 4.78 -3.72 71.85
C ILE H 65 3.58 -4.15 71.01
N HIS H 66 3.75 -4.11 69.69
CA HIS H 66 2.72 -4.61 68.79
C HIS H 66 3.33 -4.87 67.43
N ALA H 67 2.90 -5.96 66.81
CA ALA H 67 3.30 -6.34 65.47
C ALA H 67 2.18 -5.98 64.50
N GLN H 68 2.54 -5.25 63.45
CA GLN H 68 1.58 -4.73 62.49
C GLN H 68 2.15 -4.86 61.08
N ILE H 69 1.24 -4.98 60.11
CA ILE H 69 1.59 -5.11 58.70
C ILE H 69 1.48 -3.72 58.09
N VAL H 70 2.61 -3.15 57.66
CA VAL H 70 2.58 -1.89 56.96
C VAL H 70 2.14 -2.14 55.53
N THR H 71 1.00 -1.55 55.15
CA THR H 71 0.35 -1.75 53.87
C THR H 71 0.48 -0.48 53.03
N PRO H 72 0.91 -0.56 51.75
CA PRO H 72 1.08 0.68 50.98
C PRO H 72 -0.19 1.46 50.73
N TRP H 73 -1.35 0.80 50.82
CA TRP H 73 -2.61 1.48 50.59
C TRP H 73 -2.88 2.51 51.68
N SER H 74 -3.78 3.45 51.38
CA SER H 74 -4.24 4.48 52.29
C SER H 74 -5.75 4.41 52.42
N LEU H 75 -6.24 4.72 53.61
CA LEU H 75 -7.64 4.53 53.98
C LEU H 75 -8.37 5.87 53.95
N VAL H 76 -9.48 5.93 53.23
CA VAL H 76 -10.39 7.07 53.24
C VAL H 76 -11.52 6.68 54.17
N ASP H 77 -11.58 7.31 55.35
CA ASP H 77 -12.50 6.94 56.41
C ASP H 77 -13.15 8.25 56.85
N ALA H 78 -14.46 8.36 56.60
CA ALA H 78 -15.27 9.49 57.03
C ALA H 78 -16.11 9.18 58.26
N ASN H 79 -15.73 8.18 59.05
CA ASN H 79 -16.50 7.73 60.20
C ASN H 79 -16.21 8.60 61.42
N ALA H 80 -16.74 9.83 61.38
CA ALA H 80 -16.59 10.75 62.49
C ALA H 80 -17.60 11.88 62.34
N TRP H 81 -18.10 12.38 63.47
CA TRP H 81 -19.20 13.33 63.44
C TRP H 81 -18.78 14.66 62.83
N GLY H 82 -17.54 15.08 63.05
CA GLY H 82 -17.08 16.36 62.54
C GLY H 82 -17.05 16.44 61.03
N VAL H 83 -16.93 15.30 60.34
CA VAL H 83 -16.87 15.30 58.89
C VAL H 83 -18.15 15.82 58.26
N TRP H 84 -19.29 15.70 58.95
CA TRP H 84 -20.60 15.85 58.35
C TRP H 84 -21.37 17.10 58.78
N PHE H 85 -20.97 17.77 59.86
CA PHE H 85 -21.75 18.86 60.44
C PHE H 85 -20.87 20.00 60.92
N ASN H 86 -21.33 21.23 60.71
CA ASN H 86 -20.73 22.41 61.34
C ASN H 86 -21.52 22.69 62.61
N PRO H 87 -21.04 23.60 63.49
CA PRO H 87 -21.76 23.82 64.76
C PRO H 87 -23.21 24.25 64.62
N GLY H 88 -23.60 24.87 63.50
CA GLY H 88 -24.99 25.25 63.33
C GLY H 88 -25.93 24.06 63.29
N ASP H 89 -25.63 23.07 62.43
CA ASP H 89 -26.58 21.97 62.31
C ASP H 89 -26.53 21.06 63.52
N TRP H 90 -25.38 20.90 64.18
CA TRP H 90 -25.38 20.10 65.41
C TRP H 90 -26.15 20.83 66.51
N GLN H 91 -26.06 22.17 66.53
CA GLN H 91 -26.85 22.93 67.49
C GLN H 91 -28.33 22.67 67.27
N LEU H 92 -28.76 22.72 66.01
CA LEU H 92 -30.15 22.41 65.70
C LEU H 92 -30.50 20.98 66.08
N ILE H 93 -29.58 20.05 65.83
CA ILE H 93 -29.86 18.63 66.06
C ILE H 93 -30.03 18.34 67.54
N VAL H 94 -29.09 18.82 68.36
CA VAL H 94 -29.17 18.57 69.79
C VAL H 94 -30.35 19.34 70.39
N ASN H 95 -30.66 20.52 69.88
CA ASN H 95 -31.74 21.30 70.47
C ASN H 95 -33.13 20.75 70.15
N THR H 96 -33.37 20.28 68.91
CA THR H 96 -34.73 20.03 68.45
C THR H 96 -35.08 18.55 68.24
N MET H 97 -34.09 17.67 68.07
CA MET H 97 -34.35 16.24 67.96
C MET H 97 -34.41 15.60 69.35
N SER H 98 -35.02 14.41 69.40
CA SER H 98 -35.09 13.57 70.60
C SER H 98 -34.40 12.22 70.42
N GLU H 99 -34.83 11.42 69.42
CA GLU H 99 -34.13 10.21 69.01
C GLU H 99 -33.50 10.45 67.64
N LEU H 100 -32.59 9.56 67.25
CA LEU H 100 -31.80 9.69 66.04
C LEU H 100 -31.56 8.31 65.45
N HIS H 101 -31.87 8.15 64.16
CA HIS H 101 -31.67 6.90 63.43
C HIS H 101 -30.57 7.10 62.39
N LEU H 102 -29.69 6.09 62.27
CA LEU H 102 -28.70 6.04 61.21
C LEU H 102 -29.30 5.29 60.03
N VAL H 103 -29.42 5.95 58.86
CA VAL H 103 -30.29 5.49 57.79
C VAL H 103 -29.50 4.88 56.63
N SER H 104 -28.69 5.69 55.95
CA SER H 104 -28.02 5.24 54.73
C SER H 104 -26.77 6.07 54.50
N PHE H 105 -25.94 5.62 53.57
CA PHE H 105 -24.62 6.18 53.39
C PHE H 105 -24.06 5.79 52.02
N GLU H 106 -23.37 6.73 51.38
CA GLU H 106 -22.69 6.46 50.12
C GLU H 106 -21.47 7.38 49.99
N GLN H 107 -20.56 7.00 49.10
CA GLN H 107 -19.39 7.79 48.77
C GLN H 107 -19.20 7.79 47.26
N GLU H 108 -18.30 8.65 46.80
CA GLU H 108 -17.80 8.60 45.43
C GLU H 108 -16.56 9.48 45.31
N ILE H 109 -15.64 9.04 44.46
CA ILE H 109 -14.42 9.76 44.12
C ILE H 109 -14.64 10.38 42.75
N PHE H 110 -14.26 11.65 42.59
CA PHE H 110 -14.47 12.35 41.34
C PHE H 110 -13.40 13.42 41.15
N ASN H 111 -13.18 13.77 39.89
CA ASN H 111 -12.13 14.70 39.46
C ASN H 111 -10.77 14.25 40.00
N VAL H 112 -10.34 13.08 39.52
CA VAL H 112 -9.02 12.58 39.88
C VAL H 112 -7.98 13.36 39.10
N VAL H 113 -6.98 13.87 39.82
CA VAL H 113 -5.82 14.54 39.25
C VAL H 113 -4.59 13.73 39.61
N LEU H 114 -3.67 13.59 38.67
CA LEU H 114 -2.39 12.94 38.88
C LEU H 114 -1.29 13.80 38.28
N LYS H 115 -0.25 14.05 39.05
CA LYS H 115 0.82 14.97 38.69
C LYS H 115 2.15 14.35 39.05
N THR H 116 3.19 14.79 38.36
CA THR H 116 4.56 14.32 38.56
C THR H 116 5.47 15.51 38.80
N VAL H 117 6.59 15.25 39.47
CA VAL H 117 7.52 16.27 39.94
C VAL H 117 8.90 15.95 39.40
N SER H 118 9.62 16.99 38.97
CA SER H 118 10.98 16.85 38.50
C SER H 118 11.73 18.14 38.79
N GLU H 119 13.06 18.04 38.83
CA GLU H 119 13.91 19.18 39.14
C GLU H 119 13.84 20.23 38.04
N THR H 126 15.11 23.72 42.62
CA THR H 126 13.96 24.10 41.82
C THR H 126 13.14 22.87 41.43
N LYS H 127 11.84 23.08 41.23
CA LYS H 127 10.91 22.00 40.91
C LYS H 127 9.93 22.46 39.83
N VAL H 128 9.49 21.52 39.01
CA VAL H 128 8.45 21.73 38.02
C VAL H 128 7.44 20.61 38.15
N TYR H 129 6.16 20.96 38.05
CA TYR H 129 5.04 20.04 38.23
C TYR H 129 4.31 19.90 36.91
N ASN H 130 4.18 18.65 36.43
CA ASN H 130 3.57 18.33 35.15
C ASN H 130 2.44 17.33 35.37
N ASN H 131 1.46 17.35 34.47
CA ASN H 131 0.38 16.38 34.52
C ASN H 131 0.82 15.06 33.89
N ASP H 132 0.21 13.98 34.37
CA ASP H 132 0.40 12.64 33.81
C ASP H 132 -1.01 12.12 33.52
N LEU H 133 -1.49 12.38 32.31
CA LEU H 133 -2.81 11.95 31.92
C LEU H 133 -2.93 10.43 31.85
N THR H 134 -1.82 9.73 31.61
CA THR H 134 -1.83 8.28 31.46
C THR H 134 -1.81 7.54 32.80
N ALA H 135 -1.41 8.19 33.89
CA ALA H 135 -1.35 7.53 35.17
C ALA H 135 -2.76 7.18 35.67
N SER H 136 -2.81 6.42 36.75
CA SER H 136 -4.06 5.93 37.30
C SER H 136 -3.97 5.84 38.82
N LEU H 137 -5.15 5.91 39.45
CA LEU H 137 -5.30 5.82 40.90
C LEU H 137 -6.06 4.54 41.22
N MET H 138 -5.42 3.64 41.97
CA MET H 138 -6.03 2.37 42.34
C MET H 138 -6.97 2.57 43.51
N VAL H 139 -8.20 2.09 43.37
CA VAL H 139 -9.26 2.30 44.35
C VAL H 139 -9.97 0.97 44.58
N ALA H 140 -10.27 0.66 45.84
CA ALA H 140 -10.91 -0.60 46.23
C ALA H 140 -11.92 -0.32 47.33
N LEU H 141 -13.10 -0.93 47.21
CA LEU H 141 -14.17 -0.83 48.19
C LEU H 141 -14.44 -2.23 48.75
N ASP H 142 -14.41 -2.35 50.08
CA ASP H 142 -14.55 -3.64 50.76
C ASP H 142 -16.03 -3.89 51.08
N SER H 143 -16.77 -4.24 50.03
CA SER H 143 -18.21 -4.43 50.19
C SER H 143 -18.55 -5.61 51.09
N ASN H 144 -17.68 -6.62 51.16
CA ASN H 144 -17.91 -7.82 51.96
C ASN H 144 -17.02 -7.90 53.20
N ASN H 145 -16.25 -6.86 53.52
CA ASN H 145 -15.45 -6.80 54.74
C ASN H 145 -14.41 -7.92 54.78
N THR H 146 -13.75 -8.17 53.65
CA THR H 146 -12.70 -9.18 53.63
C THR H 146 -11.52 -8.75 54.50
N MET H 147 -11.07 -7.51 54.36
CA MET H 147 -9.97 -7.00 55.16
C MET H 147 -10.46 -6.64 56.56
N PRO H 148 -9.59 -6.54 57.55
CA PRO H 148 -10.07 -6.20 58.91
C PRO H 148 -10.61 -4.79 59.00
N PHE H 149 -11.56 -4.60 59.92
CA PHE H 149 -12.16 -3.29 60.14
C PHE H 149 -11.29 -2.48 61.10
N THR H 150 -10.85 -1.32 60.64
CA THR H 150 -9.85 -0.49 61.33
C THR H 150 -10.33 0.95 61.37
N PRO H 151 -11.17 1.32 62.33
CA PRO H 151 -11.71 2.69 62.33
C PRO H 151 -10.64 3.70 62.71
N ALA H 152 -10.57 4.79 61.93
CA ALA H 152 -9.51 5.77 62.11
C ALA H 152 -9.81 6.77 63.21
N ALA H 153 -11.06 6.85 63.70
CA ALA H 153 -11.38 7.79 64.76
C ALA H 153 -10.67 7.45 66.06
N MET H 154 -10.33 6.18 66.27
CA MET H 154 -9.66 5.79 67.51
C MET H 154 -8.28 6.42 67.62
N ARG H 155 -7.48 6.35 66.55
CA ARG H 155 -6.18 6.99 66.49
C ARG H 155 -6.25 8.42 65.96
N SER H 156 -7.44 8.96 65.69
CA SER H 156 -7.64 10.34 65.27
C SER H 156 -6.96 10.61 63.93
N GLU H 157 -7.40 9.88 62.90
CA GLU H 157 -6.84 9.96 61.55
C GLU H 157 -7.92 9.96 60.49
N THR H 158 -9.12 10.45 60.81
CA THR H 158 -10.19 10.56 59.82
C THR H 158 -9.98 11.81 58.96
N LEU H 159 -10.91 12.02 58.04
CA LEU H 159 -10.83 13.18 57.15
C LEU H 159 -11.06 14.47 57.95
N GLY H 160 -10.49 15.56 57.44
CA GLY H 160 -10.61 16.83 58.11
C GLY H 160 -12.04 17.32 58.15
N PHE H 161 -12.37 18.00 59.25
CA PHE H 161 -13.72 18.46 59.50
C PHE H 161 -14.02 19.80 58.83
N TYR H 162 -12.98 20.55 58.47
CA TYR H 162 -13.14 21.83 57.79
C TYR H 162 -13.41 21.58 56.29
N PRO H 163 -14.53 22.07 55.71
CA PRO H 163 -14.74 21.78 54.29
C PRO H 163 -13.78 22.50 53.35
N TRP H 164 -13.30 23.68 53.71
CA TRP H 164 -12.58 24.53 52.77
C TRP H 164 -11.07 24.27 52.73
N LYS H 165 -10.55 23.26 53.49
CA LYS H 165 -9.15 22.87 53.46
C LYS H 165 -9.01 21.46 52.91
N PRO H 166 -7.91 21.09 52.22
CA PRO H 166 -7.75 19.69 51.84
C PRO H 166 -7.41 18.81 53.03
N THR H 167 -7.42 17.50 52.79
CA THR H 167 -7.13 16.48 53.78
C THR H 167 -6.26 15.42 53.13
N ILE H 168 -5.70 14.54 53.96
CA ILE H 168 -4.88 13.41 53.52
C ILE H 168 -5.54 12.15 54.06
N PRO H 169 -5.51 11.01 53.36
CA PRO H 169 -5.97 9.78 53.98
C PRO H 169 -4.88 9.17 54.85
N THR H 170 -5.30 8.49 55.89
CA THR H 170 -4.33 7.87 56.77
C THR H 170 -3.66 6.69 56.06
N PRO H 171 -2.35 6.48 56.22
CA PRO H 171 -1.77 5.23 55.70
C PRO H 171 -2.31 4.04 56.46
N TRP H 172 -2.70 3.00 55.73
CA TRP H 172 -3.42 1.88 56.31
C TRP H 172 -2.48 0.82 56.84
N ARG H 173 -2.88 0.21 57.95
CA ARG H 173 -2.14 -0.87 58.58
C ARG H 173 -3.10 -1.58 59.52
N TYR H 174 -2.72 -2.79 59.93
CA TYR H 174 -3.55 -3.57 60.84
C TYR H 174 -2.65 -4.34 61.80
N TYR H 175 -3.23 -4.73 62.93
CA TYR H 175 -2.50 -5.48 63.93
C TYR H 175 -2.24 -6.90 63.44
N PHE H 176 -0.98 -7.31 63.49
CA PHE H 176 -0.66 -8.73 63.43
C PHE H 176 -1.00 -9.36 64.77
N GLN H 177 -1.09 -10.67 64.81
CA GLN H 177 -1.42 -11.43 66.03
C GLN H 177 -0.16 -12.07 66.56
N TRP H 178 0.20 -11.73 67.80
CA TRP H 178 1.47 -12.12 68.40
C TRP H 178 1.24 -12.61 69.82
N ASP H 179 2.35 -12.96 70.47
CA ASP H 179 2.37 -13.44 71.85
C ASP H 179 3.38 -12.64 72.66
N ARG H 180 2.97 -12.18 73.83
CA ARG H 180 3.79 -11.37 74.72
C ARG H 180 3.40 -11.65 76.16
N THR H 181 4.39 -11.58 77.06
CA THR H 181 4.16 -11.67 78.50
C THR H 181 4.96 -10.58 79.21
N LEU H 182 4.32 -9.94 80.19
CA LEU H 182 4.95 -8.94 81.04
C LEU H 182 4.46 -9.15 82.46
N ILE H 183 5.38 -9.14 83.40
CA ILE H 183 5.09 -9.27 84.83
C ILE H 183 5.15 -7.87 85.44
N PRO H 184 4.07 -7.34 86.00
CA PRO H 184 4.11 -5.95 86.46
C PRO H 184 4.90 -5.81 87.75
N SER H 185 5.21 -4.55 88.10
CA SER H 185 5.91 -4.25 89.33
C SER H 185 5.66 -2.80 89.71
N HIS H 186 5.84 -2.50 90.99
CA HIS H 186 5.74 -1.16 91.54
C HIS H 186 7.14 -0.58 91.75
N THR H 187 7.17 0.71 92.09
CA THR H 187 8.44 1.42 92.22
C THR H 187 9.26 0.86 93.37
N GLY H 188 10.57 0.82 93.18
CA GLY H 188 11.47 0.27 94.17
C GLY H 188 11.47 -1.24 94.28
N THR H 189 10.89 -1.95 93.30
CA THR H 189 10.94 -3.40 93.29
C THR H 189 12.39 -3.87 93.12
N SER H 190 12.71 -5.01 93.73
CA SER H 190 14.09 -5.44 93.91
C SER H 190 14.64 -6.23 92.72
N GLY H 191 14.05 -6.09 91.54
CA GLY H 191 14.57 -6.80 90.39
C GLY H 191 13.90 -6.36 89.11
N THR H 192 14.30 -7.01 88.02
CA THR H 192 13.76 -6.77 86.69
C THR H 192 12.75 -7.86 86.38
N PRO H 193 11.43 -7.62 86.35
CA PRO H 193 10.49 -8.70 86.02
C PRO H 193 10.67 -9.20 84.60
N THR H 194 9.99 -10.30 84.30
CA THR H 194 10.04 -10.90 82.98
C THR H 194 9.28 -10.03 81.99
N ASN H 195 9.93 -9.72 80.87
CA ASN H 195 9.33 -8.87 79.85
C ASN H 195 9.99 -9.23 78.53
N ILE H 196 9.35 -10.11 77.76
CA ILE H 196 9.89 -10.61 76.50
C ILE H 196 8.77 -10.66 75.46
N TYR H 197 9.19 -10.77 74.19
CA TYR H 197 8.29 -10.90 73.05
C TYR H 197 8.43 -12.33 72.50
N HIS H 198 7.43 -13.17 72.74
CA HIS H 198 7.54 -14.58 72.36
C HIS H 198 7.67 -14.77 70.86
N GLY H 199 6.75 -14.21 70.08
CA GLY H 199 6.67 -14.46 68.66
C GLY H 199 5.24 -14.39 68.16
N THR H 200 4.87 -15.29 67.26
CA THR H 200 3.52 -15.35 66.71
C THR H 200 3.03 -16.80 66.70
N ASP H 201 1.80 -16.99 67.13
CA ASP H 201 1.21 -18.32 67.17
C ASP H 201 0.93 -18.65 65.71
N PRO H 202 1.37 -19.79 65.16
CA PRO H 202 1.08 -20.07 63.74
C PRO H 202 -0.40 -20.20 63.42
N ASP H 203 -1.22 -20.66 64.37
CA ASP H 203 -2.66 -20.70 64.12
C ASP H 203 -3.26 -19.30 63.98
N ASP H 204 -2.67 -18.30 64.64
CA ASP H 204 -3.16 -16.93 64.60
C ASP H 204 -2.55 -16.10 63.48
N VAL H 205 -1.67 -16.67 62.64
CA VAL H 205 -1.09 -15.92 61.55
C VAL H 205 -2.16 -15.63 60.52
N GLN H 206 -2.32 -14.35 60.18
CA GLN H 206 -3.25 -13.91 59.15
C GLN H 206 -2.63 -12.73 58.42
N PHE H 207 -2.48 -12.88 57.10
CA PHE H 207 -1.77 -11.91 56.24
C PHE H 207 -2.73 -11.48 55.14
N TYR H 208 -3.52 -10.45 55.42
CA TYR H 208 -4.45 -9.92 54.44
C TYR H 208 -3.72 -9.02 53.45
N THR H 209 -4.19 -9.01 52.20
CA THR H 209 -3.69 -8.13 51.16
C THR H 209 -4.85 -7.63 50.31
N ILE H 210 -4.80 -6.35 49.96
CA ILE H 210 -5.90 -5.72 49.24
C ILE H 210 -6.05 -6.34 47.87
N GLU H 211 -4.93 -6.68 47.23
CA GLU H 211 -4.98 -7.12 45.85
C GLU H 211 -5.64 -8.49 45.74
N ASN H 212 -5.27 -9.43 46.61
CA ASN H 212 -5.91 -10.74 46.56
C ASN H 212 -7.36 -10.70 47.00
N SER H 213 -7.74 -9.75 47.86
CA SER H 213 -9.04 -9.78 48.51
C SER H 213 -10.12 -9.07 47.72
N VAL H 214 -9.91 -7.79 47.40
CA VAL H 214 -10.96 -6.88 46.94
C VAL H 214 -10.78 -6.61 45.45
N PRO H 215 -11.83 -6.35 44.66
CA PRO H 215 -11.59 -5.89 43.29
C PRO H 215 -11.17 -4.43 43.28
N VAL H 216 -10.18 -4.11 42.45
CA VAL H 216 -9.54 -2.81 42.43
C VAL H 216 -9.90 -2.13 41.12
N HIS H 217 -10.41 -0.90 41.22
CA HIS H 217 -10.77 -0.09 40.06
C HIS H 217 -9.67 0.91 39.78
N LEU H 218 -9.05 0.81 38.62
CA LEU H 218 -8.05 1.77 38.18
C LEU H 218 -8.75 2.97 37.59
N LEU H 219 -8.51 4.15 38.16
CA LEU H 219 -9.17 5.39 37.77
C LEU H 219 -8.16 6.33 37.15
N ARG H 220 -8.39 6.69 35.89
CA ARG H 220 -7.63 7.73 35.21
C ARG H 220 -8.25 9.09 35.52
N THR H 221 -7.71 10.14 34.91
CA THR H 221 -8.12 11.50 35.25
C THR H 221 -9.56 11.82 34.85
N GLY H 222 -10.19 11.01 34.00
CA GLY H 222 -11.49 11.29 33.43
C GLY H 222 -12.62 10.37 33.82
N ASP H 223 -12.49 9.59 34.89
CA ASP H 223 -13.49 8.61 35.30
C ASP H 223 -13.75 8.74 36.80
N GLU H 224 -14.71 7.94 37.29
CA GLU H 224 -15.21 8.02 38.65
C GLU H 224 -15.31 6.63 39.26
N PHE H 225 -15.36 6.61 40.59
CA PHE H 225 -15.79 5.45 41.36
C PHE H 225 -16.85 5.92 42.34
N ALA H 226 -17.91 5.14 42.47
CA ALA H 226 -19.05 5.46 43.33
C ALA H 226 -19.54 4.21 44.02
N THR H 227 -19.74 4.30 45.33
CA THR H 227 -20.29 3.19 46.09
C THR H 227 -21.80 3.13 45.95
N GLY H 228 -22.36 1.97 46.21
CA GLY H 228 -23.79 1.85 46.33
C GLY H 228 -24.29 2.43 47.63
N THR H 229 -25.59 2.73 47.64
CA THR H 229 -26.22 3.28 48.85
C THR H 229 -26.33 2.16 49.89
N PHE H 230 -25.32 2.06 50.75
CA PHE H 230 -25.37 1.05 51.80
C PHE H 230 -26.39 1.48 52.85
N PHE H 231 -27.27 0.54 53.21
CA PHE H 231 -28.39 0.81 54.11
C PHE H 231 -28.14 0.20 55.49
N PHE H 232 -28.39 0.99 56.51
CA PHE H 232 -28.32 0.63 57.91
C PHE H 232 -29.68 0.15 58.42
N ASP H 233 -29.65 -0.51 59.59
CA ASP H 233 -30.86 -0.85 60.34
C ASP H 233 -30.61 -0.73 61.84
N CYS H 234 -29.74 0.19 62.25
CA CYS H 234 -29.35 0.27 63.65
C CYS H 234 -30.50 0.80 64.50
N LYS H 235 -30.47 0.42 65.78
CA LYS H 235 -31.46 0.91 66.72
C LYS H 235 -31.18 2.39 67.01
N PRO H 236 -32.19 3.18 67.39
CA PRO H 236 -31.95 4.61 67.58
C PRO H 236 -31.13 4.89 68.84
N CYS H 237 -30.55 6.09 68.85
CA CYS H 237 -29.83 6.63 70.00
C CYS H 237 -30.55 7.85 70.54
N ARG H 238 -30.84 7.85 71.83
CA ARG H 238 -31.56 8.96 72.44
C ARG H 238 -30.63 10.17 72.60
N LEU H 239 -31.18 11.35 72.30
CA LEU H 239 -30.55 12.61 72.69
C LEU H 239 -31.03 13.10 74.05
N THR H 240 -32.27 12.78 74.42
CA THR H 240 -32.76 13.05 75.76
C THR H 240 -32.04 12.17 76.77
N HIS H 241 -31.80 12.69 77.96
CA HIS H 241 -31.12 11.95 79.02
C HIS H 241 -31.63 12.38 80.39
N ALA H 304 -16.31 -2.36 88.12
CA ALA H 304 -15.66 -1.24 87.43
C ALA H 304 -14.55 -0.64 88.30
N PRO H 305 -13.50 -1.41 88.58
CA PRO H 305 -12.46 -0.91 89.48
C PRO H 305 -11.60 0.15 88.81
N TYR H 306 -11.27 1.19 89.56
CA TYR H 306 -10.33 2.20 89.10
C TYR H 306 -8.90 1.74 89.33
N TYR H 307 -7.99 2.30 88.52
CA TYR H 307 -6.57 1.92 88.52
C TYR H 307 -6.41 0.42 88.27
N SER H 308 -7.06 -0.06 87.20
CA SER H 308 -7.19 -1.49 86.93
C SER H 308 -6.73 -1.80 85.51
N PHE H 309 -6.15 -2.99 85.35
CA PHE H 309 -5.70 -3.50 84.06
C PHE H 309 -5.95 -4.99 84.01
N GLU H 310 -5.93 -5.53 82.79
CA GLU H 310 -5.95 -6.96 82.51
C GLU H 310 -4.91 -7.24 81.42
N ALA H 311 -4.58 -8.52 81.26
CA ALA H 311 -3.52 -8.93 80.35
C ALA H 311 -3.88 -10.24 79.67
N SER H 312 -3.32 -10.42 78.47
CA SER H 312 -3.47 -11.64 77.68
C SER H 312 -2.22 -11.79 76.83
N THR H 313 -2.30 -12.63 75.80
CA THR H 313 -1.20 -12.72 74.84
C THR H 313 -0.97 -11.40 74.12
N GLN H 314 -2.02 -10.58 73.96
CA GLN H 314 -1.86 -9.23 73.44
C GLN H 314 -0.96 -8.35 74.30
N GLY H 315 -0.81 -8.67 75.60
CA GLY H 315 -0.14 -7.82 76.55
C GLY H 315 -1.15 -7.18 77.47
N PRO H 316 -0.71 -6.25 78.33
CA PRO H 316 -1.65 -5.59 79.24
C PRO H 316 -2.61 -4.69 78.49
N PHE H 317 -3.79 -4.51 79.09
CA PHE H 317 -4.80 -3.61 78.52
C PHE H 317 -5.65 -3.09 79.66
N LYS H 318 -5.96 -1.79 79.60
CA LYS H 318 -6.78 -1.17 80.63
C LYS H 318 -8.23 -1.64 80.48
N THR H 319 -8.88 -1.85 81.61
CA THR H 319 -10.20 -2.47 81.60
C THR H 319 -11.23 -1.52 80.99
N PRO H 320 -12.33 -2.04 80.45
CA PRO H 320 -13.39 -1.16 79.95
C PRO H 320 -14.31 -0.71 81.07
N ILE H 321 -14.83 0.51 80.94
CA ILE H 321 -15.79 1.09 81.87
C ILE H 321 -17.02 1.50 81.08
N ALA H 322 -18.20 1.08 81.54
CA ALA H 322 -19.40 1.21 80.74
C ALA H 322 -19.91 2.65 80.66
N ALA H 323 -19.75 3.42 81.74
CA ALA H 323 -20.32 4.76 81.81
C ALA H 323 -19.40 5.65 82.64
N GLY H 324 -19.53 6.96 82.41
CA GLY H 324 -18.69 7.93 83.08
C GLY H 324 -19.13 8.21 84.50
N ARG H 325 -18.30 8.99 85.18
CA ARG H 325 -18.56 9.37 86.57
C ARG H 325 -19.80 10.25 86.66
N ALA H 336 -7.03 12.36 84.18
CA ALA H 336 -6.91 11.69 82.89
C ALA H 336 -7.52 10.29 82.95
N ASP H 337 -8.60 10.15 83.72
CA ASP H 337 -9.24 8.86 83.95
C ASP H 337 -10.74 9.06 84.12
N GLY H 338 -11.49 7.97 83.98
CA GLY H 338 -12.93 7.99 84.09
C GLY H 338 -13.61 8.29 82.77
N ASN H 339 -14.05 9.53 82.60
CA ASN H 339 -14.68 9.92 81.35
C ASN H 339 -13.64 9.94 80.23
N PRO H 340 -14.05 9.75 78.96
CA PRO H 340 -13.06 9.60 77.90
C PRO H 340 -12.41 10.91 77.53
N ARG H 341 -11.10 10.86 77.32
CA ARG H 341 -10.30 12.01 76.90
C ARG H 341 -9.86 11.83 75.46
N TYR H 342 -10.04 12.88 74.66
CA TYR H 342 -9.76 12.88 73.24
C TYR H 342 -8.62 13.85 72.95
N ALA H 343 -7.57 13.36 72.31
CA ALA H 343 -6.43 14.17 71.85
C ALA H 343 -6.47 14.22 70.33
N PHE H 344 -6.11 15.37 69.76
CA PHE H 344 -6.36 15.58 68.33
C PHE H 344 -5.51 16.71 67.78
N GLY H 345 -5.43 16.76 66.45
CA GLY H 345 -4.56 17.67 65.75
C GLY H 345 -5.32 18.72 64.95
N ARG H 346 -4.59 19.38 64.05
CA ARG H 346 -5.09 20.57 63.39
C ARG H 346 -6.17 20.23 62.36
N GLN H 347 -6.05 19.06 61.72
CA GLN H 347 -7.12 18.60 60.84
C GLN H 347 -8.44 18.48 61.59
N HIS H 348 -8.40 18.10 62.86
CA HIS H 348 -9.55 17.59 63.59
C HIS H 348 -10.02 18.52 64.69
N GLY H 349 -10.06 19.83 64.43
CA GLY H 349 -10.72 20.79 65.29
C GLY H 349 -9.81 21.68 66.11
N GLN H 350 -8.53 21.36 66.22
CA GLN H 350 -7.62 22.22 66.96
C GLN H 350 -7.47 23.55 66.23
N LYS H 351 -7.22 24.61 67.00
CA LYS H 351 -6.96 25.92 66.43
C LYS H 351 -5.73 25.84 65.54
N THR H 352 -5.94 26.04 64.24
CA THR H 352 -4.97 25.58 63.23
C THR H 352 -3.64 26.31 63.35
N THR H 353 -3.67 27.59 63.67
CA THR H 353 -2.50 28.44 63.52
C THR H 353 -1.58 28.42 64.74
N THR H 354 -1.89 27.66 65.78
CA THR H 354 -0.97 27.52 66.89
C THR H 354 0.22 26.66 66.47
N THR H 355 1.40 27.01 67.00
CA THR H 355 2.62 26.29 66.70
C THR H 355 2.75 25.03 67.57
N GLY H 356 3.75 24.23 67.25
CA GLY H 356 4.12 23.10 68.09
C GLY H 356 3.41 21.81 67.73
N GLU H 357 4.00 20.70 68.18
CA GLU H 357 3.46 19.37 67.94
C GLU H 357 2.48 18.91 69.00
N THR H 358 2.16 19.74 69.99
CA THR H 358 1.36 19.29 71.12
C THR H 358 -0.12 19.29 70.72
N PRO H 359 -0.84 18.16 70.81
CA PRO H 359 -2.27 18.21 70.53
C PRO H 359 -3.05 18.86 71.65
N GLU H 360 -4.18 19.46 71.28
CA GLU H 360 -5.11 20.00 72.26
C GLU H 360 -6.10 18.90 72.63
N ARG H 361 -6.58 18.95 73.87
CA ARG H 361 -7.27 17.82 74.50
C ARG H 361 -8.51 18.29 75.22
N PHE H 362 -9.49 17.40 75.35
CA PHE H 362 -10.66 17.65 76.17
C PHE H 362 -11.04 16.35 76.87
N THR H 363 -11.65 16.48 78.04
CA THR H 363 -12.33 15.38 78.73
C THR H 363 -13.83 15.58 78.58
N TYR H 364 -14.52 14.56 78.10
CA TYR H 364 -15.96 14.66 77.85
C TYR H 364 -16.72 14.32 79.13
N ILE H 365 -16.90 15.36 79.96
CA ILE H 365 -17.67 15.24 81.19
C ILE H 365 -19.14 15.42 80.84
N ALA H 366 -19.81 14.31 80.51
CA ALA H 366 -21.21 14.37 80.14
C ALA H 366 -22.08 14.72 81.35
N HIS H 367 -23.27 15.26 81.07
CA HIS H 367 -24.19 15.58 82.15
C HIS H 367 -24.66 14.34 82.89
N GLN H 368 -24.84 13.23 82.19
CA GLN H 368 -25.12 11.95 82.85
C GLN H 368 -24.00 11.57 83.82
N LEU H 421 -29.99 -1.10 78.47
CA LEU H 421 -29.01 -0.19 79.07
C LEU H 421 -29.07 1.19 78.44
N ASN H 422 -28.30 2.13 79.01
CA ASN H 422 -28.13 3.44 78.41
C ASN H 422 -27.00 3.39 77.39
N ASN H 423 -27.26 3.95 76.21
CA ASN H 423 -26.28 3.99 75.14
C ASN H 423 -25.23 5.07 75.43
N VAL H 424 -24.05 4.87 74.86
CA VAL H 424 -22.98 5.86 75.03
C VAL H 424 -23.35 7.14 74.29
N PRO H 425 -22.91 8.32 74.72
CA PRO H 425 -23.34 9.55 74.05
C PRO H 425 -22.50 9.82 72.82
N PRO H 426 -23.03 10.48 71.80
CA PRO H 426 -22.15 10.97 70.72
C PRO H 426 -21.24 12.07 71.23
N VAL H 427 -20.20 12.35 70.44
CA VAL H 427 -19.18 13.34 70.78
C VAL H 427 -18.90 14.12 69.49
N TYR H 428 -19.42 15.34 69.39
CA TYR H 428 -18.96 16.26 68.36
C TYR H 428 -17.53 16.65 68.70
N PRO H 429 -16.57 16.68 67.75
CA PRO H 429 -16.41 16.08 66.39
C PRO H 429 -15.53 14.86 66.28
N ASN H 430 -14.92 14.41 67.37
CA ASN H 430 -14.05 13.24 67.32
C ASN H 430 -14.79 11.95 67.64
N GLY H 431 -16.08 12.01 67.94
CA GLY H 431 -16.83 10.78 68.13
C GLY H 431 -16.94 9.99 66.86
N GLN H 432 -16.70 8.69 66.97
CA GLN H 432 -17.00 7.77 65.89
C GLN H 432 -18.51 7.59 65.78
N ILE H 433 -18.99 7.38 64.55
CA ILE H 433 -20.41 7.28 64.27
C ILE H 433 -20.91 5.85 64.43
N TRP H 434 -20.26 4.90 63.76
CA TRP H 434 -20.67 3.49 63.75
C TRP H 434 -19.46 2.60 64.00
N ASP H 435 -19.75 1.34 64.34
CA ASP H 435 -18.72 0.36 64.60
C ASP H 435 -19.29 -1.02 64.30
N LYS H 436 -18.39 -2.00 64.16
CA LYS H 436 -18.78 -3.34 63.77
C LYS H 436 -19.12 -4.19 64.99
N GLU H 437 -20.21 -4.96 64.86
CA GLU H 437 -20.49 -5.99 65.86
C GLU H 437 -19.39 -7.05 65.83
N PHE H 438 -19.08 -7.58 67.00
CA PHE H 438 -17.98 -8.52 67.12
C PHE H 438 -18.40 -9.90 66.65
N ASP H 439 -17.45 -10.64 66.09
CA ASP H 439 -17.69 -11.98 65.58
C ASP H 439 -17.70 -13.05 66.67
N THR H 440 -17.42 -12.68 67.92
CA THR H 440 -17.33 -13.67 68.98
C THR H 440 -18.70 -14.26 69.31
N ASP H 441 -18.68 -15.39 70.03
CA ASP H 441 -19.93 -15.98 70.52
C ASP H 441 -20.66 -15.02 71.44
N LEU H 442 -19.94 -14.39 72.35
CA LEU H 442 -20.50 -13.33 73.16
C LEU H 442 -20.59 -12.04 72.33
N LYS H 443 -21.53 -11.17 72.72
CA LYS H 443 -21.76 -9.90 72.06
C LYS H 443 -22.13 -8.89 73.14
N PRO H 444 -21.37 -7.81 73.33
CA PRO H 444 -21.66 -6.93 74.48
C PRO H 444 -22.93 -6.13 74.28
N ARG H 445 -23.45 -5.62 75.39
CA ARG H 445 -24.66 -4.82 75.35
C ARG H 445 -24.44 -3.48 74.65
N LEU H 446 -23.24 -2.93 74.74
CA LEU H 446 -22.97 -1.61 74.19
C LEU H 446 -21.49 -1.50 73.85
N HIS H 447 -21.19 -0.65 72.87
CA HIS H 447 -19.83 -0.36 72.44
C HIS H 447 -19.35 0.93 73.09
N VAL H 448 -18.13 0.90 73.62
CA VAL H 448 -17.60 2.05 74.34
C VAL H 448 -17.33 3.23 73.41
N ASN H 449 -17.03 3.00 72.14
CA ASN H 449 -16.40 3.99 71.28
C ASN H 449 -17.32 4.63 70.24
N ALA H 450 -18.51 4.07 70.00
CA ALA H 450 -19.46 4.60 69.00
C ALA H 450 -20.88 4.53 69.56
N PRO H 451 -21.78 5.46 69.19
CA PRO H 451 -23.16 5.35 69.67
C PRO H 451 -23.98 4.31 68.93
N PHE H 452 -23.68 4.06 67.66
CA PHE H 452 -24.34 3.05 66.85
C PHE H 452 -23.38 1.90 66.60
N VAL H 453 -23.94 0.72 66.32
CA VAL H 453 -23.17 -0.47 66.01
C VAL H 453 -23.85 -1.20 64.84
N CYS H 454 -23.03 -1.67 63.90
CA CYS H 454 -23.51 -2.43 62.76
C CYS H 454 -24.19 -3.71 63.23
N GLN H 455 -25.50 -3.83 62.98
CA GLN H 455 -26.21 -5.01 63.46
C GLN H 455 -25.75 -6.28 62.74
N ASN H 456 -25.52 -6.22 61.43
CA ASN H 456 -25.03 -7.35 60.66
C ASN H 456 -23.93 -7.01 59.66
N ASN H 457 -23.84 -5.75 59.24
CA ASN H 457 -22.86 -5.37 58.23
C ASN H 457 -22.63 -3.87 58.28
N CYS H 458 -21.40 -3.46 57.95
CA CYS H 458 -20.93 -2.08 57.94
C CYS H 458 -20.72 -1.58 56.53
N PRO H 459 -20.49 -0.28 56.34
CA PRO H 459 -20.09 0.21 55.02
C PRO H 459 -18.70 -0.31 54.66
N GLY H 460 -18.47 -0.47 53.37
CA GLY H 460 -17.16 -0.94 52.93
C GLY H 460 -16.09 0.12 53.10
N GLN H 461 -14.98 -0.28 53.70
CA GLN H 461 -13.83 0.61 53.80
C GLN H 461 -13.26 0.88 52.42
N LEU H 462 -12.97 2.16 52.14
CA LEU H 462 -12.45 2.60 50.85
C LEU H 462 -10.95 2.75 51.00
N PHE H 463 -10.21 2.04 50.14
CA PHE H 463 -8.76 2.05 50.12
C PHE H 463 -8.27 2.60 48.79
N VAL H 464 -7.26 3.47 48.84
CA VAL H 464 -6.73 4.18 47.68
C VAL H 464 -5.22 4.01 47.64
N LYS H 465 -4.67 4.09 46.43
CA LYS H 465 -3.23 3.94 46.21
C LYS H 465 -2.85 4.44 44.83
N VAL H 466 -1.86 5.32 44.77
CA VAL H 466 -1.31 5.76 43.50
C VAL H 466 -0.54 4.61 42.86
N ALA H 467 -0.85 4.33 41.60
CA ALA H 467 -0.29 3.15 40.95
C ALA H 467 1.20 3.33 40.73
N PRO H 468 1.96 2.22 40.55
CA PRO H 468 3.40 2.37 40.33
C PRO H 468 3.73 3.03 38.99
N ASN H 469 4.38 4.19 39.05
CA ASN H 469 4.89 4.88 37.86
C ASN H 469 6.38 4.57 37.73
N LEU H 470 6.67 3.55 36.92
CA LEU H 470 8.02 2.99 36.87
C LEU H 470 8.89 3.77 35.88
N THR H 471 10.19 3.72 36.12
CA THR H 471 11.18 4.23 35.19
C THR H 471 11.64 3.13 34.25
N ASN H 472 12.38 3.52 33.20
CA ASN H 472 12.86 2.56 32.23
C ASN H 472 13.90 1.60 32.80
N GLU H 473 14.57 1.97 33.89
CA GLU H 473 15.64 1.16 34.44
C GLU H 473 15.14 0.04 35.36
N TYR H 474 13.82 -0.20 35.41
CA TYR H 474 13.31 -1.26 36.26
C TYR H 474 13.76 -2.61 35.74
N ASP H 475 14.33 -3.40 36.65
CA ASP H 475 14.48 -4.85 36.46
C ASP H 475 14.03 -5.55 37.75
N PRO H 476 13.30 -6.67 37.67
CA PRO H 476 12.77 -7.25 38.92
C PRO H 476 13.73 -8.21 39.59
N ASP H 477 14.73 -8.72 38.87
CA ASP H 477 15.68 -9.66 39.44
C ASP H 477 16.80 -9.00 40.22
N ALA H 478 16.71 -7.70 40.49
CA ALA H 478 17.64 -7.02 41.39
C ALA H 478 16.99 -6.84 42.76
N SER H 479 17.80 -7.06 43.81
CA SER H 479 17.30 -6.95 45.17
C SER H 479 16.94 -5.52 45.56
N ALA H 480 17.46 -4.51 44.85
CA ALA H 480 17.19 -3.12 45.20
C ALA H 480 15.73 -2.78 44.98
N ASN H 481 15.22 -1.86 45.79
CA ASN H 481 13.85 -1.40 45.65
C ASN H 481 13.67 -0.68 44.31
N MET H 482 12.48 -0.81 43.75
CA MET H 482 12.20 -0.30 42.41
C MET H 482 12.28 1.22 42.37
N SER H 483 12.81 1.75 41.27
CA SER H 483 12.88 3.18 41.03
C SER H 483 11.58 3.63 40.38
N ARG H 484 10.97 4.68 40.93
CA ARG H 484 9.65 5.15 40.54
C ARG H 484 9.65 6.65 40.33
N ILE H 485 8.82 7.11 39.40
CA ILE H 485 8.67 8.53 39.16
C ILE H 485 7.87 9.12 40.31
N VAL H 486 8.31 10.28 40.81
CA VAL H 486 7.69 10.88 41.98
C VAL H 486 6.36 11.46 41.55
N THR H 487 5.26 10.78 41.89
CA THR H 487 3.91 11.16 41.49
C THR H 487 3.02 11.29 42.71
N TYR H 488 2.06 12.20 42.62
CA TYR H 488 1.09 12.42 43.69
C TYR H 488 -0.23 12.79 43.03
N SER H 489 -1.31 12.60 43.80
CA SER H 489 -2.66 12.70 43.27
C SER H 489 -3.53 13.58 44.16
N ASP H 490 -4.36 14.39 43.53
CA ASP H 490 -5.42 15.14 44.17
C ASP H 490 -6.76 14.68 43.57
N PHE H 491 -7.68 14.26 44.43
CA PHE H 491 -8.98 13.78 44.01
C PHE H 491 -10.04 14.22 45.01
N TRP H 492 -11.19 14.63 44.49
CA TRP H 492 -12.27 15.11 45.33
C TRP H 492 -13.13 13.94 45.76
N TRP H 493 -13.45 13.90 47.05
CA TRP H 493 -14.33 12.90 47.64
C TRP H 493 -15.64 13.57 47.99
N LYS H 494 -16.76 12.90 47.74
CA LYS H 494 -18.08 13.33 48.16
C LYS H 494 -18.71 12.21 48.97
N GLY H 495 -19.28 12.57 50.12
CA GLY H 495 -20.01 11.64 50.95
C GLY H 495 -21.40 12.18 51.24
N LYS H 496 -22.36 11.25 51.33
CA LYS H 496 -23.73 11.54 51.72
C LYS H 496 -24.07 10.60 52.86
N LEU H 497 -24.66 11.14 53.92
CA LEU H 497 -25.03 10.38 55.10
C LEU H 497 -26.41 10.84 55.54
N VAL H 498 -27.39 9.95 55.46
CA VAL H 498 -28.78 10.25 55.74
C VAL H 498 -29.08 9.79 57.16
N PHE H 499 -29.83 10.61 57.90
CA PHE H 499 -30.39 10.24 59.19
C PHE H 499 -31.90 10.36 59.13
N LYS H 500 -32.55 9.85 60.18
CA LYS H 500 -33.94 10.10 60.47
C LYS H 500 -34.05 10.38 61.97
N ALA H 501 -34.85 11.37 62.34
CA ALA H 501 -34.94 11.81 63.73
C ALA H 501 -36.35 12.27 64.05
N LYS H 502 -36.67 12.21 65.35
CA LYS H 502 -37.97 12.63 65.87
C LYS H 502 -37.80 13.94 66.62
N LEU H 503 -38.60 14.94 66.27
CA LEU H 503 -38.56 16.20 66.98
C LEU H 503 -39.11 16.03 68.39
N ARG H 504 -38.41 16.60 69.37
CA ARG H 504 -38.89 16.56 70.74
C ARG H 504 -40.16 17.39 70.85
N GLN H 513 -31.11 21.81 78.33
CA GLN H 513 -30.96 23.26 78.16
C GLN H 513 -31.14 23.62 76.71
N GLN H 514 -31.00 24.92 76.41
CA GLN H 514 -30.87 25.40 75.03
C GLN H 514 -29.42 25.76 74.79
N MET H 515 -28.74 24.94 73.97
CA MET H 515 -27.42 25.29 73.45
C MET H 515 -27.50 26.63 72.74
N SER H 516 -26.56 27.53 73.06
CA SER H 516 -26.58 28.85 72.45
C SER H 516 -25.20 29.48 72.58
N ILE H 517 -24.97 30.50 71.75
CA ILE H 517 -23.75 31.29 71.81
C ILE H 517 -23.85 32.25 72.98
N ASN H 518 -22.70 32.60 73.55
CA ASN H 518 -22.64 33.55 74.65
C ASN H 518 -21.31 34.29 74.57
N VAL H 519 -21.12 35.22 75.50
CA VAL H 519 -19.93 36.07 75.49
C VAL H 519 -18.67 35.24 75.71
N ASP H 520 -18.76 34.20 76.54
CA ASP H 520 -17.58 33.40 76.84
C ASP H 520 -17.14 32.56 75.64
N ASN H 521 -18.07 31.86 74.99
CA ASN H 521 -17.75 30.94 73.92
C ASN H 521 -17.78 31.58 72.53
N GLN H 522 -17.97 32.90 72.45
CA GLN H 522 -18.36 33.55 71.19
C GLN H 522 -17.30 33.40 70.10
N PHE H 523 -16.05 33.69 70.44
CA PHE H 523 -14.99 33.72 69.43
C PHE H 523 -14.48 32.34 69.04
N ASN H 524 -15.05 31.26 69.58
CA ASN H 524 -14.68 29.91 69.15
C ASN H 524 -15.34 29.52 67.83
N TYR H 525 -16.46 30.15 67.46
CA TYR H 525 -17.22 29.78 66.27
C TYR H 525 -17.00 30.70 65.08
N VAL H 526 -15.91 31.47 65.07
CA VAL H 526 -15.59 32.36 63.94
C VAL H 526 -14.09 32.41 63.77
N PRO H 527 -13.61 32.68 62.54
CA PRO H 527 -12.17 32.60 62.31
C PRO H 527 -11.43 33.80 62.88
N SER H 528 -10.11 33.66 62.93
CA SER H 528 -9.25 34.70 63.48
C SER H 528 -8.88 35.71 62.40
N ASN H 529 -8.03 36.67 62.76
CA ASN H 529 -7.59 37.67 61.79
C ASN H 529 -6.76 37.02 60.69
N ILE H 530 -5.82 36.16 61.04
CA ILE H 530 -4.88 35.59 60.10
C ILE H 530 -5.36 34.24 59.56
N GLY H 531 -6.63 33.87 59.82
CA GLY H 531 -7.25 32.74 59.17
C GLY H 531 -7.36 31.46 59.98
N GLY H 532 -7.10 31.51 61.28
CA GLY H 532 -7.25 30.32 62.10
C GLY H 532 -8.71 29.97 62.32
N MET H 533 -8.93 28.71 62.70
CA MET H 533 -10.27 28.24 63.05
C MET H 533 -10.16 27.02 63.95
N LYS H 534 -11.17 26.86 64.82
CA LYS H 534 -11.24 25.76 65.77
C LYS H 534 -12.68 25.26 65.82
N ILE H 535 -12.84 24.02 66.29
CA ILE H 535 -14.14 23.44 66.59
C ILE H 535 -14.06 22.96 68.03
N VAL H 536 -14.62 23.73 68.96
CA VAL H 536 -14.71 23.28 70.34
C VAL H 536 -15.71 22.13 70.42
N TYR H 537 -15.40 21.15 71.26
CA TYR H 537 -16.30 20.02 71.44
C TYR H 537 -17.60 20.49 72.09
N GLU H 538 -18.62 19.66 72.00
CA GLU H 538 -19.96 20.05 72.42
C GLU H 538 -20.75 18.83 72.84
N LYS H 539 -21.84 19.08 73.57
CA LYS H 539 -22.55 18.01 74.27
C LYS H 539 -23.69 17.49 73.40
N SER H 540 -23.79 16.16 73.31
CA SER H 540 -24.81 15.52 72.49
C SER H 540 -26.13 15.30 73.21
N GLN H 541 -26.16 15.39 74.55
CA GLN H 541 -27.36 15.18 75.35
C GLN H 541 -27.48 16.31 76.36
N LEU H 542 -28.54 17.11 76.21
CA LEU H 542 -28.82 18.24 77.09
C LEU H 542 -30.17 18.06 77.78
N ALA H 543 -31.19 17.71 77.01
CA ALA H 543 -32.52 17.48 77.55
C ALA H 543 -32.58 16.12 78.24
N GLY I 1 -24.69 -59.17 -36.82
CA GLY I 1 -23.76 -60.06 -37.57
C GLY I 1 -22.32 -59.59 -37.54
N VAL I 2 -21.43 -60.47 -37.08
CA VAL I 2 -20.02 -60.12 -37.01
C VAL I 2 -19.45 -59.93 -38.41
N GLY I 3 -19.78 -60.83 -39.34
CA GLY I 3 -19.34 -60.70 -40.71
C GLY I 3 -20.05 -59.66 -41.54
N ILE I 4 -21.13 -59.07 -41.02
CA ILE I 4 -21.89 -58.02 -41.69
C ILE I 4 -21.44 -56.69 -41.09
N SER I 5 -21.40 -55.66 -41.94
CA SER I 5 -20.72 -54.42 -41.59
C SER I 5 -21.40 -53.71 -40.43
N THR I 6 -20.56 -53.16 -39.53
CA THR I 6 -21.06 -52.35 -38.42
C THR I 6 -21.50 -50.96 -38.88
N GLY I 7 -21.04 -50.51 -40.05
CA GLY I 7 -21.47 -49.24 -40.61
C GLY I 7 -21.38 -49.30 -42.12
N THR I 8 -21.76 -48.19 -42.75
CA THR I 8 -21.80 -48.11 -44.21
C THR I 8 -20.66 -47.25 -44.73
N PHE I 9 -20.01 -47.74 -45.80
CA PHE I 9 -18.98 -46.99 -46.50
C PHE I 9 -19.64 -45.82 -47.22
N ASN I 10 -18.96 -44.67 -47.24
CA ASN I 10 -19.48 -43.50 -47.92
C ASN I 10 -18.35 -42.58 -48.35
N ASN I 11 -18.48 -42.03 -49.56
CA ASN I 11 -17.63 -40.96 -50.05
C ASN I 11 -18.43 -39.90 -50.82
N GLN I 12 -19.76 -39.97 -50.83
CA GLN I 12 -20.56 -39.12 -51.70
C GLN I 12 -20.63 -37.72 -51.11
N THR I 13 -20.37 -36.72 -51.94
CA THR I 13 -20.40 -35.32 -51.49
C THR I 13 -21.83 -34.80 -51.60
N GLU I 14 -22.32 -34.22 -50.52
CA GLU I 14 -23.69 -33.71 -50.43
C GLU I 14 -23.66 -32.19 -50.40
N PHE I 15 -24.30 -31.56 -51.38
CA PHE I 15 -24.51 -30.12 -51.43
C PHE I 15 -25.96 -29.82 -51.09
N LYS I 16 -26.18 -28.86 -50.21
CA LYS I 16 -27.52 -28.46 -49.80
C LYS I 16 -27.57 -26.94 -49.71
N PHE I 17 -28.65 -26.36 -50.24
CA PHE I 17 -28.77 -24.92 -50.41
C PHE I 17 -29.61 -24.33 -49.28
N LEU I 18 -29.07 -23.31 -48.62
CA LEU I 18 -29.75 -22.55 -47.58
C LEU I 18 -30.20 -21.22 -48.16
N GLU I 19 -30.88 -20.41 -47.35
CA GLU I 19 -31.38 -19.12 -47.80
C GLU I 19 -30.22 -18.16 -48.06
N ASN I 20 -30.51 -17.15 -48.90
CA ASN I 20 -29.58 -16.06 -49.18
C ASN I 20 -28.28 -16.54 -49.81
N GLY I 21 -28.36 -17.60 -50.61
CA GLY I 21 -27.19 -18.03 -51.35
C GLY I 21 -26.17 -18.81 -50.55
N TRP I 22 -26.45 -19.10 -49.28
CA TRP I 22 -25.57 -20.00 -48.54
C TRP I 22 -25.76 -21.43 -49.02
N VAL I 23 -24.71 -22.23 -48.85
CA VAL I 23 -24.71 -23.63 -49.24
C VAL I 23 -23.91 -24.41 -48.21
N GLU I 24 -24.38 -25.61 -47.88
CA GLU I 24 -23.66 -26.52 -46.98
C GLU I 24 -23.08 -27.65 -47.82
N ILE I 25 -21.80 -27.91 -47.64
CA ILE I 25 -21.08 -28.97 -48.33
C ILE I 25 -20.61 -29.97 -47.28
N THR I 26 -21.21 -31.16 -47.30
CA THR I 26 -20.80 -32.27 -46.46
C THR I 26 -19.90 -33.17 -47.28
N ALA I 27 -18.59 -33.08 -47.06
CA ALA I 27 -17.63 -33.97 -47.71
C ALA I 27 -17.57 -35.26 -46.90
N ASN I 28 -18.39 -36.23 -47.28
CA ASN I 28 -18.23 -37.57 -46.72
C ASN I 28 -17.00 -38.22 -47.32
N SER I 29 -16.23 -38.92 -46.48
CA SER I 29 -15.01 -39.55 -46.93
C SER I 29 -14.77 -40.80 -46.09
N SER I 30 -14.29 -41.85 -46.75
CA SER I 30 -13.99 -43.11 -46.10
C SER I 30 -12.80 -43.75 -46.79
N ARG I 31 -11.93 -44.37 -46.00
CA ARG I 31 -10.72 -45.00 -46.51
C ARG I 31 -10.49 -46.31 -45.78
N LEU I 32 -9.96 -47.27 -46.53
CA LEU I 32 -9.48 -48.51 -45.95
C LEU I 32 -8.08 -48.27 -45.43
N VAL I 33 -7.82 -48.71 -44.19
CA VAL I 33 -6.56 -48.44 -43.50
C VAL I 33 -5.91 -49.77 -43.14
N HIS I 34 -4.65 -49.92 -43.54
CA HIS I 34 -3.83 -51.08 -43.22
C HIS I 34 -2.79 -50.67 -42.19
N LEU I 35 -2.59 -51.50 -41.17
CA LEU I 35 -1.78 -51.15 -40.01
C LEU I 35 -0.98 -52.38 -39.59
N ASN I 36 0.34 -52.31 -39.73
CA ASN I 36 1.21 -53.35 -39.23
C ASN I 36 1.56 -53.08 -37.78
N MET I 37 1.86 -54.14 -37.03
CA MET I 37 2.17 -53.98 -35.62
C MET I 37 3.50 -53.26 -35.48
N PRO I 38 3.75 -52.61 -34.33
CA PRO I 38 4.97 -51.78 -34.22
C PRO I 38 6.24 -52.62 -34.26
N GLU I 39 7.30 -52.00 -34.79
CA GLU I 39 8.61 -52.65 -34.77
C GLU I 39 9.12 -52.87 -33.35
N SER I 40 8.76 -51.98 -32.42
CA SER I 40 9.12 -52.13 -31.02
C SER I 40 7.97 -51.61 -30.16
N GLU I 41 7.88 -52.13 -28.95
CA GLU I 41 6.81 -51.78 -28.02
C GLU I 41 7.15 -50.58 -27.13
N ASN I 42 8.36 -50.02 -27.24
CA ASN I 42 8.88 -49.05 -26.30
C ASN I 42 9.07 -47.69 -26.96
N TYR I 43 9.00 -46.64 -26.16
CA TYR I 43 9.35 -45.30 -26.62
C TYR I 43 10.86 -45.15 -26.66
N ARG I 44 11.36 -44.54 -27.73
CA ARG I 44 12.79 -44.40 -27.99
C ARG I 44 13.13 -42.92 -28.16
N ARG I 45 14.13 -42.46 -27.43
CA ARG I 45 14.64 -41.08 -27.55
C ARG I 45 15.79 -41.11 -28.54
N VAL I 46 15.47 -40.88 -29.81
CA VAL I 46 16.43 -40.96 -30.90
C VAL I 46 16.96 -39.56 -31.16
N VAL I 47 18.27 -39.47 -31.41
CA VAL I 47 18.95 -38.22 -31.75
C VAL I 47 19.59 -38.40 -33.13
N VAL I 48 19.28 -37.48 -34.03
CA VAL I 48 19.81 -37.46 -35.39
C VAL I 48 20.92 -36.43 -35.44
N ASN I 49 22.04 -36.78 -36.07
CA ASN I 49 23.18 -35.88 -36.18
C ASN I 49 23.92 -36.23 -37.47
N ASN I 50 23.61 -35.47 -38.54
CA ASN I 50 24.33 -35.61 -39.81
C ASN I 50 25.52 -34.66 -39.85
N MET I 51 26.46 -34.92 -38.93
CA MET I 51 27.69 -34.14 -38.88
C MET I 51 28.52 -34.36 -40.15
N ASP I 52 28.40 -35.53 -40.76
CA ASP I 52 29.19 -35.84 -41.97
C ASP I 52 28.85 -34.89 -43.11
N LYS I 53 27.55 -34.60 -43.29
CA LYS I 53 27.12 -33.76 -44.41
C LYS I 53 27.23 -32.28 -44.06
N THR I 54 26.96 -31.92 -42.80
CA THR I 54 26.98 -30.52 -42.40
C THR I 54 28.39 -29.99 -42.22
N ALA I 55 29.35 -30.84 -41.85
CA ALA I 55 30.68 -30.38 -41.49
C ALA I 55 31.44 -29.76 -42.66
N VAL I 56 31.07 -30.06 -43.91
CA VAL I 56 31.74 -29.43 -45.03
C VAL I 56 31.33 -27.97 -45.05
N ASN I 57 32.28 -27.10 -45.35
CA ASN I 57 32.01 -25.66 -45.35
C ASN I 57 31.03 -25.32 -46.46
N GLY I 58 29.92 -24.67 -46.09
CA GLY I 58 28.92 -24.18 -47.02
C GLY I 58 27.62 -24.97 -47.05
N ASN I 59 27.54 -26.09 -46.33
CA ASN I 59 26.32 -26.89 -46.25
C ASN I 59 25.55 -26.60 -44.97
N MET I 60 25.51 -25.32 -44.58
CA MET I 60 24.83 -24.93 -43.35
C MET I 60 23.35 -25.24 -43.42
N ALA I 61 22.74 -25.04 -44.58
CA ALA I 61 21.30 -25.21 -44.74
C ALA I 61 20.86 -26.67 -44.62
N LEU I 62 21.79 -27.63 -44.69
CA LEU I 62 21.47 -29.05 -44.66
C LEU I 62 21.46 -29.63 -43.25
N ASP I 63 21.16 -28.82 -42.24
CA ASP I 63 21.16 -29.22 -40.85
C ASP I 63 19.86 -29.95 -40.55
N ASP I 64 19.92 -31.28 -40.42
CA ASP I 64 18.82 -32.11 -39.96
C ASP I 64 18.98 -32.52 -38.50
N ILE I 65 19.91 -31.93 -37.77
CA ILE I 65 20.25 -32.41 -36.44
C ILE I 65 19.10 -32.08 -35.49
N HIS I 66 18.53 -33.11 -34.88
CA HIS I 66 17.40 -32.94 -33.99
C HIS I 66 17.24 -34.20 -33.15
N ALA I 67 16.32 -34.13 -32.20
CA ALA I 67 15.95 -35.24 -31.34
C ALA I 67 14.44 -35.40 -31.37
N GLN I 68 13.98 -36.64 -31.26
CA GLN I 68 12.56 -36.93 -31.29
C GLN I 68 12.27 -38.23 -30.56
N ILE I 69 11.04 -38.33 -30.05
CA ILE I 69 10.57 -39.49 -29.32
C ILE I 69 9.82 -40.37 -30.31
N VAL I 70 10.41 -41.50 -30.68
CA VAL I 70 9.77 -42.46 -31.58
C VAL I 70 8.88 -43.36 -30.75
N THR I 71 7.58 -43.31 -31.01
CA THR I 71 6.58 -43.98 -30.20
C THR I 71 6.20 -45.32 -30.80
N PRO I 72 5.50 -46.19 -30.02
CA PRO I 72 4.95 -47.41 -30.62
C PRO I 72 3.56 -47.21 -31.22
N TRP I 73 3.12 -45.97 -31.36
CA TRP I 73 1.76 -45.63 -31.79
C TRP I 73 1.81 -45.07 -33.20
N SER I 74 0.64 -44.98 -33.82
CA SER I 74 0.48 -44.48 -35.18
C SER I 74 -0.73 -43.56 -35.22
N LEU I 75 -0.71 -42.62 -36.17
CA LEU I 75 -1.65 -41.51 -36.21
C LEU I 75 -2.45 -41.56 -37.50
N VAL I 76 -3.76 -41.36 -37.38
CA VAL I 76 -4.68 -41.27 -38.51
C VAL I 76 -5.01 -39.79 -38.67
N ASP I 77 -4.45 -39.15 -39.70
CA ASP I 77 -4.54 -37.71 -39.91
C ASP I 77 -5.19 -37.43 -41.25
N ALA I 78 -6.44 -36.96 -41.20
CA ALA I 78 -7.21 -36.64 -42.40
C ALA I 78 -7.18 -35.16 -42.73
N ASN I 79 -6.17 -34.42 -42.28
CA ASN I 79 -6.11 -32.97 -42.43
C ASN I 79 -5.39 -32.60 -43.73
N ALA I 80 -6.09 -32.79 -44.84
CA ALA I 80 -5.60 -32.36 -46.13
C ALA I 80 -6.76 -32.33 -47.12
N TRP I 81 -6.69 -31.43 -48.10
CA TRP I 81 -7.82 -31.19 -48.99
C TRP I 81 -8.13 -32.40 -49.84
N GLY I 82 -7.11 -33.09 -50.34
CA GLY I 82 -7.34 -34.22 -51.23
C GLY I 82 -8.06 -35.38 -50.58
N VAL I 83 -8.00 -35.50 -49.25
CA VAL I 83 -8.69 -36.56 -48.56
C VAL I 83 -10.20 -36.44 -48.69
N TRP I 84 -10.72 -35.23 -48.91
CA TRP I 84 -12.15 -34.94 -48.78
C TRP I 84 -12.84 -34.57 -50.09
N PHE I 85 -12.11 -34.06 -51.08
CA PHE I 85 -12.68 -33.65 -52.36
C PHE I 85 -11.91 -34.28 -53.50
N ASN I 86 -12.65 -34.68 -54.54
CA ASN I 86 -12.06 -35.10 -55.80
C ASN I 86 -11.97 -33.88 -56.72
N PRO I 87 -11.30 -33.98 -57.87
CA PRO I 87 -11.16 -32.79 -58.73
C PRO I 87 -12.47 -32.19 -59.19
N GLY I 88 -13.51 -32.99 -59.38
CA GLY I 88 -14.79 -32.44 -59.81
C GLY I 88 -15.40 -31.50 -58.79
N ASP I 89 -15.44 -31.92 -57.51
CA ASP I 89 -16.09 -31.08 -56.51
C ASP I 89 -15.24 -29.88 -56.17
N TRP I 90 -13.91 -30.03 -56.17
CA TRP I 90 -13.05 -28.88 -55.94
C TRP I 90 -13.19 -27.88 -57.07
N GLN I 91 -13.28 -28.37 -58.31
CA GLN I 91 -13.50 -27.51 -59.46
C GLN I 91 -14.80 -26.74 -59.31
N LEU I 92 -15.87 -27.43 -58.95
CA LEU I 92 -17.17 -26.77 -58.81
C LEU I 92 -17.15 -25.78 -57.65
N ILE I 93 -16.49 -26.12 -56.55
CA ILE I 93 -16.42 -25.22 -55.39
C ILE I 93 -15.67 -23.94 -55.77
N VAL I 94 -14.47 -24.08 -56.31
CA VAL I 94 -13.68 -22.90 -56.60
C VAL I 94 -14.26 -22.10 -57.75
N ASN I 95 -15.11 -22.69 -58.60
CA ASN I 95 -15.75 -21.92 -59.67
C ASN I 95 -17.08 -21.29 -59.26
N THR I 96 -17.73 -21.78 -58.20
CA THR I 96 -19.06 -21.31 -57.81
C THR I 96 -19.14 -20.68 -56.43
N MET I 97 -18.09 -20.76 -55.61
CA MET I 97 -18.11 -20.26 -54.24
C MET I 97 -17.12 -19.10 -54.12
N SER I 98 -17.53 -18.07 -53.36
CA SER I 98 -16.70 -16.90 -53.09
C SER I 98 -16.01 -16.97 -51.73
N GLU I 99 -16.72 -17.45 -50.71
CA GLU I 99 -16.21 -17.58 -49.36
C GLU I 99 -16.40 -19.03 -48.92
N LEU I 100 -15.60 -19.45 -47.94
CA LEU I 100 -15.64 -20.81 -47.42
C LEU I 100 -15.44 -20.80 -45.92
N HIS I 101 -16.41 -21.34 -45.19
CA HIS I 101 -16.35 -21.52 -43.75
C HIS I 101 -16.09 -22.98 -43.45
N LEU I 102 -15.20 -23.24 -42.49
CA LEU I 102 -15.03 -24.56 -41.92
C LEU I 102 -15.96 -24.69 -40.72
N VAL I 103 -16.91 -25.62 -40.78
CA VAL I 103 -18.06 -25.66 -39.88
C VAL I 103 -17.92 -26.77 -38.84
N SER I 104 -17.89 -28.02 -39.28
CA SER I 104 -17.93 -29.15 -38.36
C SER I 104 -17.14 -30.31 -38.94
N PHE I 105 -17.01 -31.37 -38.13
CA PHE I 105 -16.10 -32.46 -38.45
C PHE I 105 -16.31 -33.59 -37.46
N GLU I 106 -16.34 -34.83 -37.98
CA GLU I 106 -16.44 -36.02 -37.14
C GLU I 106 -15.69 -37.19 -37.77
N GLN I 107 -15.44 -38.21 -36.97
CA GLN I 107 -14.82 -39.45 -37.42
C GLN I 107 -15.50 -40.64 -36.77
N GLU I 108 -15.25 -41.83 -37.35
CA GLU I 108 -15.55 -43.08 -36.69
C GLU I 108 -14.69 -44.18 -37.31
N ILE I 109 -14.54 -45.27 -36.55
CA ILE I 109 -13.87 -46.49 -37.02
C ILE I 109 -14.91 -47.59 -37.10
N PHE I 110 -14.91 -48.31 -38.22
CA PHE I 110 -15.85 -49.40 -38.46
C PHE I 110 -15.20 -50.50 -39.29
N ASN I 111 -15.76 -51.71 -39.14
CA ASN I 111 -15.31 -52.91 -39.84
C ASN I 111 -13.84 -53.21 -39.52
N VAL I 112 -13.51 -53.19 -38.23
CA VAL I 112 -12.18 -53.57 -37.79
C VAL I 112 -12.04 -55.08 -37.85
N VAL I 113 -10.93 -55.55 -38.43
CA VAL I 113 -10.60 -56.97 -38.45
C VAL I 113 -9.10 -57.10 -38.22
N LEU I 114 -8.73 -58.13 -37.45
CA LEU I 114 -7.38 -58.32 -36.94
C LEU I 114 -6.91 -59.70 -37.36
N LYS I 115 -5.75 -59.77 -38.02
CA LYS I 115 -5.22 -61.00 -38.61
C LYS I 115 -3.81 -61.25 -38.12
N THR I 116 -3.39 -62.51 -38.17
CA THR I 116 -2.05 -62.94 -37.78
C THR I 116 -1.52 -63.91 -38.83
N VAL I 117 -0.19 -64.03 -38.88
CA VAL I 117 0.52 -64.80 -39.89
C VAL I 117 1.17 -65.99 -39.22
N SER I 118 1.12 -67.15 -39.88
CA SER I 118 1.75 -68.38 -39.43
C SER I 118 2.64 -68.93 -40.54
N GLU I 119 3.64 -69.71 -40.15
CA GLU I 119 4.58 -70.32 -41.09
C GLU I 119 4.95 -71.74 -40.62
N THR I 126 5.33 -72.00 -45.91
CA THR I 126 4.87 -70.75 -46.50
C THR I 126 3.98 -70.00 -45.53
N LYS I 127 3.69 -68.74 -45.85
CA LYS I 127 2.91 -67.89 -44.96
C LYS I 127 1.44 -68.28 -45.02
N VAL I 128 0.84 -68.54 -43.85
CA VAL I 128 -0.57 -68.84 -43.71
C VAL I 128 -1.19 -67.78 -42.80
N TYR I 129 -2.22 -67.11 -43.31
CA TYR I 129 -2.86 -65.99 -42.62
C TYR I 129 -4.08 -66.47 -41.86
N ASN I 130 -4.20 -66.03 -40.61
CA ASN I 130 -5.27 -66.47 -39.70
C ASN I 130 -5.92 -65.25 -39.07
N ASN I 131 -7.20 -65.38 -38.77
CA ASN I 131 -7.92 -64.36 -38.01
C ASN I 131 -7.79 -64.64 -36.51
N ASP I 132 -7.90 -63.57 -35.73
CA ASP I 132 -7.85 -63.65 -34.27
C ASP I 132 -8.91 -62.69 -33.73
N LEU I 133 -10.05 -63.24 -33.31
CA LEU I 133 -11.16 -62.44 -32.84
C LEU I 133 -11.05 -62.07 -31.36
N THR I 134 -10.00 -62.50 -30.66
CA THR I 134 -9.87 -62.31 -29.21
C THR I 134 -9.02 -61.11 -28.84
N ALA I 135 -7.94 -60.84 -29.57
CA ALA I 135 -7.09 -59.70 -29.30
C ALA I 135 -7.73 -58.42 -29.86
N SER I 136 -7.14 -57.27 -29.50
CA SER I 136 -7.78 -55.97 -29.65
C SER I 136 -6.91 -54.97 -30.37
N LEU I 137 -7.57 -54.12 -31.16
CA LEU I 137 -6.97 -52.87 -31.63
C LEU I 137 -7.13 -51.81 -30.55
N MET I 138 -6.11 -50.97 -30.41
CA MET I 138 -6.07 -49.92 -29.40
C MET I 138 -6.28 -48.57 -30.09
N VAL I 139 -7.32 -47.84 -29.67
CA VAL I 139 -7.71 -46.59 -30.28
C VAL I 139 -7.85 -45.54 -29.18
N ALA I 140 -7.36 -44.34 -29.45
CA ALA I 140 -7.45 -43.22 -28.52
C ALA I 140 -7.57 -41.92 -29.29
N LEU I 141 -8.42 -41.03 -28.81
CA LEU I 141 -8.61 -39.69 -29.38
C LEU I 141 -8.28 -38.66 -28.31
N ASP I 142 -7.34 -37.77 -28.63
CA ASP I 142 -6.87 -36.78 -27.66
C ASP I 142 -7.87 -35.63 -27.76
N SER I 143 -8.95 -35.75 -26.99
CA SER I 143 -10.02 -34.77 -27.05
C SER I 143 -9.59 -33.42 -26.46
N ASN I 144 -8.81 -33.45 -25.39
CA ASN I 144 -8.41 -32.24 -24.69
C ASN I 144 -7.21 -31.54 -25.33
N ASN I 145 -6.66 -32.06 -26.42
CA ASN I 145 -5.46 -31.54 -27.06
C ASN I 145 -4.30 -31.46 -26.05
N THR I 146 -4.14 -32.56 -25.31
CA THR I 146 -3.00 -32.68 -24.39
C THR I 146 -1.72 -32.97 -25.14
N MET I 147 -1.80 -33.70 -26.25
CA MET I 147 -0.63 -34.23 -26.91
C MET I 147 -0.09 -33.15 -27.83
N PRO I 148 1.18 -33.21 -28.24
CA PRO I 148 1.66 -32.23 -29.23
C PRO I 148 0.93 -32.36 -30.56
N PHE I 149 0.61 -31.21 -31.16
CA PHE I 149 -0.06 -31.18 -32.46
C PHE I 149 1.00 -31.37 -33.53
N THR I 150 0.87 -32.46 -34.29
CA THR I 150 1.85 -32.87 -35.29
C THR I 150 1.11 -33.12 -36.60
N PRO I 151 0.83 -32.07 -37.37
CA PRO I 151 0.07 -32.27 -38.61
C PRO I 151 0.90 -33.02 -39.65
N ALA I 152 0.31 -34.08 -40.21
CA ALA I 152 1.01 -34.94 -41.15
C ALA I 152 1.06 -34.36 -42.56
N ALA I 153 0.31 -33.31 -42.85
CA ALA I 153 0.31 -32.75 -44.20
C ALA I 153 1.67 -32.15 -44.55
N MET I 154 2.43 -31.72 -43.56
CA MET I 154 3.72 -31.09 -43.84
C MET I 154 4.71 -32.07 -44.43
N ARG I 155 4.67 -33.32 -43.97
CA ARG I 155 5.52 -34.39 -44.46
C ARG I 155 4.88 -35.17 -45.61
N SER I 156 3.65 -34.85 -46.00
CA SER I 156 2.87 -35.65 -46.94
C SER I 156 2.76 -37.09 -46.46
N GLU I 157 2.17 -37.24 -45.26
CA GLU I 157 1.85 -38.53 -44.68
C GLU I 157 0.40 -38.61 -44.22
N THR I 158 -0.49 -37.81 -44.80
CA THR I 158 -1.90 -37.92 -44.52
C THR I 158 -2.46 -39.16 -45.22
N LEU I 159 -3.74 -39.44 -44.97
CA LEU I 159 -4.38 -40.58 -45.61
C LEU I 159 -4.47 -40.36 -47.12
N GLY I 160 -4.50 -41.47 -47.85
CA GLY I 160 -4.48 -41.39 -49.30
C GLY I 160 -5.72 -40.73 -49.86
N PHE I 161 -5.52 -40.01 -50.96
CA PHE I 161 -6.59 -39.21 -51.55
C PHE I 161 -7.51 -40.07 -52.40
N TYR I 162 -6.99 -41.13 -52.98
CA TYR I 162 -7.81 -42.04 -53.77
C TYR I 162 -8.78 -42.78 -52.85
N PRO I 163 -10.11 -42.73 -53.08
CA PRO I 163 -11.01 -43.47 -52.18
C PRO I 163 -10.84 -44.99 -52.25
N TRP I 164 -10.43 -45.53 -53.39
CA TRP I 164 -10.52 -46.98 -53.60
C TRP I 164 -9.29 -47.76 -53.15
N LYS I 165 -8.11 -47.13 -53.12
CA LYS I 165 -6.93 -47.85 -52.67
C LYS I 165 -6.94 -48.01 -51.16
N PRO I 166 -6.11 -48.90 -50.61
CA PRO I 166 -5.87 -48.88 -49.17
C PRO I 166 -5.03 -47.67 -48.78
N THR I 167 -4.90 -47.46 -47.46
CA THR I 167 -4.04 -46.44 -46.90
C THR I 167 -3.32 -47.03 -45.70
N ILE I 168 -2.30 -46.31 -45.24
CA ILE I 168 -1.55 -46.65 -44.03
C ILE I 168 -1.47 -45.39 -43.16
N PRO I 169 -1.49 -45.48 -41.83
CA PRO I 169 -1.30 -44.26 -41.02
C PRO I 169 0.18 -44.02 -40.75
N THR I 170 0.50 -42.76 -40.51
CA THR I 170 1.90 -42.39 -40.28
C THR I 170 2.37 -42.98 -38.95
N PRO I 171 3.57 -43.55 -38.87
CA PRO I 171 4.13 -43.85 -37.54
C PRO I 171 4.43 -42.57 -36.80
N TRP I 172 3.77 -42.39 -35.65
CA TRP I 172 3.73 -41.11 -34.98
C TRP I 172 4.99 -40.87 -34.15
N ARG I 173 5.44 -39.62 -34.14
CA ARG I 173 6.61 -39.17 -33.38
C ARG I 173 6.44 -37.69 -33.09
N TYR I 174 7.20 -37.20 -32.11
CA TYR I 174 7.17 -35.78 -31.77
C TYR I 174 8.56 -35.34 -31.33
N TYR I 175 8.83 -34.05 -31.51
CA TYR I 175 10.14 -33.51 -31.19
C TYR I 175 10.39 -33.54 -29.68
N PHE I 176 11.65 -33.72 -29.32
CA PHE I 176 12.15 -33.68 -27.96
C PHE I 176 13.25 -32.64 -27.89
N GLN I 177 13.30 -31.88 -26.80
CA GLN I 177 14.13 -30.69 -26.76
C GLN I 177 15.60 -31.02 -26.85
N TRP I 178 16.30 -30.28 -27.71
CA TRP I 178 17.74 -30.36 -27.84
C TRP I 178 18.28 -28.94 -27.92
N ASP I 179 19.60 -28.83 -27.90
CA ASP I 179 20.32 -27.56 -27.98
C ASP I 179 21.54 -27.76 -28.85
N ARG I 180 21.77 -26.81 -29.75
CA ARG I 180 22.75 -26.96 -30.81
C ARG I 180 23.21 -25.59 -31.29
N THR I 181 24.47 -25.53 -31.72
CA THR I 181 25.05 -24.35 -32.37
C THR I 181 25.70 -24.77 -33.68
N LEU I 182 25.57 -23.93 -34.69
CA LEU I 182 26.19 -24.14 -36.01
C LEU I 182 26.60 -22.77 -36.53
N ILE I 183 27.86 -22.41 -36.32
CA ILE I 183 28.34 -21.11 -36.80
C ILE I 183 28.42 -21.16 -38.33
N PRO I 184 27.88 -20.19 -39.07
CA PRO I 184 27.90 -20.31 -40.54
C PRO I 184 29.30 -20.18 -41.10
N SER I 185 29.49 -20.75 -42.29
CA SER I 185 30.76 -20.69 -42.99
C SER I 185 30.48 -20.76 -44.48
N HIS I 186 31.44 -20.25 -45.26
CA HIS I 186 31.40 -20.32 -46.72
C HIS I 186 32.47 -21.28 -47.22
N THR I 187 32.26 -21.79 -48.44
CA THR I 187 33.26 -22.64 -49.06
C THR I 187 34.54 -21.84 -49.30
N GLY I 188 35.59 -22.24 -48.61
CA GLY I 188 36.83 -21.48 -48.54
C GLY I 188 37.07 -20.78 -47.21
N THR I 189 36.26 -21.07 -46.19
CA THR I 189 36.54 -20.56 -44.86
C THR I 189 37.85 -21.17 -44.35
N SER I 190 38.59 -20.38 -43.57
CA SER I 190 39.95 -20.73 -43.17
C SER I 190 40.05 -21.99 -42.33
N GLY I 191 38.97 -22.43 -41.70
CA GLY I 191 39.05 -23.61 -40.88
C GLY I 191 37.67 -24.16 -40.56
N THR I 192 37.66 -25.20 -39.74
CA THR I 192 36.41 -25.84 -39.36
C THR I 192 35.62 -24.91 -38.43
N PRO I 193 34.37 -24.56 -38.73
CA PRO I 193 33.61 -23.72 -37.80
C PRO I 193 33.15 -24.51 -36.59
N THR I 194 32.56 -23.80 -35.63
CA THR I 194 32.00 -24.44 -34.45
C THR I 194 30.69 -25.11 -34.84
N ASN I 195 30.63 -26.43 -34.68
CA ASN I 195 29.46 -27.22 -35.05
C ASN I 195 29.42 -28.42 -34.11
N ILE I 196 28.63 -28.29 -33.03
CA ILE I 196 28.52 -29.32 -32.00
C ILE I 196 27.07 -29.41 -31.54
N TYR I 197 26.77 -30.52 -30.86
CA TYR I 197 25.46 -30.81 -30.27
C TYR I 197 25.63 -30.77 -28.76
N HIS I 198 25.05 -29.75 -28.12
CA HIS I 198 25.20 -29.55 -26.69
C HIS I 198 24.59 -30.69 -25.87
N GLY I 199 23.34 -31.05 -26.15
CA GLY I 199 22.59 -31.95 -25.29
C GLY I 199 21.15 -31.47 -25.16
N THR I 200 20.56 -31.67 -23.97
CA THR I 200 19.24 -31.13 -23.66
C THR I 200 19.28 -30.50 -22.27
N ASP I 201 18.39 -29.51 -22.06
CA ASP I 201 18.35 -28.74 -20.82
C ASP I 201 17.33 -29.35 -19.88
N PRO I 202 17.52 -29.33 -18.55
CA PRO I 202 16.53 -30.00 -17.69
C PRO I 202 15.20 -29.29 -17.59
N ASP I 203 15.18 -27.96 -17.78
CA ASP I 203 13.93 -27.22 -17.60
C ASP I 203 12.94 -27.45 -18.73
N ASP I 204 13.41 -27.83 -19.91
CA ASP I 204 12.58 -27.96 -21.11
C ASP I 204 12.26 -29.41 -21.47
N VAL I 205 12.49 -30.36 -20.57
CA VAL I 205 12.26 -31.77 -20.89
C VAL I 205 10.76 -32.04 -20.81
N GLN I 206 10.23 -32.71 -21.82
CA GLN I 206 8.80 -33.04 -21.89
C GLN I 206 8.65 -34.38 -22.60
N PHE I 207 8.33 -35.43 -21.84
CA PHE I 207 8.13 -36.78 -22.37
C PHE I 207 6.67 -37.15 -22.13
N TYR I 208 5.86 -37.07 -23.19
CA TYR I 208 4.46 -37.46 -23.14
C TYR I 208 4.32 -38.94 -23.49
N THR I 209 3.26 -39.56 -23.00
CA THR I 209 2.89 -40.93 -23.34
C THR I 209 1.39 -41.00 -23.57
N ILE I 210 0.98 -41.84 -24.53
CA ILE I 210 -0.44 -41.93 -24.88
C ILE I 210 -1.22 -42.58 -23.74
N GLU I 211 -0.63 -43.57 -23.08
CA GLU I 211 -1.37 -44.33 -22.07
C GLU I 211 -1.72 -43.45 -20.88
N ASN I 212 -0.80 -42.59 -20.46
CA ASN I 212 -1.02 -41.79 -19.27
C ASN I 212 -1.92 -40.59 -19.52
N SER I 213 -2.11 -40.19 -20.78
CA SER I 213 -2.75 -38.92 -21.11
C SER I 213 -4.21 -39.07 -21.54
N VAL I 214 -4.52 -40.03 -22.39
CA VAL I 214 -5.79 -40.12 -23.11
C VAL I 214 -6.38 -41.49 -22.81
N PRO I 215 -7.70 -41.68 -22.71
CA PRO I 215 -8.21 -43.04 -22.50
C PRO I 215 -8.23 -43.84 -23.79
N VAL I 216 -7.77 -45.09 -23.71
CA VAL I 216 -7.52 -45.93 -24.86
C VAL I 216 -8.62 -46.97 -24.93
N HIS I 217 -9.39 -46.94 -26.03
CA HIS I 217 -10.43 -47.92 -26.29
C HIS I 217 -9.86 -49.14 -26.99
N LEU I 218 -10.24 -50.31 -26.48
CA LEU I 218 -9.72 -51.60 -26.95
C LEU I 218 -10.72 -52.25 -27.90
N LEU I 219 -10.74 -51.75 -29.13
CA LEU I 219 -11.75 -52.21 -30.08
C LEU I 219 -11.43 -53.61 -30.57
N ARG I 220 -12.49 -54.38 -30.81
CA ARG I 220 -12.41 -55.69 -31.43
C ARG I 220 -13.45 -55.74 -32.55
N THR I 221 -13.42 -56.83 -33.31
CA THR I 221 -14.39 -57.00 -34.40
C THR I 221 -15.80 -57.06 -33.83
N GLY I 222 -16.69 -56.27 -34.43
CA GLY I 222 -18.07 -56.17 -34.00
C GLY I 222 -18.39 -54.98 -33.12
N ASP I 223 -17.45 -54.04 -32.93
CA ASP I 223 -17.69 -52.80 -32.21
C ASP I 223 -16.98 -51.67 -32.93
N GLU I 224 -17.25 -50.44 -32.48
CA GLU I 224 -16.82 -49.22 -33.17
C GLU I 224 -16.36 -48.18 -32.16
N PHE I 225 -15.57 -47.24 -32.65
CA PHE I 225 -15.30 -45.97 -31.99
C PHE I 225 -15.77 -44.85 -32.89
N ALA I 226 -16.53 -43.91 -32.32
CA ALA I 226 -17.08 -42.78 -33.05
C ALA I 226 -16.89 -41.53 -32.22
N THR I 227 -16.58 -40.43 -32.91
CA THR I 227 -16.32 -39.15 -32.25
C THR I 227 -17.58 -38.29 -32.26
N GLY I 228 -17.84 -37.65 -31.14
CA GLY I 228 -18.71 -36.50 -31.17
C GLY I 228 -18.18 -35.44 -32.11
N THR I 229 -19.07 -34.87 -32.91
CA THR I 229 -18.66 -33.99 -33.99
C THR I 229 -18.07 -32.71 -33.39
N PHE I 230 -16.87 -32.36 -33.84
CA PHE I 230 -16.25 -31.11 -33.43
C PHE I 230 -16.87 -29.97 -34.21
N PHE I 231 -16.95 -28.80 -33.58
CA PHE I 231 -17.54 -27.61 -34.16
C PHE I 231 -16.50 -26.52 -34.22
N PHE I 232 -16.09 -26.16 -35.43
CA PHE I 232 -15.15 -25.07 -35.63
C PHE I 232 -15.85 -23.73 -35.47
N ASP I 233 -15.04 -22.68 -35.36
CA ASP I 233 -15.52 -21.30 -35.34
C ASP I 233 -14.58 -20.38 -36.12
N CYS I 234 -13.86 -20.91 -37.10
CA CYS I 234 -12.81 -20.16 -37.77
C CYS I 234 -13.40 -19.06 -38.63
N LYS I 235 -12.57 -18.05 -38.91
CA LYS I 235 -12.97 -16.99 -39.81
C LYS I 235 -13.02 -17.53 -41.24
N PRO I 236 -13.79 -16.91 -42.14
CA PRO I 236 -13.89 -17.45 -43.50
C PRO I 236 -12.60 -17.27 -44.28
N CYS I 237 -12.24 -18.32 -45.03
CA CYS I 237 -11.31 -18.18 -46.12
C CYS I 237 -12.04 -17.58 -47.32
N ARG I 238 -11.28 -16.94 -48.21
CA ARG I 238 -11.82 -16.28 -49.39
C ARG I 238 -11.22 -16.91 -50.63
N LEU I 239 -12.08 -17.35 -51.53
CA LEU I 239 -11.68 -18.02 -52.76
C LEU I 239 -11.60 -17.06 -53.95
N THR I 240 -11.26 -15.80 -53.69
CA THR I 240 -11.07 -14.79 -54.72
C THR I 240 -9.85 -13.95 -54.36
N HIS I 241 -8.97 -13.75 -55.34
CA HIS I 241 -7.72 -13.03 -55.13
C HIS I 241 -7.92 -11.54 -55.38
N THR I 242 -7.09 -10.74 -54.74
CA THR I 242 -7.04 -9.29 -54.94
C THR I 242 -5.80 -8.95 -55.73
N TRP I 243 -5.98 -8.17 -56.79
CA TRP I 243 -4.94 -7.88 -57.77
C TRP I 243 -4.29 -6.52 -57.60
N GLN I 244 -4.88 -5.63 -56.81
CA GLN I 244 -4.47 -4.22 -56.84
C GLN I 244 -3.29 -4.01 -55.91
N THR I 245 -2.15 -3.65 -56.49
CA THR I 245 -1.04 -3.16 -55.70
C THR I 245 -1.30 -1.69 -55.37
N ASN I 246 -0.32 -1.05 -54.74
CA ASN I 246 -0.49 0.34 -54.30
C ASN I 246 -0.67 1.28 -55.49
N ARG I 247 -0.12 0.92 -56.65
CA ARG I 247 -0.23 1.79 -57.83
C ARG I 247 -1.67 1.89 -58.31
N ALA I 248 -2.46 0.83 -58.16
CA ALA I 248 -3.83 0.76 -58.66
C ALA I 248 -4.87 1.06 -57.59
N LEU I 249 -4.52 1.88 -56.60
CA LEU I 249 -5.39 2.25 -55.50
C LEU I 249 -5.75 3.74 -55.60
N GLY I 250 -7.04 4.02 -55.50
CA GLY I 250 -7.53 5.39 -55.49
C GLY I 250 -7.91 5.88 -56.87
N LEU I 251 -8.27 7.16 -56.91
CA LEU I 251 -8.72 7.78 -58.14
C LEU I 251 -7.51 8.01 -59.07
N PRO I 252 -7.55 7.54 -60.32
CA PRO I 252 -6.44 7.86 -61.24
C PRO I 252 -6.40 9.33 -61.58
N PRO I 253 -5.35 9.80 -62.25
CA PRO I 253 -5.34 11.19 -62.72
C PRO I 253 -6.20 11.35 -63.96
N PHE I 254 -6.64 12.58 -64.19
CA PHE I 254 -7.41 12.92 -65.39
C PHE I 254 -6.47 13.26 -66.54
N LEU I 255 -6.85 12.81 -67.73
CA LEU I 255 -6.07 13.01 -68.95
C LEU I 255 -6.67 14.17 -69.73
N ASN I 256 -5.82 15.12 -70.11
CA ASN I 256 -6.24 16.22 -70.99
C ASN I 256 -6.14 15.86 -72.47
N SER I 257 -5.64 14.66 -72.82
CA SER I 257 -5.45 14.26 -74.22
C SER I 257 -5.80 12.77 -74.33
N LEU I 258 -7.06 12.50 -74.64
CA LEU I 258 -7.51 11.14 -74.88
C LEU I 258 -7.11 10.71 -76.28
N PRO I 259 -6.95 9.40 -76.52
CA PRO I 259 -6.38 8.97 -77.81
C PRO I 259 -7.36 9.18 -78.95
N GLN I 260 -6.82 9.64 -80.09
CA GLN I 260 -7.64 10.02 -81.23
C GLN I 260 -7.99 8.86 -82.16
N SER I 261 -7.28 7.73 -82.07
CA SER I 261 -7.54 6.60 -82.94
C SER I 261 -7.08 5.32 -82.27
N GLU I 262 -7.74 4.22 -82.61
CA GLU I 262 -7.43 2.94 -82.00
C GLU I 262 -6.05 2.46 -82.43
N GLY I 263 -5.35 1.78 -81.52
CA GLY I 263 -4.02 1.27 -81.81
C GLY I 263 -3.24 1.03 -80.53
N ALA I 264 -2.36 0.03 -80.57
CA ALA I 264 -1.56 -0.28 -79.38
C ALA I 264 -0.62 0.85 -79.01
N THR I 265 -0.01 1.49 -80.02
CA THR I 265 0.97 2.54 -79.77
C THR I 265 0.35 3.90 -79.48
N ASN I 266 -0.98 4.05 -79.58
CA ASN I 266 -1.64 5.33 -79.37
C ASN I 266 -2.01 5.49 -77.88
N PHE I 267 -0.98 5.76 -77.10
CA PHE I 267 -1.15 5.98 -75.67
C PHE I 267 -1.78 7.34 -75.39
N GLY I 268 -2.51 7.41 -74.28
CA GLY I 268 -2.96 8.68 -73.76
C GLY I 268 -1.85 9.41 -73.02
N ASP I 269 -2.09 10.69 -72.74
CA ASP I 269 -1.08 11.57 -72.15
C ASP I 269 -1.72 12.50 -71.11
N ILE I 270 -1.03 12.67 -69.99
CA ILE I 270 -1.43 13.66 -69.00
C ILE I 270 -1.00 15.03 -69.50
N GLY I 271 -1.87 16.03 -69.34
CA GLY I 271 -1.60 17.34 -69.90
C GLY I 271 -0.69 18.22 -69.07
N VAL I 272 -0.62 17.99 -67.75
CA VAL I 272 0.00 18.93 -66.82
C VAL I 272 1.43 18.49 -66.57
N GLN I 273 2.33 19.46 -66.40
CA GLN I 273 3.72 19.14 -66.08
C GLN I 273 3.79 18.56 -64.68
N GLN I 274 4.80 17.72 -64.44
CA GLN I 274 4.80 16.88 -63.24
C GLN I 274 4.96 17.71 -61.97
N ASP I 275 5.71 18.81 -62.02
CA ASP I 275 5.83 19.68 -60.86
C ASP I 275 4.61 20.59 -60.65
N LYS I 276 3.76 20.74 -61.67
CA LYS I 276 2.61 21.64 -61.62
C LYS I 276 1.27 20.90 -61.45
N ARG I 277 1.28 19.61 -61.13
CA ARG I 277 0.04 18.89 -60.92
C ARG I 277 -0.52 19.17 -59.53
N ARG I 278 -1.71 18.64 -59.27
CA ARG I 278 -2.44 18.80 -58.02
C ARG I 278 -2.70 17.44 -57.39
N GLY I 279 -2.49 17.35 -56.09
CA GLY I 279 -2.68 16.13 -55.35
C GLY I 279 -1.97 16.19 -54.02
N VAL I 280 -1.81 15.02 -53.40
CA VAL I 280 -1.19 14.87 -52.09
C VAL I 280 -0.06 13.86 -52.20
N THR I 281 1.12 14.26 -51.74
CA THR I 281 2.31 13.42 -51.73
C THR I 281 2.88 13.39 -50.32
N GLN I 282 3.39 12.24 -49.90
CA GLN I 282 4.01 12.09 -48.58
C GLN I 282 5.51 12.37 -48.64
N MET I 283 5.86 13.52 -49.20
CA MET I 283 7.25 13.92 -49.43
C MET I 283 7.30 15.43 -49.24
N GLY I 284 7.73 15.86 -48.05
CA GLY I 284 7.60 17.26 -47.69
C GLY I 284 8.42 18.21 -48.54
N ASN I 285 9.58 17.75 -49.02
CA ASN I 285 10.55 18.58 -49.71
C ASN I 285 10.59 18.38 -51.22
N THR I 286 9.56 17.74 -51.80
CA THR I 286 9.52 17.43 -53.23
C THR I 286 8.18 17.90 -53.76
N ASN I 287 8.22 18.64 -54.87
CA ASN I 287 7.02 19.19 -55.50
C ASN I 287 6.44 18.28 -56.59
N TYR I 288 7.18 17.28 -57.04
CA TYR I 288 6.73 16.44 -58.14
C TYR I 288 5.63 15.49 -57.65
N ILE I 289 4.49 15.52 -58.31
CA ILE I 289 3.37 14.62 -58.04
C ILE I 289 3.34 13.58 -59.15
N THR I 290 3.64 12.34 -58.80
CA THR I 290 3.72 11.23 -59.75
C THR I 290 2.98 10.05 -59.16
N GLU I 291 2.71 9.05 -60.00
CA GLU I 291 2.05 7.85 -59.53
C GLU I 291 2.90 7.09 -58.52
N ALA I 292 4.23 7.17 -58.65
CA ALA I 292 5.10 6.58 -57.64
C ALA I 292 5.10 7.37 -56.34
N THR I 293 4.97 8.70 -56.42
CA THR I 293 5.10 9.58 -55.27
C THR I 293 3.79 9.96 -54.62
N ILE I 294 2.65 9.75 -55.28
CA ILE I 294 1.38 10.21 -54.73
C ILE I 294 1.00 9.35 -53.54
N MET I 295 0.35 9.97 -52.56
CA MET I 295 -0.07 9.27 -51.36
C MET I 295 -1.12 8.22 -51.70
N ARG I 296 -1.05 7.10 -51.00
CA ARG I 296 -2.01 6.02 -51.06
C ARG I 296 -2.50 5.72 -49.65
N PRO I 297 -3.67 5.09 -49.48
CA PRO I 297 -4.19 4.89 -48.12
C PRO I 297 -3.32 4.03 -47.22
N ALA I 298 -2.65 3.02 -47.77
CA ALA I 298 -1.88 2.09 -46.97
C ALA I 298 -0.92 1.35 -47.90
N GLU I 299 -0.23 0.34 -47.36
CA GLU I 299 0.73 -0.48 -48.10
C GLU I 299 0.17 -1.88 -48.29
N VAL I 300 0.28 -2.39 -49.51
CA VAL I 300 -0.13 -3.74 -49.87
C VAL I 300 1.12 -4.59 -49.98
N GLY I 301 1.21 -5.63 -49.16
CA GLY I 301 2.39 -6.48 -49.17
C GLY I 301 3.56 -5.84 -48.46
N TYR I 302 4.67 -6.56 -48.36
CA TYR I 302 5.85 -6.05 -47.68
C TYR I 302 7.08 -6.82 -48.13
N SER I 303 8.20 -6.11 -48.20
CA SER I 303 9.49 -6.75 -48.42
C SER I 303 10.00 -7.34 -47.11
N ALA I 304 10.63 -8.50 -47.21
CA ALA I 304 11.25 -9.18 -46.08
C ALA I 304 12.55 -9.80 -46.55
N PRO I 305 13.50 -10.06 -45.63
CA PRO I 305 14.80 -10.60 -46.05
C PRO I 305 14.69 -12.01 -46.59
N TYR I 306 14.96 -12.20 -47.88
CA TYR I 306 14.68 -13.47 -48.54
C TYR I 306 15.89 -14.40 -48.43
N TYR I 307 15.59 -15.68 -48.18
CA TYR I 307 16.59 -16.72 -47.92
C TYR I 307 17.52 -16.29 -46.78
N SER I 308 16.91 -15.77 -45.73
CA SER I 308 17.61 -15.45 -44.49
C SER I 308 17.38 -16.57 -43.49
N PHE I 309 18.46 -17.01 -42.86
CA PHE I 309 18.43 -18.09 -41.86
C PHE I 309 18.82 -17.51 -40.51
N GLU I 310 18.01 -17.78 -39.50
CA GLU I 310 18.22 -17.29 -38.14
C GLU I 310 18.36 -18.46 -37.18
N ALA I 311 19.25 -18.27 -36.20
CA ALA I 311 19.65 -19.32 -35.27
C ALA I 311 19.13 -19.03 -33.88
N SER I 312 18.74 -20.10 -33.19
CA SER I 312 18.36 -20.04 -31.79
C SER I 312 18.92 -21.32 -31.16
N THR I 313 18.36 -21.70 -30.00
CA THR I 313 18.88 -22.84 -29.24
C THR I 313 18.86 -24.12 -30.06
N GLN I 314 17.80 -24.35 -30.85
CA GLN I 314 17.60 -25.59 -31.58
C GLN I 314 18.11 -25.52 -33.02
N GLY I 315 19.06 -24.63 -33.32
CA GLY I 315 19.72 -24.60 -34.61
C GLY I 315 19.09 -23.62 -35.58
N PRO I 316 19.70 -23.45 -36.75
CA PRO I 316 19.18 -22.49 -37.73
C PRO I 316 17.94 -22.97 -38.46
N PHE I 317 17.15 -21.99 -38.92
CA PHE I 317 15.93 -22.26 -39.66
C PHE I 317 15.63 -21.08 -40.58
N LYS I 318 14.83 -21.35 -41.60
CA LYS I 318 14.50 -20.32 -42.59
C LYS I 318 13.36 -19.44 -42.11
N THR I 319 13.48 -18.14 -42.36
CA THR I 319 12.43 -17.20 -41.99
C THR I 319 11.25 -17.33 -42.95
N PRO I 320 10.05 -17.65 -42.49
CA PRO I 320 8.94 -17.72 -43.45
C PRO I 320 8.51 -16.33 -43.90
N ILE I 321 8.02 -16.27 -45.14
CA ILE I 321 7.54 -15.05 -45.78
C ILE I 321 6.09 -15.26 -46.15
N ALA I 322 5.24 -14.28 -45.84
CA ALA I 322 3.81 -14.43 -46.02
C ALA I 322 3.37 -14.40 -47.48
N ALA I 323 4.20 -13.89 -48.38
CA ALA I 323 3.83 -13.75 -49.78
C ALA I 323 5.06 -13.93 -50.65
N GLY I 324 4.84 -14.01 -51.97
CA GLY I 324 5.91 -14.17 -52.93
C GLY I 324 5.53 -13.57 -54.26
N ARG I 325 6.52 -13.48 -55.14
CA ARG I 325 6.34 -12.92 -56.47
C ARG I 325 5.38 -13.79 -57.28
N ALA I 336 11.04 -16.53 -57.45
CA ALA I 336 10.67 -17.91 -57.14
C ALA I 336 10.50 -18.15 -55.63
N ASP I 337 11.13 -17.32 -54.81
CA ASP I 337 11.02 -17.46 -53.37
C ASP I 337 9.62 -17.09 -52.90
N GLY I 338 9.28 -17.56 -51.71
CA GLY I 338 8.00 -17.26 -51.09
C GLY I 338 6.91 -18.25 -51.45
N ASN I 339 6.81 -18.60 -52.73
CA ASN I 339 5.77 -19.53 -53.17
C ASN I 339 6.08 -20.92 -52.64
N PRO I 340 5.08 -21.68 -52.17
CA PRO I 340 5.38 -22.98 -51.55
C PRO I 340 5.61 -24.07 -52.58
N ARG I 341 6.62 -24.90 -52.31
CA ARG I 341 6.91 -26.10 -53.09
C ARG I 341 6.56 -27.34 -52.28
N TYR I 342 5.80 -28.23 -52.90
CA TYR I 342 5.42 -29.52 -52.33
C TYR I 342 6.20 -30.64 -52.98
N ALA I 343 6.41 -31.73 -52.23
CA ALA I 343 6.96 -32.97 -52.74
C ALA I 343 6.17 -34.11 -52.11
N PHE I 344 5.49 -34.89 -52.96
CA PHE I 344 4.51 -35.86 -52.51
C PHE I 344 4.75 -37.19 -53.19
N GLY I 345 4.05 -38.22 -52.71
CA GLY I 345 4.23 -39.58 -53.14
C GLY I 345 3.04 -40.12 -53.93
N ARG I 346 3.00 -41.46 -54.01
CA ARG I 346 1.98 -42.12 -54.79
C ARG I 346 0.62 -42.04 -54.11
N GLN I 347 0.58 -42.11 -52.79
CA GLN I 347 -0.68 -41.98 -52.07
C GLN I 347 -1.28 -40.58 -52.19
N HIS I 348 -0.46 -39.58 -52.52
CA HIS I 348 -0.87 -38.17 -52.47
C HIS I 348 -0.65 -37.45 -53.80
N GLY I 349 -0.85 -38.14 -54.93
CA GLY I 349 -1.00 -37.49 -56.22
C GLY I 349 0.08 -37.77 -57.24
N GLN I 350 1.15 -38.46 -56.89
CA GLN I 350 2.10 -38.88 -57.91
C GLN I 350 1.45 -39.93 -58.80
N LYS I 351 1.89 -39.96 -60.06
CA LYS I 351 1.42 -40.97 -61.01
C LYS I 351 1.71 -42.36 -60.46
N THR I 352 0.64 -43.13 -60.21
CA THR I 352 0.74 -44.32 -59.39
C THR I 352 1.63 -45.38 -60.03
N THR I 353 1.49 -45.58 -61.34
CA THR I 353 2.24 -46.61 -62.06
C THR I 353 3.55 -46.02 -62.60
N THR I 354 4.38 -45.56 -61.68
CA THR I 354 5.72 -45.06 -61.99
C THR I 354 6.69 -45.56 -60.93
N THR I 355 7.88 -45.96 -61.36
CA THR I 355 8.91 -46.51 -60.49
C THR I 355 10.29 -46.00 -60.90
N THR I 358 11.70 -40.94 -57.04
CA THR I 358 11.81 -39.55 -56.60
C THR I 358 10.40 -38.94 -56.47
N PRO I 359 10.17 -38.01 -55.53
CA PRO I 359 8.86 -37.36 -55.46
C PRO I 359 8.54 -36.53 -56.70
N GLU I 360 7.25 -36.32 -56.91
CA GLU I 360 6.75 -35.34 -57.87
C GLU I 360 6.50 -34.01 -57.17
N ARG I 361 6.76 -32.93 -57.90
CA ARG I 361 6.91 -31.60 -57.33
C ARG I 361 6.14 -30.58 -58.15
N PHE I 362 5.71 -29.51 -57.47
CA PHE I 362 5.24 -28.30 -58.13
C PHE I 362 5.46 -27.16 -57.17
N THR I 363 5.38 -25.93 -57.70
CA THR I 363 5.48 -24.71 -56.92
C THR I 363 4.25 -23.87 -57.20
N TYR I 364 3.56 -23.47 -56.14
CA TYR I 364 2.27 -22.76 -56.27
C TYR I 364 2.55 -21.30 -56.60
N ILE I 365 2.45 -20.98 -57.89
CA ILE I 365 2.49 -19.59 -58.35
C ILE I 365 1.05 -19.08 -58.29
N ALA I 366 0.64 -18.62 -57.12
CA ALA I 366 -0.75 -18.27 -56.90
C ALA I 366 -1.08 -16.91 -57.48
N HIS I 367 -2.38 -16.66 -57.64
CA HIS I 367 -2.88 -15.37 -58.11
C HIS I 367 -3.00 -14.35 -56.99
N GLN I 368 -2.62 -14.68 -55.75
CA GLN I 368 -2.88 -13.81 -54.61
C GLN I 368 -2.20 -12.45 -54.73
N ASP I 369 -1.08 -12.37 -55.47
CA ASP I 369 -0.33 -11.14 -55.62
C ASP I 369 0.14 -10.69 -54.24
N THR I 370 0.17 -9.39 -53.94
CA THR I 370 0.76 -8.85 -52.71
C THR I 370 2.24 -9.23 -52.60
N GLY I 371 2.91 -9.42 -53.74
CA GLY I 371 4.30 -9.81 -53.77
C GLY I 371 5.20 -8.62 -53.97
N ARG I 372 6.48 -8.90 -54.19
CA ARG I 372 7.48 -7.89 -54.45
C ARG I 372 8.43 -8.39 -55.52
N TYR I 373 8.98 -7.42 -56.27
CA TYR I 373 9.90 -7.67 -57.37
C TYR I 373 11.22 -7.05 -56.92
N PRO I 374 12.13 -7.84 -56.32
CA PRO I 374 13.31 -7.23 -55.67
C PRO I 374 14.22 -6.45 -56.60
N GLU I 375 14.24 -6.78 -57.89
CA GLU I 375 15.17 -6.13 -58.79
C GLU I 375 14.74 -4.71 -59.15
N GLY I 376 13.50 -4.31 -58.83
CA GLY I 376 13.00 -2.98 -59.11
C GLY I 376 13.04 -2.00 -57.96
N ASP I 377 13.43 -2.42 -56.76
CA ASP I 377 13.42 -1.55 -55.60
C ASP I 377 14.67 -0.67 -55.56
N TRP I 378 14.57 0.46 -54.88
CA TRP I 378 15.72 1.30 -54.60
C TRP I 378 15.38 2.27 -53.48
N ILE I 379 16.42 2.81 -52.86
CA ILE I 379 16.31 3.90 -51.89
C ILE I 379 17.25 5.00 -52.35
N GLN I 380 16.77 6.25 -52.27
CA GLN I 380 17.56 7.42 -52.65
C GLN I 380 17.55 8.45 -51.52
N ASN I 381 18.48 9.39 -51.61
CA ASN I 381 18.74 10.31 -50.52
C ASN I 381 17.54 11.24 -50.30
N ILE I 382 17.43 11.76 -49.09
CA ILE I 382 16.29 12.59 -48.73
C ILE I 382 16.24 13.88 -49.53
N ASN I 383 17.40 14.36 -50.01
CA ASN I 383 17.44 15.60 -50.77
C ASN I 383 16.66 15.50 -52.07
N PHE I 384 16.71 14.35 -52.74
CA PHE I 384 15.89 14.09 -53.92
C PHE I 384 16.27 14.98 -55.10
N ASN I 385 17.58 15.09 -55.34
CA ASN I 385 18.05 15.61 -56.61
C ASN I 385 17.60 14.65 -57.70
N LEU I 386 16.66 15.09 -58.54
CA LEU I 386 15.78 14.15 -59.24
C LEU I 386 16.50 13.26 -60.25
N PRO I 387 17.35 13.77 -61.17
CA PRO I 387 18.22 12.83 -61.93
C PRO I 387 19.34 12.34 -61.01
N VAL I 388 19.02 11.29 -60.25
CA VAL I 388 19.80 11.00 -59.03
C VAL I 388 21.17 10.44 -59.41
N THR I 389 22.21 11.03 -58.82
CA THR I 389 23.57 10.60 -59.07
C THR I 389 23.84 9.26 -58.37
N ASN I 390 25.03 8.71 -58.62
CA ASN I 390 25.34 7.38 -58.10
C ASN I 390 25.41 7.37 -56.58
N ASP I 391 26.07 8.37 -55.99
CA ASP I 391 26.26 8.38 -54.54
C ASP I 391 24.96 8.56 -53.76
N ASN I 392 23.88 9.03 -54.42
CA ASN I 392 22.62 9.35 -53.76
C ASN I 392 21.53 8.30 -54.01
N VAL I 393 21.88 7.13 -54.54
CA VAL I 393 20.91 6.03 -54.71
C VAL I 393 21.62 4.71 -54.46
N LEU I 394 20.96 3.83 -53.72
CA LEU I 394 21.44 2.48 -53.43
C LEU I 394 20.53 1.49 -54.16
N LEU I 395 21.08 0.81 -55.15
CA LEU I 395 20.34 -0.03 -56.07
C LEU I 395 20.45 -1.49 -55.66
N PRO I 396 19.71 -2.41 -56.33
CA PRO I 396 19.92 -3.83 -56.04
C PRO I 396 21.17 -4.43 -56.66
N THR I 397 21.98 -3.62 -57.35
CA THR I 397 23.24 -4.06 -57.94
C THR I 397 24.44 -3.82 -57.04
N ASP I 398 24.28 -3.14 -55.88
CA ASP I 398 25.42 -2.70 -55.09
C ASP I 398 25.83 -3.78 -54.09
N PRO I 399 27.14 -4.08 -53.88
CA PRO I 399 27.47 -5.06 -52.85
C PRO I 399 27.35 -4.53 -51.44
N ILE I 400 26.48 -5.14 -50.63
CA ILE I 400 26.45 -4.88 -49.20
C ILE I 400 27.51 -5.75 -48.52
N GLY I 401 28.36 -5.11 -47.74
CA GLY I 401 29.43 -5.83 -47.08
C GLY I 401 30.50 -6.35 -48.03
N GLY I 402 30.62 -5.77 -49.22
CA GLY I 402 31.60 -6.20 -50.18
C GLY I 402 31.26 -7.46 -50.95
N LYS I 403 30.12 -8.10 -50.64
CA LYS I 403 29.76 -9.37 -51.26
C LYS I 403 28.84 -9.10 -52.44
N THR I 404 29.31 -9.44 -53.64
CA THR I 404 28.64 -9.01 -54.86
C THR I 404 27.27 -9.65 -55.04
N GLY I 405 27.05 -10.83 -54.49
CA GLY I 405 25.77 -11.49 -54.63
C GLY I 405 24.67 -10.98 -53.71
N ILE I 406 25.02 -10.32 -52.61
CA ILE I 406 24.07 -9.87 -51.61
C ILE I 406 23.88 -8.37 -51.76
N ASN I 407 22.70 -7.96 -52.22
CA ASN I 407 22.31 -6.56 -52.30
C ASN I 407 21.49 -6.17 -51.07
N TYR I 408 20.96 -4.95 -51.09
CA TYR I 408 20.30 -4.42 -49.90
C TYR I 408 18.99 -5.13 -49.62
N THR I 409 18.31 -5.63 -50.65
CA THR I 409 17.01 -6.27 -50.44
C THR I 409 17.13 -7.56 -49.64
N ASN I 410 18.31 -8.16 -49.57
CA ASN I 410 18.52 -9.33 -48.73
C ASN I 410 18.37 -9.01 -47.24
N ILE I 411 18.61 -7.76 -46.83
CA ILE I 411 18.58 -7.35 -45.42
C ILE I 411 17.47 -6.34 -45.14
N PHE I 412 16.45 -6.26 -46.00
CA PHE I 412 15.50 -5.16 -46.03
C PHE I 412 14.13 -5.62 -45.56
N ASN I 413 13.55 -4.88 -44.62
CA ASN I 413 12.23 -5.14 -44.07
C ASN I 413 11.41 -3.86 -44.12
N THR I 414 10.24 -3.93 -44.74
CA THR I 414 9.31 -2.82 -44.82
C THR I 414 8.00 -3.09 -44.09
N TYR I 415 7.92 -4.13 -43.27
CA TYR I 415 6.72 -4.35 -42.48
C TYR I 415 6.54 -3.21 -41.51
N GLY I 416 5.31 -2.73 -41.40
CA GLY I 416 5.01 -1.54 -40.64
C GLY I 416 3.56 -1.52 -40.24
N PRO I 417 3.13 -0.43 -39.59
CA PRO I 417 1.72 -0.34 -39.17
C PRO I 417 0.74 -0.27 -40.33
N LEU I 418 1.19 0.08 -41.53
CA LEU I 418 0.33 0.30 -42.68
C LEU I 418 0.21 -0.91 -43.60
N THR I 419 0.79 -2.06 -43.24
CA THR I 419 0.83 -3.21 -44.13
C THR I 419 -0.51 -3.92 -44.13
N ALA I 420 -0.91 -4.41 -45.30
CA ALA I 420 -2.13 -5.19 -45.49
C ALA I 420 -1.82 -6.42 -46.34
N LEU I 421 -2.25 -7.58 -45.86
CA LEU I 421 -1.89 -8.87 -46.44
C LEU I 421 -3.13 -9.76 -46.52
N ASN I 422 -3.04 -10.75 -47.40
CA ASN I 422 -4.10 -11.72 -47.62
C ASN I 422 -3.68 -13.08 -47.07
N ASN I 423 -4.65 -13.82 -46.55
CA ASN I 423 -4.37 -15.14 -46.02
C ASN I 423 -3.97 -16.07 -47.15
N VAL I 424 -3.28 -17.15 -46.79
CA VAL I 424 -2.65 -18.01 -47.82
C VAL I 424 -3.71 -18.73 -48.63
N PRO I 425 -3.44 -19.15 -49.87
CA PRO I 425 -4.45 -19.88 -50.62
C PRO I 425 -4.65 -21.26 -50.03
N PRO I 426 -5.80 -21.90 -50.27
CA PRO I 426 -5.83 -23.36 -50.18
C PRO I 426 -5.04 -23.97 -51.31
N VAL I 427 -4.43 -25.12 -51.03
CA VAL I 427 -3.73 -25.92 -52.03
C VAL I 427 -4.45 -27.25 -52.14
N TYR I 428 -5.03 -27.52 -53.31
CA TYR I 428 -5.57 -28.84 -53.62
C TYR I 428 -4.55 -29.61 -54.44
N PRO I 429 -4.30 -30.91 -54.20
CA PRO I 429 -4.84 -31.82 -53.18
C PRO I 429 -3.98 -31.90 -51.92
N ASN I 430 -2.77 -31.35 -51.88
CA ASN I 430 -1.83 -31.60 -50.79
C ASN I 430 -1.90 -30.57 -49.66
N GLY I 431 -2.74 -29.55 -49.76
CA GLY I 431 -2.73 -28.50 -48.75
C GLY I 431 -3.43 -28.90 -47.47
N GLN I 432 -2.88 -28.44 -46.36
CA GLN I 432 -3.50 -28.63 -45.07
C GLN I 432 -4.72 -27.74 -44.92
N ILE I 433 -5.72 -28.21 -44.17
CA ILE I 433 -6.99 -27.51 -44.05
C ILE I 433 -6.99 -26.58 -42.83
N TRP I 434 -6.61 -27.10 -41.65
CA TRP I 434 -6.64 -26.37 -40.40
C TRP I 434 -5.33 -26.53 -39.67
N ASP I 435 -5.11 -25.67 -38.68
CA ASP I 435 -3.90 -25.70 -37.87
C ASP I 435 -4.21 -25.14 -36.48
N LYS I 436 -3.33 -25.48 -35.54
CA LYS I 436 -3.54 -25.14 -34.13
C LYS I 436 -2.92 -23.79 -33.82
N GLU I 437 -3.74 -22.89 -33.28
CA GLU I 437 -3.28 -21.60 -32.79
C GLU I 437 -2.21 -21.80 -31.72
N PHE I 438 -1.13 -21.05 -31.83
CA PHE I 438 -0.03 -21.13 -30.88
C PHE I 438 -0.51 -20.66 -29.51
N ASP I 439 0.01 -21.28 -28.46
CA ASP I 439 -0.44 -21.00 -27.10
C ASP I 439 0.47 -19.93 -26.47
N THR I 440 1.04 -19.06 -27.28
CA THR I 440 1.79 -17.91 -26.78
C THR I 440 0.83 -16.78 -26.43
N ASP I 441 1.33 -15.83 -25.65
CA ASP I 441 0.50 -14.70 -25.25
C ASP I 441 0.13 -13.82 -26.44
N LEU I 442 1.12 -13.41 -27.23
CA LEU I 442 0.91 -12.65 -28.46
C LEU I 442 1.02 -13.61 -29.64
N LYS I 443 -0.02 -13.63 -30.46
CA LYS I 443 -0.24 -14.67 -31.45
C LYS I 443 -0.04 -14.12 -32.86
N PRO I 444 0.39 -14.95 -33.82
CA PRO I 444 0.64 -14.42 -35.16
C PRO I 444 -0.64 -14.04 -35.86
N ARG I 445 -0.52 -13.11 -36.82
CA ARG I 445 -1.70 -12.64 -37.54
C ARG I 445 -2.23 -13.70 -38.49
N LEU I 446 -1.36 -14.55 -39.02
CA LEU I 446 -1.78 -15.64 -39.89
C LEU I 446 -0.76 -16.76 -39.79
N HIS I 447 -1.18 -17.96 -40.18
CA HIS I 447 -0.32 -19.12 -40.34
C HIS I 447 -0.11 -19.37 -41.82
N VAL I 448 1.14 -19.62 -42.20
CA VAL I 448 1.50 -19.69 -43.61
C VAL I 448 1.34 -21.09 -44.19
N ASN I 449 0.65 -22.00 -43.50
CA ASN I 449 0.53 -23.39 -43.92
C ASN I 449 -0.89 -23.93 -43.77
N ALA I 450 -1.90 -23.07 -43.63
CA ALA I 450 -3.27 -23.53 -43.54
C ALA I 450 -4.18 -22.32 -43.73
N PRO I 451 -5.30 -22.42 -44.45
CA PRO I 451 -6.18 -21.25 -44.56
C PRO I 451 -6.97 -20.97 -43.29
N PHE I 452 -7.22 -21.98 -42.47
CA PHE I 452 -7.97 -21.85 -41.22
C PHE I 452 -7.04 -22.13 -40.05
N VAL I 453 -7.24 -21.41 -38.95
CA VAL I 453 -6.51 -21.62 -37.71
C VAL I 453 -7.55 -21.78 -36.60
N CYS I 454 -7.44 -22.87 -35.85
CA CYS I 454 -8.40 -23.15 -34.79
C CYS I 454 -8.29 -22.08 -33.71
N GLN I 455 -9.43 -21.49 -33.35
CA GLN I 455 -9.40 -20.34 -32.46
C GLN I 455 -9.01 -20.71 -31.04
N ASN I 456 -9.49 -21.85 -30.54
CA ASN I 456 -9.15 -22.31 -29.19
C ASN I 456 -8.68 -23.76 -29.17
N ASN I 457 -9.34 -24.64 -29.92
CA ASN I 457 -8.99 -26.06 -30.01
C ASN I 457 -9.26 -26.57 -31.41
N CYS I 458 -8.40 -27.46 -31.89
CA CYS I 458 -8.63 -28.23 -33.10
C CYS I 458 -9.29 -29.55 -32.74
N PRO I 459 -9.75 -30.32 -33.73
CA PRO I 459 -10.20 -31.68 -33.43
C PRO I 459 -9.07 -32.54 -32.93
N GLY I 460 -9.40 -33.52 -32.09
CA GLY I 460 -8.38 -34.34 -31.49
C GLY I 460 -7.67 -35.21 -32.50
N GLN I 461 -6.41 -35.52 -32.22
CA GLN I 461 -5.67 -36.45 -33.06
C GLN I 461 -6.05 -37.88 -32.69
N LEU I 462 -6.29 -38.70 -33.71
CA LEU I 462 -6.73 -40.08 -33.55
C LEU I 462 -5.51 -40.99 -33.63
N PHE I 463 -5.23 -41.68 -32.53
CA PHE I 463 -4.07 -42.56 -32.41
C PHE I 463 -4.52 -44.01 -32.40
N VAL I 464 -3.77 -44.86 -33.11
CA VAL I 464 -4.11 -46.27 -33.30
C VAL I 464 -2.89 -47.13 -33.01
N LYS I 465 -3.13 -48.38 -32.62
CA LYS I 465 -2.07 -49.31 -32.27
C LYS I 465 -2.67 -50.71 -32.15
N VAL I 466 -1.91 -51.71 -32.61
CA VAL I 466 -2.27 -53.11 -32.46
C VAL I 466 -1.72 -53.58 -31.11
N ALA I 467 -2.55 -54.27 -30.34
CA ALA I 467 -2.20 -54.63 -28.99
C ALA I 467 -1.10 -55.68 -28.99
N PRO I 468 -0.38 -55.87 -27.85
CA PRO I 468 0.67 -56.89 -27.83
C PRO I 468 0.09 -58.31 -27.91
N ASN I 469 0.37 -59.00 -29.02
CA ASN I 469 0.01 -60.40 -29.19
C ASN I 469 1.21 -61.26 -28.80
N LEU I 470 1.25 -61.62 -27.52
CA LEU I 470 2.41 -62.28 -26.95
C LEU I 470 2.39 -63.78 -27.23
N THR I 471 3.57 -64.40 -27.14
CA THR I 471 3.73 -65.83 -27.15
C THR I 471 3.75 -66.37 -25.73
N ASN I 472 3.86 -67.69 -25.61
CA ASN I 472 4.00 -68.30 -24.29
C ASN I 472 5.39 -68.08 -23.68
N GLU I 473 6.37 -67.63 -24.48
CA GLU I 473 7.73 -67.51 -24.01
C GLU I 473 8.01 -66.21 -23.27
N TYR I 474 7.04 -65.30 -23.17
CA TYR I 474 7.33 -63.97 -22.64
C TYR I 474 7.64 -64.00 -21.15
N ASP I 475 8.70 -63.29 -20.77
CA ASP I 475 8.97 -62.90 -19.40
C ASP I 475 9.49 -61.48 -19.40
N PRO I 476 9.35 -60.74 -18.29
CA PRO I 476 9.79 -59.34 -18.29
C PRO I 476 11.27 -59.16 -18.03
N ASP I 477 11.92 -60.08 -17.30
CA ASP I 477 13.32 -59.91 -16.93
C ASP I 477 14.26 -60.01 -18.12
N ALA I 478 13.83 -60.57 -19.24
CA ALA I 478 14.73 -60.74 -20.38
C ALA I 478 15.09 -59.39 -20.99
N SER I 479 16.38 -59.18 -21.20
CA SER I 479 16.85 -57.95 -21.83
C SER I 479 16.39 -57.84 -23.28
N ALA I 480 16.18 -58.97 -23.96
CA ALA I 480 15.74 -58.93 -25.34
C ALA I 480 14.31 -58.42 -25.43
N ASN I 481 13.94 -57.99 -26.64
CA ASN I 481 12.57 -57.55 -26.87
C ASN I 481 11.61 -58.71 -26.67
N MET I 482 10.41 -58.37 -26.18
CA MET I 482 9.39 -59.38 -25.89
C MET I 482 9.00 -60.13 -27.16
N SER I 483 8.81 -61.44 -27.02
CA SER I 483 8.42 -62.29 -28.14
C SER I 483 6.94 -62.06 -28.42
N ARG I 484 6.65 -61.59 -29.63
CA ARG I 484 5.30 -61.28 -30.08
C ARG I 484 5.01 -62.06 -31.36
N ILE I 485 3.75 -62.49 -31.51
CA ILE I 485 3.36 -63.20 -32.71
C ILE I 485 3.17 -62.19 -33.84
N VAL I 486 3.55 -62.59 -35.06
CA VAL I 486 3.43 -61.69 -36.21
C VAL I 486 1.96 -61.40 -36.43
N THR I 487 1.63 -60.10 -36.49
CA THR I 487 0.26 -59.65 -36.43
C THR I 487 0.13 -58.36 -37.22
N TYR I 488 -1.02 -58.20 -37.87
CA TYR I 488 -1.40 -56.91 -38.41
C TYR I 488 -2.90 -56.76 -38.22
N SER I 489 -3.42 -55.62 -38.65
CA SER I 489 -4.84 -55.32 -38.55
C SER I 489 -5.24 -54.50 -39.76
N ASP I 490 -6.51 -54.63 -40.12
CA ASP I 490 -7.09 -53.91 -41.23
C ASP I 490 -8.41 -53.29 -40.76
N PHE I 491 -8.55 -51.99 -40.94
CA PHE I 491 -9.76 -51.28 -40.52
C PHE I 491 -10.07 -50.17 -41.50
N TRP I 492 -11.35 -49.81 -41.54
CA TRP I 492 -11.89 -48.78 -42.41
C TRP I 492 -12.16 -47.53 -41.59
N TRP I 493 -11.64 -46.40 -42.06
CA TRP I 493 -11.85 -45.10 -41.43
C TRP I 493 -12.96 -44.37 -42.18
N LYS I 494 -13.73 -43.55 -41.46
CA LYS I 494 -14.74 -42.69 -42.08
C LYS I 494 -14.67 -41.33 -41.42
N GLY I 495 -14.96 -40.28 -42.19
CA GLY I 495 -15.08 -38.95 -41.66
C GLY I 495 -16.13 -38.16 -42.42
N LYS I 496 -16.66 -37.13 -41.75
CA LYS I 496 -17.69 -36.25 -42.30
C LYS I 496 -17.32 -34.82 -41.96
N LEU I 497 -16.83 -34.08 -42.95
CA LEU I 497 -16.46 -32.68 -42.81
C LEU I 497 -17.55 -31.83 -43.43
N VAL I 498 -18.08 -30.89 -42.66
CA VAL I 498 -19.12 -29.97 -43.10
C VAL I 498 -18.48 -28.61 -43.32
N PHE I 499 -18.69 -28.04 -44.50
CA PHE I 499 -18.33 -26.67 -44.83
C PHE I 499 -19.59 -25.83 -44.95
N LYS I 500 -19.40 -24.53 -45.06
CA LYS I 500 -20.46 -23.60 -45.45
C LYS I 500 -19.82 -22.53 -46.33
N ALA I 501 -20.55 -22.08 -47.35
CA ALA I 501 -19.96 -21.23 -48.37
C ALA I 501 -21.02 -20.30 -48.96
N LYS I 502 -20.54 -19.22 -49.58
CA LYS I 502 -21.34 -18.23 -50.27
C LYS I 502 -21.17 -18.37 -51.77
N LEU I 503 -22.30 -18.44 -52.49
CA LEU I 503 -22.25 -18.46 -53.94
C LEU I 503 -21.80 -17.10 -54.47
N ARG I 504 -21.00 -17.11 -55.53
CA ARG I 504 -20.49 -15.86 -56.08
C ARG I 504 -21.59 -15.17 -56.89
N ALA I 505 -21.32 -13.93 -57.29
CA ALA I 505 -22.21 -13.12 -58.11
C ALA I 505 -21.42 -12.42 -59.20
N SER I 506 -22.07 -12.21 -60.34
CA SER I 506 -21.43 -11.63 -61.52
C SER I 506 -21.55 -10.11 -61.51
N HIS I 507 -20.82 -9.48 -60.60
CA HIS I 507 -20.78 -8.02 -60.56
C HIS I 507 -20.08 -7.46 -61.80
N THR I 508 -19.03 -8.14 -62.25
CA THR I 508 -18.20 -7.63 -63.35
C THR I 508 -18.81 -8.03 -64.69
N TRP I 509 -18.70 -7.12 -65.65
CA TRP I 509 -19.21 -7.38 -67.00
C TRP I 509 -18.51 -8.56 -67.65
N ASN I 510 -17.18 -8.53 -67.71
CA ASN I 510 -16.46 -9.58 -68.43
C ASN I 510 -16.44 -10.89 -67.63
N PRO I 511 -16.27 -12.04 -68.29
CA PRO I 511 -16.11 -13.29 -67.53
C PRO I 511 -14.85 -13.29 -66.69
N ILE I 512 -14.82 -14.22 -65.73
CA ILE I 512 -13.66 -14.47 -64.89
C ILE I 512 -12.95 -15.71 -65.41
N GLN I 513 -11.73 -15.94 -64.91
CA GLN I 513 -10.95 -17.11 -65.29
C GLN I 513 -11.46 -18.31 -64.49
N GLN I 514 -12.46 -18.97 -65.05
CA GLN I 514 -12.96 -20.21 -64.49
C GLN I 514 -12.01 -21.35 -64.83
N MET I 515 -11.93 -22.32 -63.93
CA MET I 515 -11.11 -23.50 -64.14
C MET I 515 -11.94 -24.52 -64.91
N SER I 516 -11.35 -25.12 -65.94
CA SER I 516 -12.08 -26.03 -66.81
C SER I 516 -11.11 -27.03 -67.44
N ILE I 517 -11.70 -28.13 -67.92
CA ILE I 517 -10.93 -29.12 -68.67
C ILE I 517 -10.62 -28.56 -70.05
N ASN I 518 -9.36 -28.65 -70.47
CA ASN I 518 -8.93 -28.25 -71.79
C ASN I 518 -8.17 -29.40 -72.43
N VAL I 519 -7.76 -29.19 -73.68
CA VAL I 519 -7.19 -30.28 -74.48
C VAL I 519 -5.88 -30.77 -73.89
N ASP I 520 -5.07 -29.86 -73.35
CA ASP I 520 -3.79 -30.26 -72.79
C ASP I 520 -3.97 -31.08 -71.52
N ASN I 521 -4.80 -30.61 -70.59
CA ASN I 521 -4.91 -31.24 -69.28
C ASN I 521 -5.95 -32.35 -69.23
N GLN I 522 -6.53 -32.75 -70.37
CA GLN I 522 -7.65 -33.69 -70.34
C GLN I 522 -7.21 -35.07 -69.86
N PHE I 523 -6.04 -35.53 -70.31
CA PHE I 523 -5.59 -36.89 -70.01
C PHE I 523 -5.15 -37.07 -68.57
N ASN I 524 -5.03 -36.01 -67.79
CA ASN I 524 -4.62 -36.15 -66.39
C ASN I 524 -5.75 -36.66 -65.50
N TYR I 525 -7.01 -36.38 -65.86
CA TYR I 525 -8.14 -36.77 -65.02
C TYR I 525 -8.49 -38.25 -65.14
N VAL I 526 -8.33 -38.85 -66.31
CA VAL I 526 -8.81 -40.21 -66.57
C VAL I 526 -7.70 -41.20 -66.22
N PRO I 527 -8.00 -42.44 -65.83
CA PRO I 527 -6.93 -43.38 -65.50
C PRO I 527 -6.22 -43.91 -66.74
N SER I 528 -5.03 -44.45 -66.51
CA SER I 528 -4.27 -45.07 -67.59
C SER I 528 -4.85 -46.45 -67.90
N ASN I 529 -4.33 -47.06 -68.96
CA ASN I 529 -4.79 -48.40 -69.35
C ASN I 529 -4.44 -49.44 -68.28
N ILE I 530 -3.32 -49.25 -67.58
CA ILE I 530 -2.88 -50.15 -66.52
C ILE I 530 -3.42 -49.72 -65.16
N GLY I 531 -4.40 -48.80 -65.14
CA GLY I 531 -5.07 -48.44 -63.90
C GLY I 531 -4.43 -47.35 -63.08
N GLY I 532 -3.35 -46.73 -63.57
CA GLY I 532 -2.74 -45.66 -62.82
C GLY I 532 -3.58 -44.39 -62.82
N MET I 533 -3.25 -43.49 -61.90
CA MET I 533 -3.99 -42.24 -61.75
C MET I 533 -3.06 -41.16 -61.20
N LYS I 534 -3.47 -39.91 -61.38
CA LYS I 534 -2.81 -38.76 -60.81
C LYS I 534 -3.85 -37.71 -60.44
N ILE I 535 -3.51 -36.85 -59.49
CA ILE I 535 -4.27 -35.64 -59.19
C ILE I 535 -3.30 -34.48 -59.38
N VAL I 536 -3.56 -33.63 -60.37
CA VAL I 536 -2.73 -32.46 -60.61
C VAL I 536 -3.11 -31.36 -59.65
N TYR I 537 -2.23 -30.37 -59.50
CA TYR I 537 -2.49 -29.26 -58.61
C TYR I 537 -3.44 -28.27 -59.25
N GLU I 538 -4.35 -27.73 -58.44
CA GLU I 538 -5.45 -26.88 -58.89
C GLU I 538 -5.44 -25.56 -58.13
N LYS I 539 -5.58 -24.46 -58.87
CA LYS I 539 -5.63 -23.14 -58.28
C LYS I 539 -6.93 -22.98 -57.50
N SER I 540 -6.89 -22.08 -56.50
CA SER I 540 -8.00 -21.90 -55.56
C SER I 540 -8.68 -20.55 -55.74
N GLN I 541 -7.93 -19.46 -55.58
CA GLN I 541 -8.48 -18.12 -55.74
C GLN I 541 -8.45 -17.68 -57.20
N LEU I 542 -9.44 -18.13 -57.98
CA LEU I 542 -9.45 -17.85 -59.40
C LEU I 542 -9.99 -16.45 -59.69
N ALA I 543 -11.17 -16.14 -59.17
CA ALA I 543 -11.84 -14.91 -59.55
C ALA I 543 -11.12 -13.71 -58.95
N PRO I 544 -11.20 -12.53 -59.56
CA PRO I 544 -10.58 -11.35 -58.95
C PRO I 544 -11.50 -10.74 -57.91
N ARG I 545 -10.95 -9.80 -57.13
CA ARG I 545 -11.69 -9.14 -56.08
C ARG I 545 -11.13 -7.75 -55.82
N LYS I 546 -12.01 -6.83 -55.46
CA LYS I 546 -11.61 -5.49 -55.06
C LYS I 546 -10.71 -5.54 -53.83
N LEU I 547 -9.72 -4.64 -53.78
CA LEU I 547 -9.04 -4.30 -52.54
C LEU I 547 -9.62 -3.06 -51.88
N TYR I 548 -10.54 -2.35 -52.54
CA TYR I 548 -10.85 -0.98 -52.16
C TYR I 548 -12.28 -0.62 -52.61
N GLY J 1 -44.70 19.66 -61.35
CA GLY J 1 -44.72 21.03 -61.93
C GLY J 1 -43.34 21.64 -62.06
N VAL J 2 -43.10 22.29 -63.20
CA VAL J 2 -41.79 22.89 -63.44
C VAL J 2 -41.58 24.09 -62.54
N GLY J 3 -42.62 24.89 -62.32
CA GLY J 3 -42.49 26.16 -61.65
C GLY J 3 -42.39 26.15 -60.14
N ILE J 4 -42.43 24.98 -59.51
CA ILE J 4 -42.41 24.86 -58.05
C ILE J 4 -41.00 24.45 -57.64
N SER J 5 -40.43 25.18 -56.68
CA SER J 5 -39.11 24.85 -56.17
C SER J 5 -39.16 23.55 -55.37
N THR J 6 -37.98 22.97 -55.15
CA THR J 6 -37.85 21.61 -54.62
C THR J 6 -36.82 21.48 -53.50
N GLY J 7 -36.49 22.56 -52.80
CA GLY J 7 -35.55 22.44 -51.69
C GLY J 7 -35.17 23.82 -51.17
N THR J 8 -34.23 23.81 -50.22
CA THR J 8 -33.76 25.03 -49.57
C THR J 8 -32.26 24.97 -49.37
N PHE J 9 -31.60 26.08 -49.69
CA PHE J 9 -30.17 26.22 -49.49
C PHE J 9 -29.85 26.27 -48.00
N ASN J 10 -28.77 25.62 -47.60
CA ASN J 10 -28.39 25.57 -46.19
C ASN J 10 -26.90 25.31 -46.06
N ASN J 11 -26.23 26.13 -45.22
CA ASN J 11 -24.83 25.96 -44.88
C ASN J 11 -24.58 26.22 -43.40
N GLN J 12 -25.61 26.11 -42.57
CA GLN J 12 -25.50 26.44 -41.15
C GLN J 12 -24.88 25.27 -40.40
N THR J 13 -23.82 25.55 -39.64
CA THR J 13 -23.17 24.57 -38.77
C THR J 13 -23.76 24.72 -37.38
N GLU J 14 -24.83 23.98 -37.11
CA GLU J 14 -25.50 24.04 -35.83
C GLU J 14 -24.71 23.29 -34.77
N PHE J 15 -24.64 23.86 -33.58
CA PHE J 15 -23.99 23.26 -32.41
C PHE J 15 -25.06 23.02 -31.34
N LYS J 16 -25.46 21.77 -31.17
CA LYS J 16 -26.48 21.37 -30.21
C LYS J 16 -25.77 20.67 -29.06
N PHE J 17 -25.94 21.20 -27.85
CA PHE J 17 -25.22 20.70 -26.69
C PHE J 17 -26.02 19.64 -25.96
N LEU J 18 -25.32 18.79 -25.22
CA LEU J 18 -25.89 17.64 -24.57
C LEU J 18 -25.30 17.50 -23.17
N GLU J 19 -25.87 16.59 -22.39
CA GLU J 19 -25.34 16.29 -21.08
C GLU J 19 -23.99 15.57 -21.21
N ASN J 20 -23.24 15.58 -20.11
CA ASN J 20 -21.93 14.95 -20.02
C ASN J 20 -20.93 15.55 -20.99
N GLY J 21 -21.07 16.83 -21.34
CA GLY J 21 -20.05 17.51 -22.10
C GLY J 21 -19.94 17.12 -23.55
N TRP J 22 -21.00 16.56 -24.15
CA TRP J 22 -21.04 16.21 -25.55
C TRP J 22 -21.78 17.28 -26.35
N VAL J 23 -21.34 17.47 -27.60
CA VAL J 23 -21.92 18.45 -28.51
C VAL J 23 -22.21 17.74 -29.82
N GLU J 24 -23.42 17.92 -30.32
CA GLU J 24 -23.82 17.41 -31.64
C GLU J 24 -23.60 18.52 -32.66
N ILE J 25 -22.46 18.47 -33.33
CA ILE J 25 -22.13 19.42 -34.40
C ILE J 25 -22.78 18.91 -35.66
N THR J 26 -23.48 19.80 -36.37
CA THR J 26 -24.34 19.45 -37.50
C THR J 26 -23.99 20.35 -38.67
N ALA J 27 -23.06 19.88 -39.52
CA ALA J 27 -22.54 20.69 -40.62
C ALA J 27 -23.42 20.49 -41.84
N ASN J 28 -24.42 21.36 -41.99
CA ASN J 28 -25.14 21.45 -43.25
C ASN J 28 -24.25 22.11 -44.29
N SER J 29 -24.36 21.65 -45.53
CA SER J 29 -23.63 22.24 -46.64
C SER J 29 -24.43 22.04 -47.91
N SER J 30 -24.28 23.00 -48.84
CA SER J 30 -24.95 22.91 -50.12
C SER J 30 -24.19 23.75 -51.13
N ARG J 31 -24.20 23.28 -52.39
CA ARG J 31 -23.44 23.90 -53.46
C ARG J 31 -24.25 23.86 -54.75
N LEU J 32 -23.94 24.79 -55.64
CA LEU J 32 -24.35 24.70 -57.03
C LEU J 32 -23.29 23.91 -57.79
N VAL J 33 -23.73 22.87 -58.50
CA VAL J 33 -22.84 22.00 -59.26
C VAL J 33 -23.20 22.14 -60.73
N HIS J 34 -22.21 22.52 -61.54
CA HIS J 34 -22.36 22.70 -62.98
C HIS J 34 -21.75 21.52 -63.70
N LEU J 35 -22.54 20.90 -64.57
CA LEU J 35 -22.16 19.68 -65.29
C LEU J 35 -22.43 19.88 -66.78
N ASN J 36 -21.40 19.69 -67.59
CA ASN J 36 -21.57 19.59 -69.03
C ASN J 36 -21.75 18.13 -69.42
N MET J 37 -22.15 17.92 -70.68
CA MET J 37 -22.31 16.56 -71.17
C MET J 37 -20.95 15.90 -71.34
N PRO J 38 -20.87 14.56 -71.37
CA PRO J 38 -19.58 13.91 -71.57
C PRO J 38 -19.02 14.18 -72.95
N GLU J 39 -17.69 14.14 -73.05
CA GLU J 39 -17.03 14.28 -74.34
C GLU J 39 -17.38 13.13 -75.27
N SER J 40 -17.44 11.91 -74.72
CA SER J 40 -17.83 10.73 -75.48
C SER J 40 -18.68 9.84 -74.59
N GLU J 41 -19.72 9.25 -75.19
CA GLU J 41 -20.65 8.43 -74.43
C GLU J 41 -20.16 7.02 -74.15
N ASN J 42 -19.00 6.62 -74.69
CA ASN J 42 -18.52 5.25 -74.64
C ASN J 42 -17.41 5.12 -73.60
N TYR J 43 -17.46 4.03 -72.84
CA TYR J 43 -16.32 3.63 -72.03
C TYR J 43 -15.11 3.41 -72.93
N ARG J 44 -13.95 3.91 -72.50
CA ARG J 44 -12.73 3.86 -73.29
C ARG J 44 -11.55 3.52 -72.38
N ARG J 45 -10.93 2.37 -72.63
CA ARG J 45 -9.68 2.03 -71.97
C ARG J 45 -8.53 2.86 -72.56
N VAL J 46 -7.75 3.48 -71.69
CA VAL J 46 -6.63 4.33 -72.09
C VAL J 46 -5.42 3.95 -71.24
N VAL J 47 -4.26 3.92 -71.88
CA VAL J 47 -2.98 3.60 -71.24
C VAL J 47 -2.08 4.81 -71.37
N VAL J 48 -1.49 5.22 -70.26
CA VAL J 48 -0.53 6.32 -70.21
C VAL J 48 0.86 5.70 -70.11
N ASN J 49 1.83 6.33 -70.77
CA ASN J 49 3.21 5.84 -70.71
C ASN J 49 4.12 7.03 -71.04
N ASN J 50 4.73 7.60 -69.99
CA ASN J 50 5.72 8.66 -70.17
C ASN J 50 7.11 8.05 -70.31
N MET J 51 7.28 7.22 -71.35
CA MET J 51 8.58 6.58 -71.58
C MET J 51 9.64 7.62 -71.90
N ASP J 52 9.25 8.73 -72.53
CA ASP J 52 10.21 9.77 -72.87
C ASP J 52 10.83 10.38 -71.61
N LYS J 53 10.01 10.62 -70.58
CA LYS J 53 10.53 11.16 -69.33
C LYS J 53 11.22 10.07 -68.51
N THR J 54 10.66 8.85 -68.51
CA THR J 54 11.18 7.79 -67.65
C THR J 54 12.44 7.14 -68.21
N ALA J 55 12.59 7.08 -69.53
CA ALA J 55 13.73 6.38 -70.11
C ALA J 55 15.06 7.04 -69.78
N VAL J 56 15.06 8.34 -69.47
CA VAL J 56 16.27 8.99 -69.00
C VAL J 56 16.68 8.38 -67.67
N ASN J 57 17.96 8.06 -67.54
CA ASN J 57 18.45 7.39 -66.34
C ASN J 57 18.31 8.31 -65.13
N GLY J 58 17.92 7.73 -64.00
CA GLY J 58 17.74 8.47 -62.77
C GLY J 58 16.37 9.08 -62.58
N ASN J 59 15.48 9.00 -63.57
CA ASN J 59 14.12 9.53 -63.50
C ASN J 59 13.11 8.44 -63.17
N MET J 60 13.48 7.49 -62.31
CA MET J 60 12.60 6.35 -62.04
C MET J 60 11.33 6.79 -61.32
N ALA J 61 11.46 7.72 -60.37
CA ALA J 61 10.32 8.18 -59.59
C ALA J 61 9.27 8.88 -60.42
N LEU J 62 9.59 9.32 -61.63
CA LEU J 62 8.64 9.94 -62.55
C LEU J 62 7.83 8.94 -63.35
N ASP J 63 7.77 7.68 -62.93
CA ASP J 63 6.97 6.68 -63.63
C ASP J 63 5.49 7.00 -63.47
N ASP J 64 4.83 7.32 -64.59
CA ASP J 64 3.40 7.59 -64.64
C ASP J 64 2.66 6.57 -65.51
N ILE J 65 3.19 5.34 -65.61
CA ILE J 65 2.53 4.32 -66.41
C ILE J 65 1.31 3.82 -65.66
N HIS J 66 0.15 3.85 -66.32
CA HIS J 66 -1.04 3.23 -65.76
C HIS J 66 -2.08 3.04 -66.86
N ALA J 67 -3.00 2.13 -66.58
CA ALA J 67 -4.12 1.81 -67.46
C ALA J 67 -5.42 2.07 -66.70
N GLN J 68 -6.39 2.66 -67.39
CA GLN J 68 -7.61 3.11 -66.76
C GLN J 68 -8.76 3.08 -67.75
N ILE J 69 -9.98 3.09 -67.21
CA ILE J 69 -11.21 3.18 -67.98
C ILE J 69 -11.72 4.60 -67.79
N VAL J 70 -11.61 5.42 -68.84
CA VAL J 70 -12.22 6.75 -68.82
C VAL J 70 -13.71 6.61 -69.09
N THR J 71 -14.52 7.14 -68.19
CA THR J 71 -15.91 6.78 -68.03
C THR J 71 -16.81 8.00 -68.28
N PRO J 72 -18.01 7.84 -68.91
CA PRO J 72 -18.88 9.01 -69.10
C PRO J 72 -19.83 9.25 -67.92
N TRP J 73 -19.25 9.38 -66.73
CA TRP J 73 -19.96 9.71 -65.51
C TRP J 73 -19.07 10.60 -64.66
N SER J 74 -19.71 11.53 -63.95
CA SER J 74 -19.04 12.48 -63.09
C SER J 74 -19.37 12.17 -61.64
N LEU J 75 -18.36 12.30 -60.78
CA LEU J 75 -18.46 11.94 -59.37
C LEU J 75 -18.71 13.20 -58.55
N VAL J 76 -19.68 13.12 -57.64
CA VAL J 76 -19.96 14.17 -56.67
C VAL J 76 -19.47 13.66 -55.32
N ASP J 77 -18.30 14.13 -54.90
CA ASP J 77 -17.61 13.65 -53.70
C ASP J 77 -17.51 14.79 -52.70
N ALA J 78 -18.16 14.62 -51.56
CA ALA J 78 -18.18 15.60 -50.48
C ALA J 78 -17.24 15.24 -49.34
N ASN J 79 -16.25 14.39 -49.58
CA ASN J 79 -15.39 13.85 -48.53
C ASN J 79 -14.12 14.71 -48.45
N ALA J 80 -14.25 15.77 -47.68
CA ALA J 80 -13.18 16.73 -47.45
C ALA J 80 -13.64 17.75 -46.42
N TRP J 81 -12.72 18.19 -45.58
CA TRP J 81 -13.10 19.03 -44.45
C TRP J 81 -13.61 20.39 -44.90
N GLY J 82 -12.99 20.98 -45.92
CA GLY J 82 -13.36 22.31 -46.34
C GLY J 82 -14.76 22.42 -46.89
N VAL J 83 -15.33 21.31 -47.39
CA VAL J 83 -16.69 21.33 -47.89
C VAL J 83 -17.69 21.64 -46.79
N TRP J 84 -17.37 21.32 -45.54
CA TRP J 84 -18.33 21.33 -44.45
C TRP J 84 -18.09 22.45 -43.46
N PHE J 85 -16.89 22.54 -42.88
CA PHE J 85 -16.59 23.50 -41.82
C PHE J 85 -15.86 24.71 -42.40
N ASN J 86 -16.26 25.90 -41.96
CA ASN J 86 -15.58 27.14 -42.32
C ASN J 86 -14.46 27.40 -41.32
N PRO J 87 -13.60 28.42 -41.57
CA PRO J 87 -12.49 28.67 -40.63
C PRO J 87 -12.93 28.99 -39.20
N GLY J 88 -14.00 29.74 -39.01
CA GLY J 88 -14.48 29.98 -37.65
C GLY J 88 -14.98 28.72 -36.98
N ASP J 89 -15.71 27.90 -37.74
CA ASP J 89 -16.19 26.63 -37.21
C ASP J 89 -15.03 25.72 -36.84
N TRP J 90 -13.99 25.69 -37.66
CA TRP J 90 -12.84 24.85 -37.35
C TRP J 90 -12.07 25.41 -36.16
N GLN J 91 -12.03 26.73 -36.01
CA GLN J 91 -11.42 27.31 -34.82
C GLN J 91 -12.15 26.85 -33.56
N LEU J 92 -13.47 26.92 -33.58
CA LEU J 92 -14.25 26.46 -32.44
C LEU J 92 -14.02 24.98 -32.18
N ILE J 93 -13.97 24.18 -33.25
CA ILE J 93 -13.83 22.73 -33.10
C ILE J 93 -12.48 22.38 -32.51
N VAL J 94 -11.40 22.95 -33.07
CA VAL J 94 -10.07 22.58 -32.59
C VAL J 94 -9.81 23.15 -31.21
N ASN J 95 -10.25 24.37 -30.92
CA ASN J 95 -9.93 24.97 -29.65
C ASN J 95 -10.72 24.38 -28.49
N THR J 96 -12.01 24.05 -28.69
CA THR J 96 -12.87 23.67 -27.59
C THR J 96 -13.17 22.18 -27.47
N MET J 97 -13.21 21.43 -28.59
CA MET J 97 -13.41 19.99 -28.49
C MET J 97 -12.13 19.27 -28.07
N SER J 98 -12.27 17.99 -27.77
CA SER J 98 -11.18 17.08 -27.46
C SER J 98 -11.23 15.81 -28.29
N GLU J 99 -12.42 15.29 -28.59
CA GLU J 99 -12.61 14.15 -29.47
C GLU J 99 -13.72 14.49 -30.44
N LEU J 100 -13.82 13.71 -31.52
CA LEU J 100 -14.71 14.05 -32.62
C LEU J 100 -15.12 12.77 -33.33
N HIS J 101 -16.35 12.33 -33.09
CA HIS J 101 -16.93 11.15 -33.71
C HIS J 101 -17.59 11.53 -35.02
N LEU J 102 -17.63 10.57 -35.95
CA LEU J 102 -18.44 10.70 -37.16
C LEU J 102 -19.73 9.92 -36.95
N VAL J 103 -20.87 10.59 -37.14
CA VAL J 103 -22.17 10.02 -36.77
C VAL J 103 -22.95 9.61 -38.02
N SER J 104 -23.27 10.56 -38.89
CA SER J 104 -24.18 10.30 -40.00
C SER J 104 -23.89 11.21 -41.17
N PHE J 105 -24.34 10.79 -42.36
CA PHE J 105 -24.11 11.51 -43.61
C PHE J 105 -25.19 11.18 -44.62
N GLU J 106 -25.89 12.22 -45.09
CA GLU J 106 -26.80 12.08 -46.23
C GLU J 106 -26.68 13.27 -47.16
N GLN J 107 -27.22 13.06 -48.36
CA GLN J 107 -27.12 13.98 -49.47
C GLN J 107 -28.49 14.12 -50.12
N GLU J 108 -28.61 15.09 -51.02
CA GLU J 108 -29.73 15.09 -51.96
C GLU J 108 -29.42 16.07 -53.08
N ILE J 109 -30.18 15.95 -54.18
CA ILE J 109 -30.10 16.84 -55.32
C ILE J 109 -31.47 17.43 -55.55
N PHE J 110 -31.52 18.75 -55.79
CA PHE J 110 -32.78 19.46 -55.95
C PHE J 110 -32.56 20.63 -56.89
N ASN J 111 -33.66 21.09 -57.48
CA ASN J 111 -33.68 22.21 -58.43
C ASN J 111 -32.72 21.96 -59.59
N VAL J 112 -33.02 20.91 -60.37
CA VAL J 112 -32.21 20.58 -61.53
C VAL J 112 -32.64 21.46 -62.70
N VAL J 113 -31.71 22.27 -63.19
CA VAL J 113 -31.90 23.10 -64.38
C VAL J 113 -31.12 22.48 -65.51
N LEU J 114 -31.78 22.29 -66.65
CA LEU J 114 -31.20 21.65 -67.82
C LEU J 114 -31.35 22.60 -68.99
N LYS J 115 -30.24 22.86 -69.70
CA LYS J 115 -30.17 23.89 -70.72
C LYS J 115 -29.50 23.36 -71.97
N THR J 116 -29.91 23.90 -73.12
CA THR J 116 -29.32 23.60 -74.42
C THR J 116 -28.94 24.91 -75.08
N VAL J 117 -27.93 24.84 -75.97
CA VAL J 117 -27.35 26.02 -76.61
C VAL J 117 -27.41 25.83 -78.12
N SER J 118 -27.67 26.94 -78.82
CA SER J 118 -27.65 27.00 -80.27
C SER J 118 -26.84 28.21 -80.70
N GLU J 119 -26.24 28.12 -81.88
CA GLU J 119 -25.41 29.19 -82.41
C GLU J 119 -26.23 30.45 -82.67
N THR J 126 -22.25 33.96 -82.04
CA THR J 126 -23.28 34.18 -81.02
C THR J 126 -23.84 32.86 -80.51
N LYS J 127 -24.36 32.87 -79.29
CA LYS J 127 -24.92 31.69 -78.64
C LYS J 127 -26.25 32.05 -78.00
N VAL J 128 -27.24 31.17 -78.18
CA VAL J 128 -28.59 31.34 -77.66
C VAL J 128 -28.91 30.12 -76.81
N TYR J 129 -29.32 30.37 -75.57
CA TYR J 129 -29.56 29.32 -74.57
C TYR J 129 -31.05 29.12 -74.40
N ASN J 130 -31.47 27.86 -74.31
CA ASN J 130 -32.88 27.50 -74.18
C ASN J 130 -33.02 26.38 -73.15
N ASN J 131 -33.99 26.53 -72.26
CA ASN J 131 -34.27 25.50 -71.28
C ASN J 131 -34.85 24.26 -71.96
N ASP J 132 -34.40 23.09 -71.52
CA ASP J 132 -34.88 21.80 -72.00
C ASP J 132 -35.74 21.19 -70.90
N LEU J 133 -37.04 21.07 -71.16
CA LEU J 133 -38.00 20.53 -70.21
C LEU J 133 -38.30 19.05 -70.43
N THR J 134 -37.59 18.38 -71.35
CA THR J 134 -37.82 16.99 -71.70
C THR J 134 -36.68 16.07 -71.29
N ALA J 135 -35.44 16.44 -71.59
CA ALA J 135 -34.29 15.65 -71.19
C ALA J 135 -34.13 15.72 -69.67
N SER J 136 -33.36 14.76 -69.14
CA SER J 136 -33.24 14.53 -67.70
C SER J 136 -31.80 14.35 -67.30
N LEU J 137 -31.52 14.65 -66.03
CA LEU J 137 -30.23 14.34 -65.43
C LEU J 137 -30.26 12.90 -64.91
N MET J 138 -29.20 12.16 -65.20
CA MET J 138 -29.04 10.78 -64.74
C MET J 138 -28.23 10.81 -63.46
N VAL J 139 -28.73 10.14 -62.42
CA VAL J 139 -28.09 10.07 -61.11
C VAL J 139 -28.10 8.62 -60.64
N ALA J 140 -27.02 8.20 -60.00
CA ALA J 140 -26.86 6.85 -59.51
C ALA J 140 -26.11 6.88 -58.19
N LEU J 141 -26.59 6.08 -57.23
CA LEU J 141 -26.03 5.97 -55.89
C LEU J 141 -25.58 4.54 -55.65
N ASP J 142 -24.28 4.35 -55.41
CA ASP J 142 -23.71 3.01 -55.20
C ASP J 142 -23.75 2.68 -53.71
N SER J 143 -24.95 2.26 -53.26
CA SER J 143 -25.16 2.01 -51.85
C SER J 143 -24.34 0.82 -51.35
N ASN J 144 -24.28 -0.25 -52.13
CA ASN J 144 -23.49 -1.43 -51.75
C ASN J 144 -22.00 -1.26 -51.99
N ASN J 145 -21.57 -0.15 -52.59
CA ASN J 145 -20.16 0.08 -52.90
C ASN J 145 -19.62 -1.00 -53.85
N THR J 146 -20.41 -1.29 -54.89
CA THR J 146 -19.97 -2.27 -55.89
C THR J 146 -18.87 -1.69 -56.77
N MET J 147 -18.98 -0.41 -57.11
CA MET J 147 -17.97 0.22 -57.95
C MET J 147 -16.68 0.39 -57.16
N PRO J 148 -15.53 0.53 -57.82
CA PRO J 148 -14.28 0.75 -57.08
C PRO J 148 -14.30 2.08 -56.33
N PHE J 149 -13.76 2.07 -55.11
CA PHE J 149 -13.77 3.28 -54.30
C PHE J 149 -12.69 4.23 -54.78
N THR J 150 -13.06 5.51 -54.90
CA THR J 150 -12.21 6.53 -55.52
C THR J 150 -12.44 7.86 -54.81
N PRO J 151 -11.76 8.09 -53.68
CA PRO J 151 -11.94 9.38 -53.00
C PRO J 151 -11.25 10.49 -53.78
N ALA J 152 -12.00 11.57 -54.04
CA ALA J 152 -11.48 12.67 -54.83
C ALA J 152 -10.53 13.58 -54.05
N ALA J 153 -10.38 13.37 -52.74
CA ALA J 153 -9.54 14.26 -51.95
C ALA J 153 -8.07 14.14 -52.34
N MET J 154 -7.62 12.94 -52.69
CA MET J 154 -6.21 12.73 -52.97
C MET J 154 -5.75 13.45 -54.23
N ARG J 155 -6.66 13.68 -55.19
CA ARG J 155 -6.36 14.44 -56.39
C ARG J 155 -6.86 15.88 -56.33
N SER J 156 -7.47 16.30 -55.24
CA SER J 156 -7.96 17.67 -55.08
C SER J 156 -9.05 18.00 -56.09
N GLU J 157 -10.06 17.12 -56.16
CA GLU J 157 -11.22 17.29 -57.03
C GLU J 157 -12.53 17.04 -56.29
N THR J 158 -12.59 17.34 -55.00
CA THR J 158 -13.84 17.32 -54.27
C THR J 158 -14.67 18.54 -54.67
N LEU J 159 -15.86 18.67 -54.09
CA LEU J 159 -16.65 19.87 -54.28
C LEU J 159 -15.93 21.07 -53.69
N GLY J 160 -16.10 22.23 -54.33
CA GLY J 160 -15.45 23.44 -53.88
C GLY J 160 -15.91 23.87 -52.50
N PHE J 161 -15.04 24.62 -51.82
CA PHE J 161 -15.23 24.91 -50.40
C PHE J 161 -16.04 26.18 -50.17
N TYR J 162 -16.06 27.10 -51.12
CA TYR J 162 -16.81 28.34 -50.92
C TYR J 162 -18.30 28.11 -51.25
N PRO J 163 -19.23 28.34 -50.31
CA PRO J 163 -20.65 28.14 -50.67
C PRO J 163 -21.16 29.08 -51.75
N TRP J 164 -20.55 30.24 -51.92
CA TRP J 164 -21.07 31.29 -52.79
C TRP J 164 -20.47 31.28 -54.19
N LYS J 165 -19.75 30.23 -54.58
CA LYS J 165 -19.21 30.03 -55.92
C LYS J 165 -19.73 28.71 -56.49
N PRO J 166 -20.21 28.66 -57.74
CA PRO J 166 -20.58 27.35 -58.31
C PRO J 166 -19.36 26.46 -58.47
N THR J 167 -19.62 25.16 -58.52
CA THR J 167 -18.60 24.12 -58.60
C THR J 167 -18.88 23.22 -59.78
N ILE J 168 -17.94 22.31 -60.04
CA ILE J 168 -18.03 21.32 -61.12
C ILE J 168 -17.70 19.96 -60.53
N PRO J 169 -18.32 18.86 -60.98
CA PRO J 169 -17.93 17.54 -60.47
C PRO J 169 -16.83 16.93 -61.32
N THR J 170 -15.98 16.17 -60.66
CA THR J 170 -14.84 15.59 -61.36
C THR J 170 -15.32 14.49 -62.31
N PRO J 171 -14.72 14.33 -63.50
CA PRO J 171 -15.13 13.21 -64.36
C PRO J 171 -14.50 11.91 -63.86
N TRP J 172 -15.32 10.89 -63.68
CA TRP J 172 -14.90 9.70 -62.97
C TRP J 172 -14.09 8.79 -63.86
N ARG J 173 -13.15 8.07 -63.23
CA ARG J 173 -12.31 7.09 -63.89
C ARG J 173 -11.75 6.17 -62.81
N TYR J 174 -11.29 4.99 -63.22
CA TYR J 174 -10.78 4.02 -62.27
C TYR J 174 -9.72 3.16 -62.95
N TYR J 175 -8.90 2.53 -62.12
CA TYR J 175 -7.74 1.81 -62.63
C TYR J 175 -8.16 0.47 -63.20
N PHE J 176 -7.66 0.18 -64.40
CA PHE J 176 -7.61 -1.17 -64.93
C PHE J 176 -6.44 -1.90 -64.29
N GLN J 177 -6.18 -3.12 -64.72
CA GLN J 177 -4.94 -3.81 -64.34
C GLN J 177 -3.88 -3.60 -65.41
N TRP J 178 -2.63 -3.55 -64.98
CA TRP J 178 -1.51 -3.51 -65.91
C TRP J 178 -0.34 -4.19 -65.21
N ASP J 179 0.63 -4.65 -66.02
CA ASP J 179 1.87 -5.21 -65.54
C ASP J 179 3.03 -4.44 -66.15
N ARG J 180 4.05 -4.16 -65.33
CA ARG J 180 5.18 -3.35 -65.76
C ARG J 180 6.36 -3.65 -64.87
N THR J 181 7.55 -3.59 -65.47
CA THR J 181 8.82 -3.65 -64.76
C THR J 181 9.69 -2.48 -65.19
N LEU J 182 10.39 -1.86 -64.23
CA LEU J 182 11.34 -0.80 -64.51
C LEU J 182 12.55 -1.05 -63.63
N ILE J 183 13.64 -1.47 -64.23
CA ILE J 183 14.90 -1.64 -63.49
C ILE J 183 15.44 -0.26 -63.15
N PRO J 184 15.92 0.03 -61.93
CA PRO J 184 16.41 1.38 -61.65
C PRO J 184 17.86 1.56 -62.05
N SER J 185 18.22 2.80 -62.33
CA SER J 185 19.56 3.12 -62.79
C SER J 185 19.88 4.59 -62.50
N HIS J 186 21.12 4.83 -62.12
CA HIS J 186 21.63 6.16 -61.84
C HIS J 186 22.12 6.84 -63.11
N THR J 187 22.22 8.17 -63.05
CA THR J 187 22.68 8.91 -64.22
C THR J 187 24.16 8.63 -64.47
N GLY J 188 24.47 8.30 -65.72
CA GLY J 188 25.80 7.82 -66.06
C GLY J 188 25.97 6.33 -65.98
N THR J 189 24.88 5.57 -65.96
CA THR J 189 24.97 4.12 -65.99
C THR J 189 25.50 3.65 -67.34
N SER J 190 25.88 2.37 -67.40
CA SER J 190 26.56 1.84 -68.57
C SER J 190 25.62 1.47 -69.71
N GLY J 191 24.31 1.34 -69.46
CA GLY J 191 23.39 0.95 -70.51
C GLY J 191 21.96 1.19 -70.10
N THR J 192 21.08 1.16 -71.09
CA THR J 192 19.67 1.44 -70.87
C THR J 192 19.05 0.33 -70.02
N PRO J 193 18.37 0.63 -68.90
CA PRO J 193 17.81 -0.45 -68.09
C PRO J 193 16.54 -1.00 -68.71
N THR J 194 16.09 -2.13 -68.16
CA THR J 194 14.88 -2.76 -68.63
C THR J 194 13.67 -1.90 -68.26
N ASN J 195 12.99 -1.37 -69.28
CA ASN J 195 11.86 -0.45 -69.10
C ASN J 195 10.82 -0.82 -70.17
N ILE J 196 9.89 -1.69 -69.79
CA ILE J 196 8.95 -2.29 -70.74
C ILE J 196 7.60 -2.47 -70.08
N TYR J 197 6.56 -2.54 -70.92
CA TYR J 197 5.18 -2.71 -70.53
C TYR J 197 4.71 -4.07 -71.03
N HIS J 198 4.12 -4.87 -70.14
CA HIS J 198 3.71 -6.24 -70.44
C HIS J 198 2.22 -6.39 -70.71
N GLY J 199 1.51 -5.30 -70.97
CA GLY J 199 0.07 -5.42 -71.16
C GLY J 199 -0.62 -5.74 -69.84
N THR J 200 -1.70 -6.51 -69.93
CA THR J 200 -2.55 -6.84 -68.80
C THR J 200 -2.79 -8.35 -68.78
N ASP J 201 -2.70 -8.95 -67.61
CA ASP J 201 -2.92 -10.39 -67.48
C ASP J 201 -4.43 -10.67 -67.47
N PRO J 202 -4.87 -11.88 -67.87
CA PRO J 202 -6.31 -12.12 -67.96
C PRO J 202 -6.95 -12.56 -66.65
N ASP J 203 -6.16 -12.93 -65.63
CA ASP J 203 -6.75 -13.35 -64.38
C ASP J 203 -7.27 -12.17 -63.56
N ASP J 204 -6.75 -10.96 -63.78
CA ASP J 204 -7.05 -9.79 -62.97
C ASP J 204 -7.97 -8.79 -63.66
N VAL J 205 -8.55 -9.12 -64.81
CA VAL J 205 -9.34 -8.14 -65.55
C VAL J 205 -10.64 -7.86 -64.82
N GLN J 206 -10.99 -6.58 -64.73
CA GLN J 206 -12.28 -6.13 -64.23
C GLN J 206 -12.69 -4.91 -65.02
N PHE J 207 -13.91 -4.91 -65.55
CA PHE J 207 -14.47 -3.76 -66.25
C PHE J 207 -15.89 -3.57 -65.72
N TYR J 208 -16.05 -2.57 -64.87
CA TYR J 208 -17.33 -2.24 -64.24
C TYR J 208 -18.05 -1.21 -65.11
N THR J 209 -19.37 -1.14 -64.97
CA THR J 209 -20.17 -0.07 -65.54
C THR J 209 -21.18 0.40 -64.51
N ILE J 210 -21.48 1.70 -64.56
CA ILE J 210 -22.55 2.25 -63.73
C ILE J 210 -23.89 1.65 -64.13
N GLU J 211 -24.07 1.40 -65.44
CA GLU J 211 -25.37 1.04 -65.96
C GLU J 211 -25.85 -0.31 -65.42
N ASN J 212 -24.99 -1.31 -65.38
CA ASN J 212 -25.36 -2.65 -64.93
C ASN J 212 -25.10 -2.89 -63.44
N SER J 213 -24.44 -1.96 -62.75
CA SER J 213 -24.08 -2.15 -61.34
C SER J 213 -25.09 -1.52 -60.40
N VAL J 214 -25.63 -0.35 -60.75
CA VAL J 214 -26.45 0.46 -59.86
C VAL J 214 -27.76 0.79 -60.59
N PRO J 215 -28.93 0.78 -59.93
CA PRO J 215 -30.13 1.33 -60.59
C PRO J 215 -30.03 2.83 -60.75
N VAL J 216 -30.17 3.30 -61.99
CA VAL J 216 -30.05 4.71 -62.31
C VAL J 216 -31.43 5.36 -62.19
N HIS J 217 -31.45 6.54 -61.57
CA HIS J 217 -32.65 7.37 -61.47
C HIS J 217 -32.56 8.51 -62.47
N LEU J 218 -33.70 8.86 -63.06
CA LEU J 218 -33.82 9.92 -64.04
C LEU J 218 -34.56 11.08 -63.42
N LEU J 219 -33.93 12.25 -63.41
CA LEU J 219 -34.50 13.48 -62.86
C LEU J 219 -34.70 14.48 -63.98
N ARG J 220 -35.95 14.84 -64.23
CA ARG J 220 -36.28 16.00 -65.05
C ARG J 220 -36.15 17.25 -64.18
N THR J 221 -36.60 18.39 -64.67
CA THR J 221 -36.45 19.64 -63.91
C THR J 221 -37.37 19.71 -62.69
N GLY J 222 -38.33 18.79 -62.53
CA GLY J 222 -39.36 18.88 -61.53
C GLY J 222 -39.35 17.85 -60.42
N ASP J 223 -38.25 17.11 -60.22
CA ASP J 223 -38.19 16.04 -59.23
C ASP J 223 -36.85 16.04 -58.54
N GLU J 224 -36.81 15.37 -57.38
CA GLU J 224 -35.67 15.34 -56.47
C GLU J 224 -35.09 13.94 -56.42
N PHE J 225 -33.92 13.84 -55.79
CA PHE J 225 -33.34 12.57 -55.36
C PHE J 225 -32.74 12.77 -53.98
N ALA J 226 -33.09 11.89 -53.05
CA ALA J 226 -32.66 11.96 -51.66
C ALA J 226 -31.87 10.72 -51.32
N THR J 227 -30.63 10.93 -50.88
CA THR J 227 -29.79 9.85 -50.35
C THR J 227 -30.23 9.60 -48.92
N GLY J 228 -30.53 8.35 -48.58
CA GLY J 228 -30.87 8.04 -47.20
C GLY J 228 -29.68 8.18 -46.28
N THR J 229 -29.98 8.27 -44.99
CA THR J 229 -28.93 8.43 -43.99
C THR J 229 -28.08 7.18 -43.89
N PHE J 230 -26.76 7.37 -43.96
CA PHE J 230 -25.78 6.34 -43.67
C PHE J 230 -25.14 6.65 -42.33
N PHE J 231 -25.27 5.73 -41.39
CA PHE J 231 -24.76 5.89 -40.04
C PHE J 231 -23.40 5.20 -39.96
N PHE J 232 -22.38 5.96 -39.59
CA PHE J 232 -21.02 5.44 -39.52
C PHE J 232 -20.86 4.56 -38.29
N ASP J 233 -19.74 3.85 -38.25
CA ASP J 233 -19.29 3.07 -37.11
C ASP J 233 -17.90 3.48 -36.63
N CYS J 234 -17.44 4.67 -37.00
CA CYS J 234 -16.03 4.99 -36.89
C CYS J 234 -15.60 5.19 -35.44
N LYS J 235 -14.30 5.08 -35.20
CA LYS J 235 -13.74 5.23 -33.87
C LYS J 235 -13.49 6.71 -33.61
N PRO J 236 -13.26 7.10 -32.35
CA PRO J 236 -12.99 8.53 -32.08
C PRO J 236 -11.69 9.00 -32.71
N CYS J 237 -11.78 10.13 -33.42
CA CYS J 237 -10.61 10.88 -33.84
C CYS J 237 -10.28 11.90 -32.77
N ARG J 238 -8.99 12.00 -32.45
CA ARG J 238 -8.52 12.70 -31.26
C ARG J 238 -7.84 13.98 -31.66
N LEU J 239 -8.36 15.11 -31.17
CA LEU J 239 -7.85 16.44 -31.51
C LEU J 239 -6.86 16.96 -30.47
N THR J 240 -6.07 16.07 -29.87
CA THR J 240 -4.98 16.44 -28.98
C THR J 240 -3.78 15.58 -29.35
N HIS J 241 -2.58 16.09 -29.06
CA HIS J 241 -1.33 15.49 -29.49
C HIS J 241 -0.46 15.13 -28.30
N THR J 242 0.45 14.19 -28.52
CA THR J 242 1.31 13.65 -27.50
C THR J 242 2.72 14.18 -27.71
N TRP J 243 3.29 14.77 -26.66
CA TRP J 243 4.64 15.33 -26.70
C TRP J 243 5.71 14.39 -26.16
N GLN J 244 5.32 13.27 -25.54
CA GLN J 244 6.26 12.43 -24.82
C GLN J 244 6.87 11.42 -25.77
N THR J 245 8.17 11.53 -26.00
CA THR J 245 8.95 10.47 -26.62
C THR J 245 9.35 9.47 -25.54
N ASN J 246 10.23 8.53 -25.89
CA ASN J 246 10.64 7.52 -24.92
C ASN J 246 11.44 8.12 -23.77
N ARG J 247 12.12 9.23 -24.01
CA ARG J 247 12.97 9.81 -22.96
C ARG J 247 12.16 10.42 -21.83
N ALA J 248 10.86 10.71 -22.05
CA ALA J 248 10.02 11.39 -21.07
C ALA J 248 8.85 10.53 -20.60
N LEU J 249 9.11 9.24 -20.37
CA LEU J 249 8.15 8.32 -19.77
C LEU J 249 8.72 7.78 -18.47
N GLY J 250 7.91 7.81 -17.42
CA GLY J 250 8.29 7.27 -16.14
C GLY J 250 8.81 8.33 -15.18
N LEU J 251 9.33 7.85 -14.07
CA LEU J 251 9.82 8.73 -13.02
C LEU J 251 11.20 9.27 -13.40
N PRO J 252 11.42 10.59 -13.44
CA PRO J 252 12.78 11.09 -13.70
C PRO J 252 13.74 10.71 -12.60
N PRO J 253 15.05 10.82 -12.84
CA PRO J 253 16.00 10.52 -11.77
C PRO J 253 15.94 11.58 -10.69
N PHE J 254 16.25 11.17 -9.46
CA PHE J 254 16.16 12.07 -8.32
C PHE J 254 17.38 12.96 -8.29
N LEU J 255 17.16 14.27 -8.31
CA LEU J 255 18.25 15.24 -8.36
C LEU J 255 18.68 15.56 -6.94
N ASN J 256 19.89 15.13 -6.57
CA ASN J 256 20.38 15.35 -5.23
C ASN J 256 20.71 16.82 -4.99
N SER J 257 21.35 17.47 -5.97
CA SER J 257 21.81 18.85 -5.87
C SER J 257 20.99 19.71 -6.82
N LEU J 258 20.05 20.47 -6.27
CA LEU J 258 19.20 21.36 -7.06
C LEU J 258 19.90 22.70 -7.25
N PRO J 259 19.43 23.54 -8.19
CA PRO J 259 20.02 24.88 -8.32
C PRO J 259 19.70 25.74 -7.10
N GLN J 260 20.58 26.71 -6.85
CA GLN J 260 20.45 27.66 -5.76
C GLN J 260 20.37 29.12 -6.23
N SER J 261 20.45 29.39 -7.53
CA SER J 261 20.32 30.73 -8.07
C SER J 261 19.52 30.66 -9.36
N GLU J 262 18.87 31.76 -9.70
CA GLU J 262 18.01 31.80 -10.87
C GLU J 262 18.86 31.94 -12.14
N GLY J 263 18.26 31.51 -13.25
CA GLY J 263 18.84 31.68 -14.58
C GLY J 263 19.02 30.36 -15.32
N ALA J 264 19.18 30.47 -16.63
CA ALA J 264 19.33 29.31 -17.47
C ALA J 264 20.65 28.59 -17.23
N THR J 265 21.71 29.33 -16.88
CA THR J 265 23.03 28.74 -16.74
C THR J 265 23.18 27.89 -15.49
N ASN J 266 22.24 27.97 -14.53
CA ASN J 266 22.30 27.17 -13.30
C ASN J 266 21.49 25.89 -13.48
N PHE J 267 22.19 24.85 -13.90
CA PHE J 267 21.58 23.54 -14.06
C PHE J 267 21.61 22.77 -12.75
N GLY J 268 20.60 21.93 -12.55
CA GLY J 268 20.67 20.93 -11.51
C GLY J 268 21.58 19.80 -11.93
N ASP J 269 21.95 18.97 -10.96
CA ASP J 269 22.85 17.84 -11.20
C ASP J 269 22.36 16.62 -10.42
N ILE J 270 22.37 15.47 -11.09
CA ILE J 270 22.23 14.20 -10.39
C ILE J 270 23.51 13.94 -9.62
N GLY J 271 23.37 13.60 -8.35
CA GLY J 271 24.52 13.53 -7.47
C GLY J 271 25.24 12.22 -7.39
N VAL J 272 24.85 11.23 -8.19
CA VAL J 272 25.35 9.86 -8.08
C VAL J 272 26.08 9.51 -9.36
N GLN J 273 27.20 8.81 -9.21
CA GLN J 273 28.01 8.44 -10.36
C GLN J 273 27.24 7.49 -11.26
N GLN J 274 27.63 7.44 -12.54
CA GLN J 274 26.85 6.75 -13.55
C GLN J 274 26.73 5.26 -13.27
N ASP J 275 27.84 4.61 -12.91
CA ASP J 275 27.87 3.17 -12.76
C ASP J 275 27.36 2.68 -11.41
N LYS J 276 27.05 3.59 -10.48
CA LYS J 276 26.52 3.24 -9.17
C LYS J 276 25.07 3.71 -8.99
N ARG J 277 24.35 3.96 -10.08
CA ARG J 277 22.95 4.30 -10.00
C ARG J 277 22.11 3.04 -9.84
N ARG J 278 20.85 3.24 -9.46
CA ARG J 278 19.91 2.19 -9.16
C ARG J 278 18.73 2.29 -10.11
N GLY J 279 18.41 1.19 -10.76
CA GLY J 279 17.35 1.17 -11.74
C GLY J 279 17.42 -0.08 -12.58
N VAL J 280 16.55 -0.12 -13.60
CA VAL J 280 16.42 -1.25 -14.52
C VAL J 280 16.91 -0.78 -15.89
N THR J 281 17.81 -1.57 -16.49
CA THR J 281 18.29 -1.35 -17.84
C THR J 281 18.14 -2.65 -18.62
N GLN J 282 17.69 -2.54 -19.87
CA GLN J 282 17.54 -3.70 -20.73
C GLN J 282 18.85 -3.96 -21.47
N MET J 283 19.93 -4.14 -20.71
CA MET J 283 21.27 -4.19 -21.26
C MET J 283 22.07 -5.06 -20.30
N GLY J 284 22.23 -6.33 -20.65
CA GLY J 284 22.60 -7.33 -19.66
C GLY J 284 24.07 -7.48 -19.37
N ASN J 285 24.93 -6.62 -19.92
CA ASN J 285 26.37 -6.70 -19.69
C ASN J 285 26.99 -5.32 -19.48
N THR J 286 26.33 -4.45 -18.73
CA THR J 286 26.87 -3.13 -18.44
C THR J 286 26.23 -2.56 -17.19
N ASN J 287 27.03 -1.88 -16.39
CA ASN J 287 26.62 -1.31 -15.12
C ASN J 287 26.10 0.12 -15.23
N TYR J 288 26.05 0.70 -16.42
CA TYR J 288 25.68 2.11 -16.59
C TYR J 288 24.17 2.23 -16.69
N ILE J 289 23.57 2.98 -15.77
CA ILE J 289 22.16 3.35 -15.83
C ILE J 289 22.13 4.81 -16.21
N THR J 290 21.72 5.11 -17.44
CA THR J 290 21.63 6.45 -17.96
C THR J 290 20.24 6.63 -18.56
N GLU J 291 19.90 7.87 -18.89
CA GLU J 291 18.58 8.14 -19.44
C GLU J 291 18.39 7.50 -20.82
N ALA J 292 19.47 7.27 -21.56
CA ALA J 292 19.38 6.56 -22.82
C ALA J 292 19.18 5.06 -22.61
N THR J 293 19.86 4.48 -21.62
CA THR J 293 19.86 3.04 -21.43
C THR J 293 18.77 2.53 -20.51
N ILE J 294 18.07 3.41 -19.78
CA ILE J 294 17.12 2.95 -18.79
C ILE J 294 15.90 2.32 -19.48
N MET J 295 15.33 1.31 -18.83
CA MET J 295 14.18 0.63 -19.38
C MET J 295 12.97 1.56 -19.38
N ARG J 296 12.19 1.46 -20.45
CA ARG J 296 10.93 2.18 -20.63
C ARG J 296 9.85 1.14 -20.91
N PRO J 297 8.58 1.50 -20.76
CA PRO J 297 7.52 0.50 -21.01
C PRO J 297 7.50 -0.03 -22.43
N ALA J 298 7.67 0.84 -23.41
CA ALA J 298 7.49 0.47 -24.80
C ALA J 298 8.15 1.55 -25.66
N GLU J 299 7.88 1.53 -26.96
CA GLU J 299 8.52 2.41 -27.94
C GLU J 299 7.47 3.32 -28.53
N VAL J 300 7.66 4.64 -28.37
CA VAL J 300 6.79 5.63 -28.99
C VAL J 300 7.37 6.02 -30.34
N GLY J 301 6.72 5.59 -31.41
CA GLY J 301 7.20 5.86 -32.75
C GLY J 301 8.15 4.81 -33.26
N TYR J 302 8.54 4.91 -34.52
CA TYR J 302 9.40 3.91 -35.14
C TYR J 302 10.11 4.51 -36.34
N SER J 303 11.32 4.02 -36.58
CA SER J 303 12.08 4.37 -37.75
C SER J 303 11.66 3.50 -38.93
N ALA J 304 11.89 4.00 -40.13
CA ALA J 304 11.48 3.30 -41.34
C ALA J 304 12.42 3.72 -42.46
N PRO J 305 12.55 2.91 -43.52
CA PRO J 305 13.46 3.30 -44.60
C PRO J 305 12.92 4.48 -45.39
N TYR J 306 13.52 5.66 -45.20
CA TYR J 306 12.91 6.87 -45.73
C TYR J 306 13.32 7.08 -47.18
N TYR J 307 12.33 7.43 -48.01
CA TYR J 307 12.46 7.52 -49.46
C TYR J 307 12.93 6.18 -50.03
N SER J 308 12.22 5.13 -49.61
CA SER J 308 12.40 3.80 -50.17
C SER J 308 11.27 3.49 -51.14
N PHE J 309 11.63 3.09 -52.35
CA PHE J 309 10.68 2.68 -53.37
C PHE J 309 10.78 1.17 -53.57
N GLU J 310 9.64 0.48 -53.43
CA GLU J 310 9.55 -0.93 -53.73
C GLU J 310 8.78 -1.12 -55.03
N ALA J 311 9.07 -2.24 -55.70
CA ALA J 311 8.45 -2.59 -56.98
C ALA J 311 7.49 -3.75 -56.78
N SER J 312 6.42 -3.74 -57.56
CA SER J 312 5.44 -4.81 -57.56
C SER J 312 5.04 -5.04 -59.02
N THR J 313 3.92 -5.75 -59.22
CA THR J 313 3.52 -6.11 -60.58
C THR J 313 3.20 -4.88 -61.42
N GLN J 314 2.53 -3.89 -60.82
CA GLN J 314 2.04 -2.73 -61.55
C GLN J 314 3.03 -1.57 -61.61
N GLY J 315 4.21 -1.70 -61.00
CA GLY J 315 5.26 -0.70 -61.09
C GLY J 315 5.76 -0.22 -59.74
N PRO J 316 6.74 0.68 -59.75
CA PRO J 316 7.34 1.13 -58.49
C PRO J 316 6.55 2.24 -57.78
N PHE J 317 6.60 2.19 -56.45
CA PHE J 317 5.85 3.08 -55.58
C PHE J 317 6.63 3.34 -54.31
N LYS J 318 6.31 4.46 -53.66
CA LYS J 318 6.96 4.82 -52.40
C LYS J 318 6.31 4.09 -51.24
N THR J 319 7.11 3.68 -50.26
CA THR J 319 6.58 3.18 -49.01
C THR J 319 6.04 4.34 -48.17
N PRO J 320 4.83 4.25 -47.62
CA PRO J 320 4.36 5.33 -46.73
C PRO J 320 4.87 5.16 -45.31
N ILE J 321 5.19 6.29 -44.69
CA ILE J 321 5.63 6.36 -43.30
C ILE J 321 4.47 6.89 -42.49
N ALA J 322 4.25 6.31 -41.31
CA ALA J 322 3.07 6.66 -40.53
C ALA J 322 3.15 8.08 -39.99
N ALA J 323 4.29 8.46 -39.41
CA ALA J 323 4.47 9.77 -38.80
C ALA J 323 5.87 10.27 -39.10
N GLY J 324 5.95 11.56 -39.46
CA GLY J 324 7.21 12.17 -39.84
C GLY J 324 7.82 12.97 -38.70
N ARG J 325 8.92 13.65 -39.03
CA ARG J 325 9.69 14.42 -38.06
C ARG J 325 8.85 15.57 -37.51
N ALA J 336 11.56 16.88 -45.89
CA ALA J 336 11.32 16.07 -44.70
C ALA J 336 10.34 14.95 -45.01
N ASP J 337 10.74 13.72 -44.70
CA ASP J 337 9.92 12.56 -45.00
C ASP J 337 8.78 12.44 -43.99
N GLY J 338 7.68 11.83 -44.44
CA GLY J 338 6.57 11.53 -43.57
C GLY J 338 5.52 12.63 -43.48
N ASN J 339 5.94 13.88 -43.58
CA ASN J 339 5.00 14.99 -43.44
C ASN J 339 4.26 15.16 -44.78
N PRO J 340 2.93 15.08 -44.83
CA PRO J 340 2.28 15.17 -46.15
C PRO J 340 2.35 16.57 -46.73
N ARG J 341 2.32 16.63 -48.06
CA ARG J 341 2.35 17.88 -48.81
C ARG J 341 1.15 17.90 -49.75
N TYR J 342 0.35 18.96 -49.65
CA TYR J 342 -0.91 19.10 -50.37
C TYR J 342 -0.78 20.16 -51.45
N ALA J 343 -1.13 19.82 -52.68
CA ALA J 343 -1.14 20.73 -53.82
C ALA J 343 -2.56 20.81 -54.33
N PHE J 344 -3.03 22.02 -54.62
CA PHE J 344 -4.46 22.22 -54.83
C PHE J 344 -4.68 23.54 -55.57
N GLY J 345 -5.90 23.71 -56.07
CA GLY J 345 -6.24 24.81 -56.96
C GLY J 345 -7.10 25.88 -56.30
N ARG J 346 -7.72 26.69 -57.15
CA ARG J 346 -8.45 27.88 -56.70
C ARG J 346 -9.71 27.51 -55.93
N GLN J 347 -10.39 26.44 -56.34
CA GLN J 347 -11.56 25.98 -55.61
C GLN J 347 -11.22 25.53 -54.19
N HIS J 348 -9.99 25.06 -53.96
CA HIS J 348 -9.64 24.31 -52.76
C HIS J 348 -8.58 25.01 -51.91
N GLY J 349 -8.50 26.34 -51.98
CA GLY J 349 -7.70 27.12 -51.04
C GLY J 349 -6.87 28.22 -51.66
N GLN J 350 -6.38 27.99 -52.88
CA GLN J 350 -5.57 29.01 -53.54
C GLN J 350 -6.42 30.25 -53.82
N LYS J 351 -5.75 31.40 -53.85
CA LYS J 351 -6.44 32.67 -54.06
C LYS J 351 -7.16 32.67 -55.39
N THR J 352 -8.47 32.94 -55.37
CA THR J 352 -9.29 32.76 -56.55
C THR J 352 -8.95 33.74 -57.67
N THR J 353 -8.30 34.86 -57.35
CA THR J 353 -7.93 35.87 -58.33
C THR J 353 -6.48 35.80 -58.77
N THR J 354 -5.74 34.75 -58.40
CA THR J 354 -4.38 34.59 -58.88
C THR J 354 -4.38 34.00 -60.28
N THR J 355 -3.45 34.47 -61.11
CA THR J 355 -3.33 34.06 -62.50
C THR J 355 -2.13 33.14 -62.64
N GLY J 356 -2.35 31.95 -63.21
CA GLY J 356 -1.31 30.98 -63.45
C GLY J 356 -1.74 29.56 -63.14
N GLU J 357 -1.09 28.58 -63.76
CA GLU J 357 -1.41 27.18 -63.55
C GLU J 357 -0.71 26.58 -62.33
N THR J 358 0.15 27.34 -61.64
CA THR J 358 0.90 26.77 -60.54
C THR J 358 -0.03 26.54 -59.34
N PRO J 359 -0.14 25.31 -58.81
CA PRO J 359 -0.91 25.15 -57.58
C PRO J 359 -0.19 25.76 -56.39
N GLU J 360 -0.98 26.17 -55.40
CA GLU J 360 -0.41 26.54 -54.11
C GLU J 360 -0.18 25.27 -53.30
N ARG J 361 0.86 25.29 -52.47
CA ARG J 361 1.32 24.11 -51.75
C ARG J 361 1.65 24.46 -50.31
N PHE J 362 1.42 23.50 -49.42
CA PHE J 362 1.96 23.57 -48.07
C PHE J 362 2.38 22.17 -47.67
N THR J 363 3.20 22.09 -46.62
CA THR J 363 3.57 20.84 -45.97
C THR J 363 3.03 20.88 -44.55
N TYR J 364 2.25 19.87 -44.18
CA TYR J 364 1.58 19.84 -42.88
C TYR J 364 2.56 19.28 -41.85
N ILE J 365 3.25 20.18 -41.15
CA ILE J 365 4.18 19.80 -40.10
C ILE J 365 3.37 19.54 -38.83
N ALA J 366 3.09 18.29 -38.55
CA ALA J 366 2.21 17.94 -37.44
C ALA J 366 2.89 18.19 -36.11
N HIS J 367 2.06 18.35 -35.07
CA HIS J 367 2.53 18.49 -33.71
C HIS J 367 2.72 17.14 -32.99
N GLN J 368 2.45 16.02 -33.65
CA GLN J 368 2.31 14.76 -32.94
C GLN J 368 3.59 14.25 -32.32
N ASP J 369 4.76 14.67 -32.80
CA ASP J 369 6.02 14.58 -32.04
C ASP J 369 6.41 13.15 -31.70
N THR J 370 6.10 12.22 -32.61
CA THR J 370 6.41 10.80 -32.44
C THR J 370 7.52 10.34 -33.39
N GLY J 371 7.69 11.02 -34.51
CA GLY J 371 8.64 10.58 -35.51
C GLY J 371 10.07 10.70 -35.03
N ARG J 372 10.97 10.24 -35.90
CA ARG J 372 12.39 10.14 -35.61
C ARG J 372 13.18 11.25 -36.29
N TYR J 373 14.34 11.55 -35.70
CA TYR J 373 15.33 12.46 -36.25
C TYR J 373 16.48 11.61 -36.76
N PRO J 374 16.50 11.20 -38.04
CA PRO J 374 17.43 10.12 -38.43
C PRO J 374 18.90 10.47 -38.35
N GLU J 375 19.26 11.75 -38.26
CA GLU J 375 20.67 12.10 -38.11
C GLU J 375 21.23 11.78 -36.75
N GLY J 376 20.40 11.44 -35.76
CA GLY J 376 20.82 11.17 -34.40
C GLY J 376 20.87 9.73 -33.96
N ASP J 377 20.75 8.77 -34.89
CA ASP J 377 20.82 7.36 -34.53
C ASP J 377 22.26 6.87 -34.58
N TRP J 378 22.51 5.73 -33.92
CA TRP J 378 23.75 5.00 -34.08
C TRP J 378 23.58 3.60 -33.51
N ILE J 379 24.41 2.69 -34.02
CA ILE J 379 24.40 1.27 -33.63
C ILE J 379 25.81 0.92 -33.24
N GLN J 380 25.97 0.25 -32.10
CA GLN J 380 27.28 -0.10 -31.58
C GLN J 380 27.27 -1.52 -31.04
N ASN J 381 28.48 -2.04 -30.84
CA ASN J 381 28.68 -3.46 -30.66
C ASN J 381 28.10 -3.93 -29.33
N ILE J 382 27.84 -5.24 -29.25
CA ILE J 382 27.29 -5.85 -28.04
C ILE J 382 28.22 -5.68 -26.85
N ASN J 383 29.53 -5.58 -27.09
CA ASN J 383 30.48 -5.47 -26.00
C ASN J 383 30.30 -4.18 -25.19
N PHE J 384 30.04 -3.07 -25.87
CA PHE J 384 29.71 -1.80 -25.22
C PHE J 384 30.87 -1.26 -24.39
N ASN J 385 32.07 -1.25 -24.98
CA ASN J 385 33.14 -0.45 -24.45
C ASN J 385 32.78 1.01 -24.65
N LEU J 386 32.86 1.81 -23.58
CA LEU J 386 32.01 3.01 -23.51
C LEU J 386 32.48 4.12 -24.44
N PRO J 387 33.73 4.60 -24.37
CA PRO J 387 34.17 5.57 -25.39
C PRO J 387 34.41 4.87 -26.71
N VAL J 388 33.35 4.72 -27.50
CA VAL J 388 33.32 3.76 -28.59
C VAL J 388 34.35 4.10 -29.65
N THR J 389 35.03 3.06 -30.13
CA THR J 389 36.04 3.17 -31.18
C THR J 389 35.37 3.16 -32.54
N ASN J 390 36.13 3.53 -33.57
CA ASN J 390 35.57 3.66 -34.92
C ASN J 390 35.04 2.32 -35.43
N ASP J 391 35.76 1.24 -35.20
CA ASP J 391 35.34 -0.05 -35.72
C ASP J 391 34.09 -0.58 -35.03
N ASN J 392 33.75 -0.11 -33.83
CA ASN J 392 32.66 -0.66 -33.03
C ASN J 392 31.37 0.15 -33.08
N VAL J 393 31.27 1.17 -33.93
CA VAL J 393 30.06 1.97 -34.06
C VAL J 393 29.79 2.24 -35.53
N LEU J 394 28.52 2.18 -35.91
CA LEU J 394 28.05 2.55 -37.24
C LEU J 394 27.21 3.81 -37.11
N LEU J 395 27.75 4.93 -37.56
CA LEU J 395 27.14 6.23 -37.46
C LEU J 395 26.24 6.50 -38.65
N PRO J 396 25.47 7.59 -38.64
CA PRO J 396 24.73 7.97 -39.86
C PRO J 396 25.59 8.58 -40.95
N THR J 397 26.89 8.73 -40.73
CA THR J 397 27.82 9.22 -41.74
C THR J 397 28.55 8.12 -42.50
N ASP J 398 28.41 6.86 -42.10
CA ASP J 398 29.16 5.79 -42.73
C ASP J 398 28.47 5.34 -44.01
N PRO J 399 29.19 5.05 -45.10
CA PRO J 399 28.51 4.54 -46.29
C PRO J 399 27.93 3.15 -46.10
N ILE J 400 26.90 2.85 -46.89
CA ILE J 400 26.41 1.50 -47.11
C ILE J 400 26.61 1.18 -48.58
N GLY J 401 27.31 0.09 -48.86
CA GLY J 401 27.56 -0.31 -50.23
C GLY J 401 28.41 0.66 -51.01
N GLY J 402 29.29 1.39 -50.33
CA GLY J 402 30.13 2.37 -50.99
C GLY J 402 29.44 3.65 -51.39
N LYS J 403 28.18 3.85 -50.99
CA LYS J 403 27.42 5.05 -51.33
C LYS J 403 27.56 6.06 -50.22
N THR J 404 28.15 7.22 -50.51
CA THR J 404 28.38 8.22 -49.48
C THR J 404 27.10 8.88 -49.00
N GLY J 405 26.08 8.98 -49.85
CA GLY J 405 24.84 9.61 -49.46
C GLY J 405 23.93 8.70 -48.67
N ILE J 406 23.86 7.43 -49.07
CA ILE J 406 22.93 6.48 -48.47
C ILE J 406 23.58 5.80 -47.29
N ASN J 407 23.36 6.35 -46.10
CA ASN J 407 23.82 5.71 -44.87
C ASN J 407 22.80 4.68 -44.40
N TYR J 408 23.06 4.11 -43.21
CA TYR J 408 22.32 2.94 -42.78
C TYR J 408 20.90 3.26 -42.38
N THR J 409 20.61 4.50 -41.98
CA THR J 409 19.25 4.84 -41.58
C THR J 409 18.26 4.78 -42.73
N ASN J 410 18.74 4.81 -43.97
CA ASN J 410 17.87 4.68 -45.13
C ASN J 410 17.34 3.25 -45.29
N ILE J 411 18.00 2.26 -44.70
CA ILE J 411 17.61 0.85 -44.77
C ILE J 411 16.90 0.39 -43.49
N PHE J 412 17.01 1.15 -42.41
CA PHE J 412 16.80 0.68 -41.06
C PHE J 412 15.32 0.70 -40.69
N ASN J 413 14.77 -0.45 -40.33
CA ASN J 413 13.40 -0.58 -39.85
C ASN J 413 13.43 -1.04 -38.40
N THR J 414 12.67 -0.35 -37.54
CA THR J 414 12.53 -0.70 -36.13
C THR J 414 11.08 -0.83 -35.71
N TYR J 415 10.18 -1.14 -36.63
CA TYR J 415 8.84 -1.52 -36.22
C TYR J 415 8.92 -2.83 -35.46
N GLY J 416 8.26 -2.87 -34.32
CA GLY J 416 8.27 -4.04 -33.48
C GLY J 416 6.98 -4.14 -32.70
N PRO J 417 6.86 -5.19 -31.88
CA PRO J 417 5.65 -5.33 -31.07
C PRO J 417 5.47 -4.25 -30.04
N LEU J 418 6.54 -3.53 -29.68
CA LEU J 418 6.51 -2.50 -28.65
C LEU J 418 6.19 -1.11 -29.20
N THR J 419 5.81 -0.98 -30.47
CA THR J 419 5.59 0.33 -31.05
C THR J 419 4.22 0.88 -30.69
N ALA J 420 4.16 2.19 -30.49
CA ALA J 420 2.94 2.93 -30.24
C ALA J 420 2.87 4.08 -31.21
N LEU J 421 1.69 4.33 -31.77
CA LEU J 421 1.52 5.33 -32.81
C LEU J 421 0.17 6.01 -32.64
N ASN J 422 0.09 7.22 -33.18
CA ASN J 422 -1.14 8.00 -33.23
C ASN J 422 -1.66 8.02 -34.66
N ASN J 423 -2.98 8.11 -34.78
CA ASN J 423 -3.60 8.24 -36.08
C ASN J 423 -3.20 9.57 -36.70
N VAL J 424 -3.34 9.66 -38.03
CA VAL J 424 -2.93 10.88 -38.72
C VAL J 424 -3.88 12.01 -38.34
N PRO J 425 -3.41 13.26 -38.23
CA PRO J 425 -4.30 14.32 -37.80
C PRO J 425 -5.18 14.79 -38.95
N PRO J 426 -6.27 15.50 -38.66
CA PRO J 426 -6.98 16.18 -39.75
C PRO J 426 -6.12 17.27 -40.36
N VAL J 427 -6.33 17.51 -41.65
CA VAL J 427 -5.68 18.58 -42.39
C VAL J 427 -6.78 19.44 -43.01
N TYR J 428 -7.05 20.58 -42.39
CA TYR J 428 -8.04 21.50 -42.91
C TYR J 428 -7.40 22.42 -43.95
N PRO J 429 -8.06 22.80 -45.06
CA PRO J 429 -9.36 22.40 -45.59
C PRO J 429 -9.28 21.24 -46.59
N ASN J 430 -8.07 20.79 -46.97
CA ASN J 430 -7.89 19.85 -48.06
C ASN J 430 -7.87 18.40 -47.62
N GLY J 431 -7.89 18.11 -46.32
CA GLY J 431 -7.74 16.74 -45.89
C GLY J 431 -9.00 15.92 -46.09
N GLN J 432 -8.81 14.61 -46.10
CA GLN J 432 -9.92 13.67 -46.21
C GLN J 432 -10.59 13.48 -44.85
N ILE J 433 -11.84 13.03 -44.88
CA ILE J 433 -12.61 12.76 -43.66
C ILE J 433 -12.60 11.25 -43.44
N TRP J 434 -13.17 10.50 -44.39
CA TRP J 434 -13.32 9.06 -44.28
C TRP J 434 -12.70 8.36 -45.48
N ASP J 435 -12.26 7.12 -45.26
CA ASP J 435 -11.66 6.30 -46.30
C ASP J 435 -12.01 4.84 -46.02
N LYS J 436 -12.33 4.11 -47.09
CA LYS J 436 -12.84 2.75 -46.95
C LYS J 436 -11.74 1.80 -46.49
N GLU J 437 -12.10 0.90 -45.60
CA GLU J 437 -11.19 -0.12 -45.13
C GLU J 437 -10.97 -1.13 -46.24
N PHE J 438 -9.74 -1.63 -46.35
CA PHE J 438 -9.35 -2.51 -47.44
C PHE J 438 -10.11 -3.82 -47.36
N ASP J 439 -10.12 -4.55 -48.48
CA ASP J 439 -10.80 -5.84 -48.56
C ASP J 439 -9.91 -7.00 -48.12
N THR J 440 -8.75 -6.73 -47.54
CA THR J 440 -7.83 -7.79 -47.16
C THR J 440 -8.37 -8.56 -45.97
N ASP J 441 -7.87 -9.80 -45.82
CA ASP J 441 -8.21 -10.58 -44.64
C ASP J 441 -7.52 -10.05 -43.40
N LEU J 442 -6.35 -9.45 -43.55
CA LEU J 442 -5.64 -8.76 -42.49
C LEU J 442 -5.67 -7.26 -42.76
N LYS J 443 -6.08 -6.50 -41.77
CA LYS J 443 -6.34 -5.08 -41.93
C LYS J 443 -5.05 -4.27 -41.82
N PRO J 444 -5.03 -3.04 -42.34
CA PRO J 444 -4.01 -2.09 -41.89
C PRO J 444 -4.45 -1.41 -40.61
N ARG J 445 -3.49 -1.14 -39.73
CA ARG J 445 -3.85 -0.61 -38.42
C ARG J 445 -4.35 0.83 -38.51
N LEU J 446 -3.77 1.63 -39.40
CA LEU J 446 -4.22 2.99 -39.65
C LEU J 446 -4.11 3.29 -41.12
N HIS J 447 -4.74 4.39 -41.53
CA HIS J 447 -4.64 4.93 -42.87
C HIS J 447 -3.95 6.28 -42.83
N VAL J 448 -2.98 6.47 -43.72
CA VAL J 448 -2.22 7.72 -43.74
C VAL J 448 -2.99 8.89 -44.32
N ASN J 449 -4.15 8.65 -44.94
CA ASN J 449 -4.84 9.65 -45.74
C ASN J 449 -6.23 9.99 -45.25
N ALA J 450 -6.61 9.61 -44.04
CA ALA J 450 -7.88 10.03 -43.47
C ALA J 450 -7.87 9.76 -41.97
N PRO J 451 -8.54 10.57 -41.15
CA PRO J 451 -8.59 10.25 -39.71
C PRO J 451 -9.57 9.15 -39.36
N PHE J 452 -10.65 8.99 -40.12
CA PHE J 452 -11.64 7.95 -39.88
C PHE J 452 -11.50 6.86 -40.94
N VAL J 453 -11.74 5.62 -40.53
CA VAL J 453 -11.70 4.46 -41.42
C VAL J 453 -13.02 3.72 -41.22
N CYS J 454 -13.99 4.04 -42.05
CA CYS J 454 -15.25 3.31 -42.12
C CYS J 454 -15.01 1.83 -42.40
N GLN J 455 -15.56 0.97 -41.51
CA GLN J 455 -15.18 -0.44 -41.45
C GLN J 455 -16.08 -1.36 -42.25
N ASN J 456 -17.36 -1.48 -41.86
CA ASN J 456 -18.20 -2.50 -42.48
C ASN J 456 -18.67 -2.08 -43.86
N ASN J 457 -19.14 -0.84 -43.97
CA ASN J 457 -19.51 -0.23 -45.24
C ASN J 457 -19.24 1.24 -45.06
N CYS J 458 -19.28 1.99 -46.16
CA CYS J 458 -18.78 3.35 -46.15
C CYS J 458 -19.53 4.09 -47.24
N PRO J 459 -19.86 5.39 -47.03
CA PRO J 459 -21.04 5.98 -47.69
C PRO J 459 -21.04 5.91 -49.20
N GLY J 460 -22.22 5.65 -49.76
CA GLY J 460 -22.37 5.42 -51.18
C GLY J 460 -21.96 6.59 -52.04
N GLN J 461 -21.20 6.31 -53.09
CA GLN J 461 -20.78 7.37 -54.01
C GLN J 461 -21.95 7.73 -54.90
N LEU J 462 -22.01 9.00 -55.30
CA LEU J 462 -23.08 9.54 -56.12
C LEU J 462 -22.49 9.93 -57.47
N PHE J 463 -22.90 9.22 -58.52
CA PHE J 463 -22.45 9.46 -59.89
C PHE J 463 -23.55 10.15 -60.67
N VAL J 464 -23.17 11.10 -61.53
CA VAL J 464 -24.11 11.96 -62.22
C VAL J 464 -23.68 12.02 -63.69
N LYS J 465 -24.67 12.15 -64.58
CA LYS J 465 -24.42 12.31 -66.00
C LYS J 465 -25.60 13.06 -66.61
N VAL J 466 -25.33 13.81 -67.67
CA VAL J 466 -26.38 14.40 -68.49
C VAL J 466 -26.85 13.35 -69.49
N ALA J 467 -28.15 13.13 -69.55
CA ALA J 467 -28.68 12.08 -70.40
C ALA J 467 -28.46 12.43 -71.87
N PRO J 468 -28.32 11.43 -72.77
CA PRO J 468 -27.99 11.77 -74.16
C PRO J 468 -29.11 12.49 -74.88
N ASN J 469 -28.88 13.75 -75.24
CA ASN J 469 -29.83 14.54 -76.02
C ASN J 469 -29.50 14.37 -77.51
N LEU J 470 -30.06 13.30 -78.08
CA LEU J 470 -29.75 12.93 -79.45
C LEU J 470 -30.33 13.95 -80.44
N THR J 471 -29.67 14.03 -81.59
CA THR J 471 -30.12 14.91 -82.66
C THR J 471 -31.27 14.27 -83.43
N ASN J 472 -31.88 15.06 -84.32
CA ASN J 472 -32.98 14.55 -85.13
C ASN J 472 -32.55 13.43 -86.06
N GLU J 473 -31.28 13.42 -86.47
CA GLU J 473 -30.71 12.36 -87.29
C GLU J 473 -29.81 11.49 -86.42
N TYR J 474 -30.01 10.18 -86.48
CA TYR J 474 -29.21 9.24 -85.73
C TYR J 474 -29.27 7.88 -86.40
N ASP J 475 -28.14 7.18 -86.43
CA ASP J 475 -28.01 5.86 -87.03
C ASP J 475 -27.05 5.00 -86.20
N PRO J 476 -27.49 3.91 -85.55
CA PRO J 476 -26.53 3.07 -84.81
C PRO J 476 -25.49 2.41 -85.70
N ASP J 477 -25.77 2.24 -87.00
CA ASP J 477 -24.82 1.55 -87.88
C ASP J 477 -23.54 2.35 -88.11
N ALA J 478 -23.57 3.66 -87.90
CA ALA J 478 -22.41 4.50 -88.21
C ALA J 478 -21.25 4.20 -87.27
N SER J 479 -20.04 4.19 -87.83
CA SER J 479 -18.83 4.10 -87.03
C SER J 479 -18.51 5.40 -86.30
N ALA J 480 -18.98 6.54 -86.80
CA ALA J 480 -18.71 7.81 -86.16
C ALA J 480 -19.48 7.92 -84.85
N ASN J 481 -18.99 8.79 -83.97
CA ASN J 481 -19.63 9.00 -82.68
C ASN J 481 -21.00 9.63 -82.86
N MET J 482 -21.90 9.29 -81.94
CA MET J 482 -23.28 9.78 -82.02
C MET J 482 -23.32 11.27 -81.80
N SER J 483 -24.03 11.98 -82.68
CA SER J 483 -24.21 13.42 -82.55
C SER J 483 -25.31 13.72 -81.55
N ARG J 484 -25.04 14.66 -80.66
CA ARG J 484 -25.95 15.03 -79.57
C ARG J 484 -26.12 16.54 -79.55
N ILE J 485 -27.32 16.98 -79.17
CA ILE J 485 -27.54 18.40 -78.92
C ILE J 485 -26.68 18.79 -77.74
N VAL J 486 -25.98 19.93 -77.85
CA VAL J 486 -25.11 20.40 -76.78
C VAL J 486 -25.99 20.76 -75.58
N THR J 487 -25.62 20.24 -74.41
CA THR J 487 -26.47 20.28 -73.23
C THR J 487 -25.59 20.32 -71.99
N TYR J 488 -26.03 21.08 -70.98
CA TYR J 488 -25.37 21.10 -69.69
C TYR J 488 -26.42 21.28 -68.60
N SER J 489 -26.02 20.97 -67.38
CA SER J 489 -26.91 20.94 -66.22
C SER J 489 -26.33 21.76 -65.08
N ASP J 490 -27.22 22.43 -64.36
CA ASP J 490 -26.93 23.04 -63.06
C ASP J 490 -27.92 22.47 -62.06
N PHE J 491 -27.41 21.80 -61.03
CA PHE J 491 -28.23 21.24 -59.97
C PHE J 491 -27.64 21.61 -58.62
N TRP J 492 -28.54 21.79 -57.64
CA TRP J 492 -28.16 22.15 -56.28
C TRP J 492 -28.03 20.89 -55.44
N TRP J 493 -26.85 20.67 -54.89
CA TRP J 493 -26.58 19.58 -53.96
C TRP J 493 -26.70 20.10 -52.55
N LYS J 494 -27.21 19.27 -51.63
CA LYS J 494 -27.18 19.56 -50.21
C LYS J 494 -26.84 18.29 -49.47
N GLY J 495 -25.98 18.41 -48.45
CA GLY J 495 -25.68 17.31 -47.56
C GLY J 495 -25.55 17.82 -46.15
N LYS J 496 -25.63 16.88 -45.21
CA LYS J 496 -25.57 17.17 -43.78
C LYS J 496 -24.76 16.07 -43.11
N LEU J 497 -23.66 16.46 -42.50
CA LEU J 497 -22.69 15.56 -41.87
C LEU J 497 -22.69 15.86 -40.37
N VAL J 498 -23.09 14.89 -39.57
CA VAL J 498 -23.30 15.05 -38.14
C VAL J 498 -22.10 14.48 -37.40
N PHE J 499 -21.61 15.23 -36.41
CA PHE J 499 -20.52 14.83 -35.54
C PHE J 499 -20.97 14.88 -34.09
N LYS J 500 -20.41 13.98 -33.29
CA LYS J 500 -20.44 14.06 -31.84
C LYS J 500 -19.04 14.42 -31.39
N ALA J 501 -18.94 15.33 -30.42
CA ALA J 501 -17.65 15.83 -29.97
C ALA J 501 -17.69 16.11 -28.47
N LYS J 502 -16.57 15.82 -27.83
CA LYS J 502 -16.39 16.01 -26.39
C LYS J 502 -15.61 17.29 -26.15
N LEU J 503 -16.08 18.10 -25.21
CA LEU J 503 -15.41 19.36 -24.88
C LEU J 503 -14.31 19.14 -23.87
N ARG J 504 -13.25 19.92 -24.00
CA ARG J 504 -12.04 19.68 -23.24
C ARG J 504 -12.16 20.21 -21.81
N ALA J 505 -11.16 19.88 -21.00
CA ALA J 505 -11.07 20.33 -19.62
C ALA J 505 -9.67 20.87 -19.37
N SER J 506 -9.55 21.77 -18.40
CA SER J 506 -8.28 22.41 -18.06
C SER J 506 -7.58 21.56 -17.01
N HIS J 507 -6.66 20.72 -17.46
CA HIS J 507 -5.95 19.78 -16.59
C HIS J 507 -4.68 20.36 -15.99
N THR J 508 -4.23 21.55 -16.41
CA THR J 508 -2.92 22.06 -16.07
C THR J 508 -3.00 23.54 -15.67
N TRP J 509 -1.98 23.98 -14.95
CA TRP J 509 -1.90 25.38 -14.56
C TRP J 509 -1.76 26.29 -15.77
N ASN J 510 -0.94 25.89 -16.74
CA ASN J 510 -0.61 26.76 -17.84
C ASN J 510 -1.71 26.72 -18.91
N PRO J 511 -1.87 27.79 -19.70
CA PRO J 511 -2.77 27.69 -20.85
C PRO J 511 -2.12 26.89 -21.97
N ILE J 512 -2.96 26.42 -22.88
CA ILE J 512 -2.54 25.59 -23.99
C ILE J 512 -2.45 26.45 -25.24
N GLN J 513 -1.79 25.91 -26.27
CA GLN J 513 -1.77 26.60 -27.55
C GLN J 513 -3.17 26.58 -28.15
N GLN J 514 -3.60 27.74 -28.64
CA GLN J 514 -4.93 27.91 -29.24
C GLN J 514 -4.78 28.69 -30.53
N MET J 515 -5.58 28.33 -31.52
CA MET J 515 -5.69 29.10 -32.74
C MET J 515 -6.16 30.51 -32.43
N SER J 516 -5.63 31.50 -33.14
CA SER J 516 -6.08 32.87 -33.01
C SER J 516 -5.82 33.64 -34.29
N ILE J 517 -6.69 34.60 -34.56
CA ILE J 517 -6.40 35.62 -35.54
C ILE J 517 -5.30 36.52 -34.98
N ASN J 518 -4.43 37.01 -35.86
CA ASN J 518 -3.44 37.98 -35.46
C ASN J 518 -3.10 38.84 -36.66
N VAL J 519 -2.18 39.80 -36.45
CA VAL J 519 -1.86 40.77 -37.49
C VAL J 519 -1.21 40.07 -38.69
N ASP J 520 -0.46 39.00 -38.45
CA ASP J 520 0.18 38.27 -39.53
C ASP J 520 -0.86 37.59 -40.43
N ASN J 521 -1.78 36.82 -39.83
CA ASN J 521 -2.74 36.03 -40.59
C ASN J 521 -4.10 36.71 -40.75
N GLN J 522 -4.16 38.02 -40.57
CA GLN J 522 -5.44 38.72 -40.49
C GLN J 522 -6.16 38.75 -41.84
N PHE J 523 -5.41 38.94 -42.93
CA PHE J 523 -5.97 39.12 -44.26
C PHE J 523 -6.16 37.83 -45.05
N ASN J 524 -5.87 36.66 -44.50
CA ASN J 524 -6.25 35.42 -45.17
C ASN J 524 -7.72 35.06 -44.97
N TYR J 525 -8.35 35.59 -43.92
CA TYR J 525 -9.69 35.19 -43.52
C TYR J 525 -10.79 36.20 -43.88
N VAL J 526 -10.47 37.23 -44.67
CA VAL J 526 -11.45 38.20 -45.15
C VAL J 526 -11.25 38.40 -46.65
N PRO J 527 -12.28 38.75 -47.44
CA PRO J 527 -12.08 38.83 -48.88
C PRO J 527 -11.31 40.07 -49.29
N SER J 528 -10.64 39.97 -50.43
CA SER J 528 -9.89 41.10 -50.98
C SER J 528 -10.84 42.07 -51.68
N ASN J 529 -10.28 43.20 -52.10
CA ASN J 529 -11.11 44.27 -52.68
C ASN J 529 -11.76 43.85 -54.00
N ILE J 530 -11.13 42.94 -54.75
CA ILE J 530 -11.67 42.45 -56.02
C ILE J 530 -12.45 41.16 -55.79
N GLY J 531 -12.83 40.86 -54.54
CA GLY J 531 -13.64 39.70 -54.25
C GLY J 531 -12.91 38.40 -54.10
N GLY J 532 -11.58 38.39 -54.13
CA GLY J 532 -10.85 37.15 -54.00
C GLY J 532 -10.88 36.61 -52.57
N MET J 533 -10.68 35.30 -52.46
CA MET J 533 -10.71 34.61 -51.17
C MET J 533 -9.73 33.44 -51.19
N LYS J 534 -9.30 33.05 -50.00
CA LYS J 534 -8.45 31.89 -49.81
C LYS J 534 -8.79 31.23 -48.48
N ILE J 535 -8.35 29.98 -48.33
CA ILE J 535 -8.54 29.21 -47.10
C ILE J 535 -7.17 28.64 -46.75
N VAL J 536 -6.50 29.27 -45.77
CA VAL J 536 -5.16 28.84 -45.38
C VAL J 536 -5.27 27.61 -44.49
N TYR J 537 -4.26 26.74 -44.59
CA TYR J 537 -4.25 25.50 -43.84
C TYR J 537 -4.15 25.78 -42.34
N GLU J 538 -4.44 24.76 -41.55
CA GLU J 538 -4.97 24.98 -40.21
C GLU J 538 -4.65 23.76 -39.34
N LYS J 539 -3.92 23.98 -38.26
CA LYS J 539 -3.53 22.88 -37.39
C LYS J 539 -4.73 22.37 -36.61
N SER J 540 -4.78 21.06 -36.41
CA SER J 540 -5.91 20.39 -35.78
C SER J 540 -5.62 19.98 -34.35
N GLN J 541 -4.52 19.25 -34.14
CA GLN J 541 -4.20 18.68 -32.83
C GLN J 541 -3.36 19.66 -32.02
N LEU J 542 -4.06 20.63 -31.43
CA LEU J 542 -3.39 21.75 -30.78
C LEU J 542 -3.04 21.44 -29.32
N ALA J 543 -4.03 20.99 -28.55
CA ALA J 543 -3.80 20.86 -27.12
C ALA J 543 -2.93 19.63 -26.83
N PRO J 544 -2.05 19.69 -25.83
CA PRO J 544 -1.26 18.49 -25.51
C PRO J 544 -2.09 17.45 -24.74
N ARG J 545 -1.67 16.20 -24.89
CA ARG J 545 -2.27 15.05 -24.21
C ARG J 545 -1.17 14.27 -23.50
N LYS J 546 -1.53 13.66 -22.38
CA LYS J 546 -0.60 12.88 -21.58
C LYS J 546 -0.59 11.45 -22.11
N LEU J 547 0.51 11.07 -22.75
CA LEU J 547 0.64 9.73 -23.30
C LEU J 547 0.73 8.66 -22.23
N TYR J 548 1.14 9.01 -21.02
CA TYR J 548 1.45 8.02 -19.99
C TYR J 548 1.29 8.61 -18.59
#